data_6RN3
#
_entry.id   6RN3
#
_cell.length_a   1.00
_cell.length_b   1.00
_cell.length_c   1.00
_cell.angle_alpha   90.00
_cell.angle_beta   90.00
_cell.angle_gamma   90.00
#
_symmetry.space_group_name_H-M   'P 1'
#
loop_
_entity.id
_entity.type
_entity.pdbx_description
1 polymer 'Chaperone protein ClpB'
2 polymer casein
3 non-polymer 'PHOSPHOTHIOPHOSPHORIC ACID-ADENYLATE ESTER'
4 non-polymer "ADENOSINE-5'-DIPHOSPHATE"
#
loop_
_entity_poly.entity_id
_entity_poly.type
_entity_poly.pdbx_seq_one_letter_code
_entity_poly.pdbx_strand_id
1 'polypeptide(L)'
;MRLDRLTNKFQLALADAQSLALGHDNQFIEPLHLMSALLNQEGGSVSPLLTSAGINAGQLRTDINQALNRLPQVEGTGGD
VQPSQDLVRVLNLCDKLAQKRGDNFISSELFVLAALESRGTLADILKAAGATTANITQAIEQMRGGESVNDQGAEDQRQA
LKKYTIDLTERAEQGKLDPVIGRDEEIRRTIQVLQRRTKNNPVLIGEPGVGKTAIVEGLAQRIINGEVPEGLKGRRVLAL
DMGALVAGAKYRGEFEERLKGVLNDLAKQEGNVILFIDALHTMVGAGKADGAMDAGNMLKPALARGELHCVGATTLDEYR
QYIEKDAALERRFQKVFVAEPSVEDTIAILRGLKERYELHHHVQITDPAIVAAATLSHRYIADRQLPDKAIDLIDEAASS
IRMQIDSKPEELDRLDRRIIQLKLEQQALMKESDEASKKRLDMLNEELSDKERQYSELEEEWKAEKASLSGTQTIKAELE
QAKIAIEQARRVGDLARMSELQYGKIPELEKQLEAATQLEGKTMRLLRNKVTDAEIAEVLARWTGIPVSRMMESEREKLL
RMEQELHHRVIGQNEAVDAVSNAIRRSRAGLADPNRPIGSFLFLGPTGVGKTELCKALANFMFDSDEAMVRIDMSEFMEK
HSVSRLVGAPPGYVGYEEGGYLTEAVRRRPYSVILLDAVEKAHPDVFNILLQVLDDGRLTDGQGRTVDFRNTVVIMTSNL
GSDLIQERFGELDYAHMKELVLGVVSHNFRPEFINRIDEVVVFHPLGEQHIASIAQIQLKRLYKRLEERGYEIHISDEAL
KLLSENGYDPVYGARPLKRAIQQQIENPLAQQILSGELVPGKVIRLEVNEDRIVAVQH
;
A,B,C,D,E,F
2 'polypeptide(L)'
;(UNK)(UNK)(UNK)(UNK)(UNK)(UNK)(UNK)(UNK)(UNK)(UNK)(UNK)(UNK)(UNK)(UNK)(UNK)(UNK)
(UNK)(UNK)(UNK)(UNK)(UNK)(UNK)(UNK)(UNK)
;
S
#
loop_
_chem_comp.id
_chem_comp.type
_chem_comp.name
_chem_comp.formula
ADP non-polymer ADENOSINE-5'-DIPHOSPHATE 'C10 H15 N5 O10 P2'
AGS non-polymer 'PHOSPHOTHIOPHOSPHORIC ACID-ADENYLATE ESTER' 'C10 H16 N5 O12 P3 S'
#
# COMPACT_ATOMS: atom_id res chain seq x y z
N GLN A 159 23.77 33.72 9.07
CA GLN A 159 22.33 33.80 9.31
C GLN A 159 21.58 32.60 8.75
N ALA A 160 20.26 32.65 8.87
CA ALA A 160 19.41 31.60 8.33
C ALA A 160 18.30 32.19 7.47
N LEU A 161 17.77 33.34 7.90
CA LEU A 161 16.58 33.88 7.27
C LEU A 161 16.83 34.36 5.87
N LYS A 162 18.00 34.91 5.60
CA LYS A 162 18.33 35.23 4.23
C LYS A 162 18.70 33.99 3.43
N LYS A 163 19.00 32.89 4.09
CA LYS A 163 19.40 31.70 3.37
C LYS A 163 18.20 30.92 2.84
N TYR A 164 17.02 31.08 3.43
CA TYR A 164 15.94 30.17 3.05
C TYR A 164 14.67 30.90 2.71
N THR A 165 14.47 32.10 3.23
CA THR A 165 13.22 32.82 3.04
C THR A 165 13.33 33.93 2.01
N ILE A 166 12.17 34.47 1.64
CA ILE A 166 12.06 35.50 0.62
C ILE A 166 11.37 36.69 1.27
N ASP A 167 12.12 37.76 1.51
CA ASP A 167 11.61 38.90 2.27
C ASP A 167 10.60 39.66 1.41
N LEU A 168 9.31 39.43 1.68
CA LEU A 168 8.28 39.99 0.81
C LEU A 168 8.11 41.49 1.00
N THR A 169 8.39 42.01 2.19
CA THR A 169 8.20 43.45 2.40
C THR A 169 9.23 44.25 1.65
N GLU A 170 10.45 43.71 1.50
CA GLU A 170 11.44 44.35 0.65
C GLU A 170 11.01 44.34 -0.81
N ARG A 171 10.33 43.27 -1.24
CA ARG A 171 9.85 43.21 -2.61
C ARG A 171 8.71 44.20 -2.84
N ALA A 172 7.76 44.28 -1.90
CA ALA A 172 6.69 45.25 -2.02
C ALA A 172 7.21 46.68 -1.91
N GLU A 173 8.29 46.87 -1.16
CA GLU A 173 8.97 48.14 -1.13
C GLU A 173 9.63 48.45 -2.46
N GLN A 174 10.06 47.42 -3.17
CA GLN A 174 10.56 47.58 -4.54
C GLN A 174 9.46 47.42 -5.58
N GLY A 175 8.21 47.33 -5.14
CA GLY A 175 7.07 47.41 -6.04
C GLY A 175 6.92 46.25 -7.00
N LYS A 176 7.53 45.11 -6.72
CA LYS A 176 7.46 43.97 -7.63
C LYS A 176 6.19 43.16 -7.49
N LEU A 177 5.15 43.67 -6.85
CA LEU A 177 3.98 42.85 -6.58
C LEU A 177 2.74 43.45 -7.21
N ASP A 178 1.60 42.84 -6.92
CA ASP A 178 0.33 43.21 -7.50
C ASP A 178 -0.52 43.94 -6.47
N PRO A 179 -1.02 45.09 -6.77
CA PRO A 179 -1.83 45.81 -5.78
C PRO A 179 -3.24 45.26 -5.83
N VAL A 180 -3.55 44.19 -5.11
CA VAL A 180 -4.78 43.48 -5.44
C VAL A 180 -5.97 44.18 -4.83
N ILE A 181 -6.86 44.60 -5.67
CA ILE A 181 -8.00 45.41 -5.27
C ILE A 181 -9.04 44.49 -4.65
N GLY A 182 -9.80 45.00 -3.70
CA GLY A 182 -10.81 44.18 -3.07
C GLY A 182 -10.18 43.38 -1.96
N ARG A 183 -10.80 42.24 -1.63
CA ARG A 183 -10.31 41.30 -0.62
C ARG A 183 -10.17 41.96 0.73
N ASP A 184 -11.07 42.88 1.06
CA ASP A 184 -10.90 43.63 2.29
C ASP A 184 -11.30 42.81 3.50
N GLU A 185 -12.32 41.97 3.38
CA GLU A 185 -12.76 41.20 4.53
C GLU A 185 -11.76 40.11 4.90
N GLU A 186 -11.09 39.51 3.91
CA GLU A 186 -10.14 38.46 4.23
C GLU A 186 -8.89 39.02 4.86
N ILE A 187 -8.46 40.20 4.43
CA ILE A 187 -7.34 40.85 5.10
C ILE A 187 -7.73 41.25 6.51
N ARG A 188 -8.98 41.69 6.69
CA ARG A 188 -9.46 42.00 8.02
C ARG A 188 -9.48 40.77 8.93
N ARG A 189 -9.91 39.63 8.41
CA ARG A 189 -10.00 38.45 9.26
C ARG A 189 -8.64 37.84 9.53
N THR A 190 -7.71 37.99 8.58
CA THR A 190 -6.33 37.58 8.85
C THR A 190 -5.70 38.46 9.92
N ILE A 191 -6.00 39.76 9.92
CA ILE A 191 -5.41 40.58 10.97
C ILE A 191 -6.11 40.35 12.31
N GLN A 192 -7.41 40.01 12.29
CA GLN A 192 -8.09 39.57 13.51
C GLN A 192 -7.42 38.35 14.10
N VAL A 193 -6.99 37.42 13.26
CA VAL A 193 -6.34 36.25 13.80
C VAL A 193 -4.93 36.58 14.27
N LEU A 194 -4.19 37.34 13.47
CA LEU A 194 -2.80 37.63 13.80
C LEU A 194 -2.63 38.55 15.00
N GLN A 195 -3.67 39.25 15.43
CA GLN A 195 -3.57 40.02 16.66
C GLN A 195 -4.17 39.31 17.86
N ARG A 196 -4.14 38.00 17.88
CA ARG A 196 -4.54 37.28 19.08
C ARG A 196 -3.32 37.11 19.97
N ARG A 197 -3.45 36.31 21.04
CA ARG A 197 -2.32 36.07 21.92
C ARG A 197 -1.77 34.66 21.77
N THR A 198 -2.62 33.65 21.85
CA THR A 198 -2.24 32.30 21.51
C THR A 198 -3.00 31.88 20.26
N LYS A 199 -2.45 30.88 19.57
CA LYS A 199 -2.89 30.41 18.27
C LYS A 199 -2.94 31.56 17.25
N ASN A 200 -1.76 32.10 16.97
CA ASN A 200 -1.65 33.26 16.08
C ASN A 200 -1.52 32.87 14.65
N ASN A 201 -2.12 31.79 14.23
CA ASN A 201 -1.75 31.15 12.98
C ASN A 201 -2.96 31.00 12.07
N PRO A 202 -3.22 31.99 11.24
CA PRO A 202 -4.26 31.84 10.24
C PRO A 202 -3.77 31.00 9.09
N VAL A 203 -4.67 30.24 8.51
CA VAL A 203 -4.36 29.53 7.29
C VAL A 203 -5.38 29.99 6.25
N LEU A 204 -4.92 30.19 5.04
CA LEU A 204 -5.77 30.72 3.98
C LEU A 204 -6.17 29.57 3.09
N ILE A 205 -7.47 29.33 2.99
CA ILE A 205 -7.98 28.11 2.38
C ILE A 205 -8.87 28.47 1.19
N GLY A 206 -8.61 27.84 0.07
CA GLY A 206 -9.45 28.04 -1.09
C GLY A 206 -8.94 27.22 -2.24
N GLU A 207 -9.82 27.01 -3.20
CA GLU A 207 -9.50 26.29 -4.41
C GLU A 207 -8.50 27.11 -5.22
N PRO A 208 -7.56 26.45 -5.92
CA PRO A 208 -6.34 27.14 -6.32
C PRO A 208 -6.55 28.15 -7.43
N GLY A 209 -5.78 29.22 -7.35
CA GLY A 209 -5.90 30.32 -8.28
C GLY A 209 -6.54 31.55 -7.70
N VAL A 210 -7.24 31.45 -6.56
CA VAL A 210 -8.02 32.57 -6.04
C VAL A 210 -7.19 33.63 -5.35
N GLY A 211 -5.86 33.52 -5.36
CA GLY A 211 -5.06 34.62 -4.88
C GLY A 211 -4.80 34.63 -3.39
N LYS A 212 -4.58 33.45 -2.80
CA LYS A 212 -4.19 33.39 -1.40
C LYS A 212 -2.78 33.94 -1.21
N THR A 213 -1.89 33.63 -2.14
CA THR A 213 -0.58 34.27 -2.19
C THR A 213 -0.74 35.78 -2.37
N ALA A 214 -1.72 36.18 -3.16
CA ALA A 214 -1.97 37.60 -3.36
C ALA A 214 -2.58 38.25 -2.13
N ILE A 215 -3.35 37.51 -1.34
CA ILE A 215 -3.84 38.05 -0.07
C ILE A 215 -2.68 38.33 0.87
N VAL A 216 -1.71 37.42 0.91
CA VAL A 216 -0.56 37.63 1.78
C VAL A 216 0.29 38.80 1.28
N GLU A 217 0.46 38.92 -0.03
CA GLU A 217 1.23 40.05 -0.55
C GLU A 217 0.49 41.37 -0.34
N GLY A 218 -0.84 41.37 -0.45
CA GLY A 218 -1.59 42.57 -0.16
C GLY A 218 -1.56 42.92 1.29
N LEU A 219 -1.50 41.91 2.16
CA LEU A 219 -1.28 42.16 3.58
C LEU A 219 0.08 42.81 3.79
N ALA A 220 1.09 42.37 3.06
CA ALA A 220 2.40 42.98 3.20
C ALA A 220 2.41 44.41 2.68
N GLN A 221 1.67 44.68 1.60
CA GLN A 221 1.59 46.04 1.10
C GLN A 221 0.82 46.94 2.06
N ARG A 222 -0.17 46.40 2.77
CA ARG A 222 -0.82 47.21 3.79
C ARG A 222 0.05 47.39 5.01
N ILE A 223 0.98 46.47 5.27
CA ILE A 223 1.97 46.70 6.33
C ILE A 223 2.93 47.81 5.93
N ILE A 224 3.33 47.83 4.66
CA ILE A 224 4.27 48.85 4.20
C ILE A 224 3.61 50.22 4.17
N ASN A 225 2.40 50.31 3.60
CA ASN A 225 1.73 51.59 3.53
C ASN A 225 1.22 52.03 4.89
N GLY A 226 0.56 51.14 5.62
CA GLY A 226 0.19 51.45 6.97
C GLY A 226 -1.30 51.47 7.24
N GLU A 227 -2.07 50.67 6.49
CA GLU A 227 -3.48 50.51 6.80
C GLU A 227 -3.73 49.54 7.94
N VAL A 228 -2.68 48.91 8.47
CA VAL A 228 -2.80 47.92 9.53
C VAL A 228 -3.01 48.64 10.85
N PRO A 229 -3.51 47.98 11.88
CA PRO A 229 -3.55 48.60 13.20
C PRO A 229 -2.17 48.72 13.84
N GLU A 230 -2.12 49.25 15.06
CA GLU A 230 -0.85 49.47 15.75
C GLU A 230 -0.34 48.20 16.44
N GLY A 231 -0.37 47.08 15.74
CA GLY A 231 0.16 45.84 16.28
C GLY A 231 0.91 45.13 15.18
N LEU A 232 0.99 45.78 14.02
CA LEU A 232 1.68 45.22 12.89
C LEU A 232 2.63 46.21 12.22
N LYS A 233 2.73 47.43 12.70
CA LYS A 233 3.55 48.42 12.02
C LYS A 233 5.03 48.13 12.27
N GLY A 234 5.80 48.10 11.19
CA GLY A 234 7.20 47.77 11.26
C GLY A 234 7.50 46.30 11.15
N ARG A 235 6.48 45.45 11.06
CA ARG A 235 6.71 44.02 10.96
C ARG A 235 7.25 43.64 9.60
N ARG A 236 8.14 42.66 9.59
CA ARG A 236 8.63 42.05 8.38
C ARG A 236 7.79 40.81 8.08
N VAL A 237 7.64 40.49 6.80
CA VAL A 237 6.91 39.32 6.36
C VAL A 237 7.88 38.46 5.57
N LEU A 238 8.11 37.24 6.04
CA LEU A 238 9.14 36.37 5.50
C LEU A 238 8.53 35.09 4.94
N ALA A 239 8.89 34.76 3.72
CA ALA A 239 8.29 33.64 2.99
C ALA A 239 9.17 32.42 3.14
N LEU A 240 8.89 31.59 4.14
CA LEU A 240 9.59 30.32 4.31
C LEU A 240 9.29 29.40 3.15
N ASP A 241 10.29 28.66 2.71
CA ASP A 241 10.16 27.78 1.57
C ASP A 241 10.36 26.35 2.05
N MET A 242 9.24 25.63 2.24
CA MET A 242 9.25 24.27 2.77
C MET A 242 10.00 23.30 1.88
N GLY A 243 10.02 23.54 0.57
CA GLY A 243 10.85 22.74 -0.29
C GLY A 243 12.33 23.00 -0.11
N ALA A 244 12.69 24.18 0.36
CA ALA A 244 14.09 24.57 0.47
C ALA A 244 14.71 24.16 1.80
N LEU A 245 14.00 23.39 2.61
CA LEU A 245 14.57 22.82 3.82
C LEU A 245 14.65 21.31 3.78
N VAL A 246 13.72 20.64 3.12
CA VAL A 246 13.72 19.19 3.02
C VAL A 246 14.84 18.68 2.14
N ALA A 247 15.10 19.37 1.03
CA ALA A 247 15.85 18.75 -0.05
C ALA A 247 17.35 18.81 0.14
N GLY A 248 17.85 19.15 1.33
CA GLY A 248 19.26 18.98 1.59
C GLY A 248 19.52 17.82 2.52
N ALA A 249 18.49 17.38 3.23
CA ALA A 249 18.64 16.41 4.31
C ALA A 249 18.89 15.03 3.73
N LYS A 250 20.16 14.64 3.69
CA LYS A 250 20.48 13.24 3.50
C LYS A 250 20.61 12.52 4.82
N TYR A 251 20.95 13.23 5.87
CA TYR A 251 21.49 12.66 7.08
C TYR A 251 20.50 12.76 8.24
N ARG A 252 20.84 12.11 9.34
CA ARG A 252 20.08 12.23 10.56
C ARG A 252 20.28 13.61 11.16
N GLY A 253 19.23 14.41 11.14
CA GLY A 253 19.27 15.63 11.90
C GLY A 253 20.08 16.72 11.25
N GLU A 254 20.03 16.82 9.93
CA GLU A 254 20.42 18.05 9.28
C GLU A 254 19.22 18.89 8.92
N PHE A 255 18.06 18.24 8.77
CA PHE A 255 16.81 18.96 8.59
C PHE A 255 16.49 19.81 9.81
N GLU A 256 16.43 19.17 10.97
CA GLU A 256 16.16 19.85 12.22
C GLU A 256 17.26 20.82 12.61
N GLU A 257 18.48 20.66 12.09
CA GLU A 257 19.50 21.69 12.25
C GLU A 257 19.06 22.99 11.62
N ARG A 258 18.62 22.92 10.36
CA ARG A 258 18.15 24.10 9.65
C ARG A 258 16.93 24.68 10.31
N LEU A 259 16.01 23.83 10.73
CA LEU A 259 14.75 24.35 11.22
C LEU A 259 14.90 24.93 12.63
N LYS A 260 15.79 24.36 13.44
CA LYS A 260 16.07 25.00 14.72
C LYS A 260 16.85 26.30 14.52
N GLY A 261 17.70 26.37 13.48
CA GLY A 261 18.33 27.65 13.18
C GLY A 261 17.33 28.73 12.80
N VAL A 262 16.30 28.33 12.04
CA VAL A 262 15.25 29.27 11.65
C VAL A 262 14.45 29.71 12.86
N LEU A 263 14.12 28.78 13.76
CA LEU A 263 13.32 29.18 14.91
C LEU A 263 14.12 29.98 15.93
N ASN A 264 15.42 29.74 16.05
CA ASN A 264 16.22 30.59 16.94
C ASN A 264 16.40 31.99 16.36
N ASP A 265 16.54 32.11 15.04
CA ASP A 265 16.63 33.46 14.50
C ASP A 265 15.29 34.19 14.52
N LEU A 266 14.18 33.47 14.39
CA LEU A 266 12.91 34.18 14.47
C LEU A 266 12.57 34.54 15.90
N ALA A 267 12.92 33.68 16.86
CA ALA A 267 12.69 34.04 18.25
C ALA A 267 13.68 35.10 18.73
N LYS A 268 14.83 35.24 18.07
CA LYS A 268 15.69 36.38 18.37
C LYS A 268 15.06 37.67 17.91
N GLN A 269 14.29 37.63 16.82
CA GLN A 269 13.57 38.81 16.37
C GLN A 269 12.43 39.18 17.31
N GLU A 270 12.01 38.23 18.16
CA GLU A 270 10.98 38.42 19.19
C GLU A 270 9.65 38.89 18.59
N GLY A 271 9.09 38.02 17.75
CA GLY A 271 7.77 38.22 17.19
C GLY A 271 7.64 39.35 16.20
N ASN A 272 8.76 39.94 15.79
CA ASN A 272 8.76 41.07 14.87
C ASN A 272 8.66 40.61 13.42
N VAL A 273 8.61 39.31 13.17
CA VAL A 273 8.65 38.76 11.83
C VAL A 273 7.45 37.83 11.66
N ILE A 274 6.52 38.22 10.81
CA ILE A 274 5.38 37.37 10.47
C ILE A 274 5.91 36.30 9.52
N LEU A 275 6.01 35.07 9.99
CA LEU A 275 6.47 34.01 9.11
C LEU A 275 5.36 33.62 8.15
N PHE A 276 5.68 33.48 6.88
CA PHE A 276 4.72 33.08 5.87
C PHE A 276 5.14 31.76 5.24
N ILE A 277 4.22 30.82 5.21
CA ILE A 277 4.48 29.50 4.65
C ILE A 277 3.45 29.26 3.57
N ASP A 278 3.89 29.19 2.33
CA ASP A 278 3.00 28.76 1.28
C ASP A 278 3.08 27.25 1.15
N ALA A 279 1.99 26.66 0.62
CA ALA A 279 1.82 25.23 0.46
C ALA A 279 2.08 24.49 1.78
N LEU A 280 1.23 24.81 2.76
CA LEU A 280 1.42 24.30 4.11
C LEU A 280 1.30 22.79 4.19
N HIS A 281 0.59 22.18 3.27
CA HIS A 281 0.49 20.72 3.23
C HIS A 281 1.76 20.04 2.73
N THR A 282 2.86 20.76 2.54
CA THR A 282 4.15 20.13 2.34
C THR A 282 4.83 19.86 3.66
N MET A 283 4.43 20.58 4.70
CA MET A 283 5.10 20.50 5.99
C MET A 283 4.80 19.20 6.72
N VAL A 284 3.60 18.64 6.54
CA VAL A 284 3.19 17.49 7.35
C VAL A 284 3.86 16.21 6.87
N GLY A 285 3.54 15.77 5.66
CA GLY A 285 4.23 14.60 5.15
C GLY A 285 5.44 14.95 4.30
N ALA A 286 6.62 15.02 4.92
CA ALA A 286 7.87 15.38 4.24
C ALA A 286 9.03 14.59 4.84
N GLY A 287 8.81 13.30 5.08
CA GLY A 287 9.85 12.44 5.62
C GLY A 287 10.30 12.77 7.02
N MET A 293 7.52 14.38 13.66
CA MET A 293 8.50 13.45 13.13
C MET A 293 9.46 14.19 12.21
N ASP A 294 8.94 15.07 11.35
CA ASP A 294 9.79 15.85 10.47
C ASP A 294 9.73 17.34 10.76
N ALA A 295 8.57 17.98 10.64
CA ALA A 295 8.54 19.43 10.67
C ALA A 295 7.39 19.91 11.53
N GLY A 296 6.35 19.09 11.66
CA GLY A 296 5.26 19.46 12.54
C GLY A 296 5.67 19.43 13.99
N ASN A 297 6.39 18.38 14.37
CA ASN A 297 6.75 18.17 15.76
C ASN A 297 7.99 18.92 16.18
N MET A 298 8.45 19.89 15.41
CA MET A 298 9.27 20.95 15.98
C MET A 298 8.57 22.28 16.03
N LEU A 299 7.73 22.59 15.05
CA LEU A 299 7.01 23.83 15.07
C LEU A 299 5.94 23.87 16.13
N LYS A 300 5.48 22.72 16.58
CA LYS A 300 4.35 22.64 17.50
C LYS A 300 4.49 23.40 18.83
N PRO A 301 5.62 23.38 19.55
CA PRO A 301 5.68 24.20 20.77
C PRO A 301 5.82 25.67 20.49
N ALA A 302 6.21 26.06 19.28
CA ALA A 302 6.25 27.48 18.97
C ALA A 302 4.91 27.97 18.46
N LEU A 303 4.21 27.14 17.68
CA LEU A 303 2.89 27.51 17.21
C LEU A 303 1.87 27.54 18.32
N ALA A 304 2.10 26.79 19.39
CA ALA A 304 1.15 26.86 20.49
C ALA A 304 1.28 28.16 21.27
N ARG A 305 2.50 28.54 21.61
CA ARG A 305 2.74 29.69 22.46
C ARG A 305 2.70 31.01 21.71
N GLY A 306 2.38 30.98 20.42
CA GLY A 306 2.28 32.18 19.63
C GLY A 306 3.59 32.84 19.31
N GLU A 307 4.73 32.23 19.63
CA GLU A 307 6.01 32.87 19.40
C GLU A 307 6.45 32.83 17.95
N LEU A 308 5.76 32.08 17.12
CA LEU A 308 5.87 32.18 15.68
C LEU A 308 4.62 32.89 15.21
N HIS A 309 4.58 33.27 13.95
CA HIS A 309 3.39 33.93 13.40
C HIS A 309 3.03 33.39 12.04
N CYS A 310 2.90 32.07 11.95
CA CYS A 310 2.71 31.39 10.66
C CYS A 310 1.43 31.80 9.96
N VAL A 311 1.49 31.90 8.65
CA VAL A 311 0.34 32.15 7.79
C VAL A 311 0.37 31.10 6.70
N GLY A 312 -0.57 30.19 6.73
CA GLY A 312 -0.59 29.14 5.76
C GLY A 312 -1.27 29.54 4.48
N ALA A 313 -1.16 28.68 3.48
CA ALA A 313 -1.80 28.91 2.19
C ALA A 313 -1.97 27.55 1.55
N THR A 314 -3.21 27.07 1.46
CA THR A 314 -3.40 25.71 0.99
C THR A 314 -4.73 25.55 0.30
N THR A 315 -4.79 24.54 -0.56
CA THR A 315 -6.03 24.14 -1.19
C THR A 315 -6.89 23.47 -0.14
N LEU A 316 -8.21 23.55 -0.32
CA LEU A 316 -9.12 22.97 0.66
C LEU A 316 -9.02 21.46 0.72
N ASP A 317 -8.73 20.81 -0.41
CA ASP A 317 -8.62 19.36 -0.41
C ASP A 317 -7.39 18.90 0.34
N GLU A 318 -6.25 19.54 0.10
CA GLU A 318 -5.07 19.22 0.88
C GLU A 318 -5.23 19.59 2.35
N TYR A 319 -6.03 20.61 2.64
CA TYR A 319 -6.33 20.93 4.04
C TYR A 319 -7.02 19.76 4.71
N ARG A 320 -8.18 19.38 4.20
CA ARG A 320 -8.93 18.30 4.85
C ARG A 320 -8.27 16.94 4.71
N GLN A 321 -7.24 16.79 3.88
CA GLN A 321 -6.54 15.52 3.77
C GLN A 321 -5.29 15.43 4.61
N TYR A 322 -4.51 16.51 4.73
CA TYR A 322 -3.25 16.46 5.44
C TYR A 322 -3.28 17.18 6.78
N ILE A 323 -4.39 17.82 7.16
CA ILE A 323 -4.42 18.52 8.43
C ILE A 323 -5.59 18.08 9.31
N GLU A 324 -6.80 17.99 8.76
CA GLU A 324 -7.92 17.49 9.53
C GLU A 324 -7.74 16.04 9.97
N LYS A 325 -6.89 15.28 9.27
CA LYS A 325 -6.36 14.05 9.82
C LYS A 325 -5.70 14.28 11.17
N ASP A 326 -4.61 15.05 11.18
CA ASP A 326 -3.75 15.21 12.36
C ASP A 326 -4.29 16.35 13.22
N ALA A 327 -5.05 16.00 14.26
CA ALA A 327 -5.93 16.96 14.90
C ALA A 327 -5.18 17.98 15.75
N ALA A 328 -3.98 17.64 16.23
CA ALA A 328 -3.22 18.60 17.03
C ALA A 328 -2.76 19.77 16.20
N LEU A 329 -2.17 19.49 15.04
CA LEU A 329 -1.79 20.55 14.13
C LEU A 329 -3.01 21.16 13.46
N GLU A 330 -4.16 20.50 13.51
CA GLU A 330 -5.39 21.18 13.13
C GLU A 330 -5.69 22.30 14.10
N ARG A 331 -5.70 22.03 15.41
CA ARG A 331 -6.08 23.12 16.29
C ARG A 331 -4.98 24.14 16.51
N ARG A 332 -3.76 23.85 16.07
CA ARG A 332 -2.73 24.88 16.12
C ARG A 332 -3.01 26.05 15.19
N PHE A 333 -3.78 25.85 14.13
CA PHE A 333 -4.03 26.86 13.10
C PHE A 333 -5.45 27.42 13.23
N GLN A 334 -5.79 28.34 12.33
CA GLN A 334 -7.12 28.94 12.28
C GLN A 334 -7.51 29.20 10.84
N LYS A 335 -8.75 28.88 10.50
CA LYS A 335 -9.17 28.97 9.12
C LYS A 335 -9.59 30.38 8.78
N VAL A 336 -9.32 30.78 7.53
CA VAL A 336 -9.92 31.96 6.92
C VAL A 336 -10.44 31.49 5.57
N PHE A 337 -11.73 31.20 5.49
CA PHE A 337 -12.26 30.62 4.27
C PHE A 337 -12.30 31.68 3.17
N VAL A 338 -11.51 31.45 2.13
CA VAL A 338 -11.37 32.38 1.00
C VAL A 338 -12.24 31.88 -0.14
N ALA A 339 -13.18 32.70 -0.58
CA ALA A 339 -14.09 32.36 -1.66
C ALA A 339 -13.59 32.92 -2.97
N GLU A 340 -14.12 32.34 -4.05
CA GLU A 340 -13.87 32.86 -5.38
C GLU A 340 -14.43 34.27 -5.51
N PRO A 341 -13.77 35.17 -6.22
CA PRO A 341 -14.34 36.51 -6.39
C PRO A 341 -15.55 36.47 -7.30
N SER A 342 -16.30 37.57 -7.28
CA SER A 342 -17.51 37.67 -8.09
C SER A 342 -17.12 38.01 -9.51
N VAL A 343 -18.11 38.15 -10.39
CA VAL A 343 -17.82 38.53 -11.76
C VAL A 343 -17.43 39.99 -11.83
N GLU A 344 -18.17 40.85 -11.14
CA GLU A 344 -17.82 42.28 -11.14
C GLU A 344 -16.52 42.54 -10.41
N ASP A 345 -16.23 41.77 -9.36
CA ASP A 345 -14.93 41.91 -8.71
C ASP A 345 -13.82 41.43 -9.61
N THR A 346 -14.09 40.39 -10.42
CA THR A 346 -13.13 39.95 -11.42
C THR A 346 -12.86 41.05 -12.43
N ILE A 347 -13.90 41.79 -12.81
CA ILE A 347 -13.75 42.91 -13.74
C ILE A 347 -12.91 44.02 -13.11
N ALA A 348 -13.14 44.32 -11.84
CA ALA A 348 -12.39 45.38 -11.18
C ALA A 348 -10.91 45.00 -11.02
N ILE A 349 -10.67 43.75 -10.63
CA ILE A 349 -9.32 43.20 -10.54
C ILE A 349 -8.62 43.31 -11.89
N LEU A 350 -9.31 42.93 -12.96
CA LEU A 350 -8.71 43.03 -14.27
C LEU A 350 -8.54 44.46 -14.75
N ARG A 351 -9.29 45.41 -14.20
CA ARG A 351 -9.03 46.81 -14.57
C ARG A 351 -7.73 47.30 -13.96
N GLY A 352 -7.52 46.99 -12.67
CA GLY A 352 -6.22 47.26 -12.07
C GLY A 352 -5.07 46.54 -12.78
N LEU A 353 -5.33 45.30 -13.20
CA LEU A 353 -4.29 44.55 -13.88
C LEU A 353 -4.12 44.97 -15.34
N LYS A 354 -5.13 45.58 -15.96
CA LYS A 354 -4.94 46.21 -17.26
C LYS A 354 -3.97 47.37 -17.14
N GLU A 355 -4.19 48.20 -16.12
CA GLU A 355 -3.31 49.33 -15.85
C GLU A 355 -1.90 48.86 -15.53
N ARG A 356 -1.77 47.64 -15.02
CA ARG A 356 -0.44 47.06 -14.90
C ARG A 356 0.09 46.53 -16.24
N TYR A 357 -0.71 45.76 -16.98
CA TYR A 357 -0.16 44.94 -18.07
C TYR A 357 0.14 45.73 -19.30
N GLU A 358 -0.47 46.91 -19.45
CA GLU A 358 -0.14 47.67 -20.66
C GLU A 358 1.23 48.34 -20.58
N LEU A 359 1.93 48.25 -19.44
CA LEU A 359 3.33 48.63 -19.36
C LEU A 359 4.24 47.55 -19.92
N HIS A 360 3.81 46.30 -19.93
CA HIS A 360 4.67 45.18 -20.26
C HIS A 360 4.57 44.78 -21.72
N HIS A 361 3.37 44.43 -22.18
CA HIS A 361 3.22 43.93 -23.54
C HIS A 361 3.13 45.03 -24.59
N HIS A 362 3.31 46.30 -24.20
CA HIS A 362 3.40 47.44 -25.11
C HIS A 362 2.11 47.67 -25.89
N VAL A 363 1.00 47.14 -25.39
CA VAL A 363 -0.25 47.18 -26.11
C VAL A 363 -1.31 47.87 -25.29
N GLN A 364 -2.53 47.93 -25.80
CA GLN A 364 -3.69 48.42 -25.08
C GLN A 364 -4.74 47.35 -25.00
N ILE A 365 -5.66 47.51 -24.05
CA ILE A 365 -6.77 46.59 -23.85
C ILE A 365 -8.04 47.40 -23.70
N THR A 366 -9.08 47.03 -24.42
CA THR A 366 -10.36 47.72 -24.37
C THR A 366 -11.28 46.96 -23.42
N ASP A 367 -11.77 47.64 -22.40
CA ASP A 367 -12.57 47.10 -21.28
C ASP A 367 -13.76 46.23 -21.67
N PRO A 368 -14.44 46.44 -22.82
CA PRO A 368 -15.34 45.38 -23.32
C PRO A 368 -14.69 44.02 -23.52
N ALA A 369 -13.44 43.97 -23.99
CA ALA A 369 -12.77 42.68 -24.06
C ALA A 369 -12.51 42.11 -22.68
N ILE A 370 -12.33 42.96 -21.68
CA ILE A 370 -12.13 42.49 -20.32
C ILE A 370 -13.40 41.84 -19.78
N VAL A 371 -14.53 42.53 -19.91
CA VAL A 371 -15.76 42.00 -19.32
C VAL A 371 -16.24 40.77 -20.10
N ALA A 372 -16.02 40.74 -21.42
CA ALA A 372 -16.37 39.56 -22.20
C ALA A 372 -15.44 38.40 -21.87
N ALA A 373 -14.17 38.69 -21.59
CA ALA A 373 -13.22 37.65 -21.21
C ALA A 373 -13.61 37.01 -19.90
N ALA A 374 -13.96 37.83 -18.91
CA ALA A 374 -14.36 37.31 -17.62
C ALA A 374 -15.66 36.51 -17.72
N THR A 375 -16.62 37.02 -18.50
CA THR A 375 -17.92 36.35 -18.61
C THR A 375 -17.81 35.02 -19.36
N LEU A 376 -17.07 35.02 -20.47
CA LEU A 376 -16.96 33.80 -21.27
C LEU A 376 -16.01 32.80 -20.65
N SER A 377 -15.06 33.25 -19.82
CA SER A 377 -14.22 32.33 -19.07
C SER A 377 -15.01 31.68 -17.96
N HIS A 378 -15.85 32.44 -17.28
CA HIS A 378 -16.75 31.85 -16.31
C HIS A 378 -17.77 30.94 -16.96
N ARG A 379 -18.10 31.21 -18.22
CA ARG A 379 -19.12 30.41 -18.86
C ARG A 379 -18.58 29.06 -19.31
N TYR A 380 -17.32 29.00 -19.73
CA TYR A 380 -16.80 27.86 -20.48
C TYR A 380 -15.70 27.07 -19.77
N ILE A 381 -14.65 27.74 -19.29
CA ILE A 381 -13.56 27.02 -18.62
C ILE A 381 -14.05 26.57 -17.25
N ALA A 382 -14.34 25.28 -17.12
CA ALA A 382 -14.94 24.74 -15.91
C ALA A 382 -13.96 23.95 -15.05
N ASP A 383 -12.67 23.94 -15.40
CA ASP A 383 -11.65 23.32 -14.56
C ASP A 383 -10.95 24.37 -13.71
N ARG A 384 -10.28 25.31 -14.35
CA ARG A 384 -9.65 26.40 -13.65
C ARG A 384 -10.73 27.38 -13.18
N GLN A 385 -10.36 28.24 -12.23
CA GLN A 385 -11.32 29.14 -11.63
C GLN A 385 -10.85 30.58 -11.72
N LEU A 386 -11.74 31.50 -11.36
CA LEU A 386 -11.43 32.92 -11.35
C LEU A 386 -10.42 33.23 -10.26
N PRO A 387 -9.65 34.31 -10.40
CA PRO A 387 -9.41 35.17 -11.55
C PRO A 387 -8.25 34.67 -12.36
N ASP A 388 -7.71 33.51 -12.00
CA ASP A 388 -6.53 32.99 -12.67
C ASP A 388 -6.80 32.68 -14.13
N LYS A 389 -7.99 32.15 -14.45
CA LYS A 389 -8.30 31.86 -15.83
C LYS A 389 -8.51 33.12 -16.64
N ALA A 390 -9.06 34.17 -16.03
CA ALA A 390 -9.24 35.42 -16.75
C ALA A 390 -7.91 36.09 -17.03
N ILE A 391 -6.99 36.02 -16.07
CA ILE A 391 -5.65 36.55 -16.27
C ILE A 391 -4.92 35.75 -17.34
N ASP A 392 -5.17 34.43 -17.39
CA ASP A 392 -4.62 33.60 -18.46
C ASP A 392 -5.08 34.07 -19.83
N LEU A 393 -6.39 34.31 -19.97
CA LEU A 393 -6.92 34.74 -21.26
C LEU A 393 -6.37 36.10 -21.66
N ILE A 394 -6.34 37.05 -20.72
CA ILE A 394 -5.89 38.41 -21.04
C ILE A 394 -4.42 38.41 -21.41
N ASP A 395 -3.59 37.70 -20.64
CA ASP A 395 -2.17 37.70 -20.91
C ASP A 395 -1.86 36.96 -22.20
N GLU A 396 -2.62 35.91 -22.52
CA GLU A 396 -2.32 35.13 -23.71
C GLU A 396 -2.73 35.89 -24.95
N ALA A 397 -3.82 36.64 -24.88
CA ALA A 397 -4.18 37.52 -25.99
C ALA A 397 -3.18 38.66 -26.13
N ALA A 398 -2.64 39.14 -25.01
CA ALA A 398 -1.62 40.18 -25.09
C ALA A 398 -0.36 39.67 -25.76
N SER A 399 -0.02 38.41 -25.52
CA SER A 399 1.14 37.84 -26.18
C SER A 399 0.88 37.59 -27.65
N SER A 400 -0.34 37.20 -28.02
CA SER A 400 -0.67 37.03 -29.43
C SER A 400 -0.60 38.36 -30.18
N ILE A 401 -1.01 39.44 -29.52
CA ILE A 401 -0.90 40.74 -30.17
C ILE A 401 0.55 41.21 -30.19
N ARG A 402 1.35 40.84 -29.19
CA ARG A 402 2.77 41.14 -29.21
C ARG A 402 3.47 40.40 -30.34
N MET A 403 2.97 39.20 -30.69
CA MET A 403 3.38 38.57 -31.95
C MET A 403 2.97 39.40 -33.15
N GLN A 404 1.70 39.75 -33.25
CA GLN A 404 1.18 40.40 -34.45
C GLN A 404 1.64 41.86 -34.60
N ILE A 405 2.40 42.38 -33.65
CA ILE A 405 3.17 43.60 -33.88
C ILE A 405 4.19 43.35 -34.99
N ASP A 406 4.97 42.28 -34.86
CA ASP A 406 6.06 41.99 -35.79
C ASP A 406 5.78 40.70 -36.56
N SER A 407 4.52 40.45 -36.91
CA SER A 407 4.19 39.24 -37.67
C SER A 407 4.19 39.52 -39.17
N PRO A 409 6.50 42.21 -40.78
CA PRO A 409 5.15 42.16 -41.34
C PRO A 409 5.06 41.17 -42.49
N GLU A 410 3.85 40.68 -42.76
CA GLU A 410 3.68 39.67 -43.81
C GLU A 410 3.85 40.29 -45.19
N GLU A 411 3.32 41.51 -45.38
CA GLU A 411 3.39 42.16 -46.69
C GLU A 411 4.81 42.58 -47.04
N LEU A 412 5.60 42.97 -46.04
CA LEU A 412 7.01 43.23 -46.28
C LEU A 412 7.75 41.95 -46.64
N ASP A 413 7.36 40.82 -46.06
CA ASP A 413 8.00 39.56 -46.39
C ASP A 413 7.65 39.12 -47.82
N ARG A 414 6.40 39.34 -48.22
CA ARG A 414 5.99 39.05 -49.59
C ARG A 414 6.70 39.95 -50.60
N LEU A 415 6.83 41.23 -50.27
CA LEU A 415 7.53 42.15 -51.15
C LEU A 415 9.02 41.85 -51.21
N ASP A 416 9.60 41.39 -50.10
CA ASP A 416 11.03 41.06 -50.08
C ASP A 416 11.30 39.80 -50.89
N ARG A 417 10.42 38.80 -50.79
CA ARG A 417 10.55 37.61 -51.62
C ARG A 417 10.32 37.94 -53.09
N ARG A 418 9.41 38.88 -53.38
CA ARG A 418 9.17 39.29 -54.75
C ARG A 418 10.37 40.02 -55.34
N ILE A 419 10.97 40.94 -54.58
CA ILE A 419 12.10 41.69 -55.11
C ILE A 419 13.34 40.81 -55.22
N ILE A 420 13.51 39.82 -54.34
CA ILE A 420 14.69 38.97 -54.47
C ILE A 420 14.49 37.96 -55.61
N GLN A 421 13.24 37.56 -55.88
CA GLN A 421 12.99 36.66 -57.01
C GLN A 421 13.18 37.39 -58.34
N LEU A 422 12.67 38.62 -58.43
CA LEU A 422 12.87 39.39 -59.66
C LEU A 422 14.32 39.84 -59.80
N LYS A 423 15.03 40.00 -58.68
CA LYS A 423 16.45 40.30 -58.71
C LYS A 423 17.24 39.13 -59.29
N LEU A 424 16.93 37.91 -58.84
CA LEU A 424 17.57 36.72 -59.38
C LEU A 424 17.24 36.53 -60.85
N GLU A 425 15.99 36.83 -61.23
CA GLU A 425 15.58 36.70 -62.63
C GLU A 425 16.31 37.71 -63.53
N GLN A 426 16.41 38.96 -63.08
CA GLN A 426 17.07 39.98 -63.89
C GLN A 426 18.57 39.74 -63.94
N GLN A 427 19.16 39.27 -62.84
CA GLN A 427 20.59 38.97 -62.83
C GLN A 427 20.92 37.75 -63.69
N ALA A 428 19.96 36.81 -63.81
CA ALA A 428 20.15 35.68 -64.72
C ALA A 428 19.98 36.10 -66.18
N LEU A 429 19.09 37.07 -66.44
CA LEU A 429 18.88 37.51 -67.82
C LEU A 429 20.01 38.38 -68.34
N MET A 430 20.77 39.02 -67.47
CA MET A 430 21.89 39.85 -67.92
C MET A 430 23.09 38.99 -68.31
N LEU A 441 14.21 44.36 -74.00
CA LEU A 441 13.43 43.27 -73.42
C LEU A 441 13.11 43.54 -71.96
N ASP A 442 14.04 44.22 -71.29
CA ASP A 442 14.27 44.12 -69.84
C ASP A 442 13.04 44.26 -68.95
N MET A 443 12.49 45.48 -68.82
CA MET A 443 11.26 45.84 -68.11
C MET A 443 11.28 45.58 -66.59
N LEU A 444 12.32 44.89 -66.12
CA LEU A 444 12.31 44.29 -64.80
C LEU A 444 13.14 45.17 -63.90
N ASN A 445 14.01 45.98 -64.50
CA ASN A 445 14.59 47.12 -63.77
C ASN A 445 13.49 48.06 -63.31
N GLU A 446 12.52 48.34 -64.21
CA GLU A 446 11.42 49.24 -63.86
C GLU A 446 10.47 48.58 -62.86
N GLU A 447 10.12 47.31 -63.09
CA GLU A 447 9.26 46.60 -62.14
C GLU A 447 9.92 46.43 -60.78
N LEU A 448 11.22 46.17 -60.75
CA LEU A 448 11.95 46.00 -59.50
C LEU A 448 12.11 47.33 -58.79
N SER A 449 12.26 48.42 -59.54
CA SER A 449 12.36 49.75 -58.94
C SER A 449 11.04 50.15 -58.30
N ASP A 450 9.92 49.82 -58.96
CA ASP A 450 8.60 50.08 -58.39
C ASP A 450 8.37 49.26 -57.12
N LYS A 451 8.75 47.98 -57.16
CA LYS A 451 8.55 47.14 -55.98
C LYS A 451 9.50 47.50 -54.85
N GLU A 452 10.73 47.94 -55.16
CA GLU A 452 11.64 48.45 -54.13
C GLU A 452 11.14 49.76 -53.53
N ARG A 453 10.53 50.62 -54.34
CA ARG A 453 9.94 51.85 -53.80
C ARG A 453 8.78 51.54 -52.87
N GLN A 454 7.93 50.58 -53.26
CA GLN A 454 6.83 50.17 -52.38
C GLN A 454 7.34 49.51 -51.10
N TYR A 455 8.41 48.72 -51.22
CA TYR A 455 9.01 48.08 -50.06
C TYR A 455 9.63 49.10 -49.11
N SER A 456 10.26 50.14 -49.66
CA SER A 456 10.85 51.19 -48.83
C SER A 456 9.77 52.02 -48.15
N GLU A 457 8.66 52.29 -48.85
CA GLU A 457 7.55 53.02 -48.26
C GLU A 457 6.90 52.24 -47.12
N LEU A 458 6.67 50.94 -47.33
CA LEU A 458 6.09 50.10 -46.29
C LEU A 458 7.05 49.95 -45.11
N GLU A 459 8.36 49.91 -45.40
CA GLU A 459 9.35 49.81 -44.34
C GLU A 459 9.39 51.09 -43.50
N GLU A 460 9.32 52.26 -44.16
CA GLU A 460 9.34 53.52 -43.43
C GLU A 460 8.06 53.72 -42.64
N GLU A 461 6.93 53.26 -43.18
CA GLU A 461 5.67 53.29 -42.45
C GLU A 461 5.71 52.37 -41.25
N TRP A 462 6.37 51.22 -41.39
CA TRP A 462 6.56 50.29 -40.29
C TRP A 462 7.42 50.90 -39.20
N LYS A 463 8.48 51.60 -39.59
CA LYS A 463 9.33 52.29 -38.61
C LYS A 463 8.58 53.42 -37.92
N ALA A 464 7.69 54.09 -38.64
CA ALA A 464 6.89 55.16 -38.06
C ALA A 464 5.91 54.61 -37.02
N GLU A 465 5.31 53.46 -37.32
CA GLU A 465 4.43 52.80 -36.36
C GLU A 465 5.20 52.32 -35.14
N LYS A 466 6.41 51.79 -35.36
CA LYS A 466 7.25 51.35 -34.25
C LYS A 466 7.65 52.52 -33.35
N ALA A 467 7.96 53.66 -33.96
CA ALA A 467 8.32 54.85 -33.19
C ALA A 467 7.13 55.39 -32.41
N SER A 468 5.93 55.31 -33.00
CA SER A 468 4.72 55.74 -32.31
C SER A 468 4.41 54.86 -31.10
N LEU A 469 4.52 53.53 -31.28
CA LEU A 469 4.29 52.61 -30.17
C LEU A 469 5.37 52.74 -29.10
N SER A 470 6.60 53.05 -29.50
CA SER A 470 7.68 53.24 -28.53
C SER A 470 7.45 54.50 -27.70
N GLY A 471 7.05 55.59 -28.34
CA GLY A 471 6.73 56.80 -27.61
C GLY A 471 5.55 56.63 -26.67
N THR A 472 4.54 55.87 -27.12
CA THR A 472 3.38 55.60 -26.27
C THR A 472 3.75 54.76 -25.06
N GLN A 473 4.59 53.74 -25.24
CA GLN A 473 5.04 52.93 -24.13
C GLN A 473 5.89 53.73 -23.14
N THR A 474 6.80 54.55 -23.64
CA THR A 474 7.63 55.36 -22.75
C THR A 474 6.80 56.36 -21.97
N ILE A 475 5.78 56.94 -22.60
CA ILE A 475 5.00 57.95 -21.88
C ILE A 475 4.04 57.28 -20.90
N LYS A 476 3.62 56.04 -21.20
CA LYS A 476 2.79 55.29 -20.26
C LYS A 476 3.63 54.85 -19.05
N ALA A 477 4.90 54.52 -19.31
CA ALA A 477 5.80 54.14 -18.22
C ALA A 477 6.13 55.33 -17.34
N GLU A 478 6.31 56.51 -17.94
CA GLU A 478 6.51 57.72 -17.16
C GLU A 478 5.27 58.08 -16.36
N LEU A 479 4.08 57.78 -16.90
CA LEU A 479 2.84 57.97 -16.15
C LEU A 479 2.77 57.07 -14.92
N GLU A 480 3.15 55.79 -15.09
CA GLU A 480 3.08 54.87 -13.98
C GLU A 480 4.16 55.17 -12.94
N GLN A 481 5.34 55.62 -13.41
CA GLN A 481 6.36 56.09 -12.47
C GLN A 481 5.94 57.35 -11.75
N ALA A 482 5.13 58.20 -12.39
CA ALA A 482 4.58 59.37 -11.71
C ALA A 482 3.58 58.95 -10.64
N LYS A 483 2.79 57.91 -10.91
CA LYS A 483 1.85 57.39 -9.91
C LYS A 483 2.59 56.79 -8.72
N ILE A 484 3.68 56.06 -8.99
CA ILE A 484 4.52 55.51 -7.93
C ILE A 484 5.18 56.63 -7.13
N ALA A 485 5.58 57.70 -7.81
CA ALA A 485 6.22 58.83 -7.13
C ALA A 485 5.24 59.62 -6.29
N ILE A 486 3.98 59.72 -6.72
CA ILE A 486 3.02 60.42 -5.87
C ILE A 486 2.59 59.53 -4.71
N GLU A 487 2.70 58.21 -4.86
CA GLU A 487 2.56 57.37 -3.67
C GLU A 487 3.75 57.50 -2.73
N GLN A 488 4.97 57.70 -3.28
CA GLN A 488 6.14 58.05 -2.46
C GLN A 488 5.92 59.35 -1.70
N ALA A 489 5.27 60.33 -2.34
CA ALA A 489 4.96 61.57 -1.65
C ALA A 489 3.85 61.39 -0.62
N ARG A 490 2.93 60.45 -0.85
CA ARG A 490 1.92 60.14 0.17
C ARG A 490 2.53 59.45 1.39
N ARG A 491 3.55 58.61 1.19
CA ARG A 491 4.23 58.01 2.33
C ARG A 491 5.10 59.03 3.06
N VAL A 492 5.96 59.74 2.32
CA VAL A 492 6.93 60.66 2.92
C VAL A 492 6.29 61.95 3.43
N GLY A 493 5.49 62.62 2.61
CA GLY A 493 4.81 63.81 3.07
C GLY A 493 5.42 65.13 2.65
N ASP A 494 5.78 65.26 1.37
CA ASP A 494 6.19 66.57 0.86
C ASP A 494 4.95 67.34 0.44
N LEU A 495 5.01 68.67 0.59
CA LEU A 495 3.82 69.49 0.50
C LEU A 495 3.51 69.91 -0.92
N ALA A 496 4.43 70.64 -1.56
CA ALA A 496 4.21 71.09 -2.93
C ALA A 496 4.35 69.96 -3.94
N ARG A 497 5.00 68.86 -3.55
CA ARG A 497 5.21 67.74 -4.44
C ARG A 497 3.89 67.04 -4.77
N MET A 498 2.99 66.96 -3.77
CA MET A 498 1.68 66.35 -3.96
C MET A 498 0.86 67.07 -5.01
N SER A 499 0.56 68.35 -4.77
CA SER A 499 -0.23 69.16 -5.69
C SER A 499 0.45 69.32 -7.04
N GLU A 500 1.78 69.47 -7.05
CA GLU A 500 2.53 69.62 -8.29
C GLU A 500 2.43 68.35 -9.16
N LEU A 501 2.80 67.19 -8.59
CA LEU A 501 2.77 65.93 -9.33
C LEU A 501 1.35 65.60 -9.80
N GLN A 502 0.36 65.76 -8.92
CA GLN A 502 -1.03 65.48 -9.30
C GLN A 502 -1.49 66.40 -10.43
N TYR A 503 -1.59 67.70 -10.14
CA TYR A 503 -2.31 68.62 -11.01
C TYR A 503 -1.52 68.91 -12.29
N GLY A 504 -0.19 68.81 -12.26
CA GLY A 504 0.54 68.84 -13.50
C GLY A 504 0.54 67.50 -14.20
N LYS A 505 1.18 66.49 -13.58
CA LYS A 505 1.66 65.34 -14.32
C LYS A 505 0.55 64.38 -14.71
N ILE A 506 -0.51 64.24 -13.91
CA ILE A 506 -1.54 63.24 -14.23
C ILE A 506 -2.41 63.63 -15.43
N PRO A 507 -3.06 64.83 -15.48
CA PRO A 507 -3.97 65.05 -16.61
C PRO A 507 -3.29 65.28 -17.94
N GLU A 508 -2.11 65.92 -17.98
CA GLU A 508 -1.46 66.18 -19.27
C GLU A 508 -0.90 64.89 -19.86
N LEU A 509 -0.35 64.01 -19.01
CA LEU A 509 0.18 62.75 -19.53
C LEU A 509 -0.95 61.81 -19.93
N GLU A 510 -2.08 61.86 -19.21
CA GLU A 510 -3.22 61.06 -19.64
C GLU A 510 -3.82 61.57 -20.96
N LYS A 511 -3.91 62.89 -21.14
CA LYS A 511 -4.51 63.38 -22.37
C LYS A 511 -3.60 63.22 -23.58
N GLN A 512 -2.27 63.30 -23.39
CA GLN A 512 -1.43 63.02 -24.56
C GLN A 512 -1.14 61.54 -24.71
N LEU A 513 -1.40 60.72 -23.68
CA LEU A 513 -1.48 59.28 -23.88
C LEU A 513 -2.66 58.92 -24.76
N GLU A 514 -3.81 59.57 -24.53
CA GLU A 514 -4.95 59.37 -25.43
C GLU A 514 -4.73 60.00 -26.80
N ALA A 515 -3.95 61.07 -26.89
CA ALA A 515 -3.56 61.60 -28.19
C ALA A 515 -2.67 60.63 -28.95
N ALA A 516 -1.74 59.97 -28.25
CA ALA A 516 -0.98 58.89 -28.88
C ALA A 516 -1.85 57.70 -29.22
N THR A 517 -2.90 57.45 -28.44
CA THR A 517 -3.84 56.38 -28.73
C THR A 517 -4.60 56.64 -30.02
N GLN A 518 -5.16 57.83 -30.18
CA GLN A 518 -5.86 58.17 -31.41
C GLN A 518 -4.89 58.32 -32.58
N LEU A 519 -3.63 58.70 -32.31
CA LEU A 519 -2.63 58.71 -33.36
C LEU A 519 -2.32 57.30 -33.86
N GLU A 520 -2.23 56.33 -32.95
CA GLU A 520 -2.03 54.95 -33.36
C GLU A 520 -3.27 54.38 -34.05
N GLY A 521 -4.45 54.84 -33.65
CA GLY A 521 -5.66 54.48 -34.39
C GLY A 521 -5.67 55.05 -35.80
N LYS A 522 -5.01 56.20 -35.98
CA LYS A 522 -4.84 56.76 -37.32
C LYS A 522 -3.80 56.00 -38.12
N THR A 523 -2.69 55.61 -37.49
CA THR A 523 -1.52 55.24 -38.28
C THR A 523 -1.29 53.74 -38.39
N MET A 524 -1.95 52.91 -37.58
CA MET A 524 -1.70 51.47 -37.66
C MET A 524 -2.38 50.88 -38.89
N ARG A 525 -1.65 50.90 -40.01
CA ARG A 525 -2.08 50.23 -41.23
C ARG A 525 -1.30 48.91 -41.32
N LEU A 526 -0.15 48.88 -40.68
CA LEU A 526 0.70 47.68 -40.68
C LEU A 526 0.79 47.11 -39.27
N LEU A 527 -1.36 44.84 -37.01
CA LEU A 527 -2.49 45.75 -37.17
C LEU A 527 -2.89 46.38 -35.85
N ARG A 528 -3.41 45.54 -34.95
CA ARG A 528 -3.97 46.06 -33.71
C ARG A 528 -2.92 46.17 -32.62
N ASN A 529 -3.07 47.18 -31.78
CA ASN A 529 -2.45 47.19 -30.47
C ASN A 529 -3.51 47.15 -29.37
N LYS A 530 -4.77 47.09 -29.73
CA LYS A 530 -5.87 47.02 -28.78
C LYS A 530 -6.51 45.64 -28.87
N VAL A 531 -6.40 44.89 -27.79
CA VAL A 531 -6.95 43.54 -27.74
C VAL A 531 -8.47 43.64 -27.69
N THR A 532 -9.13 43.21 -28.75
CA THR A 532 -10.58 43.24 -28.77
C THR A 532 -11.14 41.92 -28.26
N ASP A 533 -12.47 41.80 -28.33
CA ASP A 533 -13.13 40.57 -27.88
C ASP A 533 -12.88 39.42 -28.84
N ALA A 534 -12.60 39.72 -30.10
CA ALA A 534 -12.32 38.68 -31.07
C ALA A 534 -11.01 37.96 -30.75
N GLU A 535 -10.05 38.67 -30.17
CA GLU A 535 -8.81 38.04 -29.73
C GLU A 535 -9.07 37.08 -28.60
N ILE A 536 -9.95 37.46 -27.67
CA ILE A 536 -10.34 36.58 -26.59
C ILE A 536 -11.07 35.37 -27.14
N ALA A 537 -11.88 35.57 -28.17
CA ALA A 537 -12.56 34.47 -28.82
C ALA A 537 -11.58 33.52 -29.48
N GLU A 538 -10.51 34.05 -30.09
CA GLU A 538 -9.53 33.19 -30.73
C GLU A 538 -8.72 32.41 -29.71
N VAL A 539 -8.38 33.04 -28.58
CA VAL A 539 -7.61 32.34 -27.56
C VAL A 539 -8.44 31.25 -26.89
N LEU A 540 -9.69 31.57 -26.54
CA LEU A 540 -10.55 30.56 -25.93
C LEU A 540 -10.94 29.49 -26.93
N ALA A 541 -10.99 29.81 -28.22
CA ALA A 541 -11.22 28.80 -29.23
C ALA A 541 -10.02 27.89 -29.40
N ARG A 542 -8.82 28.44 -29.22
CA ARG A 542 -7.63 27.60 -29.22
C ARG A 542 -7.59 26.70 -28.00
N TRP A 543 -8.14 27.16 -26.87
CA TRP A 543 -8.32 26.26 -25.74
C TRP A 543 -9.30 25.15 -26.06
N THR A 544 -10.53 25.51 -26.38
CA THR A 544 -11.63 24.54 -26.45
C THR A 544 -12.24 24.41 -27.84
N GLY A 545 -12.73 25.50 -28.42
CA GLY A 545 -13.29 25.46 -29.77
C GLY A 545 -14.76 25.73 -29.87
N ILE A 546 -15.40 26.22 -28.82
CA ILE A 546 -16.82 26.60 -28.80
C ILE A 546 -17.02 27.77 -29.78
N PRO A 547 -18.19 27.88 -30.43
CA PRO A 547 -18.58 29.18 -31.01
C PRO A 547 -18.86 30.19 -29.90
N VAL A 548 -17.77 30.74 -29.34
CA VAL A 548 -17.79 31.38 -28.01
C VAL A 548 -18.64 32.64 -28.02
N SER A 549 -18.48 33.47 -29.04
CA SER A 549 -19.14 34.76 -29.10
C SER A 549 -20.64 34.58 -29.39
N ARG A 550 -21.32 35.70 -29.54
CA ARG A 550 -22.77 35.71 -29.63
C ARG A 550 -23.22 35.27 -31.02
N MET A 551 -24.50 35.50 -31.31
CA MET A 551 -25.05 35.21 -32.63
C MET A 551 -24.42 36.13 -33.68
N MET A 552 -23.46 35.56 -34.40
CA MET A 552 -22.58 36.33 -35.27
C MET A 552 -23.05 36.34 -36.72
N GLU A 553 -24.37 36.19 -36.94
CA GLU A 553 -25.05 36.20 -38.24
C GLU A 553 -24.61 35.06 -39.15
N SER A 554 -23.83 34.12 -38.65
CA SER A 554 -23.53 32.86 -39.33
C SER A 554 -24.23 31.71 -38.65
N GLU A 555 -24.12 31.62 -37.32
CA GLU A 555 -25.00 30.76 -36.56
C GLU A 555 -26.38 31.38 -36.37
N ARG A 556 -26.48 32.71 -36.44
CA ARG A 556 -27.78 33.34 -36.25
C ARG A 556 -28.69 33.11 -37.44
N GLU A 557 -28.18 33.33 -38.66
CA GLU A 557 -28.94 32.98 -39.85
C GLU A 557 -29.14 31.49 -39.98
N LYS A 558 -28.21 30.70 -39.42
CA LYS A 558 -28.43 29.27 -39.28
C LYS A 558 -29.63 28.98 -38.40
N LEU A 559 -29.83 29.78 -37.34
CA LEU A 559 -31.02 29.61 -36.52
C LEU A 559 -32.26 30.14 -37.22
N LEU A 560 -32.11 31.18 -38.05
CA LEU A 560 -33.25 31.71 -38.77
C LEU A 560 -33.68 30.78 -39.88
N ARG A 561 -32.77 29.94 -40.37
CA ARG A 561 -33.09 28.90 -41.34
C ARG A 561 -32.88 27.52 -40.74
N MET A 562 -33.14 27.39 -39.44
CA MET A 562 -32.90 26.13 -38.73
C MET A 562 -33.85 25.05 -39.21
N GLU A 563 -35.05 25.46 -39.66
CA GLU A 563 -35.92 24.57 -40.41
C GLU A 563 -35.22 24.08 -41.68
N GLN A 564 -34.66 25.01 -42.45
CA GLN A 564 -33.95 24.64 -43.66
C GLN A 564 -32.68 23.85 -43.35
N GLU A 565 -31.98 24.22 -42.27
CA GLU A 565 -30.75 23.52 -41.93
C GLU A 565 -31.02 22.08 -41.49
N LEU A 566 -32.12 21.86 -40.78
CA LEU A 566 -32.47 20.49 -40.43
C LEU A 566 -33.02 19.72 -41.63
N HIS A 567 -33.70 20.40 -42.55
CA HIS A 567 -34.15 19.70 -43.74
C HIS A 567 -33.07 19.59 -44.82
N HIS A 568 -31.87 20.09 -44.54
CA HIS A 568 -30.73 19.74 -45.38
C HIS A 568 -30.39 18.27 -45.28
N ARG A 569 -30.60 17.66 -44.11
CA ARG A 569 -30.27 16.26 -43.89
C ARG A 569 -31.45 15.39 -43.53
N VAL A 570 -32.55 15.96 -43.05
CA VAL A 570 -33.70 15.18 -42.63
C VAL A 570 -34.88 15.61 -43.48
N ILE A 571 -35.29 14.75 -44.40
CA ILE A 571 -36.50 15.03 -45.17
C ILE A 571 -37.72 14.73 -44.29
N GLY A 572 -38.76 15.54 -44.45
CA GLY A 572 -40.01 15.31 -43.76
C GLY A 572 -39.92 15.65 -42.28
N GLN A 573 -41.04 15.38 -41.60
CA GLN A 573 -41.25 15.62 -40.16
C GLN A 573 -41.04 17.09 -39.82
N ASN A 574 -41.85 17.94 -40.45
CA ASN A 574 -41.71 19.39 -40.33
C ASN A 574 -41.98 19.87 -38.92
N GLU A 575 -42.95 19.24 -38.24
CA GLU A 575 -43.45 19.75 -36.96
C GLU A 575 -42.40 19.62 -35.87
N ALA A 576 -41.72 18.48 -35.80
CA ALA A 576 -40.69 18.31 -34.79
C ALA A 576 -39.48 19.16 -35.08
N VAL A 577 -39.17 19.36 -36.36
CA VAL A 577 -38.12 20.29 -36.77
C VAL A 577 -38.43 21.70 -36.28
N ASP A 578 -39.69 22.13 -36.43
CA ASP A 578 -40.12 23.44 -35.95
C ASP A 578 -40.02 23.52 -34.43
N ALA A 579 -40.40 22.44 -33.74
CA ALA A 579 -40.39 22.44 -32.29
C ALA A 579 -38.98 22.51 -31.74
N VAL A 580 -38.07 21.72 -32.31
CA VAL A 580 -36.69 21.72 -31.86
C VAL A 580 -36.00 23.05 -32.20
N SER A 581 -36.38 23.63 -33.35
CA SER A 581 -35.89 24.94 -33.72
C SER A 581 -36.32 26.00 -32.72
N ASN A 582 -37.60 25.94 -32.32
CA ASN A 582 -38.13 26.85 -31.32
C ASN A 582 -37.46 26.65 -29.97
N ALA A 583 -37.11 25.40 -29.65
CA ALA A 583 -36.47 25.11 -28.38
C ALA A 583 -35.08 25.73 -28.29
N ILE A 584 -34.27 25.55 -29.33
CA ILE A 584 -32.94 26.12 -29.28
C ILE A 584 -33.00 27.65 -29.45
N ARG A 585 -34.00 28.15 -30.19
CA ARG A 585 -34.18 29.60 -30.26
C ARG A 585 -34.56 30.20 -28.92
N ARG A 586 -35.32 29.46 -28.11
CA ARG A 586 -35.57 29.89 -26.75
C ARG A 586 -34.28 29.87 -25.93
N SER A 587 -33.47 28.82 -26.12
CA SER A 587 -32.33 28.63 -25.23
C SER A 587 -31.22 29.64 -25.51
N ARG A 588 -30.89 29.86 -26.78
CA ARG A 588 -29.78 30.73 -27.11
C ARG A 588 -30.10 32.20 -26.88
N ALA A 589 -31.37 32.54 -26.76
CA ALA A 589 -31.76 33.88 -26.37
C ALA A 589 -31.78 34.07 -24.87
N GLY A 590 -31.62 32.99 -24.10
CA GLY A 590 -31.56 33.12 -22.66
C GLY A 590 -32.90 33.17 -21.97
N LEU A 591 -33.90 32.49 -22.52
CA LEU A 591 -35.23 32.48 -21.93
C LEU A 591 -35.59 31.14 -21.31
N ALA A 592 -34.70 30.16 -21.37
CA ALA A 592 -34.94 28.92 -20.68
C ALA A 592 -34.80 29.12 -19.18
N ASP A 593 -35.48 28.27 -18.43
CA ASP A 593 -35.31 28.25 -16.99
C ASP A 593 -33.94 27.65 -16.71
N PRO A 594 -32.96 28.44 -16.28
CA PRO A 594 -31.54 28.05 -16.43
C PRO A 594 -31.08 26.94 -15.50
N ASN A 595 -31.97 26.35 -14.71
CA ASN A 595 -31.63 25.15 -13.96
C ASN A 595 -32.00 23.89 -14.71
N ARG A 596 -33.04 23.92 -15.52
CA ARG A 596 -33.43 22.78 -16.33
C ARG A 596 -32.44 22.58 -17.48
N PRO A 597 -32.43 21.41 -18.12
CA PRO A 597 -31.63 21.28 -19.33
C PRO A 597 -32.24 22.01 -20.50
N ILE A 598 -31.56 21.99 -21.65
CA ILE A 598 -31.92 22.87 -22.76
C ILE A 598 -33.27 22.49 -23.35
N GLY A 599 -33.49 21.20 -23.56
CA GLY A 599 -34.82 20.80 -23.97
C GLY A 599 -35.09 19.32 -23.88
N SER A 600 -36.16 18.97 -23.18
CA SER A 600 -36.62 17.60 -23.14
C SER A 600 -37.46 17.30 -24.35
N PHE A 601 -37.35 16.09 -24.87
CA PHE A 601 -38.12 15.71 -26.04
C PHE A 601 -38.56 14.27 -25.92
N LEU A 602 -39.78 14.00 -26.35
CA LEU A 602 -40.33 12.65 -26.39
C LEU A 602 -40.66 12.35 -27.83
N PHE A 603 -39.72 11.72 -28.54
CA PHE A 603 -39.99 11.35 -29.92
C PHE A 603 -40.89 10.14 -29.95
N LEU A 604 -41.92 10.19 -30.78
CA LEU A 604 -42.91 9.15 -30.89
C LEU A 604 -43.00 8.69 -32.33
N GLY A 605 -44.03 7.90 -32.63
CA GLY A 605 -44.40 7.62 -34.00
C GLY A 605 -43.81 6.34 -34.56
N PRO A 606 -43.75 6.26 -35.88
CA PRO A 606 -43.29 5.02 -36.53
C PRO A 606 -41.80 4.81 -36.34
N THR A 607 -41.42 3.54 -36.19
CA THR A 607 -40.05 3.20 -35.87
C THR A 607 -39.14 3.41 -37.08
N GLY A 608 -38.05 4.13 -36.87
CA GLY A 608 -36.97 4.20 -37.83
C GLY A 608 -37.30 5.04 -39.04
N VAL A 609 -37.50 6.34 -38.83
CA VAL A 609 -37.78 7.24 -39.94
C VAL A 609 -36.72 8.33 -39.98
N GLY A 610 -36.00 8.52 -38.87
CA GLY A 610 -35.26 9.75 -38.71
C GLY A 610 -35.27 10.31 -37.31
N LYS A 611 -35.78 9.53 -36.36
CA LYS A 611 -35.45 9.73 -34.96
C LYS A 611 -33.95 9.94 -34.79
N THR A 612 -33.17 8.95 -35.20
CA THR A 612 -31.72 9.07 -35.11
C THR A 612 -31.16 10.07 -36.10
N GLU A 613 -31.81 10.26 -37.24
CA GLU A 613 -31.34 11.28 -38.18
C GLU A 613 -31.57 12.68 -37.66
N LEU A 614 -32.70 12.92 -37.00
CA LEU A 614 -32.89 14.22 -36.37
C LEU A 614 -31.94 14.41 -35.20
N CYS A 615 -31.65 13.32 -34.48
CA CYS A 615 -30.66 13.37 -33.40
C CYS A 615 -29.28 13.74 -33.91
N LYS A 616 -28.85 13.09 -34.99
CA LYS A 616 -27.54 13.38 -35.55
C LYS A 616 -27.48 14.78 -36.14
N ALA A 617 -28.55 15.21 -36.81
CA ALA A 617 -28.59 16.56 -37.37
C ALA A 617 -28.60 17.60 -36.28
N LEU A 618 -29.25 17.30 -35.15
CA LEU A 618 -29.30 18.24 -34.06
C LEU A 618 -27.96 18.35 -33.36
N ALA A 619 -27.28 17.22 -33.16
CA ALA A 619 -25.93 17.27 -32.62
C ALA A 619 -24.97 17.92 -33.60
N ASN A 620 -25.26 17.82 -34.89
CA ASN A 620 -24.41 18.41 -35.90
C ASN A 620 -24.49 19.92 -35.86
N PHE A 621 -25.68 20.46 -36.03
CA PHE A 621 -25.87 21.90 -36.09
C PHE A 621 -26.09 22.52 -34.72
N MET A 622 -25.94 21.75 -33.64
CA MET A 622 -25.79 22.38 -32.33
C MET A 622 -24.35 22.81 -32.13
N PHE A 623 -23.43 21.84 -32.03
CA PHE A 623 -22.04 22.17 -31.71
C PHE A 623 -21.06 21.73 -32.79
N ASP A 624 -20.88 20.43 -33.02
CA ASP A 624 -19.91 20.00 -34.03
C ASP A 624 -20.50 19.10 -35.10
N SER A 625 -20.98 17.92 -34.74
CA SER A 625 -21.11 16.83 -35.69
C SER A 625 -21.99 15.76 -35.06
N ASP A 626 -22.04 14.60 -35.71
CA ASP A 626 -22.86 13.50 -35.22
C ASP A 626 -22.23 12.78 -34.04
N GLU A 627 -20.97 13.08 -33.72
CA GLU A 627 -20.23 12.33 -32.73
C GLU A 627 -20.28 12.95 -31.35
N ALA A 628 -20.88 14.12 -31.21
CA ALA A 628 -21.06 14.74 -29.89
C ALA A 628 -22.40 14.32 -29.32
N MET A 629 -22.57 13.02 -29.18
CA MET A 629 -23.79 12.47 -28.62
C MET A 629 -23.42 11.24 -27.80
N VAL A 630 -24.40 10.75 -27.06
CA VAL A 630 -24.32 9.47 -26.38
C VAL A 630 -25.63 8.74 -26.65
N ARG A 631 -25.55 7.61 -27.32
CA ARG A 631 -26.71 6.77 -27.55
C ARG A 631 -26.72 5.65 -26.54
N ILE A 632 -27.87 5.42 -25.92
CA ILE A 632 -28.02 4.40 -24.89
C ILE A 632 -29.25 3.58 -25.20
N ASP A 633 -29.05 2.30 -25.53
CA ASP A 633 -30.17 1.40 -25.77
C ASP A 633 -30.84 1.10 -24.44
N MET A 634 -32.03 1.66 -24.22
CA MET A 634 -32.75 1.44 -22.99
C MET A 634 -33.46 0.10 -22.96
N SER A 635 -33.41 -0.66 -24.06
CA SER A 635 -34.01 -1.98 -24.10
C SER A 635 -33.21 -2.97 -23.27
N GLU A 636 -31.92 -2.71 -23.07
CA GLU A 636 -31.11 -3.64 -22.31
C GLU A 636 -31.34 -3.51 -20.81
N PHE A 637 -31.70 -2.33 -20.35
CA PHE A 637 -31.91 -2.11 -18.92
C PHE A 637 -33.30 -2.60 -18.56
N MET A 638 -33.39 -3.77 -17.93
CA MET A 638 -34.66 -4.27 -17.43
C MET A 638 -34.54 -4.80 -16.01
N GLU A 639 -33.54 -4.40 -15.25
CA GLU A 639 -33.30 -4.94 -13.92
C GLU A 639 -33.02 -3.83 -12.93
N LYS A 640 -33.02 -4.19 -11.66
CA LYS A 640 -32.70 -3.24 -10.61
C LYS A 640 -31.23 -2.88 -10.63
N HIS A 641 -30.37 -3.90 -10.77
CA HIS A 641 -28.95 -3.62 -10.89
C HIS A 641 -28.61 -2.95 -12.22
N SER A 642 -29.51 -2.96 -13.19
CA SER A 642 -29.32 -2.13 -14.37
C SER A 642 -29.45 -0.65 -14.05
N VAL A 643 -30.40 -0.31 -13.18
CA VAL A 643 -30.51 1.06 -12.70
C VAL A 643 -29.27 1.45 -11.93
N SER A 644 -28.82 0.54 -11.05
CA SER A 644 -27.59 0.78 -10.31
C SER A 644 -26.37 0.83 -11.21
N ARG A 645 -26.45 0.22 -12.39
CA ARG A 645 -25.40 0.45 -13.37
C ARG A 645 -25.45 1.87 -13.93
N LEU A 646 -26.61 2.26 -14.48
CA LEU A 646 -26.57 3.48 -15.29
C LEU A 646 -26.57 4.75 -14.46
N VAL A 647 -26.81 4.68 -13.15
CA VAL A 647 -26.48 5.84 -12.34
C VAL A 647 -25.08 5.70 -11.77
N GLY A 648 -24.72 4.51 -11.32
CA GLY A 648 -23.41 4.28 -10.74
C GLY A 648 -23.56 3.49 -9.47
N ALA A 649 -22.62 2.63 -9.17
CA ALA A 649 -22.83 1.78 -8.01
C ALA A 649 -22.44 2.52 -6.74
N PRO A 650 -23.14 2.29 -5.65
CA PRO A 650 -22.87 3.01 -4.43
C PRO A 650 -21.58 2.53 -3.81
N PRO A 651 -20.93 3.34 -2.97
CA PRO A 651 -19.61 2.96 -2.45
C PRO A 651 -19.65 1.71 -1.58
N GLY A 652 -18.55 0.99 -1.61
CA GLY A 652 -18.51 -0.35 -1.06
C GLY A 652 -18.99 -1.40 -2.00
N TYR A 653 -19.13 -1.09 -3.29
CA TYR A 653 -19.68 -2.04 -4.24
C TYR A 653 -18.85 -1.95 -5.51
N VAL A 654 -19.42 -2.40 -6.63
CA VAL A 654 -18.66 -2.84 -7.79
C VAL A 654 -18.34 -1.75 -8.82
N GLY A 655 -19.40 -1.18 -9.40
CA GLY A 655 -19.20 -0.12 -10.36
C GLY A 655 -18.66 1.15 -9.74
N TYR A 656 -18.71 1.26 -8.41
CA TYR A 656 -18.03 2.36 -7.74
C TYR A 656 -16.54 2.31 -7.97
N GLU A 657 -15.97 1.12 -8.02
CA GLU A 657 -14.66 1.02 -8.63
C GLU A 657 -14.73 1.48 -10.07
N GLU A 658 -15.53 0.78 -10.89
CA GLU A 658 -15.36 0.97 -12.33
C GLU A 658 -16.32 1.98 -12.95
N GLY A 659 -16.70 3.01 -12.21
CA GLY A 659 -17.39 4.14 -12.79
C GLY A 659 -18.86 3.88 -13.09
N GLY A 660 -19.63 4.96 -13.10
CA GLY A 660 -21.00 4.90 -13.55
C GLY A 660 -21.07 4.81 -15.07
N TYR A 661 -22.29 4.71 -15.58
CA TYR A 661 -22.47 4.62 -17.03
C TYR A 661 -22.89 5.95 -17.65
N LEU A 662 -24.05 6.45 -17.26
CA LEU A 662 -24.57 7.68 -17.86
C LEU A 662 -23.80 8.89 -17.39
N THR A 663 -23.50 8.95 -16.10
CA THR A 663 -22.89 10.12 -15.52
C THR A 663 -21.46 10.31 -15.99
N GLU A 664 -20.75 9.21 -16.23
CA GLU A 664 -19.41 9.35 -16.79
C GLU A 664 -19.47 9.79 -18.24
N ALA A 665 -20.47 9.30 -18.99
CA ALA A 665 -20.62 9.72 -20.38
C ALA A 665 -21.00 11.19 -20.49
N VAL A 666 -21.66 11.73 -19.47
CA VAL A 666 -21.91 13.17 -19.49
C VAL A 666 -20.69 13.94 -19.05
N ARG A 667 -19.94 13.42 -18.07
CA ARG A 667 -18.78 14.15 -17.59
C ARG A 667 -17.63 14.13 -18.59
N ARG A 668 -17.61 13.19 -19.54
CA ARG A 668 -16.61 13.27 -20.59
C ARG A 668 -17.00 14.29 -21.66
N ARG A 669 -18.29 14.37 -21.99
CA ARG A 669 -18.82 15.22 -23.05
C ARG A 669 -19.80 16.20 -22.43
N PRO A 670 -19.32 17.32 -21.89
CA PRO A 670 -20.20 18.22 -21.14
C PRO A 670 -21.17 18.98 -22.01
N TYR A 671 -20.86 19.23 -23.27
CA TYR A 671 -21.77 19.89 -24.19
C TYR A 671 -22.20 18.84 -25.20
N SER A 672 -23.23 18.07 -24.87
CA SER A 672 -23.56 16.92 -25.67
C SER A 672 -25.06 16.77 -25.78
N VAL A 673 -25.47 15.66 -26.39
CA VAL A 673 -26.86 15.29 -26.53
C VAL A 673 -27.00 13.87 -26.03
N ILE A 674 -27.96 13.64 -25.15
CA ILE A 674 -28.24 12.32 -24.64
C ILE A 674 -29.38 11.75 -25.47
N LEU A 675 -29.13 10.62 -26.11
CA LEU A 675 -30.14 9.97 -26.92
C LEU A 675 -30.51 8.64 -26.28
N LEU A 676 -31.71 8.57 -25.74
CA LEU A 676 -32.26 7.31 -25.28
C LEU A 676 -32.88 6.56 -26.44
N ASP A 677 -33.16 5.28 -26.24
CA ASP A 677 -33.72 4.45 -27.29
C ASP A 677 -34.68 3.45 -26.68
N ALA A 678 -35.97 3.63 -26.99
CA ALA A 678 -37.08 2.81 -26.52
C ALA A 678 -37.12 2.76 -24.99
N VAL A 679 -37.38 3.95 -24.42
CA VAL A 679 -37.46 4.11 -22.98
C VAL A 679 -38.62 3.32 -22.38
N GLU A 680 -39.66 3.07 -23.18
CA GLU A 680 -40.76 2.19 -22.80
C GLU A 680 -40.30 0.74 -22.65
N LYS A 681 -39.23 0.34 -23.31
CA LYS A 681 -38.72 -1.00 -23.13
C LYS A 681 -37.81 -1.12 -21.92
N ALA A 682 -37.56 -0.03 -21.21
CA ALA A 682 -36.75 -0.11 -20.01
C ALA A 682 -37.57 -0.61 -18.84
N HIS A 683 -36.90 -0.77 -17.72
CA HIS A 683 -37.56 -1.14 -16.48
C HIS A 683 -38.47 -0.01 -16.04
N PRO A 684 -39.56 -0.29 -15.36
CA PRO A 684 -40.48 0.78 -14.98
C PRO A 684 -40.04 1.71 -13.86
N ASP A 685 -38.76 1.72 -13.49
CA ASP A 685 -38.29 2.66 -12.50
C ASP A 685 -37.28 3.66 -13.03
N VAL A 686 -36.70 3.42 -14.22
CA VAL A 686 -35.70 4.33 -14.77
C VAL A 686 -36.33 5.68 -15.13
N PHE A 687 -37.65 5.69 -15.33
CA PHE A 687 -38.42 6.91 -15.41
C PHE A 687 -38.23 7.83 -14.22
N ASN A 688 -37.93 7.29 -13.04
CA ASN A 688 -37.73 8.15 -11.89
C ASN A 688 -36.36 8.84 -11.93
N ILE A 689 -35.35 8.16 -12.45
CA ILE A 689 -34.07 8.80 -12.70
C ILE A 689 -34.25 9.89 -13.73
N LEU A 690 -35.06 9.63 -14.75
CA LEU A 690 -35.38 10.67 -15.71
C LEU A 690 -36.20 11.80 -15.10
N LEU A 691 -36.97 11.52 -14.04
CA LEU A 691 -37.66 12.60 -13.33
C LEU A 691 -36.66 13.55 -12.70
N GLN A 692 -35.60 13.02 -12.11
CA GLN A 692 -34.56 13.90 -11.58
C GLN A 692 -33.88 14.69 -12.69
N VAL A 693 -33.65 14.02 -13.82
CA VAL A 693 -32.99 14.61 -14.99
C VAL A 693 -33.78 15.81 -15.49
N LEU A 694 -35.05 15.60 -15.80
CA LEU A 694 -35.87 16.64 -16.38
C LEU A 694 -36.38 17.62 -15.34
N ASP A 695 -36.26 17.31 -14.06
CA ASP A 695 -36.58 18.30 -13.04
C ASP A 695 -35.49 19.34 -12.96
N ASP A 696 -34.28 18.94 -12.62
CA ASP A 696 -33.27 19.96 -12.39
C ASP A 696 -31.92 19.70 -13.01
N GLY A 697 -31.72 18.56 -13.68
CA GLY A 697 -30.49 18.37 -14.39
C GLY A 697 -29.26 18.21 -13.52
N ARG A 698 -29.45 17.88 -12.25
CA ARG A 698 -28.37 17.36 -11.44
C ARG A 698 -28.70 15.90 -11.14
N LEU A 699 -27.75 15.03 -11.40
CA LEU A 699 -27.96 13.59 -11.24
C LEU A 699 -26.73 13.11 -10.48
N THR A 700 -26.82 13.17 -9.16
CA THR A 700 -25.70 12.84 -8.30
C THR A 700 -25.40 11.36 -8.42
N ASP A 701 -24.17 11.03 -8.78
CA ASP A 701 -23.85 9.67 -9.19
C ASP A 701 -23.66 8.74 -8.00
N GLY A 702 -23.05 7.58 -8.24
CA GLY A 702 -22.69 6.72 -7.13
C GLY A 702 -21.52 7.25 -6.34
N GLN A 703 -20.62 7.97 -7.00
CA GLN A 703 -19.43 8.44 -6.32
C GLN A 703 -19.67 9.72 -5.53
N GLY A 704 -20.91 10.18 -5.44
CA GLY A 704 -21.22 11.35 -4.65
C GLY A 704 -20.69 12.65 -5.20
N ARG A 705 -20.69 12.83 -6.52
CA ARG A 705 -20.39 14.14 -7.08
C ARG A 705 -21.39 14.48 -8.17
N THR A 706 -21.73 15.76 -8.26
CA THR A 706 -22.87 16.17 -9.05
C THR A 706 -22.53 16.16 -10.53
N VAL A 707 -23.55 15.91 -11.34
CA VAL A 707 -23.43 15.85 -12.79
C VAL A 707 -24.39 16.87 -13.37
N ASP A 708 -23.86 17.82 -14.12
CA ASP A 708 -24.56 19.05 -14.41
C ASP A 708 -25.09 19.00 -15.84
N PHE A 709 -26.41 18.88 -16.00
CA PHE A 709 -27.02 18.69 -17.31
C PHE A 709 -27.43 19.98 -17.98
N ARG A 710 -27.08 21.14 -17.44
CA ARG A 710 -27.70 22.37 -17.93
C ARG A 710 -27.18 22.80 -19.28
N ASN A 711 -26.17 22.13 -19.82
CA ASN A 711 -25.65 22.46 -21.13
C ASN A 711 -26.05 21.46 -22.19
N THR A 712 -26.77 20.41 -21.84
CA THR A 712 -27.04 19.31 -22.74
C THR A 712 -28.49 19.28 -23.15
N VAL A 713 -28.81 18.35 -24.05
CA VAL A 713 -30.15 18.20 -24.60
C VAL A 713 -30.54 16.73 -24.47
N VAL A 714 -31.62 16.47 -23.75
CA VAL A 714 -32.11 15.12 -23.51
C VAL A 714 -33.25 14.84 -24.48
N ILE A 715 -33.10 13.77 -25.25
CA ILE A 715 -34.06 13.37 -26.28
C ILE A 715 -34.43 11.92 -26.05
N MET A 716 -35.72 11.65 -25.95
CA MET A 716 -36.20 10.29 -25.73
C MET A 716 -37.06 9.82 -26.89
N THR A 717 -36.84 8.58 -27.30
CA THR A 717 -37.53 8.00 -28.44
C THR A 717 -38.42 6.86 -27.96
N SER A 718 -39.55 6.68 -28.63
CA SER A 718 -40.50 5.66 -28.22
C SER A 718 -41.26 5.15 -29.43
N ASN A 719 -42.15 4.18 -29.20
CA ASN A 719 -43.02 3.69 -30.25
C ASN A 719 -44.42 3.35 -29.73
N LEU A 720 -44.90 4.07 -28.71
CA LEU A 720 -46.13 3.70 -28.02
C LEU A 720 -47.39 3.91 -28.85
N GLY A 721 -47.30 4.62 -29.96
CA GLY A 721 -48.47 4.82 -30.80
C GLY A 721 -48.16 4.70 -32.27
N SER A 722 -47.15 3.89 -32.60
CA SER A 722 -46.73 3.74 -33.99
C SER A 722 -47.84 3.16 -34.84
N ASP A 723 -48.50 2.12 -34.33
CA ASP A 723 -49.68 1.60 -34.99
C ASP A 723 -50.82 2.60 -34.93
N LEU A 724 -50.94 3.32 -33.82
CA LEU A 724 -51.99 4.32 -33.65
C LEU A 724 -51.83 5.46 -34.65
N ILE A 725 -50.59 5.89 -34.89
CA ILE A 725 -50.36 6.99 -35.81
C ILE A 725 -50.44 6.50 -37.26
N GLN A 726 -49.84 5.34 -37.56
CA GLN A 726 -49.86 4.82 -38.93
C GLN A 726 -51.27 4.43 -39.38
N GLU A 727 -52.14 4.05 -38.45
CA GLU A 727 -53.49 3.67 -38.84
C GLU A 727 -54.46 4.85 -38.85
N ARG A 728 -54.12 5.95 -38.19
CA ARG A 728 -55.05 7.07 -38.08
C ARG A 728 -54.46 8.38 -38.60
N PHE A 729 -53.37 8.34 -39.36
CA PHE A 729 -52.82 9.58 -39.90
C PHE A 729 -53.72 10.15 -41.00
N GLY A 730 -54.49 9.30 -41.67
CA GLY A 730 -55.43 9.77 -42.66
C GLY A 730 -56.57 10.53 -42.01
N GLU A 731 -56.80 11.78 -42.44
CA GLU A 731 -57.92 12.62 -42.05
C GLU A 731 -57.95 12.94 -40.56
N LEU A 732 -56.79 12.95 -39.92
CA LEU A 732 -56.65 13.47 -38.56
C LEU A 732 -55.47 14.43 -38.54
N ASP A 733 -55.67 15.59 -37.94
CA ASP A 733 -54.67 16.64 -37.97
C ASP A 733 -53.58 16.39 -36.93
N TYR A 734 -52.72 17.38 -36.73
CA TYR A 734 -51.65 17.26 -35.76
C TYR A 734 -52.16 17.38 -34.34
N ALA A 735 -53.26 18.11 -34.13
CA ALA A 735 -53.75 18.39 -32.79
C ALA A 735 -54.45 17.17 -32.20
N HIS A 736 -55.36 16.55 -32.96
CA HIS A 736 -56.05 15.36 -32.48
C HIS A 736 -55.07 14.20 -32.31
N MET A 737 -54.09 14.11 -33.21
CA MET A 737 -53.05 13.09 -33.09
C MET A 737 -52.23 13.29 -31.81
N LYS A 738 -51.85 14.54 -31.53
CA LYS A 738 -51.07 14.84 -30.33
C LYS A 738 -51.87 14.56 -29.06
N GLU A 739 -53.16 14.94 -29.04
CA GLU A 739 -53.97 14.70 -27.85
C GLU A 739 -54.24 13.22 -27.64
N LEU A 740 -54.47 12.48 -28.72
CA LEU A 740 -54.70 11.04 -28.63
C LEU A 740 -53.46 10.31 -28.16
N VAL A 741 -52.29 10.68 -28.69
CA VAL A 741 -51.09 9.99 -28.27
C VAL A 741 -50.68 10.44 -26.87
N LEU A 742 -51.09 11.65 -26.46
CA LEU A 742 -50.90 12.07 -25.08
C LEU A 742 -51.72 11.22 -24.13
N GLY A 743 -52.97 10.91 -24.51
CA GLY A 743 -53.77 10.02 -23.70
C GLY A 743 -53.21 8.61 -23.62
N VAL A 744 -52.76 8.07 -24.75
CA VAL A 744 -52.23 6.70 -24.77
C VAL A 744 -50.93 6.60 -23.97
N VAL A 745 -50.04 7.59 -24.11
CA VAL A 745 -48.82 7.64 -23.33
C VAL A 745 -49.12 7.85 -21.84
N SER A 746 -50.18 8.59 -21.52
CA SER A 746 -50.62 8.72 -20.14
C SER A 746 -51.10 7.39 -19.59
N HIS A 747 -51.69 6.54 -20.43
CA HIS A 747 -52.00 5.19 -19.99
C HIS A 747 -50.74 4.36 -19.79
N ASN A 748 -49.75 4.50 -20.66
CA ASN A 748 -48.51 3.75 -20.50
C ASN A 748 -47.65 4.34 -19.38
N PHE A 749 -47.27 5.60 -19.52
CA PHE A 749 -46.33 6.21 -18.61
C PHE A 749 -47.07 6.73 -17.38
N ARG A 750 -46.38 7.56 -16.61
CA ARG A 750 -46.87 8.18 -15.39
C ARG A 750 -47.09 9.67 -15.61
N PRO A 751 -48.00 10.30 -14.88
CA PRO A 751 -48.26 11.73 -15.10
C PRO A 751 -47.09 12.63 -14.72
N GLU A 752 -46.24 12.19 -13.79
CA GLU A 752 -45.07 12.97 -13.41
C GLU A 752 -44.05 13.03 -14.53
N PHE A 753 -43.84 11.89 -15.18
CA PHE A 753 -42.84 11.79 -16.24
C PHE A 753 -43.18 12.66 -17.43
N ILE A 754 -44.41 12.54 -17.93
CA ILE A 754 -44.87 13.41 -19.00
C ILE A 754 -45.14 14.81 -18.50
N ASN A 755 -45.26 14.99 -17.19
CA ASN A 755 -45.40 16.31 -16.62
C ASN A 755 -44.10 17.09 -16.73
N ARG A 756 -42.96 16.42 -16.60
CA ARG A 756 -41.69 17.13 -16.69
C ARG A 756 -41.24 17.44 -18.12
N ILE A 757 -41.97 17.01 -19.13
CA ILE A 757 -41.51 17.17 -20.50
C ILE A 757 -41.74 18.61 -20.96
N ASP A 758 -40.80 19.16 -21.73
CA ASP A 758 -41.02 20.45 -22.36
C ASP A 758 -42.07 20.35 -23.46
N GLU A 759 -41.77 19.60 -24.52
CA GLU A 759 -42.67 19.57 -25.66
C GLU A 759 -42.62 18.18 -26.28
N VAL A 760 -43.65 17.39 -26.01
CA VAL A 760 -43.84 16.14 -26.72
C VAL A 760 -44.13 16.42 -28.18
N VAL A 761 -43.30 15.90 -29.07
CA VAL A 761 -43.56 16.01 -30.49
C VAL A 761 -44.15 14.70 -30.97
N VAL A 762 -44.75 14.74 -32.15
CA VAL A 762 -45.44 13.60 -32.73
C VAL A 762 -44.88 13.39 -34.13
N PHE A 763 -44.43 12.18 -34.42
CA PHE A 763 -44.00 11.89 -35.78
C PHE A 763 -45.15 11.38 -36.62
N HIS A 764 -45.02 11.58 -37.92
CA HIS A 764 -45.96 11.07 -38.91
C HIS A 764 -45.26 10.02 -39.77
N PRO A 765 -46.01 9.11 -40.40
CA PRO A 765 -45.39 8.14 -41.30
C PRO A 765 -44.85 8.80 -42.56
N LEU A 766 -44.04 8.05 -43.28
CA LEU A 766 -43.35 8.58 -44.45
C LEU A 766 -44.14 8.33 -45.72
N GLY A 767 -43.95 9.23 -46.68
CA GLY A 767 -44.48 9.09 -48.03
C GLY A 767 -43.36 8.68 -48.97
N GLU A 768 -43.74 8.26 -50.18
CA GLU A 768 -42.76 7.67 -51.09
C GLU A 768 -41.85 8.71 -51.72
N GLN A 769 -42.29 9.96 -51.79
CA GLN A 769 -41.39 11.03 -52.22
C GLN A 769 -40.30 11.28 -51.19
N HIS A 770 -40.61 11.11 -49.90
CA HIS A 770 -39.60 11.21 -48.87
C HIS A 770 -38.63 10.04 -48.95
N ILE A 771 -39.14 8.85 -49.29
CA ILE A 771 -38.29 7.68 -49.51
C ILE A 771 -37.36 7.91 -50.69
N ALA A 772 -37.89 8.55 -51.75
CA ALA A 772 -37.08 8.91 -52.90
C ALA A 772 -36.02 9.95 -52.52
N SER A 773 -36.35 10.86 -51.61
CA SER A 773 -35.39 11.85 -51.16
C SER A 773 -34.28 11.20 -50.32
N ILE A 774 -34.64 10.22 -49.50
CA ILE A 774 -33.65 9.46 -48.74
C ILE A 774 -32.73 8.71 -49.68
N ALA A 775 -33.31 8.14 -50.74
CA ALA A 775 -32.51 7.49 -51.77
C ALA A 775 -31.61 8.48 -52.49
N GLN A 776 -32.08 9.72 -52.67
CA GLN A 776 -31.25 10.76 -53.28
C GLN A 776 -30.06 11.11 -52.41
N ILE A 777 -30.27 11.21 -51.10
CA ILE A 777 -29.18 11.54 -50.19
C ILE A 777 -28.19 10.38 -50.11
N GLN A 778 -28.69 9.14 -50.17
CA GLN A 778 -27.80 7.99 -50.23
C GLN A 778 -27.02 7.96 -51.54
N LEU A 779 -27.63 8.40 -52.64
CA LEU A 779 -26.89 8.53 -53.89
C LEU A 779 -25.84 9.63 -53.81
N LYS A 780 -26.14 10.71 -53.09
CA LYS A 780 -25.16 11.78 -52.89
C LYS A 780 -23.93 11.28 -52.15
N ARG A 781 -24.15 10.61 -51.00
CA ARG A 781 -23.02 10.12 -50.22
C ARG A 781 -22.29 8.98 -50.92
N LEU A 782 -23.01 8.16 -51.69
CA LEU A 782 -22.35 7.06 -52.38
C LEU A 782 -21.55 7.54 -53.58
N TYR A 783 -22.09 8.53 -54.31
CA TYR A 783 -21.33 9.15 -55.39
C TYR A 783 -20.13 9.92 -54.85
N LYS A 784 -20.25 10.50 -53.66
CA LYS A 784 -19.09 11.14 -53.05
C LYS A 784 -18.01 10.13 -52.70
N ARG A 785 -18.40 9.01 -52.08
CA ARG A 785 -17.44 7.98 -51.72
C ARG A 785 -16.80 7.33 -52.94
N LEU A 786 -17.58 7.11 -54.00
CA LEU A 786 -17.04 6.47 -55.19
C LEU A 786 -16.30 7.44 -56.10
N GLU A 787 -16.54 8.75 -55.96
CA GLU A 787 -15.72 9.73 -56.64
C GLU A 787 -14.39 9.91 -55.91
N GLU A 788 -14.41 9.75 -54.58
CA GLU A 788 -13.17 9.57 -53.84
C GLU A 788 -12.46 8.30 -54.26
N ARG A 789 -13.22 7.26 -54.60
CA ARG A 789 -12.63 6.06 -55.18
C ARG A 789 -12.16 6.32 -56.60
N GLY A 790 -12.92 7.10 -57.36
CA GLY A 790 -12.46 7.54 -58.67
C GLY A 790 -13.34 7.17 -59.83
N TYR A 791 -14.63 6.98 -59.58
CA TYR A 791 -15.56 6.57 -60.62
C TYR A 791 -16.63 7.63 -60.85
N GLU A 792 -17.17 7.64 -62.05
CA GLU A 792 -18.21 8.59 -62.46
C GLU A 792 -19.46 7.78 -62.79
N ILE A 793 -20.42 7.77 -61.88
CA ILE A 793 -21.56 6.86 -61.94
C ILE A 793 -22.84 7.67 -61.99
N HIS A 794 -23.71 7.33 -62.95
CA HIS A 794 -25.04 7.91 -63.05
C HIS A 794 -26.08 6.81 -62.92
N ILE A 795 -27.33 7.22 -62.69
CA ILE A 795 -28.40 6.26 -62.42
C ILE A 795 -29.65 6.70 -63.18
N SER A 796 -30.44 5.71 -63.59
CA SER A 796 -31.79 5.97 -64.07
C SER A 796 -32.74 6.11 -62.88
N ASP A 797 -33.79 6.91 -63.08
CA ASP A 797 -34.78 7.09 -62.03
C ASP A 797 -35.66 5.87 -61.86
N GLU A 798 -35.70 4.98 -62.86
CA GLU A 798 -36.41 3.72 -62.72
C GLU A 798 -35.73 2.83 -61.69
N ALA A 799 -34.39 2.85 -61.66
CA ALA A 799 -33.65 2.13 -60.63
C ALA A 799 -33.92 2.72 -59.25
N LEU A 800 -34.08 4.04 -59.18
CA LEU A 800 -34.48 4.70 -57.94
C LEU A 800 -35.87 4.26 -57.50
N LYS A 801 -36.78 4.07 -58.46
CA LYS A 801 -38.13 3.62 -58.12
C LYS A 801 -38.11 2.17 -57.65
N LEU A 802 -37.27 1.34 -58.26
CA LEU A 802 -37.12 -0.04 -57.79
C LEU A 802 -36.52 -0.10 -56.39
N LEU A 803 -35.55 0.77 -56.10
CA LEU A 803 -35.00 0.85 -54.74
C LEU A 803 -36.05 1.34 -53.75
N SER A 804 -36.88 2.31 -54.16
CA SER A 804 -37.90 2.84 -53.26
C SER A 804 -38.99 1.81 -53.00
N GLU A 805 -39.35 1.01 -54.00
CA GLU A 805 -40.35 -0.01 -53.80
C GLU A 805 -39.80 -1.22 -53.06
N ASN A 806 -38.49 -1.45 -53.13
CA ASN A 806 -37.88 -2.58 -52.47
C ASN A 806 -37.31 -2.24 -51.10
N GLY A 807 -37.68 -1.10 -50.53
CA GLY A 807 -37.09 -0.72 -49.26
C GLY A 807 -37.98 -0.03 -48.26
N TYR A 808 -39.29 -0.24 -48.34
CA TYR A 808 -40.20 0.36 -47.37
C TYR A 808 -41.22 -0.68 -46.91
N ASP A 809 -41.53 -0.62 -45.62
CA ASP A 809 -42.59 -1.40 -45.01
C ASP A 809 -43.19 -0.59 -43.88
N PRO A 810 -44.44 -0.84 -43.52
CA PRO A 810 -45.04 -0.11 -42.40
C PRO A 810 -44.45 -0.46 -41.04
N VAL A 811 -43.71 -1.56 -40.93
CA VAL A 811 -43.24 -1.98 -39.62
C VAL A 811 -41.80 -1.56 -39.32
N TYR A 812 -40.97 -1.37 -40.35
CA TYR A 812 -39.56 -1.05 -40.12
C TYR A 812 -39.16 0.30 -40.67
N GLY A 813 -39.66 0.69 -41.84
CA GLY A 813 -39.37 2.01 -42.35
C GLY A 813 -38.24 2.06 -43.37
N ALA A 814 -37.19 2.82 -43.04
CA ALA A 814 -36.17 3.18 -44.03
C ALA A 814 -34.88 2.40 -43.89
N ARG A 815 -34.67 1.69 -42.79
CA ARG A 815 -33.60 0.70 -42.77
C ARG A 815 -33.82 -0.45 -43.75
N PRO A 816 -35.06 -0.85 -44.11
CA PRO A 816 -35.20 -1.64 -45.34
C PRO A 816 -34.66 -0.97 -46.59
N LEU A 817 -34.82 0.34 -46.74
CA LEU A 817 -34.21 1.03 -47.88
C LEU A 817 -32.69 1.02 -47.78
N LYS A 818 -32.15 1.10 -46.58
CA LYS A 818 -30.71 1.10 -46.38
C LYS A 818 -30.10 -0.24 -46.72
N ARG A 819 -30.70 -1.33 -46.21
CA ARG A 819 -30.20 -2.64 -46.56
C ARG A 819 -30.50 -3.02 -48.00
N ALA A 820 -31.55 -2.47 -48.60
CA ALA A 820 -31.80 -2.70 -50.02
C ALA A 820 -30.75 -2.03 -50.89
N ILE A 821 -30.39 -0.78 -50.55
CA ILE A 821 -29.32 -0.08 -51.25
C ILE A 821 -28.00 -0.81 -51.08
N GLN A 822 -27.73 -1.30 -49.86
CA GLN A 822 -26.50 -2.06 -49.60
C GLN A 822 -26.45 -3.35 -50.41
N GLN A 823 -27.50 -4.15 -50.34
CA GLN A 823 -27.47 -5.47 -50.97
C GLN A 823 -27.63 -5.40 -52.48
N GLN A 824 -28.20 -4.32 -53.02
CA GLN A 824 -28.44 -4.23 -54.44
C GLN A 824 -27.49 -3.29 -55.17
N ILE A 825 -26.66 -2.54 -54.44
CA ILE A 825 -25.65 -1.72 -55.08
C ILE A 825 -24.29 -2.05 -54.48
N GLU A 826 -24.19 -1.95 -53.15
CA GLU A 826 -22.89 -1.99 -52.49
C GLU A 826 -22.28 -3.39 -52.53
N ASN A 827 -23.11 -4.43 -52.54
CA ASN A 827 -22.59 -5.77 -52.75
C ASN A 827 -22.32 -6.09 -54.23
N PRO A 828 -23.28 -5.93 -55.21
CA PRO A 828 -22.95 -6.40 -56.57
C PRO A 828 -22.06 -5.46 -57.37
N LEU A 829 -22.22 -4.15 -57.22
CA LEU A 829 -21.45 -3.22 -58.05
C LEU A 829 -19.98 -3.18 -57.62
N ALA A 830 -19.72 -3.21 -56.32
CA ALA A 830 -18.35 -3.32 -55.85
C ALA A 830 -17.73 -4.66 -56.19
N GLN A 831 -18.56 -5.71 -56.33
CA GLN A 831 -18.08 -6.97 -56.86
C GLN A 831 -17.70 -6.86 -58.33
N GLN A 832 -18.47 -6.08 -59.09
CA GLN A 832 -18.11 -5.82 -60.48
C GLN A 832 -16.86 -4.96 -60.60
N ILE A 833 -16.61 -4.09 -59.62
CA ILE A 833 -15.40 -3.28 -59.63
C ILE A 833 -14.19 -4.13 -59.31
N LEU A 834 -14.30 -4.99 -58.29
CA LEU A 834 -13.19 -5.86 -57.89
C LEU A 834 -12.94 -7.00 -58.87
N SER A 835 -13.81 -7.20 -59.86
CA SER A 835 -13.61 -8.20 -60.88
C SER A 835 -12.76 -7.71 -62.04
N GLY A 836 -12.23 -6.48 -61.96
CA GLY A 836 -11.47 -5.93 -63.06
C GLY A 836 -12.31 -5.55 -64.27
N GLU A 837 -13.61 -5.35 -64.08
CA GLU A 837 -14.52 -5.02 -65.16
C GLU A 837 -14.58 -3.52 -65.44
N LEU A 838 -14.78 -2.73 -64.40
CA LEU A 838 -15.06 -1.31 -64.54
C LEU A 838 -13.76 -0.51 -64.59
N VAL A 839 -13.80 0.60 -65.32
CA VAL A 839 -12.64 1.45 -65.55
C VAL A 839 -12.92 2.80 -64.90
N PRO A 840 -12.00 3.34 -64.10
CA PRO A 840 -12.19 4.69 -63.55
C PRO A 840 -12.18 5.75 -64.63
N GLY A 841 -13.05 6.74 -64.47
CA GLY A 841 -13.19 7.84 -65.39
C GLY A 841 -14.36 7.71 -66.34
N LYS A 842 -14.79 6.50 -66.65
CA LYS A 842 -15.90 6.29 -67.56
C LYS A 842 -17.22 6.62 -66.89
N VAL A 843 -18.16 7.12 -67.68
CA VAL A 843 -19.51 7.39 -67.18
C VAL A 843 -20.24 6.05 -67.05
N ILE A 844 -20.72 5.77 -65.85
CA ILE A 844 -21.25 4.46 -65.51
C ILE A 844 -22.75 4.64 -65.24
N ARG A 845 -23.57 4.39 -66.24
CA ARG A 845 -25.01 4.52 -66.10
C ARG A 845 -25.58 3.27 -65.44
N LEU A 846 -26.20 3.44 -64.28
CA LEU A 846 -26.82 2.32 -63.58
C LEU A 846 -28.13 1.99 -64.26
N GLU A 847 -28.05 1.18 -65.31
CA GLU A 847 -29.24 0.79 -66.05
C GLU A 847 -30.00 -0.28 -65.29
N VAL A 848 -31.29 -0.38 -65.59
CA VAL A 848 -32.18 -1.26 -64.86
C VAL A 848 -32.16 -2.64 -65.51
N ASN A 849 -32.61 -3.62 -64.74
CA ASN A 849 -32.86 -4.97 -65.23
C ASN A 849 -34.33 -5.30 -64.97
N GLU A 850 -34.70 -6.55 -65.19
CA GLU A 850 -36.04 -7.00 -64.83
C GLU A 850 -36.22 -7.01 -63.32
N ASP A 851 -35.18 -7.42 -62.59
CA ASP A 851 -35.20 -7.42 -61.13
C ASP A 851 -33.99 -6.74 -60.50
N ARG A 852 -32.98 -6.36 -61.29
CA ARG A 852 -31.74 -5.85 -60.73
C ARG A 852 -31.34 -4.52 -61.36
N ILE A 853 -30.12 -4.08 -61.10
CA ILE A 853 -29.56 -2.86 -61.67
C ILE A 853 -28.21 -3.22 -62.28
N VAL A 854 -28.04 -2.94 -63.57
CA VAL A 854 -26.81 -3.27 -64.27
C VAL A 854 -26.02 -1.99 -64.52
N ALA A 855 -24.70 -2.12 -64.50
CA ALA A 855 -23.80 -1.00 -64.75
C ALA A 855 -23.14 -1.17 -66.11
N VAL A 856 -23.04 -0.07 -66.86
CA VAL A 856 -22.43 -0.06 -68.17
C VAL A 856 -21.20 0.84 -68.14
N GLN A 857 -20.39 0.73 -69.18
CA GLN A 857 -19.14 1.49 -69.31
C GLN A 857 -19.23 2.37 -70.55
N HIS A 858 -19.74 3.59 -70.37
CA HIS A 858 -19.85 4.54 -71.47
C HIS A 858 -19.41 5.93 -71.02
N GLN B 159 28.11 21.07 30.41
CA GLN B 159 26.93 20.64 31.15
C GLN B 159 25.72 20.58 30.22
N ALA B 160 25.26 19.37 29.97
CA ALA B 160 24.28 19.11 28.92
C ALA B 160 22.89 19.64 29.23
N LEU B 161 22.60 19.99 30.47
CA LEU B 161 21.28 20.53 30.76
C LEU B 161 21.14 21.96 30.31
N LYS B 162 22.25 22.65 30.09
CA LYS B 162 22.21 24.02 29.61
C LYS B 162 21.86 24.10 28.15
N LYS B 163 22.14 23.06 27.38
CA LYS B 163 21.98 23.11 25.94
C LYS B 163 20.66 22.55 25.45
N TYR B 164 20.05 21.61 26.18
CA TYR B 164 18.96 20.85 25.62
C TYR B 164 17.65 20.97 26.36
N THR B 165 17.63 21.58 27.53
CA THR B 165 16.43 21.63 28.35
C THR B 165 15.90 23.06 28.44
N ILE B 166 14.65 23.16 28.88
CA ILE B 166 14.02 24.45 29.15
C ILE B 166 13.42 24.35 30.54
N ASP B 167 13.99 25.08 31.50
CA ASP B 167 13.57 24.99 32.89
C ASP B 167 12.21 25.66 33.05
N LEU B 168 11.16 24.87 33.23
CA LEU B 168 9.83 25.45 33.32
C LEU B 168 9.57 26.08 34.67
N THR B 169 10.19 25.58 35.75
CA THR B 169 10.01 26.26 37.02
C THR B 169 10.71 27.62 37.02
N GLU B 170 11.73 27.77 36.18
CA GLU B 170 12.32 29.08 35.97
C GLU B 170 11.34 30.01 35.26
N ARG B 171 10.55 29.49 34.33
CA ARG B 171 9.54 30.33 33.69
C ARG B 171 8.41 30.67 34.64
N ALA B 172 8.04 29.75 35.53
CA ALA B 172 7.00 30.05 36.50
C ALA B 172 7.49 31.04 37.53
N GLU B 173 8.77 30.97 37.87
CA GLU B 173 9.39 31.96 38.73
C GLU B 173 9.40 33.34 38.09
N GLN B 174 9.56 33.39 36.78
CA GLN B 174 9.46 34.63 36.03
C GLN B 174 8.02 35.02 35.73
N GLY B 175 7.04 34.20 36.12
CA GLY B 175 5.66 34.52 35.89
C GLY B 175 5.24 34.47 34.45
N LYS B 176 5.81 33.57 33.65
CA LYS B 176 5.54 33.49 32.23
C LYS B 176 4.61 32.35 31.88
N LEU B 177 3.88 31.81 32.84
CA LEU B 177 2.99 30.70 32.56
C LEU B 177 1.57 31.09 32.89
N ASP B 178 0.63 30.41 32.26
CA ASP B 178 -0.76 30.70 32.54
C ASP B 178 -1.20 29.96 33.78
N PRO B 179 -1.82 30.64 34.75
CA PRO B 179 -2.22 29.97 35.99
C PRO B 179 -3.32 28.96 35.72
N VAL B 180 -3.23 27.83 36.39
CA VAL B 180 -4.04 26.68 36.04
C VAL B 180 -5.05 26.47 37.13
N ILE B 181 -6.28 26.85 36.86
CA ILE B 181 -7.37 26.72 37.81
C ILE B 181 -8.05 25.39 37.55
N GLY B 182 -8.12 24.56 38.57
CA GLY B 182 -8.71 23.26 38.45
C GLY B 182 -7.66 22.18 38.39
N ARG B 183 -8.09 21.02 37.88
CA ARG B 183 -7.25 19.84 37.67
C ARG B 183 -6.58 19.38 38.95
N ASP B 184 -7.35 19.32 40.02
CA ASP B 184 -6.81 18.89 41.29
C ASP B 184 -6.53 17.40 41.28
N GLU B 185 -7.46 16.61 40.74
CA GLU B 185 -7.32 15.15 40.74
C GLU B 185 -6.13 14.72 39.90
N GLU B 186 -5.91 15.35 38.76
CA GLU B 186 -4.86 14.89 37.88
C GLU B 186 -3.48 15.31 38.36
N ILE B 187 -3.36 16.42 39.07
CA ILE B 187 -2.06 16.69 39.67
C ILE B 187 -1.86 15.83 40.93
N ARG B 188 -2.94 15.46 41.62
CA ARG B 188 -2.78 14.49 42.71
C ARG B 188 -2.32 13.15 42.17
N ARG B 189 -2.85 12.75 41.03
CA ARG B 189 -2.45 11.49 40.42
C ARG B 189 -1.02 11.55 39.90
N THR B 190 -0.62 12.68 39.31
CA THR B 190 0.73 12.78 38.77
C THR B 190 1.76 12.82 39.89
N ILE B 191 1.44 13.45 41.00
CA ILE B 191 2.37 13.42 42.12
C ILE B 191 2.37 12.05 42.78
N GLN B 192 1.27 11.30 42.71
CA GLN B 192 1.30 9.91 43.17
C GLN B 192 2.15 9.03 42.29
N VAL B 193 2.23 9.34 41.00
CA VAL B 193 3.03 8.48 40.14
C VAL B 193 4.50 8.87 40.19
N LEU B 194 4.80 10.15 40.27
CA LEU B 194 6.20 10.56 40.27
C LEU B 194 6.96 10.20 41.54
N GLN B 195 6.27 9.96 42.64
CA GLN B 195 6.97 9.47 43.82
C GLN B 195 6.76 7.97 43.99
N ARG B 196 7.40 7.21 43.13
CA ARG B 196 7.44 5.78 43.29
C ARG B 196 8.90 5.35 43.39
N ARG B 197 9.14 4.05 43.44
CA ARG B 197 10.51 3.58 43.46
C ARG B 197 10.97 3.14 42.08
N THR B 198 10.18 2.31 41.41
CA THR B 198 10.35 2.02 40.00
C THR B 198 9.17 2.63 39.26
N LYS B 199 9.38 2.89 37.96
CA LYS B 199 8.40 3.45 37.04
C LYS B 199 7.86 4.80 37.56
N ASN B 200 8.72 5.79 37.48
CA ASN B 200 8.30 7.11 37.93
C ASN B 200 7.77 7.93 36.79
N ASN B 201 6.99 7.36 35.89
CA ASN B 201 6.72 8.00 34.61
C ASN B 201 5.25 8.04 34.27
N PRO B 202 4.56 9.14 34.57
CA PRO B 202 3.18 9.30 34.10
C PRO B 202 3.13 9.96 32.75
N VAL B 203 2.39 9.38 31.83
CA VAL B 203 2.10 10.04 30.59
C VAL B 203 0.68 10.56 30.68
N LEU B 204 0.49 11.82 30.34
CA LEU B 204 -0.83 12.44 30.38
C LEU B 204 -1.46 12.28 29.02
N ILE B 205 -2.52 11.50 28.96
CA ILE B 205 -3.24 11.22 27.73
C ILE B 205 -4.55 11.99 27.76
N GLY B 206 -4.80 12.76 26.71
CA GLY B 206 -6.11 13.33 26.50
C GLY B 206 -6.19 13.83 25.08
N GLU B 207 -7.41 13.93 24.59
CA GLU B 207 -7.66 14.48 23.26
C GLU B 207 -7.14 15.92 23.23
N PRO B 208 -6.60 16.37 22.10
CA PRO B 208 -5.84 17.62 22.11
C PRO B 208 -6.78 18.80 22.28
N GLY B 209 -6.41 19.68 23.20
CA GLY B 209 -7.26 20.76 23.65
C GLY B 209 -7.49 20.77 25.14
N VAL B 210 -7.54 19.59 25.77
CA VAL B 210 -7.99 19.53 27.16
C VAL B 210 -6.95 20.00 28.15
N GLY B 211 -5.75 20.34 27.70
CA GLY B 211 -4.83 21.04 28.57
C GLY B 211 -3.87 20.16 29.32
N LYS B 212 -3.15 19.31 28.60
CA LYS B 212 -2.19 18.45 29.26
C LYS B 212 -0.91 19.21 29.62
N THR B 213 -0.41 19.96 28.66
CA THR B 213 0.67 20.90 28.90
C THR B 213 0.30 21.91 29.97
N ALA B 214 -0.98 22.24 30.09
CA ALA B 214 -1.43 23.08 31.17
C ALA B 214 -1.32 22.38 32.52
N ILE B 215 -1.56 21.07 32.58
CA ILE B 215 -1.40 20.35 33.85
C ILE B 215 0.05 20.37 34.30
N VAL B 216 0.98 20.20 33.37
CA VAL B 216 2.38 20.21 33.76
C VAL B 216 2.83 21.61 34.16
N GLU B 217 2.37 22.64 33.44
CA GLU B 217 2.72 24.01 33.84
C GLU B 217 2.10 24.37 35.20
N GLY B 218 0.95 23.81 35.52
CA GLY B 218 0.39 23.98 36.85
C GLY B 218 1.18 23.27 37.92
N LEU B 219 1.76 22.12 37.59
CA LEU B 219 2.63 21.44 38.55
C LEU B 219 3.89 22.26 38.79
N ALA B 220 4.41 22.89 37.75
CA ALA B 220 5.58 23.76 37.91
C ALA B 220 5.27 24.95 38.81
N GLN B 221 4.13 25.60 38.59
CA GLN B 221 3.75 26.70 39.46
C GLN B 221 3.44 26.23 40.88
N ARG B 222 2.95 25.01 41.06
CA ARG B 222 2.73 24.54 42.43
C ARG B 222 4.02 24.24 43.15
N ILE B 223 5.05 23.80 42.43
CA ILE B 223 6.35 23.59 43.07
C ILE B 223 6.97 24.93 43.43
N ILE B 224 6.75 25.96 42.61
CA ILE B 224 7.16 27.31 43.01
C ILE B 224 6.40 27.77 44.25
N ASN B 225 5.08 27.66 44.23
CA ASN B 225 4.28 28.19 45.34
C ASN B 225 4.34 27.31 46.57
N GLY B 226 4.68 26.03 46.41
CA GLY B 226 4.87 25.18 47.55
C GLY B 226 3.58 24.64 48.12
N GLU B 227 2.62 24.33 47.25
CA GLU B 227 1.43 23.62 47.66
C GLU B 227 1.62 22.11 47.60
N VAL B 228 2.78 21.66 47.14
CA VAL B 228 3.06 20.25 46.91
C VAL B 228 3.40 19.61 48.26
N PRO B 229 3.44 18.28 48.37
CA PRO B 229 3.99 17.64 49.58
C PRO B 229 5.47 17.92 49.78
N GLU B 230 5.97 17.44 50.92
CA GLU B 230 7.38 17.63 51.26
C GLU B 230 8.32 16.91 50.32
N GLY B 231 7.87 15.83 49.69
CA GLY B 231 8.73 15.11 48.77
C GLY B 231 8.96 15.81 47.46
N LEU B 232 8.29 16.92 47.20
CA LEU B 232 8.56 17.69 45.99
C LEU B 232 8.92 19.13 46.27
N LYS B 233 9.05 19.54 47.53
CA LYS B 233 9.46 20.91 47.82
C LYS B 233 10.92 21.08 47.43
N GLY B 234 11.16 21.65 46.25
CA GLY B 234 12.50 21.95 45.82
C GLY B 234 12.93 21.26 44.54
N ARG B 235 12.03 20.56 43.84
CA ARG B 235 12.41 19.90 42.61
C ARG B 235 12.56 20.89 41.48
N ARG B 236 12.79 20.37 40.28
CA ARG B 236 12.80 21.18 39.08
C ARG B 236 11.96 20.49 38.03
N VAL B 237 11.44 21.26 37.11
CA VAL B 237 10.82 20.72 35.93
C VAL B 237 11.64 21.19 34.75
N LEU B 238 12.16 20.25 33.97
CA LEU B 238 12.97 20.53 32.80
C LEU B 238 12.26 19.99 31.59
N ALA B 239 12.09 20.82 30.59
CA ALA B 239 11.43 20.41 29.35
C ALA B 239 12.52 19.95 28.40
N LEU B 240 12.73 18.65 28.34
CA LEU B 240 13.76 18.11 27.47
C LEU B 240 13.28 18.18 26.04
N ASP B 241 14.11 18.70 25.17
CA ASP B 241 13.68 19.03 23.82
C ASP B 241 13.98 17.85 22.91
N MET B 242 12.92 17.15 22.49
CA MET B 242 13.09 16.01 21.60
C MET B 242 13.59 16.44 20.23
N GLY B 243 13.30 17.67 19.82
CA GLY B 243 13.88 18.17 18.59
C GLY B 243 15.35 18.49 18.74
N ALA B 244 15.68 19.39 19.68
CA ALA B 244 17.01 19.97 19.74
C ALA B 244 18.09 19.00 20.21
N LEU B 245 17.73 17.78 20.58
CA LEU B 245 18.75 16.76 20.75
C LEU B 245 19.27 16.30 19.39
N VAL B 246 18.38 16.21 18.41
CA VAL B 246 18.74 15.63 17.12
C VAL B 246 19.54 16.59 16.26
N ALA B 247 19.36 17.88 16.44
CA ALA B 247 19.66 18.85 15.39
C ALA B 247 21.14 19.15 15.22
N GLY B 248 22.06 18.31 15.66
CA GLY B 248 23.43 18.52 15.26
C GLY B 248 24.12 17.28 14.74
N ALA B 249 23.60 16.12 15.10
CA ALA B 249 24.40 14.91 15.06
C ALA B 249 24.11 14.15 13.77
N LYS B 250 24.75 14.57 12.69
CA LYS B 250 24.73 13.76 11.49
C LYS B 250 25.78 12.67 11.55
N TYR B 251 26.77 12.81 12.41
CA TYR B 251 27.75 11.76 12.62
C TYR B 251 27.08 10.64 13.39
N ARG B 252 27.59 9.43 13.20
CA ARG B 252 27.07 8.29 13.94
C ARG B 252 27.43 8.41 15.39
N GLY B 253 26.44 8.29 16.25
CA GLY B 253 26.70 8.14 17.65
C GLY B 253 26.72 9.42 18.44
N GLU B 254 26.84 10.57 17.78
CA GLU B 254 26.91 11.80 18.56
C GLU B 254 25.56 12.15 19.16
N PHE B 255 24.47 11.65 18.56
CA PHE B 255 23.16 11.76 19.18
C PHE B 255 23.08 10.94 20.44
N GLU B 256 23.62 9.72 20.39
CA GLU B 256 23.71 8.91 21.58
C GLU B 256 24.64 9.53 22.60
N GLU B 257 25.67 10.26 22.15
CA GLU B 257 26.50 11.02 23.08
C GLU B 257 25.70 12.08 23.80
N ARG B 258 24.86 12.81 23.07
CA ARG B 258 24.05 13.86 23.69
C ARG B 258 23.04 13.28 24.67
N LEU B 259 22.39 12.19 24.30
CA LEU B 259 21.38 11.64 25.17
C LEU B 259 22.00 10.95 26.38
N LYS B 260 23.17 10.36 26.20
CA LYS B 260 23.95 9.85 27.33
C LYS B 260 24.38 10.99 28.24
N GLY B 261 24.71 12.15 27.66
CA GLY B 261 25.06 13.29 28.48
C GLY B 261 23.90 13.76 29.33
N VAL B 262 22.69 13.71 28.76
CA VAL B 262 21.50 14.08 29.51
C VAL B 262 21.27 13.10 30.66
N LEU B 263 21.38 11.80 30.41
CA LEU B 263 21.15 10.84 31.48
C LEU B 263 22.22 10.91 32.56
N ASN B 264 23.48 11.02 32.17
CA ASN B 264 24.53 11.06 33.16
C ASN B 264 24.81 12.47 33.68
N ASP B 265 23.97 13.44 33.35
CA ASP B 265 23.85 14.60 34.22
C ASP B 265 22.63 14.55 35.11
N LEU B 266 21.52 13.95 34.66
CA LEU B 266 20.36 13.90 35.51
C LEU B 266 20.49 12.89 36.63
N ALA B 267 21.32 11.86 36.47
CA ALA B 267 21.58 10.97 37.59
C ALA B 267 22.42 11.66 38.65
N LYS B 268 23.25 12.63 38.24
CA LYS B 268 24.07 13.39 39.18
C LYS B 268 23.21 14.27 40.07
N GLN B 269 22.04 14.68 39.60
CA GLN B 269 21.21 15.59 40.36
C GLN B 269 20.44 14.93 41.49
N GLU B 270 20.58 13.61 41.68
CA GLU B 270 20.00 12.89 42.81
C GLU B 270 18.48 13.02 42.87
N GLY B 271 17.82 12.83 41.72
CA GLY B 271 16.38 12.83 41.68
C GLY B 271 15.71 14.16 41.88
N ASN B 272 16.48 15.25 41.81
CA ASN B 272 15.96 16.58 42.05
C ASN B 272 15.38 17.21 40.80
N VAL B 273 15.31 16.45 39.70
CA VAL B 273 14.82 16.97 38.43
C VAL B 273 13.72 16.06 37.92
N ILE B 274 12.53 16.62 37.75
CA ILE B 274 11.45 15.98 37.03
C ILE B 274 11.58 16.35 35.56
N LEU B 275 11.74 15.35 34.71
CA LEU B 275 11.82 15.63 33.30
C LEU B 275 10.41 15.89 32.78
N PHE B 276 10.32 16.54 31.63
CA PHE B 276 9.02 16.74 30.99
C PHE B 276 9.18 16.64 29.49
N ILE B 277 8.70 15.54 28.93
CA ILE B 277 8.76 15.28 27.51
C ILE B 277 7.36 15.39 26.99
N ASP B 278 6.97 16.58 26.56
CA ASP B 278 5.74 16.70 25.80
C ASP B 278 5.97 16.09 24.42
N ALA B 279 4.89 15.57 23.83
CA ALA B 279 4.92 14.83 22.57
C ALA B 279 5.87 13.64 22.67
N LEU B 280 5.44 12.67 23.47
CA LEU B 280 6.23 11.48 23.72
C LEU B 280 6.34 10.59 22.48
N HIS B 281 5.34 10.67 21.62
CA HIS B 281 5.39 9.97 20.36
C HIS B 281 6.51 10.48 19.45
N THR B 282 7.01 11.68 19.68
CA THR B 282 8.26 12.08 19.06
C THR B 282 9.42 11.26 19.60
N MET B 283 9.40 11.00 20.90
CA MET B 283 10.53 10.32 21.53
C MET B 283 10.67 8.88 21.05
N VAL B 284 9.55 8.22 20.75
CA VAL B 284 9.58 6.78 20.47
C VAL B 284 10.42 6.46 19.24
N GLY B 285 10.20 7.16 18.15
CA GLY B 285 11.01 6.89 16.98
C GLY B 285 11.99 8.00 16.66
N ALA B 286 12.65 8.55 17.68
CA ALA B 286 13.24 9.88 17.54
C ALA B 286 14.51 9.89 16.68
N GLY B 287 15.55 9.23 17.14
CA GLY B 287 16.83 9.33 16.47
C GLY B 287 17.08 8.12 15.63
N LYS B 288 16.01 7.50 15.14
CA LYS B 288 16.10 6.22 14.46
C LYS B 288 16.75 6.43 13.11
N ALA B 289 18.07 6.34 13.10
CA ALA B 289 18.85 6.41 11.88
C ALA B 289 18.89 5.04 11.23
N ASP B 290 19.85 4.83 10.33
CA ASP B 290 19.95 3.53 9.66
C ASP B 290 20.42 2.50 10.66
N GLY B 291 19.45 1.95 11.41
CA GLY B 291 19.63 0.90 12.41
C GLY B 291 20.64 1.33 13.48
N ALA B 292 20.20 2.29 14.28
CA ALA B 292 21.00 2.69 15.44
C ALA B 292 20.06 2.94 16.61
N MET B 293 20.64 3.37 17.72
CA MET B 293 19.90 3.60 18.95
C MET B 293 19.08 4.86 18.79
N ASP B 294 17.76 4.74 18.83
CA ASP B 294 16.92 5.93 18.90
C ASP B 294 16.84 6.40 20.35
N ALA B 295 15.90 7.30 20.64
CA ALA B 295 15.79 7.73 22.03
C ALA B 295 15.09 6.68 22.86
N GLY B 296 14.24 5.87 22.22
CA GLY B 296 13.47 4.89 22.95
C GLY B 296 14.34 3.82 23.59
N ASN B 297 15.27 3.27 22.81
CA ASN B 297 16.08 2.18 23.33
C ASN B 297 17.11 2.63 24.34
N MET B 298 17.57 3.87 24.26
CA MET B 298 18.51 4.28 25.28
C MET B 298 17.81 4.65 26.57
N LEU B 299 16.61 5.20 26.48
CA LEU B 299 15.90 5.47 27.72
C LEU B 299 15.23 4.24 28.29
N LYS B 300 15.03 3.20 27.51
CA LYS B 300 14.22 2.08 27.95
C LYS B 300 14.82 1.26 29.10
N PRO B 301 16.13 1.15 29.30
CA PRO B 301 16.61 0.61 30.57
C PRO B 301 16.85 1.63 31.67
N ALA B 302 16.50 2.90 31.48
CA ALA B 302 16.64 3.86 32.57
C ALA B 302 15.30 4.40 33.03
N LEU B 303 14.23 4.11 32.29
CA LEU B 303 12.89 4.41 32.78
C LEU B 303 12.47 3.44 33.88
N ALA B 304 12.37 2.15 33.58
CA ALA B 304 11.85 1.24 34.60
C ALA B 304 12.91 0.81 35.60
N ARG B 305 13.72 1.76 36.05
CA ARG B 305 14.50 1.65 37.26
C ARG B 305 14.43 2.95 38.03
N GLY B 306 13.63 3.90 37.59
CA GLY B 306 13.29 5.05 38.37
C GLY B 306 14.33 6.14 38.44
N GLU B 307 15.44 5.99 37.73
CA GLU B 307 16.54 6.95 37.80
C GLU B 307 16.30 8.18 36.93
N LEU B 308 15.10 8.30 36.39
CA LEU B 308 14.67 9.42 35.57
C LEU B 308 13.20 9.61 35.86
N HIS B 309 12.76 10.86 35.93
CA HIS B 309 11.41 11.11 36.38
C HIS B 309 10.57 11.78 35.31
N CYS B 310 10.56 11.18 34.12
CA CYS B 310 9.83 11.68 32.96
C CYS B 310 8.35 11.89 33.23
N VAL B 311 7.78 12.87 32.57
CA VAL B 311 6.34 13.11 32.54
C VAL B 311 5.96 13.30 31.09
N GLY B 312 5.22 12.38 30.56
CA GLY B 312 4.80 12.50 29.18
C GLY B 312 3.56 13.34 29.08
N ALA B 313 3.20 13.65 27.83
CA ALA B 313 1.95 14.34 27.53
C ALA B 313 1.68 14.08 26.06
N THR B 314 0.71 13.26 25.77
CA THR B 314 0.49 12.87 24.40
C THR B 314 -0.98 12.97 24.04
N THR B 315 -1.18 13.22 22.77
CA THR B 315 -2.50 13.04 22.18
C THR B 315 -2.84 11.55 22.27
N LEU B 316 -4.12 11.24 22.28
CA LEU B 316 -4.52 9.87 22.46
C LEU B 316 -4.31 9.03 21.20
N ASP B 317 -4.68 9.55 20.04
CA ASP B 317 -4.46 8.77 18.83
C ASP B 317 -2.99 8.63 18.51
N GLU B 318 -2.18 9.61 18.87
CA GLU B 318 -0.74 9.39 18.82
C GLU B 318 -0.30 8.30 19.79
N TYR B 319 -1.03 8.09 20.88
CA TYR B 319 -0.61 7.04 21.81
C TYR B 319 -0.83 5.69 21.18
N ARG B 320 -2.04 5.47 20.64
CA ARG B 320 -2.35 4.18 20.03
C ARG B 320 -1.52 3.94 18.79
N GLN B 321 -1.19 4.99 18.04
CA GLN B 321 -0.37 4.75 16.86
C GLN B 321 1.08 4.53 17.22
N TYR B 322 1.68 5.41 18.01
CA TYR B 322 3.12 5.47 18.06
C TYR B 322 3.74 4.90 19.33
N ILE B 323 2.97 4.64 20.38
CA ILE B 323 3.54 4.08 21.60
C ILE B 323 3.06 2.65 21.84
N GLU B 324 1.77 2.40 21.69
CA GLU B 324 1.31 1.02 21.82
C GLU B 324 1.70 0.15 20.65
N LYS B 325 2.34 0.71 19.63
CA LYS B 325 3.02 -0.10 18.65
C LYS B 325 4.22 -0.82 19.25
N ASP B 326 4.74 -0.30 20.36
CA ASP B 326 6.03 -0.69 20.94
C ASP B 326 5.86 -1.00 22.43
N ALA B 327 5.51 -2.25 22.75
CA ALA B 327 4.88 -2.58 24.04
C ALA B 327 5.78 -2.38 25.25
N ALA B 328 7.10 -2.41 25.08
CA ALA B 328 7.98 -2.21 26.22
C ALA B 328 7.90 -0.78 26.71
N LEU B 329 8.20 0.17 25.83
CA LEU B 329 8.12 1.57 26.18
C LEU B 329 6.69 2.02 26.42
N GLU B 330 5.70 1.24 26.02
CA GLU B 330 4.38 1.39 26.60
C GLU B 330 4.41 1.16 28.09
N ARG B 331 4.74 -0.07 28.51
CA ARG B 331 4.52 -0.38 29.93
C ARG B 331 5.52 0.27 30.86
N ARG B 332 6.53 0.96 30.38
CA ARG B 332 7.23 1.82 31.33
C ARG B 332 6.39 2.99 31.82
N PHE B 333 5.38 3.42 31.06
CA PHE B 333 4.62 4.62 31.37
C PHE B 333 3.27 4.31 31.97
N GLN B 334 2.74 5.26 32.72
CA GLN B 334 1.41 5.16 33.29
C GLN B 334 0.46 6.08 32.56
N LYS B 335 -0.63 5.53 32.04
CA LYS B 335 -1.69 6.34 31.49
C LYS B 335 -2.35 7.13 32.61
N VAL B 336 -2.44 8.43 32.45
CA VAL B 336 -3.16 9.28 33.37
C VAL B 336 -4.21 10.02 32.53
N PHE B 337 -5.41 9.46 32.49
CA PHE B 337 -6.45 9.91 31.58
C PHE B 337 -6.97 11.28 32.01
N VAL B 338 -6.97 12.22 31.07
CA VAL B 338 -7.37 13.60 31.33
C VAL B 338 -8.60 13.87 30.49
N ALA B 339 -9.77 13.83 31.11
CA ALA B 339 -10.99 13.98 30.34
C ALA B 339 -11.23 15.44 30.02
N GLU B 340 -12.09 15.66 29.03
CA GLU B 340 -12.56 16.99 28.68
C GLU B 340 -13.31 17.58 29.87
N PRO B 341 -12.99 18.81 30.27
CA PRO B 341 -13.64 19.38 31.45
C PRO B 341 -15.11 19.67 31.20
N SER B 342 -15.83 19.89 32.28
CA SER B 342 -17.25 20.19 32.17
C SER B 342 -17.41 21.68 31.88
N VAL B 343 -18.65 22.16 31.86
CA VAL B 343 -18.91 23.53 31.49
C VAL B 343 -18.51 24.49 32.62
N GLU B 344 -18.78 24.10 33.86
CA GLU B 344 -18.56 25.02 34.97
C GLU B 344 -17.08 25.17 35.29
N ASP B 345 -16.33 24.08 35.16
CA ASP B 345 -14.89 24.16 35.32
C ASP B 345 -14.27 24.97 34.20
N THR B 346 -14.86 24.89 33.01
CA THR B 346 -14.44 25.73 31.90
C THR B 346 -14.67 27.19 32.22
N ILE B 347 -15.77 27.50 32.91
CA ILE B 347 -16.06 28.86 33.34
C ILE B 347 -14.99 29.35 34.31
N ALA B 348 -14.56 28.49 35.23
CA ALA B 348 -13.50 28.88 36.17
C ALA B 348 -12.18 29.17 35.46
N ILE B 349 -11.81 28.28 34.52
CA ILE B 349 -10.60 28.46 33.72
C ILE B 349 -10.68 29.77 32.93
N LEU B 350 -11.86 30.05 32.38
CA LEU B 350 -12.05 31.29 31.64
C LEU B 350 -11.98 32.50 32.54
N ARG B 351 -12.30 32.37 33.82
CA ARG B 351 -12.18 33.54 34.68
C ARG B 351 -10.72 33.88 34.95
N GLY B 352 -9.90 32.87 35.22
CA GLY B 352 -8.46 33.13 35.37
C GLY B 352 -7.83 33.65 34.09
N LEU B 353 -8.22 33.08 32.96
CA LEU B 353 -7.65 33.59 31.73
C LEU B 353 -8.33 34.85 31.25
N LYS B 354 -9.49 35.22 31.83
CA LYS B 354 -10.02 36.55 31.62
C LYS B 354 -9.09 37.58 32.21
N GLU B 355 -8.58 37.30 33.41
CA GLU B 355 -7.56 38.15 34.00
C GLU B 355 -6.37 38.30 33.06
N ARG B 356 -5.90 37.19 32.50
CA ARG B 356 -4.72 37.25 31.63
C ARG B 356 -5.00 37.96 30.30
N TYR B 357 -6.15 37.71 29.68
CA TYR B 357 -6.40 38.32 28.38
C TYR B 357 -6.81 39.76 28.50
N GLU B 358 -7.42 40.15 29.63
CA GLU B 358 -7.64 41.56 29.87
C GLU B 358 -6.32 42.29 30.11
N LEU B 359 -5.31 41.60 30.66
CA LEU B 359 -3.98 42.20 30.58
C LEU B 359 -3.49 42.36 29.16
N HIS B 360 -3.67 41.35 28.31
CA HIS B 360 -3.06 41.43 26.99
C HIS B 360 -3.79 42.41 26.07
N HIS B 361 -5.03 42.12 25.75
CA HIS B 361 -5.69 42.77 24.62
C HIS B 361 -6.35 44.09 24.94
N HIS B 362 -6.01 44.72 26.06
CA HIS B 362 -6.37 46.10 26.37
C HIS B 362 -7.88 46.31 26.52
N VAL B 363 -8.65 45.25 26.67
CA VAL B 363 -10.10 45.36 26.72
C VAL B 363 -10.60 44.73 28.01
N GLN B 364 -11.90 44.86 28.22
CA GLN B 364 -12.55 44.35 29.42
C GLN B 364 -13.55 43.27 29.03
N ILE B 365 -13.67 42.25 29.87
CA ILE B 365 -14.55 41.12 29.63
C ILE B 365 -15.48 41.00 30.82
N THR B 366 -16.76 40.75 30.56
CA THR B 366 -17.77 40.68 31.60
C THR B 366 -18.17 39.22 31.78
N ASP B 367 -18.69 38.89 32.96
CA ASP B 367 -19.15 37.53 33.26
C ASP B 367 -20.24 36.96 32.33
N PRO B 368 -21.24 37.73 31.84
CA PRO B 368 -22.10 37.15 30.80
C PRO B 368 -21.39 36.79 29.52
N ALA B 369 -20.32 37.50 29.17
CA ALA B 369 -19.52 37.09 28.01
C ALA B 369 -18.86 35.75 28.25
N ILE B 370 -18.42 35.48 29.47
CA ILE B 370 -17.78 34.22 29.77
C ILE B 370 -18.78 33.08 29.74
N VAL B 371 -19.91 33.24 30.42
CA VAL B 371 -20.85 32.12 30.46
C VAL B 371 -21.52 31.91 29.10
N ALA B 372 -21.66 32.98 28.31
CA ALA B 372 -22.15 32.83 26.95
C ALA B 372 -21.13 32.13 26.07
N ALA B 373 -19.85 32.44 26.24
CA ALA B 373 -18.82 31.79 25.44
C ALA B 373 -18.72 30.31 25.76
N ALA B 374 -18.82 29.94 27.03
CA ALA B 374 -18.73 28.54 27.40
C ALA B 374 -19.94 27.75 26.89
N THR B 375 -21.14 28.30 27.07
CA THR B 375 -22.34 27.59 26.66
C THR B 375 -22.39 27.45 25.15
N LEU B 376 -22.15 28.54 24.43
CA LEU B 376 -22.23 28.48 22.98
C LEU B 376 -21.05 27.77 22.35
N SER B 377 -19.89 27.71 23.02
CA SER B 377 -18.81 26.93 22.47
C SER B 377 -19.09 25.45 22.63
N HIS B 378 -19.68 25.05 23.74
CA HIS B 378 -19.97 23.63 23.89
C HIS B 378 -21.12 23.20 23.01
N ARG B 379 -22.13 24.04 22.84
CA ARG B 379 -23.30 23.56 22.14
C ARG B 379 -23.10 23.51 20.62
N TYR B 380 -22.33 24.45 20.06
CA TYR B 380 -22.36 24.61 18.61
C TYR B 380 -21.11 24.12 17.90
N ILE B 381 -19.91 24.49 18.36
CA ILE B 381 -18.70 24.01 17.72
C ILE B 381 -18.54 22.53 18.00
N ALA B 382 -18.43 21.72 16.96
CA ALA B 382 -18.40 20.28 17.13
C ALA B 382 -17.03 19.68 16.92
N ASP B 383 -16.04 20.47 16.53
CA ASP B 383 -14.75 19.91 16.12
C ASP B 383 -13.77 19.84 17.27
N ARG B 384 -13.43 20.98 17.86
CA ARG B 384 -12.39 21.04 18.86
C ARG B 384 -12.99 20.78 20.23
N GLN B 385 -12.16 20.69 21.26
CA GLN B 385 -12.67 20.28 22.55
C GLN B 385 -12.46 21.33 23.61
N LEU B 386 -13.32 21.31 24.62
CA LEU B 386 -13.25 22.25 25.73
C LEU B 386 -11.96 22.01 26.51
N PRO B 387 -11.41 23.02 27.18
CA PRO B 387 -11.73 24.43 27.35
C PRO B 387 -11.12 25.23 26.26
N ASP B 388 -10.70 24.57 25.18
CA ASP B 388 -9.88 25.29 24.22
C ASP B 388 -10.70 26.17 23.31
N LYS B 389 -11.86 25.70 22.89
CA LYS B 389 -12.64 26.51 21.96
C LYS B 389 -13.31 27.67 22.68
N ALA B 390 -13.52 27.55 23.98
CA ALA B 390 -13.98 28.69 24.75
C ALA B 390 -12.94 29.79 24.77
N ILE B 391 -11.68 29.42 24.99
CA ILE B 391 -10.60 30.39 25.00
C ILE B 391 -10.37 30.95 23.60
N ASP B 392 -10.64 30.16 22.55
CA ASP B 392 -10.53 30.70 21.20
C ASP B 392 -11.63 31.71 20.90
N LEU B 393 -12.85 31.46 21.37
CA LEU B 393 -13.89 32.47 21.21
C LEU B 393 -13.56 33.74 21.95
N ILE B 394 -13.06 33.63 23.19
CA ILE B 394 -12.73 34.81 23.96
C ILE B 394 -11.61 35.60 23.32
N ASP B 395 -10.58 34.90 22.83
CA ASP B 395 -9.43 35.61 22.30
C ASP B 395 -9.76 36.24 20.97
N GLU B 396 -10.59 35.58 20.16
CA GLU B 396 -10.91 36.14 18.86
C GLU B 396 -11.86 37.31 19.00
N ALA B 397 -12.78 37.25 19.95
CA ALA B 397 -13.63 38.41 20.20
C ALA B 397 -12.85 39.56 20.81
N ALA B 398 -11.85 39.26 21.64
CA ALA B 398 -11.02 40.31 22.21
C ALA B 398 -10.21 41.03 21.14
N SER B 399 -9.66 40.28 20.18
CA SER B 399 -8.94 40.95 19.11
C SER B 399 -9.86 41.70 18.18
N SER B 400 -11.08 41.21 17.98
CA SER B 400 -12.06 41.93 17.18
C SER B 400 -12.42 43.26 17.82
N ILE B 401 -12.57 43.26 19.14
CA ILE B 401 -12.84 44.52 19.83
C ILE B 401 -11.63 45.43 19.81
N ARG B 402 -10.43 44.87 19.84
CA ARG B 402 -9.23 45.71 19.76
C ARG B 402 -9.11 46.38 18.40
N MET B 403 -9.49 45.67 17.33
CA MET B 403 -9.50 46.30 16.01
C MET B 403 -10.59 47.34 15.88
N GLN B 404 -11.78 47.07 16.44
CA GLN B 404 -12.84 48.08 16.39
C GLN B 404 -12.49 49.30 17.24
N ILE B 405 -11.65 49.13 18.26
CA ILE B 405 -11.05 50.27 18.93
C ILE B 405 -10.13 51.02 17.97
N ASP B 406 -9.28 50.29 17.27
CA ASP B 406 -8.34 50.96 16.38
C ASP B 406 -8.92 51.17 14.97
N SER B 407 -10.25 51.28 14.85
CA SER B 407 -10.90 51.61 13.59
C SER B 407 -10.84 53.15 13.39
N PRO B 409 -11.94 54.00 13.35
CA PRO B 409 -13.40 54.16 13.18
C PRO B 409 -13.86 53.96 11.74
N GLU B 410 -15.06 54.45 11.42
CA GLU B 410 -15.54 54.39 10.05
C GLU B 410 -16.06 55.76 9.59
N GLU B 411 -16.61 56.55 10.52
CA GLU B 411 -17.11 57.88 10.18
C GLU B 411 -15.98 58.82 9.84
N LEU B 412 -14.79 58.60 10.42
CA LEU B 412 -13.60 59.33 9.98
C LEU B 412 -13.27 59.03 8.52
N ASP B 413 -13.43 57.78 8.10
CA ASP B 413 -13.15 57.42 6.71
C ASP B 413 -14.21 57.98 5.77
N ARG B 414 -15.47 57.99 6.22
CA ARG B 414 -16.55 58.57 5.42
C ARG B 414 -16.35 60.07 5.24
N LEU B 415 -15.98 60.77 6.31
CA LEU B 415 -15.72 62.20 6.21
C LEU B 415 -14.44 62.47 5.43
N ASP B 416 -13.48 61.55 5.45
CA ASP B 416 -12.25 61.74 4.69
C ASP B 416 -12.51 61.59 3.20
N ARG B 417 -13.33 60.60 2.83
CA ARG B 417 -13.73 60.45 1.43
C ARG B 417 -14.57 61.63 0.97
N ARG B 418 -15.40 62.16 1.86
CA ARG B 418 -16.21 63.33 1.54
C ARG B 418 -15.35 64.57 1.33
N ILE B 419 -14.36 64.79 2.21
CA ILE B 419 -13.55 66.00 2.06
C ILE B 419 -12.60 65.88 0.88
N ILE B 420 -12.15 64.66 0.53
CA ILE B 420 -11.27 64.56 -0.63
C ILE B 420 -12.09 64.68 -1.93
N GLN B 421 -13.36 64.24 -1.90
CA GLN B 421 -14.21 64.41 -3.06
C GLN B 421 -14.56 65.88 -3.28
N LEU B 422 -14.90 66.58 -2.20
CA LEU B 422 -15.22 68.01 -2.32
C LEU B 422 -13.97 68.83 -2.62
N LYS B 423 -12.81 68.37 -2.17
CA LYS B 423 -11.56 69.05 -2.50
C LYS B 423 -11.22 68.92 -3.98
N LEU B 424 -11.38 67.71 -4.53
CA LEU B 424 -11.17 67.51 -5.97
C LEU B 424 -12.19 68.29 -6.79
N GLU B 425 -13.44 68.35 -6.33
CA GLU B 425 -14.46 69.10 -7.05
C GLU B 425 -14.20 70.61 -7.01
N GLN B 426 -13.75 71.12 -5.86
CA GLN B 426 -13.48 72.55 -5.73
C GLN B 426 -12.27 72.95 -6.54
N GLN B 427 -11.23 72.10 -6.57
CA GLN B 427 -10.07 72.42 -7.38
C GLN B 427 -10.35 72.25 -8.87
N ALA B 428 -11.29 71.36 -9.22
CA ALA B 428 -11.72 71.26 -10.61
C ALA B 428 -12.52 72.50 -11.03
N LEU B 429 -13.28 73.08 -10.09
CA LEU B 429 -14.00 74.31 -10.42
C LEU B 429 -13.11 75.54 -10.48
N MET B 430 -11.97 75.52 -9.80
CA MET B 430 -11.04 76.65 -9.86
C MET B 430 -10.28 76.66 -11.18
N LEU B 441 -19.85 81.73 -6.78
CA LEU B 441 -20.41 80.40 -7.01
C LEU B 441 -20.07 79.46 -5.87
N ASP B 442 -18.86 79.65 -5.30
CA ASP B 442 -18.06 78.60 -4.68
C ASP B 442 -18.76 77.72 -3.65
N MET B 443 -19.06 78.26 -2.46
CA MET B 443 -19.81 77.64 -1.36
C MET B 443 -19.15 76.39 -0.76
N LEU B 444 -18.08 75.91 -1.39
CA LEU B 444 -17.56 74.58 -1.15
C LEU B 444 -16.30 74.75 -0.32
N ASN B 445 -15.71 75.95 -0.35
CA ASN B 445 -14.76 76.34 0.68
C ASN B 445 -15.43 76.30 2.05
N GLU B 446 -16.65 76.82 2.14
CA GLU B 446 -17.39 76.84 3.40
C GLU B 446 -17.83 75.42 3.79
N GLU B 447 -18.36 74.66 2.81
CA GLU B 447 -18.76 73.29 3.07
C GLU B 447 -17.56 72.41 3.48
N LEU B 448 -16.42 72.60 2.81
CA LEU B 448 -15.21 71.82 3.12
C LEU B 448 -14.64 72.22 4.47
N SER B 449 -14.73 73.50 4.82
CA SER B 449 -14.27 73.96 6.13
C SER B 449 -15.13 73.37 7.25
N ASP B 450 -16.43 73.30 7.02
CA ASP B 450 -17.34 72.69 8.00
C ASP B 450 -17.05 71.19 8.16
N LYS B 451 -16.87 70.49 7.04
CA LYS B 451 -16.61 69.05 7.11
C LYS B 451 -15.22 68.76 7.70
N GLU B 452 -14.22 69.58 7.39
CA GLU B 452 -12.90 69.41 7.99
C GLU B 452 -12.88 69.76 9.47
N ARG B 453 -13.68 70.73 9.91
CA ARG B 453 -13.83 71.00 11.33
C ARG B 453 -14.48 69.83 12.05
N GLN B 454 -15.52 69.24 11.43
CA GLN B 454 -16.15 68.05 11.98
C GLN B 454 -15.18 66.88 12.07
N TYR B 455 -14.38 66.70 11.01
CA TYR B 455 -13.39 65.62 10.99
C TYR B 455 -12.30 65.83 12.03
N SER B 456 -11.89 67.09 12.24
CA SER B 456 -10.88 67.38 13.25
C SER B 456 -11.42 67.15 14.66
N GLU B 457 -12.71 67.47 14.88
CA GLU B 457 -13.35 67.21 16.16
C GLU B 457 -13.43 65.71 16.45
N LEU B 458 -13.87 64.93 15.46
CA LEU B 458 -13.95 63.48 15.62
C LEU B 458 -12.57 62.87 15.80
N GLU B 459 -11.56 63.43 15.12
CA GLU B 459 -10.21 62.92 15.21
C GLU B 459 -9.60 63.19 16.57
N GLU B 460 -9.83 64.39 17.12
CA GLU B 460 -9.29 64.72 18.44
C GLU B 460 -10.03 63.96 19.53
N GLU B 461 -11.33 63.74 19.35
CA GLU B 461 -12.08 62.87 20.26
C GLU B 461 -11.53 61.45 20.23
N TRP B 462 -11.18 60.96 19.03
CA TRP B 462 -10.59 59.64 18.87
C TRP B 462 -9.26 59.53 19.60
N LYS B 463 -8.43 60.57 19.47
CA LYS B 463 -7.13 60.58 20.15
C LYS B 463 -7.28 60.63 21.67
N ALA B 464 -8.24 61.43 22.17
CA ALA B 464 -8.46 61.54 23.61
C ALA B 464 -8.99 60.24 24.19
N GLU B 465 -9.87 59.56 23.45
CA GLU B 465 -10.41 58.29 23.90
C GLU B 465 -9.35 57.20 23.88
N LYS B 466 -8.47 57.22 22.87
CA LYS B 466 -7.35 56.28 22.85
C LYS B 466 -6.39 56.51 24.01
N ALA B 467 -6.16 57.78 24.35
CA ALA B 467 -5.32 58.09 25.51
C ALA B 467 -5.96 57.62 26.80
N SER B 468 -7.29 57.75 26.90
CA SER B 468 -8.01 57.29 28.08
C SER B 468 -7.92 55.79 28.25
N LEU B 469 -8.17 55.04 27.17
CA LEU B 469 -8.10 53.58 27.26
C LEU B 469 -6.68 53.09 27.48
N SER B 470 -5.69 53.81 26.95
CA SER B 470 -4.30 53.44 27.18
C SER B 470 -3.91 53.64 28.64
N GLY B 471 -4.34 54.76 29.24
CA GLY B 471 -4.05 54.99 30.66
C GLY B 471 -4.75 53.98 31.56
N THR B 472 -5.98 53.62 31.20
CA THR B 472 -6.71 52.59 31.94
C THR B 472 -6.01 51.24 31.86
N GLN B 473 -5.49 50.88 30.69
CA GLN B 473 -4.84 49.59 30.59
C GLN B 473 -3.47 49.59 31.27
N THR B 474 -2.77 50.73 31.27
CA THR B 474 -1.51 50.81 32.00
C THR B 474 -1.75 50.70 33.51
N ILE B 475 -2.84 51.29 34.00
CA ILE B 475 -3.07 51.21 35.44
C ILE B 475 -3.61 49.83 35.83
N LYS B 476 -4.26 49.14 34.89
CA LYS B 476 -4.64 47.75 35.12
C LYS B 476 -3.42 46.85 35.16
N ALA B 477 -2.44 47.13 34.29
CA ALA B 477 -1.19 46.36 34.28
C ALA B 477 -0.39 46.61 35.56
N GLU B 478 -0.43 47.85 36.06
CA GLU B 478 0.25 48.14 37.33
C GLU B 478 -0.46 47.46 38.51
N LEU B 479 -1.79 47.33 38.43
CA LEU B 479 -2.52 46.56 39.44
C LEU B 479 -2.11 45.08 39.42
N GLU B 480 -1.94 44.52 38.22
CA GLU B 480 -1.51 43.13 38.13
C GLU B 480 -0.08 42.95 38.62
N GLN B 481 0.79 43.92 38.33
CA GLN B 481 2.15 43.88 38.86
C GLN B 481 2.15 44.00 40.38
N ALA B 482 1.19 44.72 40.95
CA ALA B 482 1.04 44.77 42.40
C ALA B 482 0.61 43.42 42.96
N LYS B 483 -0.29 42.72 42.25
CA LYS B 483 -0.71 41.38 42.68
C LYS B 483 0.43 40.38 42.60
N ILE B 484 1.23 40.48 41.54
CA ILE B 484 2.40 39.63 41.38
C ILE B 484 3.43 39.93 42.47
N ALA B 485 3.58 41.20 42.83
CA ALA B 485 4.54 41.58 43.86
C ALA B 485 4.07 41.14 45.25
N ILE B 486 2.76 41.14 45.51
CA ILE B 486 2.32 40.67 46.82
C ILE B 486 2.39 39.15 46.89
N GLU B 487 2.28 38.46 45.75
CA GLU B 487 2.58 37.03 45.78
C GLU B 487 4.07 36.76 45.97
N GLN B 488 4.93 37.59 45.39
CA GLN B 488 6.37 37.52 45.66
C GLN B 488 6.67 37.77 47.14
N ALA B 489 5.92 38.65 47.78
CA ALA B 489 6.09 38.85 49.22
C ALA B 489 5.56 37.69 50.03
N ARG B 490 4.51 37.00 49.53
CA ARG B 490 4.04 35.79 50.19
C ARG B 490 5.05 34.65 50.10
N ARG B 491 5.77 34.56 48.99
CA ARG B 491 6.85 33.56 48.88
C ARG B 491 8.07 33.96 49.71
N VAL B 492 8.61 35.15 49.47
CA VAL B 492 9.87 35.58 50.04
C VAL B 492 9.76 35.94 51.52
N GLY B 493 8.80 36.77 51.90
CA GLY B 493 8.58 37.06 53.31
C GLY B 493 9.10 38.39 53.80
N ASP B 494 8.84 39.48 53.09
CA ASP B 494 9.01 40.81 53.67
C ASP B 494 7.77 41.17 54.46
N LEU B 495 7.97 41.96 55.52
CA LEU B 495 6.94 42.12 56.54
C LEU B 495 6.03 43.31 56.28
N ALA B 496 6.59 44.52 56.24
CA ALA B 496 5.78 45.70 55.96
C ALA B 496 5.35 45.77 54.51
N ARG B 497 6.02 45.03 53.63
CA ARG B 497 5.68 44.99 52.21
C ARG B 497 4.30 44.37 51.99
N MET B 498 3.96 43.37 52.83
CA MET B 498 2.66 42.70 52.75
C MET B 498 1.50 43.67 52.97
N SER B 499 1.43 44.26 54.17
CA SER B 499 0.37 45.19 54.51
C SER B 499 0.43 46.46 53.66
N GLU B 500 1.64 46.90 53.32
CA GLU B 500 1.80 48.08 52.45
C GLU B 500 1.20 47.84 51.07
N LEU B 501 1.63 46.78 50.38
CA LEU B 501 1.12 46.46 49.04
C LEU B 501 -0.37 46.21 49.06
N GLN B 502 -0.86 45.44 50.05
CA GLN B 502 -2.28 45.15 50.14
C GLN B 502 -3.10 46.43 50.36
N TYR B 503 -2.94 47.04 51.54
CA TYR B 503 -3.87 48.08 51.98
C TYR B 503 -3.65 49.40 51.23
N GLY B 504 -2.45 49.63 50.70
CA GLY B 504 -2.30 50.73 49.79
C GLY B 504 -2.73 50.38 48.38
N LYS B 505 -2.03 49.43 47.74
CA LYS B 505 -2.06 49.29 46.30
C LYS B 505 -3.38 48.74 45.79
N ILE B 506 -4.02 47.81 46.51
CA ILE B 506 -5.23 47.19 45.96
C ILE B 506 -6.45 48.13 45.94
N PRO B 507 -6.88 48.74 47.07
CA PRO B 507 -8.15 49.49 46.98
C PRO B 507 -8.09 50.79 46.19
N GLU B 508 -6.99 51.54 46.25
CA GLU B 508 -6.95 52.82 45.53
C GLU B 508 -6.83 52.60 44.03
N LEU B 509 -6.04 51.60 43.61
CA LEU B 509 -5.89 51.33 42.18
C LEU B 509 -7.14 50.69 41.62
N GLU B 510 -7.83 49.86 42.42
CA GLU B 510 -9.09 49.30 41.96
C GLU B 510 -10.19 50.37 41.87
N LYS B 511 -10.23 51.32 42.80
CA LYS B 511 -11.28 52.33 42.71
C LYS B 511 -11.01 53.35 41.60
N GLN B 512 -9.74 53.66 41.31
CA GLN B 512 -9.52 54.53 40.17
C GLN B 512 -9.54 53.78 38.85
N LEU B 513 -9.35 52.46 38.86
CA LEU B 513 -9.61 51.65 37.68
C LEU B 513 -11.09 51.62 37.37
N GLU B 514 -11.93 51.54 38.41
CA GLU B 514 -13.37 51.65 38.21
C GLU B 514 -13.80 53.06 37.82
N ALA B 515 -13.09 54.08 38.30
CA ALA B 515 -13.36 55.46 37.84
C ALA B 515 -13.05 55.62 36.37
N ALA B 516 -11.92 55.07 35.90
CA ALA B 516 -11.61 55.07 34.48
C ALA B 516 -12.59 54.21 33.68
N THR B 517 -13.10 53.13 34.27
CA THR B 517 -14.07 52.28 33.60
C THR B 517 -15.40 53.00 33.38
N GLN B 518 -15.89 53.70 34.40
CA GLN B 518 -17.12 54.46 34.21
C GLN B 518 -16.89 55.71 33.37
N LEU B 519 -15.65 56.24 33.34
CA LEU B 519 -15.31 57.30 32.40
C LEU B 519 -15.39 56.81 30.96
N GLU B 520 -14.92 55.58 30.70
CA GLU B 520 -15.04 55.01 29.36
C GLU B 520 -16.47 54.64 29.04
N GLY B 521 -17.27 54.31 30.06
CA GLY B 521 -18.70 54.14 29.86
C GLY B 521 -19.38 55.44 29.48
N LYS B 522 -18.83 56.56 29.97
CA LYS B 522 -19.33 57.87 29.56
C LYS B 522 -18.92 58.22 28.13
N THR B 523 -17.62 58.16 27.82
CA THR B 523 -17.12 58.89 26.66
C THR B 523 -17.18 58.11 25.36
N MET B 524 -17.21 56.78 25.40
CA MET B 524 -17.12 56.00 24.17
C MET B 524 -18.47 56.00 23.45
N ARG B 525 -18.53 56.71 22.33
CA ARG B 525 -19.79 57.06 21.69
C ARG B 525 -19.92 56.55 20.26
N LEU B 526 -18.87 56.74 19.46
CA LEU B 526 -18.95 56.55 18.01
C LEU B 526 -19.11 55.08 17.61
N LEU B 527 -18.68 52.49 19.42
CA LEU B 527 -17.43 52.24 20.12
C LEU B 527 -17.63 51.45 21.39
N ARG B 528 -16.81 50.41 21.57
CA ARG B 528 -16.84 49.59 22.76
C ARG B 528 -15.42 49.28 23.18
N ASN B 529 -15.30 48.78 24.40
CA ASN B 529 -14.14 48.00 24.79
C ASN B 529 -14.57 46.78 25.61
N LYS B 530 -15.85 46.47 25.63
CA LYS B 530 -16.38 45.42 26.49
C LYS B 530 -16.87 44.27 25.62
N VAL B 531 -16.22 43.12 25.74
CA VAL B 531 -16.73 41.89 25.15
C VAL B 531 -18.02 41.54 25.86
N THR B 532 -19.10 41.44 25.12
CA THR B 532 -20.35 40.98 25.68
C THR B 532 -20.77 39.71 24.95
N ASP B 533 -21.96 39.23 25.26
CA ASP B 533 -22.49 38.07 24.57
C ASP B 533 -22.80 38.35 23.11
N ALA B 534 -23.01 39.61 22.75
CA ALA B 534 -23.27 39.92 21.34
C ALA B 534 -22.01 39.81 20.51
N GLU B 535 -20.86 40.17 21.07
CA GLU B 535 -19.62 40.03 20.32
C GLU B 535 -19.23 38.56 20.20
N ILE B 536 -19.54 37.76 21.22
CA ILE B 536 -19.39 36.31 21.12
C ILE B 536 -20.33 35.75 20.08
N ALA B 537 -21.53 36.30 19.98
CA ALA B 537 -22.45 35.90 18.93
C ALA B 537 -21.91 36.24 17.56
N GLU B 538 -21.25 37.39 17.42
CA GLU B 538 -20.69 37.75 16.13
C GLU B 538 -19.54 36.83 15.74
N VAL B 539 -18.67 36.50 16.70
CA VAL B 539 -17.56 35.62 16.37
C VAL B 539 -18.04 34.21 16.09
N LEU B 540 -19.04 33.75 16.82
CA LEU B 540 -19.52 32.40 16.56
C LEU B 540 -20.33 32.37 15.27
N ALA B 541 -20.96 33.47 14.89
CA ALA B 541 -21.66 33.49 13.63
C ALA B 541 -20.69 33.53 12.47
N ARG B 542 -19.54 34.16 12.65
CA ARG B 542 -18.57 34.14 11.58
C ARG B 542 -17.86 32.79 11.49
N TRP B 543 -17.70 32.11 12.63
CA TRP B 543 -16.88 30.91 12.70
C TRP B 543 -17.55 29.73 12.01
N THR B 544 -18.82 29.49 12.29
CA THR B 544 -19.48 28.23 11.99
C THR B 544 -20.53 28.30 10.91
N GLY B 545 -21.33 29.36 10.87
CA GLY B 545 -22.44 29.45 9.94
C GLY B 545 -23.79 29.49 10.61
N ILE B 546 -23.88 29.14 11.89
CA ILE B 546 -25.16 29.12 12.56
C ILE B 546 -25.58 30.55 12.89
N PRO B 547 -26.83 30.93 12.66
CA PRO B 547 -27.35 32.18 13.20
C PRO B 547 -27.46 32.17 14.72
N VAL B 548 -26.31 32.31 15.38
CA VAL B 548 -26.26 32.49 16.83
C VAL B 548 -26.57 33.94 17.17
N SER B 549 -26.56 34.79 16.15
CA SER B 549 -26.64 36.23 16.26
C SER B 549 -27.92 36.67 16.96
N ARG B 550 -27.87 37.84 17.57
CA ARG B 550 -29.08 38.46 18.05
C ARG B 550 -29.95 38.85 16.85
N MET B 551 -31.24 38.94 17.09
CA MET B 551 -32.13 39.32 16.00
C MET B 551 -32.06 40.83 15.84
N MET B 552 -31.15 41.26 14.97
CA MET B 552 -31.13 42.64 14.53
C MET B 552 -32.43 42.99 13.84
N GLU B 553 -32.80 44.28 13.95
CA GLU B 553 -34.16 44.71 13.66
C GLU B 553 -34.51 44.54 12.19
N SER B 554 -33.51 44.68 11.31
CA SER B 554 -33.70 44.35 9.91
C SER B 554 -34.03 42.88 9.74
N GLU B 555 -33.36 42.01 10.49
CA GLU B 555 -33.64 40.58 10.36
C GLU B 555 -34.98 40.22 10.99
N ARG B 556 -35.40 40.93 12.03
CA ARG B 556 -36.64 40.57 12.69
C ARG B 556 -37.85 41.00 11.85
N GLU B 557 -37.79 42.23 11.33
CA GLU B 557 -38.77 42.65 10.35
C GLU B 557 -38.69 41.82 9.08
N LYS B 558 -37.48 41.36 8.73
CA LYS B 558 -37.29 40.45 7.61
C LYS B 558 -37.90 39.09 7.89
N LEU B 559 -38.08 38.73 9.15
CA LEU B 559 -38.66 37.45 9.50
C LEU B 559 -40.20 37.47 9.49
N LEU B 560 -40.79 38.55 9.98
CA LEU B 560 -42.22 38.70 9.78
C LEU B 560 -42.54 38.91 8.29
N ARG B 561 -41.68 39.66 7.62
CA ARG B 561 -41.76 39.64 6.17
C ARG B 561 -41.31 38.33 5.56
N MET B 562 -40.68 37.41 6.29
CA MET B 562 -40.37 36.10 5.72
C MET B 562 -41.61 35.25 5.62
N GLU B 563 -42.50 35.38 6.61
CA GLU B 563 -43.88 34.94 6.44
C GLU B 563 -44.45 35.52 5.15
N GLN B 564 -44.32 36.84 4.99
CA GLN B 564 -44.80 37.49 3.76
C GLN B 564 -44.06 37.04 2.50
N GLU B 565 -42.76 36.73 2.59
CA GLU B 565 -41.95 36.40 1.43
C GLU B 565 -42.24 35.00 0.95
N LEU B 566 -42.50 34.08 1.87
CA LEU B 566 -43.00 32.79 1.45
C LEU B 566 -44.37 32.93 0.83
N HIS B 567 -45.16 33.92 1.25
CA HIS B 567 -46.35 34.19 0.45
C HIS B 567 -46.01 34.77 -0.92
N HIS B 568 -44.88 35.50 -1.04
CA HIS B 568 -44.51 36.08 -2.33
C HIS B 568 -44.12 35.02 -3.34
N ARG B 569 -43.06 34.27 -3.07
CA ARG B 569 -42.64 33.29 -4.07
C ARG B 569 -43.45 32.03 -4.06
N VAL B 570 -44.30 31.82 -3.08
CA VAL B 570 -45.26 30.73 -3.13
C VAL B 570 -46.64 31.33 -2.91
N ILE B 571 -47.36 31.52 -3.98
CA ILE B 571 -48.80 31.66 -3.86
C ILE B 571 -49.38 30.27 -3.63
N GLY B 572 -50.45 30.24 -2.84
CA GLY B 572 -51.06 29.00 -2.42
C GLY B 572 -50.42 28.46 -1.16
N GLN B 573 -51.11 27.47 -0.58
CA GLN B 573 -50.57 26.56 0.43
C GLN B 573 -50.15 27.29 1.71
N ASN B 574 -51.11 27.97 2.33
CA ASN B 574 -50.80 28.78 3.52
C ASN B 574 -50.47 27.92 4.73
N GLU B 575 -50.91 26.65 4.71
CA GLU B 575 -50.67 25.71 5.80
C GLU B 575 -49.19 25.55 6.08
N ALA B 576 -48.45 25.04 5.10
CA ALA B 576 -47.05 24.76 5.34
C ALA B 576 -46.20 26.01 5.37
N VAL B 577 -46.66 27.09 4.73
CA VAL B 577 -45.97 28.37 4.88
C VAL B 577 -45.96 28.79 6.33
N ASP B 578 -47.13 28.71 6.99
CA ASP B 578 -47.21 29.00 8.41
C ASP B 578 -46.40 28.01 9.23
N ALA B 579 -46.39 26.73 8.82
CA ALA B 579 -45.68 25.70 9.57
C ALA B 579 -44.16 25.94 9.54
N VAL B 580 -43.61 26.17 8.36
CA VAL B 580 -42.16 26.30 8.25
C VAL B 580 -41.71 27.64 8.80
N SER B 581 -42.53 28.69 8.67
CA SER B 581 -42.20 29.94 9.31
C SER B 581 -42.23 29.82 10.83
N ASN B 582 -43.17 29.03 11.37
CA ASN B 582 -43.16 28.73 12.79
C ASN B 582 -41.88 28.03 13.20
N ALA B 583 -41.41 27.11 12.38
CA ALA B 583 -40.23 26.34 12.75
C ALA B 583 -38.98 27.21 12.78
N ILE B 584 -38.79 28.05 11.78
CA ILE B 584 -37.57 28.84 11.81
C ILE B 584 -37.70 30.03 12.77
N ARG B 585 -38.92 30.44 13.12
CA ARG B 585 -39.02 31.36 14.24
C ARG B 585 -38.65 30.69 15.55
N ARG B 586 -38.96 29.40 15.71
CA ARG B 586 -38.54 28.72 16.93
C ARG B 586 -37.03 28.53 16.97
N SER B 587 -36.40 28.36 15.81
CA SER B 587 -34.95 28.29 15.81
C SER B 587 -34.32 29.64 16.15
N ARG B 588 -34.77 30.70 15.49
CA ARG B 588 -34.14 32.00 15.71
C ARG B 588 -34.46 32.57 17.07
N ALA B 589 -35.61 32.25 17.64
CA ALA B 589 -35.96 32.77 18.94
C ALA B 589 -35.08 32.18 20.03
N GLY B 590 -34.61 30.96 19.84
CA GLY B 590 -33.82 30.30 20.86
C GLY B 590 -34.71 29.52 21.79
N LEU B 591 -35.60 28.70 21.22
CA LEU B 591 -36.43 27.79 21.99
C LEU B 591 -36.42 26.38 21.42
N ALA B 592 -35.54 26.10 20.46
CA ALA B 592 -35.62 24.84 19.74
C ALA B 592 -35.13 23.70 20.62
N ASP B 593 -35.71 22.54 20.41
CA ASP B 593 -35.44 21.37 21.22
C ASP B 593 -34.02 20.92 20.93
N PRO B 594 -33.08 21.02 21.87
CA PRO B 594 -31.67 20.94 21.53
C PRO B 594 -31.15 19.54 21.25
N ASN B 595 -32.02 18.55 21.11
CA ASN B 595 -31.58 17.20 20.81
C ASN B 595 -32.27 16.65 19.58
N ARG B 596 -32.88 17.53 18.79
CA ARG B 596 -33.53 17.19 17.54
C ARG B 596 -33.05 18.19 16.53
N PRO B 597 -33.28 17.95 15.24
CA PRO B 597 -33.09 19.02 14.27
C PRO B 597 -34.18 20.07 14.42
N ILE B 598 -34.02 21.18 13.69
CA ILE B 598 -34.89 22.35 13.85
C ILE B 598 -36.33 21.98 13.55
N GLY B 599 -36.54 21.34 12.43
CA GLY B 599 -37.84 20.76 12.19
C GLY B 599 -37.64 19.38 11.64
N SER B 600 -38.72 18.79 11.17
CA SER B 600 -38.69 17.57 10.36
C SER B 600 -40.04 17.49 9.71
N PHE B 601 -40.13 17.57 8.40
CA PHE B 601 -41.44 17.78 7.81
C PHE B 601 -41.79 16.65 6.85
N LEU B 602 -43.04 16.63 6.40
CA LEU B 602 -43.41 15.63 5.43
C LEU B 602 -44.41 16.27 4.48
N PHE B 603 -43.92 16.81 3.39
CA PHE B 603 -44.77 17.57 2.49
C PHE B 603 -45.49 16.59 1.57
N LEU B 604 -46.79 16.49 1.69
CA LEU B 604 -47.56 15.58 0.86
C LEU B 604 -48.25 16.35 -0.25
N GLY B 605 -49.08 15.67 -1.04
CA GLY B 605 -49.92 16.31 -2.02
C GLY B 605 -49.71 15.82 -3.43
N PRO B 606 -50.57 16.21 -4.37
CA PRO B 606 -50.31 15.91 -5.77
C PRO B 606 -49.16 16.74 -6.32
N THR B 607 -48.64 16.32 -7.46
CA THR B 607 -47.37 16.81 -7.95
C THR B 607 -47.45 18.23 -8.46
N GLY B 608 -46.35 18.96 -8.30
CA GLY B 608 -46.23 20.28 -8.86
C GLY B 608 -47.13 21.33 -8.25
N VAL B 609 -47.56 21.16 -7.00
CA VAL B 609 -48.33 22.19 -6.34
C VAL B 609 -47.42 23.13 -5.56
N GLY B 610 -46.11 22.95 -5.65
CA GLY B 610 -45.17 23.86 -5.01
C GLY B 610 -44.34 23.25 -3.90
N LYS B 611 -44.21 21.92 -3.90
CA LYS B 611 -43.48 21.23 -2.85
C LYS B 611 -42.01 21.60 -2.88
N THR B 612 -41.40 21.46 -4.04
CA THR B 612 -39.98 21.73 -4.17
C THR B 612 -39.70 23.21 -4.10
N GLU B 613 -40.61 24.04 -4.62
CA GLU B 613 -40.36 25.47 -4.57
C GLU B 613 -40.63 26.08 -3.22
N LEU B 614 -41.35 25.40 -2.33
CA LEU B 614 -41.37 25.86 -0.94
C LEU B 614 -39.99 25.71 -0.31
N CYS B 615 -39.32 24.61 -0.60
CA CYS B 615 -38.01 24.38 -0.02
C CYS B 615 -36.95 25.26 -0.65
N LYS B 616 -37.06 25.48 -1.96
CA LYS B 616 -36.17 26.42 -2.61
C LYS B 616 -36.49 27.85 -2.17
N ALA B 617 -37.74 28.11 -1.78
CA ALA B 617 -38.08 29.40 -1.22
C ALA B 617 -37.43 29.58 0.14
N LEU B 618 -37.35 28.50 0.92
CA LEU B 618 -36.58 28.53 2.16
C LEU B 618 -35.13 28.86 1.91
N ALA B 619 -34.51 28.17 0.95
CA ALA B 619 -33.10 28.37 0.72
C ALA B 619 -32.82 29.77 0.19
N ASN B 620 -33.74 30.34 -0.59
CA ASN B 620 -33.56 31.71 -1.05
C ASN B 620 -33.89 32.71 0.05
N PHE B 621 -34.65 32.32 1.07
CA PHE B 621 -34.73 33.23 2.21
C PHE B 621 -33.47 33.14 3.07
N MET B 622 -33.06 31.93 3.38
CA MET B 622 -32.10 31.70 4.45
C MET B 622 -30.68 31.99 4.01
N PHE B 623 -30.28 31.53 2.83
CA PHE B 623 -28.93 31.71 2.32
C PHE B 623 -28.90 32.54 1.07
N ASP B 624 -30.05 33.10 0.69
CA ASP B 624 -30.21 33.98 -0.46
C ASP B 624 -29.78 33.33 -1.76
N SER B 625 -30.01 32.03 -1.89
CA SER B 625 -29.62 31.34 -3.12
C SER B 625 -30.50 30.10 -3.30
N ASP B 626 -30.71 29.75 -4.56
CA ASP B 626 -31.68 28.71 -4.89
C ASP B 626 -31.17 27.34 -4.52
N GLU B 627 -30.03 26.94 -5.08
CA GLU B 627 -29.40 25.67 -4.69
C GLU B 627 -28.38 25.88 -3.58
N ALA B 628 -28.75 26.62 -2.54
CA ALA B 628 -27.93 26.70 -1.35
C ALA B 628 -28.58 25.78 -0.33
N MET B 629 -28.42 24.49 -0.56
CA MET B 629 -29.13 23.48 0.20
C MET B 629 -28.43 22.16 -0.06
N VAL B 630 -28.96 21.07 0.47
CA VAL B 630 -28.46 19.74 0.16
C VAL B 630 -29.67 18.96 -0.31
N ARG B 631 -29.64 18.45 -1.51
CA ARG B 631 -30.78 17.75 -2.07
C ARG B 631 -30.43 16.29 -2.31
N ILE B 632 -31.02 15.42 -1.50
CA ILE B 632 -30.85 13.99 -1.67
C ILE B 632 -32.01 13.53 -2.54
N ASP B 633 -31.75 13.40 -3.83
CA ASP B 633 -32.82 13.02 -4.76
C ASP B 633 -33.15 11.56 -4.52
N MET B 634 -34.17 11.32 -3.71
CA MET B 634 -34.44 9.98 -3.20
C MET B 634 -35.07 9.04 -4.20
N SER B 635 -35.07 9.32 -5.49
CA SER B 635 -35.50 8.28 -6.41
C SER B 635 -34.33 7.45 -6.90
N GLU B 636 -33.12 7.77 -6.47
CA GLU B 636 -31.99 6.90 -6.72
C GLU B 636 -31.82 5.83 -5.67
N PHE B 637 -32.48 5.96 -4.52
CA PHE B 637 -32.16 5.09 -3.39
C PHE B 637 -33.10 3.92 -3.32
N MET B 638 -33.48 3.34 -4.45
CA MET B 638 -34.49 2.31 -4.48
C MET B 638 -34.00 0.96 -3.98
N GLU B 639 -32.74 0.83 -3.56
CA GLU B 639 -32.23 -0.36 -2.88
C GLU B 639 -31.28 0.05 -1.77
N LYS B 640 -31.03 -0.88 -0.86
CA LYS B 640 -30.36 -0.59 0.42
C LYS B 640 -28.88 -0.32 0.26
N HIS B 641 -28.26 -0.79 -0.82
CA HIS B 641 -26.89 -0.38 -1.02
C HIS B 641 -26.77 1.12 -1.31
N SER B 642 -27.82 1.78 -1.73
CA SER B 642 -27.75 3.22 -1.78
C SER B 642 -27.91 3.88 -0.40
N VAL B 643 -28.43 3.17 0.59
CA VAL B 643 -28.26 3.66 1.96
C VAL B 643 -26.79 3.70 2.29
N SER B 644 -26.07 2.66 1.86
CA SER B 644 -24.62 2.70 2.04
C SER B 644 -23.95 3.79 1.20
N ARG B 645 -24.61 4.25 0.14
CA ARG B 645 -24.14 5.46 -0.53
C ARG B 645 -24.21 6.65 0.41
N LEU B 646 -25.38 6.88 1.01
CA LEU B 646 -25.53 8.19 1.67
C LEU B 646 -24.73 8.25 2.96
N VAL B 647 -24.56 7.14 3.68
CA VAL B 647 -23.82 7.24 4.94
C VAL B 647 -22.32 7.09 4.76
N GLY B 648 -21.87 6.51 3.67
CA GLY B 648 -20.45 6.22 3.58
C GLY B 648 -20.16 4.76 3.82
N ALA B 649 -19.26 4.25 3.03
CA ALA B 649 -18.92 2.84 2.95
C ALA B 649 -18.01 2.45 4.12
N PRO B 650 -18.13 1.22 4.61
CA PRO B 650 -17.50 0.86 5.89
C PRO B 650 -16.02 0.72 5.76
N PRO B 651 -15.29 0.51 6.85
CA PRO B 651 -13.86 0.25 6.73
C PRO B 651 -13.57 -1.08 6.10
N GLY B 652 -12.48 -1.13 5.35
CA GLY B 652 -12.17 -2.31 4.60
C GLY B 652 -12.99 -2.49 3.35
N TYR B 653 -13.56 -1.41 2.82
CA TYR B 653 -14.28 -1.48 1.55
C TYR B 653 -13.89 -0.33 0.66
N VAL B 654 -14.58 -0.16 -0.47
CA VAL B 654 -14.05 0.66 -1.56
C VAL B 654 -14.20 2.13 -1.24
N GLY B 655 -15.39 2.54 -0.86
CA GLY B 655 -15.64 3.95 -0.72
C GLY B 655 -15.36 4.43 0.67
N TYR B 656 -14.34 3.85 1.29
CA TYR B 656 -14.02 4.23 2.64
C TYR B 656 -13.35 5.58 2.69
N GLU B 657 -12.40 5.83 1.82
CA GLU B 657 -11.58 7.03 1.93
C GLU B 657 -12.25 8.28 1.42
N GLU B 658 -13.57 8.34 1.35
CA GLU B 658 -14.25 9.54 0.92
C GLU B 658 -15.38 9.98 1.81
N GLY B 659 -15.84 9.15 2.72
CA GLY B 659 -17.04 9.46 3.47
C GLY B 659 -18.27 9.27 2.61
N GLY B 660 -19.40 9.68 3.15
CA GLY B 660 -20.65 9.62 2.42
C GLY B 660 -20.81 10.80 1.48
N TYR B 661 -22.05 11.16 1.26
CA TYR B 661 -22.34 12.47 0.72
C TYR B 661 -23.03 13.35 1.73
N LEU B 662 -23.97 12.77 2.47
CA LEU B 662 -24.77 13.52 3.43
C LEU B 662 -23.91 14.04 4.57
N THR B 663 -23.17 13.14 5.22
CA THR B 663 -22.39 13.54 6.38
C THR B 663 -21.24 14.44 5.99
N GLU B 664 -20.69 14.26 4.80
CA GLU B 664 -19.67 15.19 4.31
C GLU B 664 -20.26 16.57 4.08
N ALA B 665 -21.47 16.61 3.51
CA ALA B 665 -22.15 17.87 3.25
C ALA B 665 -22.40 18.62 4.54
N VAL B 666 -22.94 17.93 5.54
CA VAL B 666 -23.33 18.64 6.73
C VAL B 666 -22.15 18.88 7.64
N ARG B 667 -21.08 18.10 7.54
CA ARG B 667 -19.92 18.42 8.33
C ARG B 667 -19.21 19.64 7.77
N ARG B 668 -19.39 19.94 6.48
CA ARG B 668 -18.97 21.25 5.99
C ARG B 668 -19.88 22.35 6.51
N ARG B 669 -21.16 22.31 6.11
CA ARG B 669 -22.16 23.30 6.48
C ARG B 669 -22.99 22.75 7.61
N PRO B 670 -22.79 23.17 8.86
CA PRO B 670 -23.58 22.59 9.94
C PRO B 670 -25.01 23.04 9.91
N TYR B 671 -25.27 24.20 9.34
CA TYR B 671 -26.59 24.81 9.30
C TYR B 671 -27.07 24.77 7.87
N SER B 672 -28.01 23.89 7.56
CA SER B 672 -28.45 23.76 6.19
C SER B 672 -29.90 23.28 6.16
N VAL B 673 -30.40 23.04 4.95
CA VAL B 673 -31.77 22.59 4.72
C VAL B 673 -31.68 21.32 3.90
N ILE B 674 -31.71 20.18 4.55
CA ILE B 674 -31.51 18.92 3.89
C ILE B 674 -32.84 18.50 3.27
N LEU B 675 -32.87 18.34 1.96
CA LEU B 675 -34.10 18.07 1.23
C LEU B 675 -34.08 16.67 0.66
N LEU B 676 -35.13 15.90 0.89
CA LEU B 676 -35.23 14.54 0.37
C LEU B 676 -36.48 14.40 -0.48
N ASP B 677 -36.38 14.78 -1.74
CA ASP B 677 -37.54 14.76 -2.59
C ASP B 677 -37.84 13.35 -3.06
N ALA B 678 -39.14 13.06 -3.24
CA ALA B 678 -39.68 11.77 -3.70
C ALA B 678 -39.28 10.65 -2.75
N VAL B 679 -39.87 10.75 -1.55
CA VAL B 679 -39.52 9.88 -0.43
C VAL B 679 -40.30 8.58 -0.43
N GLU B 680 -40.93 8.21 -1.53
CA GLU B 680 -41.59 6.91 -1.61
C GLU B 680 -41.37 6.19 -2.92
N LYS B 681 -40.61 6.77 -3.84
CA LYS B 681 -40.01 5.95 -4.88
C LYS B 681 -38.94 5.05 -4.29
N ALA B 682 -38.32 5.49 -3.20
CA ALA B 682 -37.28 4.73 -2.54
C ALA B 682 -37.86 3.48 -1.88
N HIS B 683 -36.95 2.60 -1.47
CA HIS B 683 -37.33 1.37 -0.82
C HIS B 683 -37.86 1.72 0.57
N PRO B 684 -38.79 0.93 1.11
CA PRO B 684 -39.36 1.29 2.43
C PRO B 684 -38.37 1.25 3.58
N ASP B 685 -37.33 0.44 3.51
CA ASP B 685 -36.31 0.45 4.56
C ASP B 685 -35.07 1.25 4.12
N VAL B 686 -35.25 2.54 3.91
CA VAL B 686 -34.12 3.44 3.71
C VAL B 686 -33.97 4.41 4.87
N PHE B 687 -35.08 4.89 5.42
CA PHE B 687 -35.08 6.04 6.30
C PHE B 687 -34.73 5.71 7.72
N ASN B 688 -34.19 4.53 7.97
CA ASN B 688 -33.77 4.19 9.30
C ASN B 688 -32.54 5.02 9.68
N ILE B 689 -31.77 5.40 8.67
CA ILE B 689 -30.80 6.47 8.82
C ILE B 689 -31.47 7.74 9.31
N LEU B 690 -32.64 8.06 8.75
CA LEU B 690 -33.30 9.24 9.26
C LEU B 690 -34.05 8.99 10.57
N LEU B 691 -34.31 7.74 10.95
CA LEU B 691 -34.71 7.49 12.34
C LEU B 691 -33.68 8.04 13.30
N GLN B 692 -32.41 7.71 13.05
CA GLN B 692 -31.37 8.20 13.93
C GLN B 692 -31.23 9.72 13.82
N VAL B 693 -31.33 10.25 12.60
CA VAL B 693 -31.21 11.69 12.34
C VAL B 693 -32.26 12.47 13.09
N LEU B 694 -33.54 12.14 12.89
CA LEU B 694 -34.60 12.91 13.51
C LEU B 694 -34.66 12.67 14.99
N ASP B 695 -34.17 11.53 15.46
CA ASP B 695 -34.29 11.24 16.88
C ASP B 695 -33.28 12.05 17.66
N ASP B 696 -32.02 12.03 17.25
CA ASP B 696 -31.02 12.65 18.10
C ASP B 696 -30.10 13.62 17.39
N GLY B 697 -30.19 13.74 16.08
CA GLY B 697 -29.34 14.68 15.41
C GLY B 697 -27.92 14.20 15.26
N ARG B 698 -27.67 12.94 15.47
CA ARG B 698 -26.35 12.39 15.25
C ARG B 698 -26.46 11.33 14.18
N LEU B 699 -25.46 11.28 13.31
CA LEU B 699 -25.37 10.27 12.29
C LEU B 699 -23.95 9.81 12.20
N THR B 700 -23.72 8.51 12.17
CA THR B 700 -22.38 7.96 12.15
C THR B 700 -22.02 7.57 10.73
N ASP B 701 -20.97 8.17 10.20
CA ASP B 701 -20.55 7.83 8.85
C ASP B 701 -19.60 6.64 8.89
N GLY B 702 -18.88 6.40 7.80
CA GLY B 702 -18.07 5.20 7.70
C GLY B 702 -16.85 5.27 8.58
N GLN B 703 -16.14 6.38 8.53
CA GLN B 703 -14.90 6.54 9.27
C GLN B 703 -15.09 6.64 10.77
N GLY B 704 -16.33 6.72 11.24
CA GLY B 704 -16.56 6.83 12.66
C GLY B 704 -16.35 8.24 13.12
N ARG B 705 -17.18 9.16 12.66
CA ARG B 705 -17.28 10.47 13.28
C ARG B 705 -18.74 10.91 13.22
N THR B 706 -19.32 11.17 14.37
CA THR B 706 -20.73 11.49 14.43
C THR B 706 -20.88 12.93 13.98
N VAL B 707 -21.71 13.16 12.99
CA VAL B 707 -21.87 14.49 12.43
C VAL B 707 -23.13 15.10 13.00
N ASP B 708 -23.03 16.34 13.43
CA ASP B 708 -24.03 17.00 14.25
C ASP B 708 -25.18 17.50 13.38
N PHE B 709 -26.34 16.89 13.50
CA PHE B 709 -27.52 17.41 12.80
C PHE B 709 -28.44 18.12 13.76
N ARG B 710 -27.91 18.91 14.68
CA ARG B 710 -28.75 19.69 15.57
C ARG B 710 -29.08 21.06 15.04
N ASN B 711 -28.78 21.33 13.77
CA ASN B 711 -29.04 22.66 13.24
C ASN B 711 -29.66 22.63 11.85
N THR B 712 -30.14 21.49 11.38
CA THR B 712 -30.65 21.40 10.03
C THR B 712 -32.14 21.19 10.05
N VAL B 713 -32.72 21.10 8.86
CA VAL B 713 -34.15 20.92 8.68
C VAL B 713 -34.33 19.80 7.67
N VAL B 714 -34.86 18.67 8.11
CA VAL B 714 -35.03 17.52 7.25
C VAL B 714 -36.42 17.55 6.66
N ILE B 715 -36.51 17.72 5.35
CA ILE B 715 -37.79 17.89 4.66
C ILE B 715 -37.95 16.78 3.65
N MET B 716 -39.03 16.04 3.75
CA MET B 716 -39.27 14.90 2.90
C MET B 716 -40.56 15.13 2.15
N THR B 717 -40.49 15.28 0.83
CA THR B 717 -41.60 15.74 0.02
C THR B 717 -42.14 14.60 -0.81
N SER B 718 -43.34 14.15 -0.50
CA SER B 718 -43.93 12.98 -1.12
C SER B 718 -45.03 13.35 -2.09
N ASN B 719 -45.51 12.33 -2.80
CA ASN B 719 -46.78 12.42 -3.51
C ASN B 719 -47.57 11.14 -3.31
N LEU B 720 -47.53 10.60 -2.09
CA LEU B 720 -48.36 9.45 -1.75
C LEU B 720 -49.84 9.82 -1.76
N GLY B 721 -50.21 10.88 -1.06
CA GLY B 721 -51.61 11.17 -0.89
C GLY B 721 -52.28 11.88 -2.04
N SER B 722 -51.75 11.75 -3.26
CA SER B 722 -52.23 12.52 -4.40
C SER B 722 -53.65 12.15 -4.76
N ASP B 723 -53.97 10.86 -4.74
CA ASP B 723 -55.29 10.40 -5.16
C ASP B 723 -56.36 10.81 -4.18
N LEU B 724 -56.09 10.63 -2.89
CA LEU B 724 -57.10 10.93 -1.87
C LEU B 724 -57.34 12.42 -1.74
N ILE B 725 -56.29 13.22 -1.88
CA ILE B 725 -56.45 14.67 -1.82
C ILE B 725 -57.17 15.18 -3.06
N GLN B 726 -56.80 14.67 -4.25
CA GLN B 726 -57.51 15.06 -5.45
C GLN B 726 -58.96 14.59 -5.47
N GLU B 727 -59.29 13.54 -4.73
CA GLU B 727 -60.68 13.10 -4.72
C GLU B 727 -61.50 13.83 -3.67
N ARG B 728 -60.96 14.06 -2.47
CA ARG B 728 -61.81 14.46 -1.36
C ARG B 728 -61.39 15.75 -0.68
N PHE B 729 -60.62 16.63 -1.34
CA PHE B 729 -60.35 17.90 -0.68
C PHE B 729 -61.55 18.82 -0.74
N GLY B 730 -62.41 18.64 -1.73
CA GLY B 730 -63.74 19.21 -1.65
C GLY B 730 -64.52 18.61 -0.49
N GLU B 731 -65.41 19.42 0.06
CA GLU B 731 -66.33 19.13 1.19
C GLU B 731 -65.65 18.51 2.41
N LEU B 732 -64.36 18.68 2.60
CA LEU B 732 -63.68 18.20 3.80
C LEU B 732 -62.81 19.29 4.38
N ASP B 733 -62.71 19.30 5.71
CA ASP B 733 -61.90 20.27 6.42
C ASP B 733 -60.41 19.94 6.29
N TYR B 734 -59.58 20.71 6.97
CA TYR B 734 -58.16 20.41 6.93
C TYR B 734 -57.78 19.30 7.89
N ALA B 735 -58.45 19.24 9.04
CA ALA B 735 -58.00 18.35 10.11
C ALA B 735 -58.25 16.89 9.77
N HIS B 736 -59.46 16.57 9.29
CA HIS B 736 -59.74 15.19 8.95
C HIS B 736 -59.03 14.77 7.69
N MET B 737 -58.73 15.72 6.80
CA MET B 737 -57.89 15.44 5.64
C MET B 737 -56.50 15.01 6.07
N LYS B 738 -55.90 15.78 6.99
CA LYS B 738 -54.59 15.42 7.55
C LYS B 738 -54.64 14.07 8.24
N GLU B 739 -55.73 13.81 8.95
CA GLU B 739 -55.92 12.53 9.64
C GLU B 739 -55.94 11.37 8.65
N LEU B 740 -56.70 11.50 7.58
CA LEU B 740 -56.91 10.37 6.68
C LEU B 740 -55.68 10.13 5.81
N VAL B 741 -55.02 11.20 5.34
CA VAL B 741 -53.80 10.99 4.58
C VAL B 741 -52.68 10.51 5.50
N LEU B 742 -52.75 10.82 6.80
CA LEU B 742 -51.76 10.32 7.72
C LEU B 742 -51.97 8.84 7.98
N GLY B 743 -53.23 8.40 7.93
CA GLY B 743 -53.51 6.98 7.93
C GLY B 743 -52.94 6.27 6.71
N VAL B 744 -53.01 6.93 5.55
CA VAL B 744 -52.43 6.34 4.33
C VAL B 744 -50.91 6.22 4.46
N VAL B 745 -50.27 7.25 5.03
CA VAL B 745 -48.83 7.21 5.25
C VAL B 745 -48.46 6.10 6.23
N SER B 746 -49.30 5.90 7.25
CA SER B 746 -49.09 4.79 8.18
C SER B 746 -49.25 3.44 7.51
N HIS B 747 -50.11 3.35 6.48
CA HIS B 747 -50.12 2.15 5.66
C HIS B 747 -48.83 2.00 4.86
N ASN B 748 -48.19 3.11 4.50
CA ASN B 748 -46.95 2.96 3.75
C ASN B 748 -45.75 2.70 4.65
N PHE B 749 -45.68 3.34 5.81
CA PHE B 749 -44.47 3.28 6.61
C PHE B 749 -44.69 2.45 7.87
N ARG B 750 -43.66 2.36 8.65
CA ARG B 750 -43.73 1.79 9.98
C ARG B 750 -43.93 2.93 10.98
N PRO B 751 -44.63 2.70 12.10
CA PRO B 751 -44.91 3.80 13.03
C PRO B 751 -43.73 4.24 13.87
N GLU B 752 -42.55 3.67 13.68
CA GLU B 752 -41.35 4.26 14.26
C GLU B 752 -41.07 5.61 13.66
N PHE B 753 -41.11 5.68 12.34
CA PHE B 753 -40.51 6.81 11.67
C PHE B 753 -41.43 8.02 11.70
N ILE B 754 -42.73 7.82 11.51
CA ILE B 754 -43.64 8.96 11.44
C ILE B 754 -43.87 9.59 12.80
N ASN B 755 -43.42 8.94 13.86
CA ASN B 755 -43.47 9.53 15.18
C ASN B 755 -42.37 10.56 15.36
N ARG B 756 -41.31 10.46 14.57
CA ARG B 756 -40.21 11.41 14.65
C ARG B 756 -40.57 12.74 14.05
N ILE B 757 -41.57 12.76 13.18
CA ILE B 757 -41.81 13.91 12.31
C ILE B 757 -42.33 15.07 13.13
N ASP B 758 -41.75 16.24 12.91
CA ASP B 758 -42.17 17.42 13.67
C ASP B 758 -43.57 17.84 13.25
N GLU B 759 -43.83 17.92 11.95
CA GLU B 759 -45.19 18.12 11.50
C GLU B 759 -45.34 17.59 10.08
N VAL B 760 -46.39 16.81 9.86
CA VAL B 760 -46.83 16.47 8.51
C VAL B 760 -47.81 17.52 8.06
N VAL B 761 -47.58 18.08 6.87
CA VAL B 761 -48.52 19.02 6.30
C VAL B 761 -49.14 18.39 5.07
N VAL B 762 -50.18 19.03 4.55
CA VAL B 762 -50.97 18.53 3.45
C VAL B 762 -51.10 19.65 2.45
N PHE B 763 -50.70 19.40 1.21
CA PHE B 763 -50.88 20.40 0.17
C PHE B 763 -52.19 20.23 -0.55
N HIS B 764 -52.86 21.32 -0.76
CA HIS B 764 -54.14 21.27 -1.45
C HIS B 764 -53.93 21.47 -2.94
N PRO B 765 -54.82 20.92 -3.77
CA PRO B 765 -54.70 21.14 -5.22
C PRO B 765 -54.98 22.58 -5.56
N LEU B 766 -54.37 23.03 -6.65
CA LEU B 766 -54.39 24.45 -6.97
C LEU B 766 -55.74 24.91 -7.50
N GLY B 767 -56.08 26.16 -7.18
CA GLY B 767 -57.27 26.81 -7.68
C GLY B 767 -56.91 27.82 -8.76
N GLU B 768 -57.93 28.39 -9.40
CA GLU B 768 -57.73 29.09 -10.66
C GLU B 768 -57.07 30.43 -10.46
N GLN B 769 -57.49 31.19 -9.45
CA GLN B 769 -56.86 32.46 -9.16
C GLN B 769 -55.43 32.27 -8.67
N HIS B 770 -55.16 31.17 -7.99
CA HIS B 770 -53.79 30.82 -7.64
C HIS B 770 -52.97 30.57 -8.89
N ILE B 771 -53.58 29.95 -9.91
CA ILE B 771 -52.90 29.71 -11.17
C ILE B 771 -52.62 31.01 -11.90
N ALA B 772 -53.55 31.95 -11.83
CA ALA B 772 -53.31 33.28 -12.39
C ALA B 772 -52.16 33.99 -11.68
N SER B 773 -52.07 33.82 -10.37
CA SER B 773 -50.95 34.43 -9.65
C SER B 773 -49.64 33.72 -9.94
N ILE B 774 -49.68 32.41 -10.19
CA ILE B 774 -48.49 31.68 -10.65
C ILE B 774 -48.01 32.26 -11.96
N ALA B 775 -48.94 32.54 -12.87
CA ALA B 775 -48.59 33.16 -14.14
C ALA B 775 -47.99 34.53 -13.95
N GLN B 776 -48.52 35.28 -12.97
CA GLN B 776 -47.96 36.60 -12.68
C GLN B 776 -46.53 36.51 -12.15
N ILE B 777 -46.26 35.52 -11.29
CA ILE B 777 -44.92 35.36 -10.73
C ILE B 777 -43.93 34.95 -11.82
N GLN B 778 -44.36 34.04 -12.70
CA GLN B 778 -43.52 33.63 -13.82
C GLN B 778 -43.24 34.80 -14.76
N LEU B 779 -44.25 35.65 -14.98
CA LEU B 779 -44.02 36.82 -15.82
C LEU B 779 -43.12 37.85 -15.15
N LYS B 780 -43.17 37.94 -13.82
CA LYS B 780 -42.28 38.86 -13.12
C LYS B 780 -40.84 38.41 -13.22
N ARG B 781 -40.57 37.12 -13.05
CA ARG B 781 -39.18 36.69 -13.19
C ARG B 781 -38.74 36.66 -14.65
N LEU B 782 -39.69 36.50 -15.56
CA LEU B 782 -39.37 36.66 -16.97
C LEU B 782 -38.99 38.11 -17.29
N TYR B 783 -39.73 39.06 -16.70
CA TYR B 783 -39.39 40.48 -16.80
C TYR B 783 -38.01 40.77 -16.24
N LYS B 784 -37.68 40.16 -15.10
CA LYS B 784 -36.39 40.40 -14.47
C LYS B 784 -35.24 39.86 -15.32
N ARG B 785 -35.38 38.63 -15.82
CA ARG B 785 -34.33 38.06 -16.67
C ARG B 785 -34.19 38.78 -17.99
N LEU B 786 -35.30 39.29 -18.55
CA LEU B 786 -35.19 40.01 -19.82
C LEU B 786 -34.77 41.44 -19.65
N GLU B 787 -35.01 42.05 -18.49
CA GLU B 787 -34.42 43.34 -18.20
C GLU B 787 -32.93 43.22 -17.97
N GLU B 788 -32.50 42.10 -17.38
CA GLU B 788 -31.07 41.82 -17.34
C GLU B 788 -30.54 41.55 -18.75
N ARG B 789 -31.35 40.96 -19.61
CA ARG B 789 -31.01 40.90 -21.02
C ARG B 789 -31.08 42.29 -21.66
N GLY B 790 -31.85 43.20 -21.09
CA GLY B 790 -31.84 44.57 -21.56
C GLY B 790 -33.00 44.95 -22.47
N TYR B 791 -34.23 44.70 -22.03
CA TYR B 791 -35.40 45.05 -22.81
C TYR B 791 -36.49 45.60 -21.92
N GLU B 792 -37.45 46.27 -22.54
CA GLU B 792 -38.60 46.88 -21.87
C GLU B 792 -39.84 46.14 -22.33
N ILE B 793 -40.33 45.21 -21.52
CA ILE B 793 -41.39 44.30 -21.93
C ILE B 793 -42.56 44.44 -20.97
N HIS B 794 -43.73 44.74 -21.52
CA HIS B 794 -44.98 44.77 -20.78
C HIS B 794 -45.92 43.72 -21.38
N ILE B 795 -47.17 43.71 -20.91
CA ILE B 795 -48.14 42.74 -21.39
C ILE B 795 -49.54 43.36 -21.23
N SER B 796 -50.47 42.87 -22.03
CA SER B 796 -51.89 43.11 -21.81
C SER B 796 -52.45 42.02 -20.90
N ASP B 797 -53.42 42.41 -20.08
CA ASP B 797 -54.06 41.46 -19.19
C ASP B 797 -54.91 40.45 -19.93
N GLU B 798 -55.35 40.79 -21.15
CA GLU B 798 -56.09 39.84 -21.97
C GLU B 798 -55.20 38.67 -22.36
N ALA B 799 -53.92 38.95 -22.62
CA ALA B 799 -52.96 37.88 -22.89
C ALA B 799 -52.80 36.97 -21.69
N LEU B 800 -52.81 37.56 -20.48
CA LEU B 800 -52.76 36.78 -19.26
C LEU B 800 -54.01 35.94 -19.09
N LYS B 801 -55.16 36.47 -19.50
CA LYS B 801 -56.40 35.70 -19.44
C LYS B 801 -56.36 34.52 -20.41
N LEU B 802 -55.82 34.74 -21.61
CA LEU B 802 -55.66 33.64 -22.56
C LEU B 802 -54.61 32.63 -22.09
N LEU B 803 -53.62 33.07 -21.32
CA LEU B 803 -52.69 32.12 -20.72
C LEU B 803 -53.36 31.28 -19.65
N SER B 804 -54.20 31.92 -18.83
CA SER B 804 -54.89 31.18 -17.78
C SER B 804 -55.92 30.23 -18.37
N GLU B 805 -56.48 30.56 -19.53
CA GLU B 805 -57.43 29.69 -20.20
C GLU B 805 -56.75 28.67 -21.09
N ASN B 806 -55.42 28.61 -21.08
CA ASN B 806 -54.68 27.62 -21.83
C ASN B 806 -53.69 26.87 -20.95
N GLY B 807 -53.89 26.89 -19.64
CA GLY B 807 -53.00 26.19 -18.74
C GLY B 807 -53.69 25.56 -17.55
N TYR B 808 -55.02 25.59 -17.50
CA TYR B 808 -55.74 25.05 -16.36
C TYR B 808 -55.98 23.56 -16.53
N ASP B 809 -55.62 22.81 -15.48
CA ASP B 809 -55.99 21.41 -15.27
C ASP B 809 -55.77 21.03 -13.81
N PRO B 810 -56.76 20.40 -13.17
CA PRO B 810 -56.57 20.01 -11.77
C PRO B 810 -55.67 18.82 -11.59
N VAL B 811 -55.52 17.98 -12.62
CA VAL B 811 -54.76 16.76 -12.42
C VAL B 811 -53.26 16.98 -12.48
N TYR B 812 -52.78 18.05 -13.13
CA TYR B 812 -51.35 18.22 -13.31
C TYR B 812 -50.78 19.43 -12.61
N GLY B 813 -51.59 20.23 -11.93
CA GLY B 813 -51.05 21.30 -11.15
C GLY B 813 -50.55 22.50 -11.93
N ALA B 814 -49.24 22.69 -12.00
CA ALA B 814 -48.69 23.96 -12.44
C ALA B 814 -47.78 23.90 -13.64
N ARG B 815 -47.18 22.76 -13.93
CA ARG B 815 -46.28 22.71 -15.08
C ARG B 815 -46.90 22.87 -16.46
N PRO B 816 -48.14 22.44 -16.75
CA PRO B 816 -48.74 22.84 -18.02
C PRO B 816 -48.89 24.33 -18.17
N LEU B 817 -49.12 25.05 -17.08
CA LEU B 817 -49.09 26.50 -17.14
C LEU B 817 -47.70 27.00 -17.48
N LYS B 818 -46.66 26.37 -16.91
CA LYS B 818 -45.30 26.82 -17.16
C LYS B 818 -44.88 26.58 -18.60
N ARG B 819 -45.17 25.41 -19.14
CA ARG B 819 -44.78 25.21 -20.52
C ARG B 819 -45.71 25.90 -21.50
N ALA B 820 -46.95 26.22 -21.10
CA ALA B 820 -47.80 27.03 -21.96
C ALA B 820 -47.27 28.45 -22.05
N ILE B 821 -46.85 29.02 -20.91
CA ILE B 821 -46.17 30.30 -20.90
C ILE B 821 -44.91 30.25 -21.74
N GLN B 822 -44.15 29.17 -21.57
CA GLN B 822 -42.89 28.94 -22.28
C GLN B 822 -43.08 28.98 -23.79
N GLN B 823 -43.95 28.13 -24.31
CA GLN B 823 -44.25 28.13 -25.74
C GLN B 823 -44.89 29.43 -26.19
N GLN B 824 -46.10 29.70 -25.72
CA GLN B 824 -46.94 30.77 -26.25
C GLN B 824 -46.51 32.16 -25.80
N ILE B 825 -45.35 32.32 -25.17
CA ILE B 825 -44.68 33.60 -25.07
C ILE B 825 -43.30 33.56 -25.70
N GLU B 826 -42.46 32.61 -25.26
CA GLU B 826 -41.06 32.65 -25.60
C GLU B 826 -40.80 32.28 -27.05
N ASN B 827 -41.69 31.53 -27.72
CA ASN B 827 -41.41 31.20 -29.12
C ASN B 827 -41.54 32.42 -30.04
N PRO B 828 -42.63 33.21 -30.03
CA PRO B 828 -42.59 34.42 -30.87
C PRO B 828 -41.68 35.48 -30.33
N LEU B 829 -41.46 35.54 -29.01
CA LEU B 829 -40.57 36.56 -28.46
C LEU B 829 -39.14 36.33 -28.88
N ALA B 830 -38.60 35.12 -28.64
CA ALA B 830 -37.24 34.85 -29.08
C ALA B 830 -37.15 34.75 -30.60
N GLN B 831 -38.25 34.41 -31.26
CA GLN B 831 -38.30 34.47 -32.72
C GLN B 831 -38.04 35.88 -33.22
N GLN B 832 -38.65 36.87 -32.57
CA GLN B 832 -38.41 38.25 -32.95
C GLN B 832 -37.11 38.80 -32.38
N ILE B 833 -36.56 38.18 -31.32
CA ILE B 833 -35.24 38.55 -30.85
C ILE B 833 -34.20 38.17 -31.90
N LEU B 834 -34.21 36.91 -32.34
CA LEU B 834 -33.28 36.48 -33.36
C LEU B 834 -33.63 37.04 -34.74
N SER B 835 -34.86 37.53 -34.92
CA SER B 835 -35.19 38.28 -36.12
C SER B 835 -34.59 39.68 -36.11
N GLY B 836 -34.14 40.15 -34.95
CA GLY B 836 -33.62 41.50 -34.86
C GLY B 836 -34.67 42.57 -34.83
N GLU B 837 -35.95 42.21 -34.68
CA GLU B 837 -37.02 43.20 -34.62
C GLU B 837 -36.95 43.98 -33.32
N LEU B 838 -36.54 43.35 -32.24
CA LEU B 838 -36.39 44.04 -30.97
C LEU B 838 -35.21 45.00 -31.00
N VAL B 839 -35.48 46.25 -30.61
CA VAL B 839 -34.45 47.26 -30.43
C VAL B 839 -34.50 47.68 -28.96
N PRO B 840 -33.37 47.73 -28.27
CA PRO B 840 -33.38 48.18 -26.87
C PRO B 840 -33.81 49.63 -26.73
N GLY B 841 -34.45 49.93 -25.61
CA GLY B 841 -35.05 51.22 -25.40
C GLY B 841 -36.46 51.36 -25.93
N LYS B 842 -37.17 50.25 -26.14
CA LYS B 842 -38.51 50.27 -26.69
C LYS B 842 -39.43 49.40 -25.85
N VAL B 843 -40.58 49.97 -25.47
CA VAL B 843 -41.55 49.26 -24.67
C VAL B 843 -42.23 48.18 -25.52
N ILE B 844 -42.28 46.97 -25.01
CA ILE B 844 -42.81 45.83 -25.74
C ILE B 844 -44.04 45.34 -25.00
N ARG B 845 -45.21 45.66 -25.53
CA ARG B 845 -46.48 45.20 -24.98
C ARG B 845 -46.86 43.91 -25.69
N LEU B 846 -46.91 42.81 -24.94
CA LEU B 846 -47.23 41.50 -25.50
C LEU B 846 -48.72 41.43 -25.77
N GLU B 847 -49.12 42.03 -26.89
CA GLU B 847 -50.53 42.13 -27.21
C GLU B 847 -51.04 40.82 -27.79
N VAL B 848 -52.33 40.70 -27.86
CA VAL B 848 -52.96 39.46 -28.29
C VAL B 848 -53.03 39.42 -29.81
N ASN B 849 -52.90 38.21 -30.34
CA ASN B 849 -53.32 37.92 -31.70
C ASN B 849 -54.76 37.41 -31.65
N GLU B 850 -55.20 36.82 -32.75
CA GLU B 850 -56.51 36.19 -32.77
C GLU B 850 -56.53 34.95 -31.88
N ASP B 851 -55.51 34.10 -32.01
CA ASP B 851 -55.34 32.95 -31.14
C ASP B 851 -53.99 32.92 -30.45
N ARG B 852 -53.14 33.92 -30.69
CA ARG B 852 -51.80 33.91 -30.15
C ARG B 852 -51.49 35.21 -29.41
N ILE B 853 -50.22 35.41 -29.08
CA ILE B 853 -49.74 36.63 -28.45
C ILE B 853 -48.61 37.17 -29.30
N VAL B 854 -48.67 38.47 -29.62
CA VAL B 854 -47.65 39.08 -30.45
C VAL B 854 -46.91 40.14 -29.63
N ALA B 855 -45.63 40.30 -29.94
CA ALA B 855 -44.84 41.40 -29.40
C ALA B 855 -44.80 42.54 -30.39
N VAL B 856 -44.81 43.76 -29.87
CA VAL B 856 -44.80 44.95 -30.71
C VAL B 856 -43.58 45.79 -30.34
N GLN B 857 -43.20 46.67 -31.26
CA GLN B 857 -42.08 47.59 -31.10
C GLN B 857 -42.64 49.00 -30.96
N HIS B 858 -42.88 49.41 -29.73
CA HIS B 858 -43.37 50.76 -29.46
C HIS B 858 -42.74 51.32 -28.20
N GLN C 159 40.68 -1.43 31.40
CA GLN C 159 40.48 -1.95 30.06
C GLN C 159 39.12 -1.55 29.53
N ALA C 160 38.69 -2.19 28.45
CA ALA C 160 37.41 -1.85 27.84
C ALA C 160 36.24 -2.20 28.76
N LEU C 161 36.39 -3.24 29.56
CA LEU C 161 35.31 -3.66 30.44
C LEU C 161 35.14 -2.71 31.62
N LYS C 162 36.14 -1.89 31.91
CA LYS C 162 35.94 -0.79 32.84
C LYS C 162 34.95 0.21 32.25
N LYS C 163 35.12 0.54 30.97
CA LYS C 163 34.35 1.63 30.39
C LYS C 163 32.94 1.19 30.02
N TYR C 164 32.83 0.16 29.20
CA TYR C 164 31.62 -0.09 28.45
C TYR C 164 30.68 -1.08 29.12
N THR C 165 31.01 -1.53 30.32
CA THR C 165 30.20 -2.52 31.02
C THR C 165 29.95 -2.10 32.46
N ILE C 166 28.84 -2.56 33.00
CA ILE C 166 28.49 -2.38 34.39
C ILE C 166 28.43 -3.77 35.02
N ASP C 167 29.02 -3.92 36.20
CA ASP C 167 28.93 -5.19 36.89
C ASP C 167 27.53 -5.40 37.42
N LEU C 168 27.08 -6.66 37.43
CA LEU C 168 25.89 -7.00 38.18
C LEU C 168 26.19 -7.75 39.45
N THR C 169 27.30 -8.49 39.50
CA THR C 169 27.59 -9.19 40.75
C THR C 169 28.06 -8.25 41.85
N GLU C 170 28.59 -7.08 41.48
CA GLU C 170 28.75 -6.03 42.47
C GLU C 170 27.40 -5.59 43.01
N ARG C 171 26.45 -5.35 42.13
CA ARG C 171 25.17 -4.81 42.55
C ARG C 171 24.27 -5.86 43.17
N ALA C 172 24.64 -7.12 43.09
CA ALA C 172 24.02 -8.15 43.93
C ALA C 172 24.86 -8.46 45.15
N GLU C 173 26.10 -7.99 45.16
CA GLU C 173 27.00 -8.10 46.29
C GLU C 173 26.83 -6.95 47.26
N GLN C 174 26.46 -5.79 46.76
CA GLN C 174 26.25 -4.61 47.58
C GLN C 174 24.80 -4.44 48.01
N GLY C 175 23.91 -5.30 47.57
CA GLY C 175 22.52 -5.17 47.95
C GLY C 175 21.78 -4.08 47.24
N LYS C 176 22.07 -3.86 45.97
CA LYS C 176 21.38 -2.85 45.19
C LYS C 176 20.32 -3.43 44.28
N LEU C 177 20.25 -4.74 44.14
CA LEU C 177 19.29 -5.36 43.24
C LEU C 177 18.14 -5.96 44.03
N ASP C 178 16.97 -5.95 43.41
CA ASP C 178 15.79 -6.49 44.04
C ASP C 178 15.87 -8.01 44.10
N PRO C 179 15.28 -8.62 45.13
CA PRO C 179 15.27 -10.08 45.21
C PRO C 179 14.40 -10.69 44.14
N VAL C 180 14.70 -11.94 43.79
CA VAL C 180 14.07 -12.63 42.67
C VAL C 180 13.53 -13.95 43.17
N ILE C 181 12.21 -14.07 43.24
CA ILE C 181 11.59 -15.14 44.01
C ILE C 181 10.68 -15.94 43.08
N GLY C 182 10.83 -17.26 43.13
CA GLY C 182 10.15 -18.12 42.18
C GLY C 182 11.13 -18.51 41.10
N ARG C 183 10.64 -18.79 39.89
CA ARG C 183 11.44 -18.93 38.68
C ARG C 183 12.48 -20.03 38.81
N ASP C 184 12.00 -21.21 39.18
CA ASP C 184 12.85 -22.39 39.29
C ASP C 184 13.33 -22.83 37.91
N GLU C 185 12.38 -23.17 37.05
CA GLU C 185 12.69 -23.85 35.80
C GLU C 185 13.49 -22.97 34.86
N GLU C 186 13.27 -21.65 34.90
CA GLU C 186 14.00 -20.80 33.96
C GLU C 186 15.43 -20.57 34.39
N ILE C 187 15.71 -20.48 35.69
CA ILE C 187 17.10 -20.33 36.09
C ILE C 187 17.84 -21.64 35.88
N ARG C 188 17.17 -22.77 36.10
CA ARG C 188 17.84 -24.04 35.80
C ARG C 188 18.07 -24.21 34.30
N ARG C 189 17.17 -23.72 33.46
CA ARG C 189 17.40 -23.89 32.03
C ARG C 189 18.42 -22.89 31.51
N THR C 190 18.49 -21.70 32.10
CA THR C 190 19.52 -20.75 31.72
C THR C 190 20.91 -21.24 32.13
N ILE C 191 21.01 -21.89 33.27
CA ILE C 191 22.30 -22.47 33.64
C ILE C 191 22.63 -23.69 32.78
N GLN C 192 21.61 -24.40 32.27
CA GLN C 192 21.89 -25.43 31.26
C GLN C 192 22.49 -24.82 30.00
N VAL C 193 21.85 -23.77 29.49
CA VAL C 193 22.25 -23.26 28.18
C VAL C 193 23.54 -22.47 28.27
N LEU C 194 23.87 -21.91 29.43
CA LEU C 194 25.16 -21.23 29.54
C LEU C 194 26.33 -22.19 29.56
N GLN C 195 26.12 -23.40 30.04
CA GLN C 195 27.21 -24.37 30.11
C GLN C 195 27.08 -25.42 29.02
N ARG C 196 27.39 -25.01 27.80
CA ARG C 196 27.54 -25.93 26.68
C ARG C 196 28.90 -25.68 26.06
N ARG C 197 29.23 -26.39 24.99
CA ARG C 197 30.49 -26.06 24.35
C ARG C 197 30.27 -25.07 23.21
N THR C 198 29.23 -25.29 22.42
CA THR C 198 28.82 -24.34 21.41
C THR C 198 27.47 -23.77 21.78
N LYS C 199 27.23 -22.53 21.34
CA LYS C 199 25.99 -21.79 21.56
C LYS C 199 25.69 -21.63 23.05
N ASN C 200 26.50 -20.81 23.69
CA ASN C 200 26.33 -20.52 25.11
C ASN C 200 25.32 -19.40 25.30
N ASN C 201 24.30 -19.34 24.47
CA ASN C 201 23.56 -18.11 24.26
C ASN C 201 22.06 -18.31 24.51
N PRO C 202 21.61 -18.24 25.74
CA PRO C 202 20.18 -18.18 25.98
C PRO C 202 19.66 -16.80 25.69
N VAL C 203 18.53 -16.74 25.00
CA VAL C 203 17.78 -15.51 24.91
C VAL C 203 16.49 -15.72 25.68
N LEU C 204 16.18 -14.78 26.54
CA LEU C 204 15.01 -14.88 27.40
C LEU C 204 13.87 -14.19 26.69
N ILE C 205 12.86 -14.95 26.31
CA ILE C 205 11.81 -14.43 25.46
C ILE C 205 10.47 -14.61 26.13
N GLY C 206 9.81 -13.49 26.39
CA GLY C 206 8.48 -13.50 26.98
C GLY C 206 7.92 -12.11 26.83
N GLU C 207 6.60 -12.02 26.94
CA GLU C 207 5.94 -10.76 26.69
C GLU C 207 6.22 -9.80 27.84
N PRO C 208 6.45 -8.51 27.56
CA PRO C 208 7.40 -7.74 28.36
C PRO C 208 6.89 -7.46 29.77
N GLY C 209 7.74 -7.76 30.74
CA GLY C 209 7.42 -7.54 32.13
C GLY C 209 7.04 -8.76 32.91
N VAL C 210 7.20 -9.95 32.38
CA VAL C 210 6.84 -11.14 33.14
C VAL C 210 8.06 -11.67 33.85
N GLY C 211 9.08 -10.85 34.02
CA GLY C 211 10.28 -11.36 34.65
C GLY C 211 11.29 -11.89 33.66
N LYS C 212 11.83 -11.05 32.79
CA LYS C 212 12.95 -11.42 31.97
C LYS C 212 14.27 -10.86 32.47
N THR C 213 14.35 -9.55 32.68
CA THR C 213 15.55 -9.00 33.27
C THR C 213 15.66 -9.41 34.74
N ALA C 214 14.55 -9.73 35.37
CA ALA C 214 14.59 -10.27 36.72
C ALA C 214 15.22 -11.64 36.79
N ILE C 215 15.23 -12.40 35.71
CA ILE C 215 15.89 -13.69 35.79
C ILE C 215 17.40 -13.54 35.69
N VAL C 216 17.90 -12.58 34.94
CA VAL C 216 19.33 -12.29 35.00
C VAL C 216 19.70 -11.66 36.34
N GLU C 217 18.79 -10.90 36.93
CA GLU C 217 18.98 -10.47 38.33
C GLU C 217 19.07 -11.67 39.26
N GLY C 218 18.21 -12.66 39.06
CA GLY C 218 18.23 -13.85 39.91
C GLY C 218 19.45 -14.71 39.68
N LEU C 219 19.96 -14.72 38.46
CA LEU C 219 21.19 -15.46 38.19
C LEU C 219 22.39 -14.77 38.83
N ALA C 220 22.40 -13.45 38.83
CA ALA C 220 23.46 -12.73 39.54
C ALA C 220 23.41 -13.00 41.03
N GLN C 221 22.20 -12.99 41.60
CA GLN C 221 22.10 -13.22 43.04
C GLN C 221 22.38 -14.65 43.42
N ARG C 222 22.00 -15.62 42.57
CA ARG C 222 22.35 -16.99 42.89
C ARG C 222 23.82 -17.28 42.68
N ILE C 223 24.49 -16.52 41.82
CA ILE C 223 25.94 -16.71 41.70
C ILE C 223 26.64 -16.16 42.94
N ILE C 224 26.19 -15.01 43.44
CA ILE C 224 26.86 -14.44 44.61
C ILE C 224 26.58 -15.26 45.86
N ASN C 225 25.33 -15.67 46.08
CA ASN C 225 25.05 -16.49 47.25
C ASN C 225 25.61 -17.89 47.11
N GLY C 226 25.82 -18.36 45.88
CA GLY C 226 26.42 -19.65 45.68
C GLY C 226 25.46 -20.81 45.76
N GLU C 227 24.25 -20.63 45.25
CA GLU C 227 23.28 -21.71 45.23
C GLU C 227 23.33 -22.47 43.92
N VAL C 228 24.33 -22.19 43.08
CA VAL C 228 24.38 -22.68 41.71
C VAL C 228 25.23 -23.94 41.68
N PRO C 229 25.26 -24.69 40.58
CA PRO C 229 26.31 -25.71 40.43
C PRO C 229 27.69 -25.10 40.35
N GLU C 230 28.70 -25.93 40.66
CA GLU C 230 30.07 -25.49 40.89
C GLU C 230 30.74 -24.90 39.66
N GLY C 231 30.21 -25.16 38.47
CA GLY C 231 30.79 -24.59 37.27
C GLY C 231 30.62 -23.09 37.19
N LEU C 232 29.61 -22.55 37.84
CA LEU C 232 29.37 -21.12 37.77
C LEU C 232 29.95 -20.35 38.95
N LYS C 233 30.52 -21.00 39.93
CA LYS C 233 30.94 -20.28 41.13
C LYS C 233 32.18 -19.47 40.83
N GLY C 234 32.01 -18.15 40.81
CA GLY C 234 33.06 -17.24 40.43
C GLY C 234 32.79 -16.51 39.14
N ARG C 235 31.70 -16.82 38.44
CA ARG C 235 31.44 -16.20 37.16
C ARG C 235 30.87 -14.81 37.36
N ARG C 236 31.64 -13.79 37.01
CA ARG C 236 31.14 -12.43 37.01
C ARG C 236 30.05 -12.29 35.96
N VAL C 237 29.06 -11.47 36.24
CA VAL C 237 28.00 -11.19 35.29
C VAL C 237 28.17 -9.73 34.89
N LEU C 238 28.75 -9.49 33.73
CA LEU C 238 28.96 -8.14 33.25
C LEU C 238 27.81 -7.74 32.37
N ALA C 239 27.26 -6.55 32.62
CA ALA C 239 26.13 -6.04 31.86
C ALA C 239 26.67 -5.08 30.81
N LEU C 240 26.37 -5.35 29.56
CA LEU C 240 26.73 -4.49 28.45
C LEU C 240 25.53 -3.63 28.10
N ASP C 241 25.78 -2.36 27.78
CA ASP C 241 24.75 -1.50 27.23
C ASP C 241 25.26 -0.90 25.94
N MET C 242 24.44 -1.00 24.89
CA MET C 242 24.86 -0.63 23.55
C MET C 242 25.05 0.88 23.43
N GLY C 243 24.29 1.65 24.21
CA GLY C 243 24.40 3.09 24.17
C GLY C 243 25.70 3.63 24.72
N ALA C 244 26.44 2.83 25.46
CA ALA C 244 27.76 3.24 25.85
C ALA C 244 28.80 2.87 24.81
N LEU C 245 28.53 1.83 24.01
CA LEU C 245 29.43 1.49 22.92
C LEU C 245 29.35 2.50 21.80
N VAL C 246 28.14 2.86 21.38
CA VAL C 246 28.00 3.64 20.17
C VAL C 246 28.37 5.10 20.37
N ALA C 247 28.19 5.63 21.58
CA ALA C 247 28.07 7.08 21.79
C ALA C 247 29.34 7.84 21.44
N GLY C 248 30.47 7.18 21.42
CA GLY C 248 31.65 7.89 20.99
C GLY C 248 32.00 7.73 19.55
N ALA C 249 31.50 6.69 18.88
CA ALA C 249 32.05 6.22 17.60
C ALA C 249 31.68 7.17 16.47
N LYS C 250 32.29 8.34 16.51
CA LYS C 250 32.09 9.35 15.51
C LYS C 250 32.89 9.05 14.25
N TYR C 251 34.12 8.62 14.42
CA TYR C 251 35.00 8.34 13.29
C TYR C 251 34.66 6.98 12.71
N ARG C 252 35.33 6.62 11.63
CA ARG C 252 35.07 5.33 11.01
C ARG C 252 35.79 4.25 11.79
N GLY C 253 35.08 3.18 12.10
CA GLY C 253 35.71 2.05 12.73
C GLY C 253 36.00 2.18 14.21
N GLU C 254 35.56 3.26 14.84
CA GLU C 254 35.75 3.37 16.28
C GLU C 254 34.91 2.34 17.01
N PHE C 255 33.70 2.09 16.50
CA PHE C 255 32.81 1.10 17.09
C PHE C 255 33.36 -0.30 16.94
N GLU C 256 33.92 -0.60 15.76
CA GLU C 256 34.53 -1.91 15.54
C GLU C 256 35.74 -2.12 16.43
N GLU C 257 36.51 -1.06 16.68
CA GLU C 257 37.64 -1.15 17.61
C GLU C 257 37.17 -1.42 19.03
N ARG C 258 36.13 -0.71 19.48
CA ARG C 258 35.61 -0.93 20.82
C ARG C 258 35.07 -2.34 21.00
N LEU C 259 34.37 -2.83 19.99
CA LEU C 259 33.75 -4.14 20.14
C LEU C 259 34.78 -5.24 20.04
N LYS C 260 35.81 -5.08 19.20
CA LYS C 260 36.90 -6.04 19.20
C LYS C 260 37.68 -6.00 20.50
N GLY C 261 37.82 -4.82 21.09
CA GLY C 261 38.48 -4.73 22.39
C GLY C 261 37.71 -5.43 23.49
N VAL C 262 36.38 -5.34 23.45
CA VAL C 262 35.54 -6.07 24.38
C VAL C 262 35.68 -7.57 24.18
N LEU C 263 35.72 -8.03 22.92
CA LEU C 263 35.87 -9.45 22.67
C LEU C 263 37.24 -9.98 23.10
N ASN C 264 38.28 -9.18 22.93
CA ASN C 264 39.59 -9.68 23.38
C ASN C 264 39.74 -9.63 24.89
N ASP C 265 39.16 -8.63 25.55
CA ASP C 265 39.21 -8.62 27.00
C ASP C 265 38.27 -9.64 27.63
N LEU C 266 37.33 -10.19 26.87
CA LEU C 266 36.62 -11.36 27.34
C LEU C 266 37.33 -12.65 26.97
N ALA C 267 38.18 -12.64 25.94
CA ALA C 267 39.01 -13.80 25.70
C ALA C 267 40.11 -13.94 26.74
N LYS C 268 40.57 -12.84 27.30
CA LYS C 268 41.58 -12.88 28.34
C LYS C 268 41.04 -13.27 29.71
N GLN C 269 39.75 -13.55 29.83
CA GLN C 269 39.15 -14.00 31.08
C GLN C 269 39.02 -15.51 31.17
N GLU C 270 39.09 -16.21 30.04
CA GLU C 270 38.94 -17.66 29.94
C GLU C 270 37.61 -18.14 30.51
N GLY C 271 36.53 -17.74 29.84
CA GLY C 271 35.21 -18.25 30.14
C GLY C 271 34.68 -17.84 31.49
N ASN C 272 35.22 -16.78 32.07
CA ASN C 272 34.84 -16.41 33.42
C ASN C 272 33.69 -15.43 33.46
N VAL C 273 33.37 -14.77 32.35
CA VAL C 273 32.45 -13.63 32.38
C VAL C 273 31.22 -13.98 31.57
N ILE C 274 30.06 -13.95 32.22
CA ILE C 274 28.79 -14.12 31.54
C ILE C 274 28.33 -12.75 31.05
N LEU C 275 28.31 -12.56 29.75
CA LEU C 275 28.03 -11.25 29.20
C LEU C 275 26.53 -11.05 29.10
N PHE C 276 26.04 -9.96 29.64
CA PHE C 276 24.60 -9.70 29.65
C PHE C 276 24.29 -8.52 28.76
N ILE C 277 23.77 -8.82 27.58
CA ILE C 277 23.11 -7.84 26.73
C ILE C 277 21.66 -7.77 27.15
N ASP C 278 21.19 -6.60 27.54
CA ASP C 278 19.76 -6.39 27.57
C ASP C 278 19.33 -5.80 26.23
N ALA C 279 18.08 -6.09 25.86
CA ALA C 279 17.50 -5.73 24.56
C ALA C 279 18.37 -6.28 23.43
N LEU C 280 18.37 -7.60 23.34
CA LEU C 280 19.05 -8.30 22.26
C LEU C 280 18.47 -7.96 20.91
N HIS C 281 17.20 -7.59 20.87
CA HIS C 281 16.56 -7.14 19.64
C HIS C 281 17.24 -5.90 19.07
N THR C 282 17.86 -5.11 19.92
CA THR C 282 18.50 -3.88 19.47
C THR C 282 19.77 -4.16 18.70
N MET C 283 20.54 -5.16 19.15
CA MET C 283 21.91 -5.40 18.71
C MET C 283 22.05 -5.62 17.21
N VAL C 284 21.06 -6.26 16.57
CA VAL C 284 21.12 -6.50 15.13
C VAL C 284 21.06 -5.17 14.39
N GLY C 285 22.13 -4.85 13.69
CA GLY C 285 22.21 -3.53 13.10
C GLY C 285 22.38 -2.48 14.16
N ALA C 286 23.54 -2.44 14.80
CA ALA C 286 23.93 -1.32 15.63
C ALA C 286 25.21 -0.81 15.04
N GLY C 287 25.11 0.17 14.15
CA GLY C 287 26.26 0.75 13.52
C GLY C 287 26.26 0.68 12.01
N LYS C 288 25.21 0.13 11.40
CA LYS C 288 25.07 0.04 9.96
C LYS C 288 25.12 1.41 9.31
N ALA C 289 26.18 1.65 8.54
CA ALA C 289 26.46 2.92 7.90
C ALA C 289 27.11 2.60 6.57
N ASP C 290 27.82 3.58 6.00
CA ASP C 290 28.48 3.36 4.72
C ASP C 290 29.58 2.30 4.83
N GLY C 291 30.47 2.45 5.80
CA GLY C 291 31.55 1.50 6.06
C GLY C 291 31.32 0.95 7.47
N ALA C 292 30.78 -0.25 7.55
CA ALA C 292 30.28 -0.73 8.82
C ALA C 292 30.41 -2.24 8.93
N MET C 293 30.15 -2.72 10.14
CA MET C 293 30.12 -4.14 10.40
C MET C 293 28.86 -4.59 11.10
N ASP C 294 27.89 -3.70 11.32
CA ASP C 294 26.51 -3.99 11.68
C ASP C 294 26.36 -4.59 13.10
N ALA C 295 27.47 -4.86 13.80
CA ALA C 295 27.54 -5.41 15.16
C ALA C 295 26.89 -6.77 15.34
N GLY C 296 26.37 -7.35 14.27
CA GLY C 296 25.89 -8.69 14.31
C GLY C 296 26.86 -9.50 13.50
N ASN C 297 27.57 -8.83 12.61
CA ASN C 297 28.62 -9.48 11.84
C ASN C 297 29.95 -9.47 12.56
N MET C 298 30.00 -8.97 13.79
CA MET C 298 31.18 -9.11 14.61
C MET C 298 30.93 -10.00 15.80
N LEU C 299 29.70 -10.41 16.02
CA LEU C 299 29.36 -11.36 17.05
C LEU C 299 28.86 -12.68 16.50
N LYS C 300 28.64 -12.76 15.22
CA LYS C 300 28.35 -14.03 14.59
C LYS C 300 29.55 -14.97 14.66
N PRO C 301 30.83 -14.53 14.40
CA PRO C 301 31.95 -15.45 14.66
C PRO C 301 32.15 -15.81 16.12
N ALA C 302 32.14 -14.81 17.01
CA ALA C 302 32.46 -15.07 18.40
C ALA C 302 31.37 -15.85 19.11
N LEU C 303 30.12 -15.66 18.71
CA LEU C 303 29.03 -16.47 19.23
C LEU C 303 28.95 -17.82 18.55
N ALA C 304 29.50 -17.94 17.34
CA ALA C 304 29.41 -19.19 16.64
C ALA C 304 30.27 -20.27 17.28
N ARG C 305 31.40 -19.89 17.86
CA ARG C 305 32.34 -20.84 18.42
C ARG C 305 32.13 -21.05 19.91
N GLY C 306 31.13 -20.41 20.50
CA GLY C 306 30.88 -20.61 21.89
C GLY C 306 31.83 -19.92 22.83
N GLU C 307 32.72 -19.09 22.32
CA GLU C 307 33.70 -18.42 23.18
C GLU C 307 33.08 -17.31 23.99
N LEU C 308 31.85 -16.94 23.71
CA LEU C 308 31.18 -15.87 24.41
C LEU C 308 29.91 -16.41 25.05
N HIS C 309 29.64 -15.97 26.27
CA HIS C 309 28.54 -16.50 27.08
C HIS C 309 27.37 -15.55 27.14
N CYS C 310 27.03 -14.92 26.02
CA CYS C 310 26.01 -13.89 25.97
C CYS C 310 24.66 -14.41 26.42
N VAL C 311 23.91 -13.54 27.10
CA VAL C 311 22.58 -13.85 27.61
C VAL C 311 21.62 -12.80 27.09
N GLY C 312 20.63 -13.24 26.33
CA GLY C 312 19.72 -12.32 25.67
C GLY C 312 18.45 -12.07 26.46
N ALA C 313 17.98 -10.84 26.39
CA ALA C 313 16.79 -10.45 27.12
C ALA C 313 15.98 -9.58 26.19
N THR C 314 15.04 -10.18 25.49
CA THR C 314 14.23 -9.44 24.54
C THR C 314 12.77 -9.76 24.72
N THR C 315 11.95 -8.99 24.04
CA THR C 315 10.51 -9.13 24.06
C THR C 315 10.12 -10.31 23.17
N LEU C 316 8.85 -10.44 22.83
CA LEU C 316 8.46 -11.46 21.88
C LEU C 316 8.19 -10.87 20.51
N ASP C 317 7.48 -9.75 20.45
CA ASP C 317 7.21 -9.12 19.16
C ASP C 317 8.44 -8.40 18.62
N GLU C 318 9.31 -7.88 19.49
CA GLU C 318 10.61 -7.42 19.04
C GLU C 318 11.45 -8.56 18.51
N TYR C 319 11.22 -9.76 18.99
CA TYR C 319 11.93 -10.90 18.46
C TYR C 319 11.40 -11.30 17.09
N ARG C 320 10.11 -11.17 16.85
CA ARG C 320 9.64 -11.42 15.50
C ARG C 320 10.12 -10.33 14.55
N GLN C 321 10.15 -9.08 15.01
CA GLN C 321 10.53 -8.00 14.11
C GLN C 321 12.01 -7.99 13.80
N TYR C 322 12.87 -8.21 14.79
CA TYR C 322 14.26 -7.84 14.58
C TYR C 322 15.20 -9.02 14.38
N ILE C 323 15.07 -10.10 15.15
CA ILE C 323 16.01 -11.20 15.03
C ILE C 323 15.58 -12.20 13.96
N GLU C 324 14.31 -12.63 13.95
CA GLU C 324 13.92 -13.56 12.89
C GLU C 324 13.76 -12.92 11.53
N LYS C 325 14.09 -11.65 11.36
CA LYS C 325 14.39 -11.13 10.04
C LYS C 325 15.79 -11.47 9.60
N ASP C 326 16.54 -12.23 10.41
CA ASP C 326 17.96 -12.43 10.18
C ASP C 326 18.33 -13.79 10.79
N ALA C 327 18.20 -14.85 9.97
CA ALA C 327 18.26 -16.21 10.50
C ALA C 327 19.65 -16.59 10.98
N ALA C 328 20.68 -15.97 10.44
CA ALA C 328 22.03 -16.32 10.80
C ALA C 328 22.38 -15.88 12.21
N LEU C 329 21.64 -14.95 12.78
CA LEU C 329 21.77 -14.63 14.18
C LEU C 329 20.55 -15.07 14.95
N GLU C 330 19.58 -15.64 14.27
CA GLU C 330 18.50 -16.30 14.98
C GLU C 330 18.93 -17.64 15.53
N ARG C 331 19.73 -18.40 14.80
CA ARG C 331 20.08 -19.69 15.37
C ARG C 331 21.36 -19.67 16.19
N ARG C 332 22.01 -18.52 16.33
CA ARG C 332 23.09 -18.47 17.31
C ARG C 332 22.53 -18.57 18.72
N PHE C 333 21.32 -18.09 18.95
CA PHE C 333 20.75 -17.97 20.28
C PHE C 333 19.72 -19.05 20.56
N GLN C 334 19.78 -19.63 21.75
CA GLN C 334 18.75 -20.54 22.23
C GLN C 334 17.67 -19.78 22.97
N LYS C 335 16.41 -20.17 22.77
CA LYS C 335 15.32 -19.49 23.46
C LYS C 335 15.06 -20.11 24.80
N VAL C 336 14.70 -19.28 25.77
CA VAL C 336 14.16 -19.73 27.05
C VAL C 336 12.84 -18.99 27.21
N PHE C 337 11.74 -19.72 27.04
CA PHE C 337 10.42 -19.08 26.98
C PHE C 337 9.94 -18.77 28.38
N VAL C 338 10.11 -17.51 28.80
CA VAL C 338 9.62 -17.04 30.08
C VAL C 338 8.13 -16.72 29.94
N ALA C 339 7.28 -17.50 30.61
CA ALA C 339 5.84 -17.34 30.50
C ALA C 339 5.31 -16.32 31.51
N GLU C 340 4.05 -15.97 31.36
CA GLU C 340 3.38 -15.11 32.33
C GLU C 340 3.20 -15.87 33.63
N PRO C 341 3.58 -15.33 34.76
CA PRO C 341 3.51 -16.09 36.01
C PRO C 341 2.11 -16.07 36.58
N SER C 342 1.82 -17.10 37.35
CA SER C 342 0.48 -17.34 37.86
C SER C 342 0.16 -16.37 38.99
N VAL C 343 -1.06 -16.48 39.51
CA VAL C 343 -1.52 -15.55 40.54
C VAL C 343 -0.85 -15.86 41.87
N GLU C 344 -0.66 -17.13 42.18
CA GLU C 344 -0.12 -17.49 43.48
C GLU C 344 1.38 -17.19 43.54
N ASP C 345 2.09 -17.46 42.45
CA ASP C 345 3.47 -17.02 42.38
C ASP C 345 3.57 -15.50 42.36
N THR C 346 2.55 -14.82 41.83
CA THR C 346 2.53 -13.36 41.89
C THR C 346 2.45 -12.89 43.33
N ILE C 347 1.67 -13.58 44.15
CA ILE C 347 1.61 -13.25 45.58
C ILE C 347 2.96 -13.45 46.24
N ALA C 348 3.68 -14.50 45.86
CA ALA C 348 5.01 -14.72 46.41
C ALA C 348 5.99 -13.59 46.05
N ILE C 349 5.97 -13.18 44.78
CA ILE C 349 6.81 -12.08 44.32
C ILE C 349 6.45 -10.78 45.03
N LEU C 350 5.16 -10.59 45.29
CA LEU C 350 4.71 -9.41 46.00
C LEU C 350 5.12 -9.47 47.47
N ARG C 351 5.34 -10.65 48.04
CA ARG C 351 5.79 -10.67 49.43
C ARG C 351 7.24 -10.24 49.56
N GLY C 352 8.09 -10.73 48.65
CA GLY C 352 9.47 -10.24 48.64
C GLY C 352 9.56 -8.76 48.36
N LEU C 353 8.78 -8.29 47.40
CA LEU C 353 8.87 -6.86 47.19
C LEU C 353 8.04 -6.05 48.19
N LYS C 354 7.19 -6.69 48.99
CA LYS C 354 6.58 -6.03 50.14
C LYS C 354 7.64 -5.60 51.10
N GLU C 355 8.55 -6.52 51.40
CA GLU C 355 9.75 -6.18 52.18
C GLU C 355 10.49 -4.99 51.60
N ARG C 356 10.74 -5.03 50.28
CA ARG C 356 11.56 -3.97 49.70
C ARG C 356 10.83 -2.61 49.67
N TYR C 357 9.54 -2.60 49.33
CA TYR C 357 8.84 -1.33 49.19
C TYR C 357 8.42 -0.74 50.52
N GLU C 358 8.16 -1.57 51.54
CA GLU C 358 8.04 -1.04 52.89
C GLU C 358 9.34 -0.38 53.33
N LEU C 359 10.49 -0.97 52.97
CA LEU C 359 11.74 -0.27 53.27
C LEU C 359 11.90 1.03 52.50
N HIS C 360 11.34 1.14 51.30
CA HIS C 360 11.55 2.43 50.65
C HIS C 360 10.55 3.48 51.11
N HIS C 361 9.26 3.26 50.87
CA HIS C 361 8.32 4.36 50.95
C HIS C 361 7.66 4.53 52.30
N HIS C 362 8.24 3.99 53.37
CA HIS C 362 7.94 4.36 54.75
C HIS C 362 6.50 4.03 55.15
N VAL C 363 6.02 2.87 54.72
CA VAL C 363 4.69 2.42 55.13
C VAL C 363 4.77 1.02 55.70
N GLN C 364 3.61 0.46 56.00
CA GLN C 364 3.49 -0.96 56.33
C GLN C 364 2.45 -1.54 55.38
N ILE C 365 2.83 -2.55 54.63
CA ILE C 365 1.92 -3.15 53.67
C ILE C 365 1.34 -4.41 54.27
N THR C 366 0.05 -4.40 54.55
CA THR C 366 -0.61 -5.55 55.12
C THR C 366 -0.81 -6.59 54.01
N ASP C 367 -0.76 -7.86 54.39
CA ASP C 367 -0.80 -8.95 53.43
C ASP C 367 -2.15 -9.17 52.72
N PRO C 368 -3.32 -8.92 53.35
CA PRO C 368 -4.56 -8.93 52.54
C PRO C 368 -4.58 -7.89 51.45
N ALA C 369 -3.88 -6.77 51.61
CA ALA C 369 -3.73 -5.84 50.51
C ALA C 369 -2.99 -6.48 49.35
N ILE C 370 -2.05 -7.37 49.65
CA ILE C 370 -1.30 -8.03 48.57
C ILE C 370 -2.17 -9.03 47.85
N VAL C 371 -2.91 -9.86 48.58
CA VAL C 371 -3.66 -10.89 47.87
C VAL C 371 -4.85 -10.27 47.13
N ALA C 372 -5.37 -9.16 47.65
CA ALA C 372 -6.35 -8.41 46.88
C ALA C 372 -5.72 -7.73 45.67
N ALA C 373 -4.47 -7.26 45.79
CA ALA C 373 -3.85 -6.56 44.66
C ALA C 373 -3.54 -7.51 43.53
N ALA C 374 -3.11 -8.72 43.86
CA ALA C 374 -2.91 -9.74 42.83
C ALA C 374 -4.22 -10.10 42.15
N THR C 375 -5.26 -10.43 42.93
CA THR C 375 -6.49 -10.91 42.30
C THR C 375 -7.22 -9.80 41.56
N LEU C 376 -7.28 -8.59 42.13
CA LEU C 376 -7.97 -7.51 41.47
C LEU C 376 -7.19 -6.98 40.27
N SER C 377 -5.85 -7.02 40.30
CA SER C 377 -5.10 -6.62 39.13
C SER C 377 -5.26 -7.61 38.01
N HIS C 378 -5.26 -8.90 38.34
CA HIS C 378 -5.51 -9.93 37.35
C HIS C 378 -6.91 -9.84 36.79
N ARG C 379 -7.85 -9.30 37.57
CA ARG C 379 -9.22 -9.20 37.07
C ARG C 379 -9.41 -7.99 36.16
N TYR C 380 -8.97 -6.80 36.57
CA TYR C 380 -9.45 -5.60 35.91
C TYR C 380 -8.54 -5.08 34.80
N ILE C 381 -7.31 -4.71 35.15
CA ILE C 381 -6.36 -4.19 34.16
C ILE C 381 -6.04 -5.33 33.20
N ALA C 382 -6.52 -5.25 31.97
CA ALA C 382 -6.28 -6.32 31.03
C ALA C 382 -5.31 -5.97 29.92
N ASP C 383 -4.87 -4.72 29.82
CA ASP C 383 -3.86 -4.37 28.85
C ASP C 383 -2.54 -5.04 29.18
N ARG C 384 -1.97 -4.74 30.36
CA ARG C 384 -0.61 -5.10 30.69
C ARG C 384 -0.51 -6.58 31.07
N GLN C 385 0.63 -7.00 31.61
CA GLN C 385 0.80 -8.38 32.02
C GLN C 385 1.41 -8.50 33.40
N LEU C 386 0.95 -9.52 34.16
CA LEU C 386 1.43 -9.84 35.50
C LEU C 386 2.92 -10.15 35.46
N PRO C 387 3.63 -10.01 36.59
CA PRO C 387 3.33 -9.60 37.95
C PRO C 387 3.66 -8.17 38.07
N ASP C 388 3.51 -7.44 36.99
CA ASP C 388 3.94 -6.06 36.99
C ASP C 388 2.80 -5.09 37.27
N LYS C 389 1.60 -5.46 36.88
CA LYS C 389 0.44 -4.63 37.19
C LYS C 389 0.13 -4.66 38.68
N ALA C 390 0.39 -5.78 39.35
CA ALA C 390 0.20 -5.84 40.79
C ALA C 390 1.22 -4.98 41.52
N ILE C 391 2.46 -4.97 41.07
CA ILE C 391 3.47 -4.10 41.66
C ILE C 391 3.14 -2.64 41.38
N ASP C 392 2.50 -2.35 40.26
CA ASP C 392 2.01 -0.99 40.01
C ASP C 392 0.97 -0.58 41.03
N LEU C 393 -0.01 -1.44 41.31
CA LEU C 393 -1.03 -1.09 42.29
C LEU C 393 -0.44 -0.94 43.69
N ILE C 394 0.53 -1.79 44.04
CA ILE C 394 1.13 -1.73 45.38
C ILE C 394 1.96 -0.46 45.55
N ASP C 395 2.85 -0.16 44.62
CA ASP C 395 3.70 1.00 44.80
C ASP C 395 2.92 2.31 44.66
N GLU C 396 1.88 2.35 43.84
CA GLU C 396 1.10 3.58 43.79
C GLU C 396 0.23 3.74 45.04
N ALA C 397 -0.21 2.64 45.63
CA ALA C 397 -0.91 2.76 46.91
C ALA C 397 0.03 3.22 48.01
N ALA C 398 1.28 2.78 47.97
CA ALA C 398 2.24 3.25 48.96
C ALA C 398 2.53 4.73 48.78
N SER C 399 2.57 5.21 47.54
CA SER C 399 2.78 6.65 47.33
C SER C 399 1.58 7.44 47.83
N SER C 400 0.38 6.88 47.66
CA SER C 400 -0.82 7.53 48.17
C SER C 400 -0.82 7.61 49.69
N ILE C 401 -0.39 6.55 50.36
CA ILE C 401 -0.35 6.56 51.80
C ILE C 401 0.71 7.52 52.31
N ARG C 402 1.87 7.58 51.64
CA ARG C 402 2.90 8.52 52.08
C ARG C 402 2.48 9.96 51.85
N MET C 403 1.76 10.24 50.76
CA MET C 403 1.25 11.59 50.56
C MET C 403 0.16 11.96 51.55
N GLN C 404 -0.69 11.01 51.95
CA GLN C 404 -1.67 11.34 52.99
C GLN C 404 -1.02 11.51 54.35
N ILE C 405 0.09 10.80 54.60
CA ILE C 405 0.85 11.02 55.82
C ILE C 405 1.47 12.41 55.80
N ASP C 406 1.87 12.87 54.62
CA ASP C 406 2.69 14.07 54.53
C ASP C 406 1.86 15.33 54.79
N SER C 407 0.53 15.27 54.64
CA SER C 407 -0.29 16.47 54.82
C SER C 407 -1.76 16.17 55.11
N PRO C 409 -2.29 16.63 56.25
CA PRO C 409 -3.72 16.43 56.51
C PRO C 409 -4.59 17.47 55.82
N GLU C 410 -5.86 17.55 56.23
CA GLU C 410 -6.82 18.42 55.55
C GLU C 410 -7.53 19.33 56.54
N GLU C 411 -7.63 18.89 57.80
CA GLU C 411 -8.08 19.78 58.87
C GLU C 411 -7.10 20.92 59.08
N LEU C 412 -5.81 20.68 58.82
CA LEU C 412 -4.82 21.77 58.80
C LEU C 412 -5.14 22.78 57.71
N ASP C 413 -5.59 22.31 56.54
CA ASP C 413 -5.97 23.20 55.45
C ASP C 413 -7.17 24.06 55.84
N ARG C 414 -8.22 23.43 56.39
CA ARG C 414 -9.42 24.14 56.80
C ARG C 414 -9.14 25.15 57.91
N LEU C 415 -8.37 24.74 58.92
CA LEU C 415 -8.09 25.62 60.05
C LEU C 415 -7.15 26.75 59.66
N ASP C 416 -6.19 26.50 58.77
CA ASP C 416 -5.27 27.57 58.38
C ASP C 416 -5.95 28.59 57.49
N ARG C 417 -6.81 28.13 56.57
CA ARG C 417 -7.58 29.08 55.77
C ARG C 417 -8.59 29.83 56.64
N ARG C 418 -9.10 29.16 57.68
CA ARG C 418 -10.03 29.81 58.62
C ARG C 418 -9.34 30.91 59.42
N ILE C 419 -8.13 30.64 59.92
CA ILE C 419 -7.47 31.64 60.75
C ILE C 419 -6.93 32.78 59.89
N ILE C 420 -6.56 32.53 58.63
CA ILE C 420 -6.10 33.64 57.80
C ILE C 420 -7.29 34.47 57.32
N GLN C 421 -8.46 33.83 57.13
CA GLN C 421 -9.66 34.58 56.77
C GLN C 421 -10.12 35.46 57.92
N LEU C 422 -10.13 34.92 59.14
CA LEU C 422 -10.55 35.71 60.29
C LEU C 422 -9.49 36.75 60.66
N LYS C 423 -8.22 36.49 60.33
CA LYS C 423 -7.18 37.50 60.53
C LYS C 423 -7.35 38.68 59.58
N LEU C 424 -7.66 38.40 58.32
CA LEU C 424 -7.98 39.45 57.36
C LEU C 424 -9.21 40.26 57.80
N GLU C 425 -10.23 39.55 58.31
CA GLU C 425 -11.46 40.21 58.76
C GLU C 425 -11.20 41.10 59.98
N GLN C 426 -10.41 40.61 60.94
CA GLN C 426 -10.15 41.38 62.15
C GLN C 426 -9.25 42.58 61.86
N GLN C 427 -8.26 42.41 60.97
CA GLN C 427 -7.42 43.55 60.61
C GLN C 427 -8.19 44.56 59.75
N ALA C 428 -9.20 44.10 59.02
CA ALA C 428 -10.06 45.04 58.29
C ALA C 428 -10.99 45.79 59.25
N LEU C 429 -11.41 45.15 60.35
CA LEU C 429 -12.31 45.82 61.29
C LEU C 429 -11.58 46.79 62.22
N MET C 430 -10.25 46.72 62.30
CA MET C 430 -9.51 47.66 63.14
C MET C 430 -9.40 49.02 62.46
N LEU C 441 -17.12 45.33 70.48
CA LEU C 441 -17.62 44.63 69.31
C LEU C 441 -16.85 43.34 69.05
N ASP C 442 -15.54 43.41 69.33
CA ASP C 442 -14.50 42.62 68.64
C ASP C 442 -14.75 41.13 68.52
N MET C 443 -14.64 40.38 69.64
CA MET C 443 -14.95 38.95 69.79
C MET C 443 -14.09 38.01 68.93
N LEU C 444 -13.32 38.56 68.01
CA LEU C 444 -12.68 37.81 66.95
C LEU C 444 -11.23 37.65 67.33
N ASN C 445 -10.75 38.53 68.21
CA ASN C 445 -9.51 38.26 68.92
C ASN C 445 -9.64 36.99 69.74
N GLU C 446 -10.76 36.84 70.46
CA GLU C 446 -11.00 35.65 71.28
C GLU C 446 -11.22 34.42 70.40
N GLU C 447 -12.04 34.55 69.36
CA GLU C 447 -12.28 33.42 68.46
C GLU C 447 -11.02 33.00 67.70
N LEU C 448 -10.20 33.98 67.29
CA LEU C 448 -8.98 33.69 66.57
C LEU C 448 -7.92 33.10 67.49
N SER C 449 -7.90 33.53 68.76
CA SER C 449 -6.98 32.92 69.72
C SER C 449 -7.36 31.49 70.03
N ASP C 450 -8.67 31.21 70.10
CA ASP C 450 -9.14 29.84 70.29
C ASP C 450 -8.78 28.98 69.08
N LYS C 451 -8.96 29.51 67.87
CA LYS C 451 -8.60 28.74 66.68
C LYS C 451 -7.10 28.58 66.51
N GLU C 452 -6.31 29.57 66.96
CA GLU C 452 -4.85 29.42 66.96
C GLU C 452 -4.36 28.38 67.95
N ARG C 453 -4.97 28.34 69.14
CA ARG C 453 -4.63 27.30 70.10
C ARG C 453 -5.03 25.92 69.58
N GLN C 454 -6.19 25.84 68.92
CA GLN C 454 -6.64 24.59 68.30
C GLN C 454 -5.70 24.14 67.19
N TYR C 455 -5.30 25.07 66.33
CA TYR C 455 -4.38 24.75 65.24
C TYR C 455 -3.01 24.37 65.75
N SER C 456 -2.56 24.98 66.85
CA SER C 456 -1.29 24.59 67.45
C SER C 456 -1.37 23.19 68.06
N GLU C 457 -2.52 22.86 68.66
CA GLU C 457 -2.74 21.50 69.17
C GLU C 457 -2.68 20.47 68.04
N LEU C 458 -3.35 20.78 66.93
CA LEU C 458 -3.39 19.83 65.81
C LEU C 458 -2.02 19.73 65.15
N GLU C 459 -1.27 20.83 65.11
CA GLU C 459 0.07 20.82 64.55
C GLU C 459 1.02 20.01 65.42
N GLU C 460 0.91 20.15 66.75
CA GLU C 460 1.79 19.42 67.64
C GLU C 460 1.48 17.92 67.64
N GLU C 461 0.19 17.58 67.57
CA GLU C 461 -0.20 16.17 67.44
C GLU C 461 0.28 15.59 66.11
N TRP C 462 0.24 16.40 65.05
CA TRP C 462 0.71 15.96 63.75
C TRP C 462 2.22 15.74 63.74
N LYS C 463 2.97 16.61 64.43
CA LYS C 463 4.41 16.42 64.53
C LYS C 463 4.77 15.21 65.39
N ALA C 464 3.94 14.95 66.41
CA ALA C 464 4.12 13.75 67.23
C ALA C 464 3.90 12.48 66.40
N GLU C 465 2.89 12.50 65.54
CA GLU C 465 2.63 11.36 64.66
C GLU C 465 3.76 11.19 63.64
N LYS C 466 4.29 12.30 63.11
CA LYS C 466 5.42 12.24 62.20
C LYS C 466 6.65 11.63 62.87
N ALA C 467 6.92 12.04 64.11
CA ALA C 467 8.07 11.52 64.84
C ALA C 467 7.91 10.05 65.15
N SER C 468 6.69 9.63 65.53
CA SER C 468 6.44 8.23 65.85
C SER C 468 6.57 7.34 64.61
N LEU C 469 6.04 7.80 63.47
CA LEU C 469 6.14 7.01 62.25
C LEU C 469 7.57 6.96 61.72
N SER C 470 8.32 8.05 61.92
CA SER C 470 9.73 8.05 61.53
C SER C 470 10.54 7.08 62.37
N GLY C 471 10.28 7.05 63.68
CA GLY C 471 10.99 6.12 64.55
C GLY C 471 10.67 4.67 64.24
N THR C 472 9.40 4.39 63.96
CA THR C 472 8.97 3.04 63.60
C THR C 472 9.59 2.60 62.28
N GLN C 473 9.62 3.49 61.28
CA GLN C 473 10.17 3.08 59.99
C GLN C 473 11.69 2.93 60.05
N THR C 474 12.36 3.78 60.83
CA THR C 474 13.80 3.62 61.00
C THR C 474 14.13 2.34 61.76
N ILE C 475 13.28 1.94 62.72
CA ILE C 475 13.61 0.75 63.48
C ILE C 475 13.29 -0.49 62.66
N LYS C 476 12.34 -0.40 61.73
CA LYS C 476 12.11 -1.48 60.78
C LYS C 476 13.28 -1.60 59.81
N ALA C 477 13.83 -0.46 59.39
CA ALA C 477 14.98 -0.45 58.51
C ALA C 477 16.20 -1.02 59.19
N GLU C 478 16.37 -0.77 60.49
CA GLU C 478 17.48 -1.35 61.24
C GLU C 478 17.28 -2.85 61.45
N LEU C 479 16.02 -3.28 61.56
CA LEU C 479 15.71 -4.72 61.59
C LEU C 479 16.14 -5.40 60.30
N GLU C 480 15.86 -4.76 59.16
CA GLU C 480 16.28 -5.34 57.89
C GLU C 480 17.80 -5.24 57.70
N GLN C 481 18.43 -4.21 58.27
CA GLN C 481 19.89 -4.16 58.35
C GLN C 481 20.44 -5.36 59.12
N ALA C 482 19.75 -5.77 60.18
CA ALA C 482 20.15 -6.95 60.94
C ALA C 482 19.98 -8.22 60.11
N LYS C 483 18.94 -8.29 59.28
CA LYS C 483 18.77 -9.45 58.42
C LYS C 483 19.85 -9.51 57.33
N ILE C 484 20.23 -8.33 56.80
CA ILE C 484 21.33 -8.25 55.84
C ILE C 484 22.63 -8.71 56.49
N ALA C 485 22.87 -8.30 57.74
CA ALA C 485 24.09 -8.68 58.44
C ALA C 485 24.12 -10.17 58.76
N ILE C 486 22.96 -10.76 59.09
CA ILE C 486 22.97 -12.19 59.39
C ILE C 486 23.11 -13.01 58.10
N GLU C 487 22.68 -12.47 56.96
CA GLU C 487 22.97 -13.20 55.72
C GLU C 487 24.42 -13.02 55.28
N GLN C 488 25.03 -11.86 55.54
CA GLN C 488 26.47 -11.70 55.38
C GLN C 488 27.24 -12.68 56.25
N ALA C 489 26.75 -12.94 57.46
CA ALA C 489 27.39 -13.91 58.33
C ALA C 489 27.14 -15.34 57.86
N ARG C 490 26.00 -15.60 57.21
CA ARG C 490 25.80 -16.91 56.60
C ARG C 490 26.73 -17.13 55.42
N ARG C 491 27.09 -16.08 54.69
CA ARG C 491 28.06 -16.22 53.60
C ARG C 491 29.50 -16.32 54.11
N VAL C 492 29.84 -15.54 55.15
CA VAL C 492 31.21 -15.51 55.66
C VAL C 492 31.47 -16.59 56.71
N GLY C 493 30.65 -16.66 57.77
CA GLY C 493 30.86 -17.69 58.79
C GLY C 493 31.50 -17.22 60.07
N ASP C 494 31.03 -16.11 60.64
CA ASP C 494 31.46 -15.73 61.98
C ASP C 494 30.67 -16.53 63.02
N LEU C 495 31.31 -16.79 64.16
CA LEU C 495 30.79 -17.77 65.10
C LEU C 495 29.82 -17.17 66.11
N ALA C 496 30.30 -16.24 66.94
CA ALA C 496 29.43 -15.62 67.92
C ALA C 496 28.46 -14.63 67.30
N ARG C 497 28.75 -14.18 66.07
CA ARG C 497 27.93 -13.17 65.41
C ARG C 497 26.57 -13.74 65.03
N MET C 498 26.52 -15.03 64.70
CA MET C 498 25.26 -15.67 64.31
C MET C 498 24.24 -15.67 65.44
N SER C 499 24.58 -16.34 66.56
CA SER C 499 23.69 -16.39 67.71
C SER C 499 23.49 -15.01 68.34
N GLU C 500 24.53 -14.15 68.30
CA GLU C 500 24.40 -12.79 68.81
C GLU C 500 23.35 -12.01 68.04
N LEU C 501 23.52 -11.90 66.71
CA LEU C 501 22.58 -11.16 65.87
C LEU C 501 21.18 -11.74 65.94
N GLN C 502 21.06 -13.07 65.88
CA GLN C 502 19.75 -13.71 65.95
C GLN C 502 19.06 -13.43 67.28
N TYR C 503 19.59 -14.01 68.36
CA TYR C 503 18.86 -14.06 69.62
C TYR C 503 18.89 -12.72 70.35
N GLY C 504 19.81 -11.82 70.02
CA GLY C 504 19.68 -10.46 70.47
C GLY C 504 18.77 -9.65 69.57
N LYS C 505 19.17 -9.45 68.32
CA LYS C 505 18.65 -8.37 67.49
C LYS C 505 17.22 -8.64 67.03
N ILE C 506 16.90 -9.89 66.64
CA ILE C 506 15.59 -10.14 66.01
C ILE C 506 14.41 -10.01 66.98
N PRO C 507 14.36 -10.73 68.13
CA PRO C 507 13.12 -10.66 68.92
C PRO C 507 12.89 -9.33 69.64
N GLU C 508 13.95 -8.63 70.09
CA GLU C 508 13.72 -7.37 70.80
C GLU C 508 13.28 -6.26 69.83
N LEU C 509 13.86 -6.23 68.63
CA LEU C 509 13.45 -5.22 67.66
C LEU C 509 12.09 -5.55 67.07
N GLU C 510 11.74 -6.84 66.97
CA GLU C 510 10.39 -7.20 66.54
C GLU C 510 9.34 -6.84 67.59
N LYS C 511 9.63 -7.07 68.88
CA LYS C 511 8.63 -6.74 69.89
C LYS C 511 8.49 -5.23 70.10
N GLN C 512 9.57 -4.46 69.95
CA GLN C 512 9.39 -3.01 70.01
C GLN C 512 8.87 -2.44 68.70
N LEU C 513 9.02 -3.16 67.58
CA LEU C 513 8.33 -2.78 66.35
C LEU C 513 6.82 -2.96 66.51
N GLU C 514 6.40 -4.05 67.16
CA GLU C 514 4.97 -4.19 67.42
C GLU C 514 4.46 -3.28 68.53
N ALA C 515 5.32 -2.89 69.47
CA ALA C 515 4.96 -1.84 70.41
C ALA C 515 4.74 -0.51 69.70
N ALA C 516 5.59 -0.18 68.73
CA ALA C 516 5.36 0.99 67.89
C ALA C 516 4.12 0.83 67.02
N THR C 517 3.80 -0.40 66.61
CA THR C 517 2.61 -0.66 65.81
C THR C 517 1.34 -0.37 66.61
N GLN C 518 1.24 -0.89 67.83
CA GLN C 518 0.08 -0.61 68.66
C GLN C 518 0.05 0.84 69.14
N LEU C 519 1.22 1.46 69.30
CA LEU C 519 1.26 2.89 69.63
C LEU C 519 0.69 3.75 68.50
N GLU C 520 1.04 3.42 67.26
CA GLU C 520 0.50 4.15 66.12
C GLU C 520 -0.98 3.83 65.91
N GLY C 521 -1.39 2.60 66.26
CA GLY C 521 -2.81 2.28 66.22
C GLY C 521 -3.61 3.05 67.25
N LYS C 522 -2.95 3.46 68.34
CA LYS C 522 -3.59 4.35 69.31
C LYS C 522 -3.58 5.80 68.84
N THR C 523 -2.44 6.30 68.35
CA THR C 523 -2.26 7.76 68.30
C THR C 523 -2.65 8.39 66.96
N MET C 524 -2.83 7.61 65.90
CA MET C 524 -3.09 8.20 64.60
C MET C 524 -4.56 8.63 64.50
N ARG C 525 -4.80 9.94 64.63
CA ARG C 525 -6.16 10.46 64.63
C ARG C 525 -6.42 11.43 63.48
N LEU C 526 -5.57 12.44 63.35
CA LEU C 526 -5.88 13.64 62.56
C LEU C 526 -6.00 13.44 61.05
N LEU C 527 -7.69 8.44 60.19
CA LEU C 527 -6.50 8.33 59.35
C LEU C 527 -6.26 6.96 58.78
N ARG C 528 -5.37 6.92 57.79
CA ARG C 528 -4.84 5.70 57.23
C ARG C 528 -3.32 5.79 57.28
N ASN C 529 -2.69 4.79 57.88
CA ASN C 529 -1.24 4.75 58.00
C ASN C 529 -0.62 3.47 57.47
N LYS C 530 -1.40 2.47 57.12
CA LYS C 530 -0.90 1.24 56.54
C LYS C 530 -1.60 1.00 55.21
N VAL C 531 -0.85 0.54 54.22
CA VAL C 531 -1.42 0.29 52.89
C VAL C 531 -2.32 -0.93 52.97
N THR C 532 -3.61 -0.72 53.06
CA THR C 532 -4.52 -1.83 53.14
C THR C 532 -5.40 -1.84 51.90
N ASP C 533 -6.27 -2.85 51.82
CA ASP C 533 -6.98 -3.18 50.58
C ASP C 533 -7.99 -2.12 50.16
N ALA C 534 -8.39 -1.22 51.04
CA ALA C 534 -9.15 -0.07 50.62
C ALA C 534 -8.33 0.82 49.68
N GLU C 535 -7.05 0.97 49.96
CA GLU C 535 -6.23 1.79 49.10
C GLU C 535 -5.89 1.10 47.80
N ILE C 536 -5.78 -0.23 47.80
CA ILE C 536 -5.63 -0.96 46.54
C ILE C 536 -6.87 -0.78 45.68
N ALA C 537 -8.05 -0.83 46.31
CA ALA C 537 -9.27 -0.59 45.58
C ALA C 537 -9.33 0.81 45.02
N GLU C 538 -8.83 1.79 45.76
CA GLU C 538 -8.87 3.17 45.25
C GLU C 538 -7.90 3.36 44.10
N VAL C 539 -6.70 2.80 44.19
CA VAL C 539 -5.73 3.00 43.11
C VAL C 539 -6.15 2.26 41.86
N LEU C 540 -6.81 1.13 42.02
CA LEU C 540 -7.27 0.43 40.85
C LEU C 540 -8.54 1.05 40.27
N ALA C 541 -9.34 1.73 41.07
CA ALA C 541 -10.46 2.44 40.49
C ALA C 541 -10.00 3.70 39.78
N ARG C 542 -8.94 4.33 40.25
CA ARG C 542 -8.43 5.48 39.51
C ARG C 542 -7.58 5.08 38.32
N TRP C 543 -7.03 3.88 38.31
CA TRP C 543 -6.22 3.45 37.16
C TRP C 543 -7.12 3.28 35.95
N THR C 544 -8.07 2.38 36.05
CA THR C 544 -8.84 1.97 34.89
C THR C 544 -9.96 2.95 34.57
N GLY C 545 -10.90 3.06 35.49
CA GLY C 545 -12.13 3.75 35.24
C GLY C 545 -13.25 3.04 35.96
N ILE C 546 -13.10 1.74 36.16
CA ILE C 546 -14.15 0.91 36.76
C ILE C 546 -14.36 1.33 38.20
N PRO C 547 -15.58 1.45 38.67
CA PRO C 547 -15.83 1.61 40.09
C PRO C 547 -15.47 0.36 40.88
N VAL C 548 -14.16 0.21 41.14
CA VAL C 548 -13.69 -0.89 41.95
C VAL C 548 -14.06 -0.68 43.40
N SER C 549 -13.90 0.56 43.87
CA SER C 549 -13.67 0.88 45.28
C SER C 549 -14.86 0.54 46.15
N ARG C 550 -14.59 0.46 47.44
CA ARG C 550 -15.70 0.36 48.38
C ARG C 550 -16.38 1.72 48.48
N MET C 551 -17.69 1.67 48.67
CA MET C 551 -18.51 2.85 48.50
C MET C 551 -18.29 3.85 49.63
N MET C 552 -18.51 5.11 49.31
CA MET C 552 -18.73 6.14 50.31
C MET C 552 -20.22 6.26 50.57
N GLU C 553 -20.58 7.00 51.60
CA GLU C 553 -21.99 7.03 51.99
C GLU C 553 -22.82 7.92 51.07
N SER C 554 -22.21 8.94 50.47
CA SER C 554 -22.92 9.74 49.47
C SER C 554 -23.23 8.91 48.25
N GLU C 555 -22.25 8.14 47.77
CA GLU C 555 -22.49 7.27 46.62
C GLU C 555 -23.40 6.11 46.98
N ARG C 556 -23.36 5.62 48.22
CA ARG C 556 -24.20 4.48 48.53
C ARG C 556 -25.66 4.89 48.72
N GLU C 557 -25.90 6.05 49.32
CA GLU C 557 -27.26 6.55 49.37
C GLU C 557 -27.72 7.04 48.01
N LYS C 558 -26.79 7.45 47.15
CA LYS C 558 -27.13 7.68 45.75
C LYS C 558 -27.53 6.38 45.09
N LEU C 559 -26.90 5.30 45.48
CA LEU C 559 -27.04 4.03 44.81
C LEU C 559 -28.22 3.23 45.35
N LEU C 560 -28.79 3.66 46.46
CA LEU C 560 -30.07 3.13 46.90
C LEU C 560 -31.24 4.06 46.60
N ARG C 561 -30.98 5.31 46.20
CA ARG C 561 -31.98 6.14 45.57
C ARG C 561 -32.01 5.97 44.07
N MET C 562 -31.60 4.78 43.61
CA MET C 562 -31.49 4.47 42.19
C MET C 562 -32.82 4.58 41.50
N GLU C 563 -33.83 3.90 42.03
CA GLU C 563 -35.15 3.93 41.45
C GLU C 563 -35.79 5.30 41.63
N GLN C 564 -35.45 6.00 42.69
CA GLN C 564 -35.86 7.39 42.85
C GLN C 564 -35.23 8.27 41.77
N GLU C 565 -33.91 8.24 41.66
CA GLU C 565 -33.21 9.14 40.75
C GLU C 565 -33.32 8.74 39.30
N LEU C 566 -33.93 7.61 38.98
CA LEU C 566 -34.34 7.38 37.61
C LEU C 566 -35.79 7.72 37.35
N HIS C 567 -36.60 7.91 38.39
CA HIS C 567 -37.92 8.46 38.13
C HIS C 567 -37.93 9.98 38.16
N HIS C 568 -36.79 10.64 38.32
CA HIS C 568 -36.73 12.06 38.02
C HIS C 568 -36.73 12.33 36.54
N ARG C 569 -36.41 11.34 35.72
CA ARG C 569 -36.38 11.51 34.28
C ARG C 569 -37.15 10.47 33.52
N VAL C 570 -37.38 9.30 34.09
CA VAL C 570 -38.22 8.29 33.47
C VAL C 570 -39.40 8.13 34.40
N ILE C 571 -40.42 8.86 34.16
CA ILE C 571 -41.70 8.57 34.77
C ILE C 571 -42.31 7.47 33.91
N GLY C 572 -43.17 6.69 34.55
CA GLY C 572 -43.64 5.44 34.01
C GLY C 572 -42.61 4.34 34.25
N GLN C 573 -42.94 3.15 33.76
CA GLN C 573 -42.01 2.04 33.56
C GLN C 573 -41.36 1.57 34.86
N ASN C 574 -42.19 0.99 35.72
CA ASN C 574 -41.70 0.41 36.97
C ASN C 574 -40.68 -0.70 36.72
N GLU C 575 -40.95 -1.54 35.72
CA GLU C 575 -40.30 -2.82 35.59
C GLU C 575 -38.83 -2.67 35.25
N ALA C 576 -38.53 -1.92 34.20
CA ALA C 576 -37.15 -1.88 33.77
C ALA C 576 -36.29 -1.01 34.64
N VAL C 577 -36.87 0.00 35.27
CA VAL C 577 -36.09 0.78 36.24
C VAL C 577 -35.73 -0.09 37.42
N ASP C 578 -36.65 -0.97 37.85
CA ASP C 578 -36.32 -1.97 38.87
C ASP C 578 -35.22 -2.92 38.40
N ALA C 579 -35.29 -3.36 37.15
CA ALA C 579 -34.33 -4.36 36.67
C ALA C 579 -32.94 -3.77 36.52
N VAL C 580 -32.83 -2.58 35.96
CA VAL C 580 -31.51 -2.01 35.73
C VAL C 580 -30.92 -1.49 37.04
N SER C 581 -31.77 -1.01 37.96
CA SER C 581 -31.35 -0.72 39.31
C SER C 581 -30.74 -1.94 39.96
N ASN C 582 -31.37 -3.09 39.79
CA ASN C 582 -30.85 -4.34 40.33
C ASN C 582 -29.51 -4.68 39.71
N ALA C 583 -29.36 -4.46 38.40
CA ALA C 583 -28.11 -4.86 37.75
C ALA C 583 -26.94 -4.01 38.20
N ILE C 584 -27.14 -2.70 38.29
CA ILE C 584 -26.02 -1.86 38.73
C ILE C 584 -25.75 -2.06 40.21
N ARG C 585 -26.78 -2.38 41.01
CA ARG C 585 -26.54 -2.73 42.40
C ARG C 585 -25.75 -4.03 42.54
N ARG C 586 -26.05 -5.03 41.71
CA ARG C 586 -25.28 -6.27 41.77
C ARG C 586 -23.85 -6.07 41.34
N SER C 587 -23.61 -5.17 40.39
CA SER C 587 -22.23 -4.91 40.02
C SER C 587 -21.48 -4.19 41.12
N ARG C 588 -22.17 -3.32 41.86
CA ARG C 588 -21.43 -2.57 42.86
C ARG C 588 -21.18 -3.37 44.12
N ALA C 589 -22.06 -4.29 44.47
CA ALA C 589 -21.82 -5.08 45.67
C ALA C 589 -20.70 -6.09 45.46
N GLY C 590 -20.52 -6.56 44.24
CA GLY C 590 -19.55 -7.61 43.98
C GLY C 590 -20.20 -8.97 43.91
N LEU C 591 -21.24 -9.10 43.11
CA LEU C 591 -21.84 -10.38 42.87
C LEU C 591 -22.00 -10.71 41.40
N ALA C 592 -21.48 -9.88 40.51
CA ALA C 592 -21.64 -10.13 39.10
C ALA C 592 -20.76 -11.30 38.68
N ASP C 593 -21.18 -11.98 37.64
CA ASP C 593 -20.35 -13.00 37.03
C ASP C 593 -19.17 -12.31 36.40
N PRO C 594 -17.94 -12.59 36.80
CA PRO C 594 -16.81 -11.82 36.29
C PRO C 594 -16.30 -12.31 34.95
N ASN C 595 -17.11 -13.07 34.24
CA ASN C 595 -16.78 -13.54 32.90
C ASN C 595 -17.76 -13.03 31.87
N ARG C 596 -18.80 -12.31 32.28
CA ARG C 596 -19.83 -11.76 31.43
C ARG C 596 -19.94 -10.27 31.72
N PRO C 597 -20.52 -9.49 30.82
CA PRO C 597 -20.77 -8.09 31.15
C PRO C 597 -21.86 -7.97 32.19
N ILE C 598 -22.02 -6.75 32.69
CA ILE C 598 -22.87 -6.52 33.83
C ILE C 598 -24.32 -6.69 33.44
N GLY C 599 -24.78 -5.85 32.54
CA GLY C 599 -26.16 -5.91 32.13
C GLY C 599 -26.24 -6.07 30.64
N SER C 600 -26.79 -7.18 30.21
CA SER C 600 -27.01 -7.43 28.80
C SER C 600 -28.50 -7.48 28.58
N PHE C 601 -29.11 -6.32 28.38
CA PHE C 601 -30.55 -6.18 28.40
C PHE C 601 -31.13 -6.10 27.00
N LEU C 602 -32.44 -6.27 26.93
CA LEU C 602 -33.19 -6.11 25.69
C LEU C 602 -34.46 -5.35 26.01
N PHE C 603 -34.44 -4.04 25.86
CA PHE C 603 -35.63 -3.25 26.12
C PHE C 603 -36.56 -3.42 24.93
N LEU C 604 -37.73 -3.98 25.15
CA LEU C 604 -38.70 -4.00 24.10
C LEU C 604 -39.75 -2.92 24.35
N GLY C 605 -40.79 -2.90 23.54
CA GLY C 605 -41.90 -2.05 23.83
C GLY C 605 -42.15 -1.02 22.75
N PRO C 606 -43.41 -0.61 22.61
CA PRO C 606 -43.82 0.15 21.43
C PRO C 606 -43.29 1.56 21.39
N THR C 607 -43.64 2.26 20.32
CA THR C 607 -42.84 3.33 19.76
C THR C 607 -42.79 4.54 20.66
N GLY C 608 -41.63 4.81 21.24
CA GLY C 608 -41.48 6.01 22.04
C GLY C 608 -42.17 5.98 23.38
N VAL C 609 -41.68 5.15 24.29
CA VAL C 609 -42.21 5.05 25.64
C VAL C 609 -41.16 5.20 26.71
N GLY C 610 -39.92 5.53 26.36
CA GLY C 610 -38.91 5.89 27.34
C GLY C 610 -37.58 5.19 27.25
N LYS C 611 -37.44 4.31 26.25
CA LYS C 611 -36.33 3.37 26.17
C LYS C 611 -34.99 4.09 26.05
N THR C 612 -34.84 4.88 25.00
CA THR C 612 -33.62 5.64 24.80
C THR C 612 -33.45 6.67 25.90
N GLU C 613 -34.55 7.16 26.48
CA GLU C 613 -34.41 8.01 27.66
C GLU C 613 -34.15 7.24 28.94
N LEU C 614 -34.50 5.96 29.01
CA LEU C 614 -34.03 5.19 30.17
C LEU C 614 -32.52 5.00 30.11
N CYS C 615 -31.99 4.80 28.90
CA CYS C 615 -30.55 4.64 28.78
C CYS C 615 -29.83 5.97 28.99
N LYS C 616 -30.40 7.06 28.52
CA LYS C 616 -29.82 8.35 28.83
C LYS C 616 -29.97 8.70 30.30
N ALA C 617 -30.99 8.17 30.95
CA ALA C 617 -31.10 8.35 32.40
C ALA C 617 -29.99 7.60 33.11
N LEU C 618 -29.62 6.43 32.61
CA LEU C 618 -28.50 5.71 33.18
C LEU C 618 -27.19 6.45 32.98
N ALA C 619 -27.02 7.08 31.84
CA ALA C 619 -25.76 7.77 31.63
C ALA C 619 -25.69 9.04 32.47
N ASN C 620 -26.81 9.72 32.66
CA ASN C 620 -26.79 10.91 33.51
C ASN C 620 -26.68 10.52 34.97
N PHE C 621 -27.19 9.35 35.34
CA PHE C 621 -26.97 8.90 36.70
C PHE C 621 -25.51 8.51 36.91
N MET C 622 -25.01 7.66 36.04
CA MET C 622 -23.75 6.97 36.27
C MET C 622 -22.56 7.90 36.02
N PHE C 623 -22.58 8.62 34.90
CA PHE C 623 -21.44 9.43 34.50
C PHE C 623 -21.65 10.90 34.70
N ASP C 624 -22.87 11.32 35.03
CA ASP C 624 -23.28 12.73 35.09
C ASP C 624 -23.07 13.44 33.76
N SER C 625 -23.47 12.77 32.67
CA SER C 625 -23.59 13.37 31.34
C SER C 625 -24.43 12.43 30.49
N ASP C 626 -25.21 13.00 29.57
CA ASP C 626 -25.98 12.18 28.65
C ASP C 626 -25.16 11.74 27.46
N GLU C 627 -24.22 12.56 27.01
CA GLU C 627 -23.44 12.21 25.83
C GLU C 627 -22.16 11.50 26.22
N ALA C 628 -22.24 10.54 27.13
CA ALA C 628 -21.12 9.66 27.44
C ALA C 628 -21.69 8.26 27.48
N MET C 629 -21.86 7.69 26.31
CA MET C 629 -22.40 6.35 26.16
C MET C 629 -22.04 5.89 24.76
N VAL C 630 -21.32 4.78 24.67
CA VAL C 630 -20.88 4.31 23.38
C VAL C 630 -22.13 3.83 22.69
N ARG C 631 -22.61 4.62 21.75
CA ARG C 631 -23.91 4.42 21.15
C ARG C 631 -23.72 4.00 19.71
N ILE C 632 -23.65 2.69 19.50
CA ILE C 632 -23.80 2.14 18.17
C ILE C 632 -25.22 2.44 17.72
N ASP C 633 -25.39 2.71 16.45
CA ASP C 633 -26.71 2.97 15.90
C ASP C 633 -27.06 1.84 14.94
N MET C 634 -27.78 0.85 15.45
CA MET C 634 -27.99 -0.40 14.74
C MET C 634 -29.04 -0.32 13.66
N SER C 635 -29.36 0.86 13.14
CA SER C 635 -30.17 0.93 11.93
C SER C 635 -29.37 1.43 10.75
N GLU C 636 -28.07 1.61 10.93
CA GLU C 636 -27.17 1.81 9.82
C GLU C 636 -26.61 0.50 9.33
N PHE C 637 -26.95 -0.59 9.97
CA PHE C 637 -26.24 -1.84 9.84
C PHE C 637 -27.02 -2.83 9.02
N MET C 638 -27.63 -2.37 7.95
CA MET C 638 -28.54 -3.25 7.24
C MET C 638 -27.83 -4.25 6.34
N GLU C 639 -26.52 -4.18 6.19
CA GLU C 639 -25.74 -5.22 5.52
C GLU C 639 -24.52 -5.52 6.40
N LYS C 640 -23.73 -6.54 6.04
CA LYS C 640 -22.67 -7.08 6.90
C LYS C 640 -21.42 -6.21 6.93
N HIS C 641 -21.43 -5.17 6.11
CA HIS C 641 -20.64 -3.97 6.31
C HIS C 641 -20.68 -3.44 7.74
N SER C 642 -21.78 -3.67 8.45
CA SER C 642 -21.88 -3.59 9.90
C SER C 642 -20.69 -4.15 10.67
N VAL C 643 -20.52 -5.47 10.51
CA VAL C 643 -19.45 -6.19 11.16
C VAL C 643 -18.14 -5.53 10.82
N SER C 644 -17.96 -5.18 9.55
CA SER C 644 -16.69 -4.56 9.22
C SER C 644 -16.57 -3.13 9.71
N ARG C 645 -17.65 -2.52 10.16
CA ARG C 645 -17.49 -1.16 10.64
C ARG C 645 -17.48 -1.04 12.14
N LEU C 646 -17.75 -2.11 12.87
CA LEU C 646 -17.50 -1.99 14.30
C LEU C 646 -16.37 -2.85 14.82
N VAL C 647 -15.84 -3.82 14.07
CA VAL C 647 -14.66 -4.51 14.59
C VAL C 647 -13.39 -4.15 13.81
N GLY C 648 -13.42 -3.14 12.96
CA GLY C 648 -12.22 -2.69 12.29
C GLY C 648 -11.91 -3.46 11.03
N ALA C 649 -10.95 -2.98 10.33
CA ALA C 649 -10.63 -3.47 9.00
C ALA C 649 -9.52 -4.48 9.07
N PRO C 650 -9.73 -5.67 8.56
CA PRO C 650 -8.77 -6.77 8.69
C PRO C 650 -7.50 -6.50 7.91
N PRO C 651 -6.39 -7.20 8.18
CA PRO C 651 -5.11 -6.80 7.58
C PRO C 651 -5.03 -6.93 6.08
N GLY C 652 -4.24 -6.04 5.49
CA GLY C 652 -4.21 -5.85 4.08
C GLY C 652 -5.21 -4.84 3.58
N TYR C 653 -6.28 -4.62 4.30
CA TYR C 653 -7.37 -3.85 3.78
C TYR C 653 -7.27 -2.41 4.27
N VAL C 654 -8.36 -1.66 4.10
CA VAL C 654 -8.24 -0.22 3.89
C VAL C 654 -7.94 0.53 5.18
N GLY C 655 -8.70 0.25 6.22
CA GLY C 655 -8.57 1.04 7.43
C GLY C 655 -7.94 0.30 8.58
N TYR C 656 -6.97 -0.54 8.26
CA TYR C 656 -6.25 -1.29 9.28
C TYR C 656 -5.49 -0.38 10.23
N GLU C 657 -5.12 0.79 9.78
CA GLU C 657 -4.43 1.72 10.65
C GLU C 657 -5.34 2.43 11.65
N GLU C 658 -6.65 2.23 11.57
CA GLU C 658 -7.56 3.04 12.36
C GLU C 658 -8.42 2.23 13.30
N GLY C 659 -8.73 0.99 12.97
CA GLY C 659 -9.50 0.17 13.88
C GLY C 659 -10.97 0.50 13.86
N GLY C 660 -11.72 -0.28 14.64
CA GLY C 660 -13.15 -0.18 14.66
C GLY C 660 -13.66 1.01 15.43
N TYR C 661 -14.96 1.00 15.66
CA TYR C 661 -15.53 2.01 16.53
C TYR C 661 -15.92 1.47 17.88
N LEU C 662 -16.54 0.30 17.93
CA LEU C 662 -16.94 -0.28 19.21
C LEU C 662 -15.74 -0.68 20.04
N THR C 663 -14.76 -1.34 19.43
CA THR C 663 -13.65 -1.85 20.21
C THR C 663 -12.75 -0.73 20.72
N GLU C 664 -12.44 0.24 19.89
CA GLU C 664 -11.61 1.33 20.38
C GLU C 664 -12.37 2.19 21.36
N ALA C 665 -13.63 2.50 21.06
CA ALA C 665 -14.36 3.37 21.96
C ALA C 665 -14.74 2.69 23.25
N VAL C 666 -14.64 1.37 23.34
CA VAL C 666 -14.73 0.76 24.66
C VAL C 666 -13.38 0.80 25.35
N ARG C 667 -12.33 0.39 24.68
CA ARG C 667 -11.04 0.23 25.33
C ARG C 667 -10.46 1.55 25.83
N ARG C 668 -10.98 2.68 25.37
CA ARG C 668 -10.74 3.95 26.08
C ARG C 668 -11.32 3.91 27.51
N ARG C 669 -12.64 3.82 27.62
CA ARG C 669 -13.35 3.86 28.90
C ARG C 669 -13.91 2.49 29.18
N PRO C 670 -13.26 1.67 30.00
CA PRO C 670 -13.66 0.26 30.09
C PRO C 670 -15.00 0.05 30.74
N TYR C 671 -15.51 1.04 31.44
CA TYR C 671 -16.79 1.00 32.12
C TYR C 671 -17.71 1.98 31.43
N SER C 672 -18.55 1.51 30.52
CA SER C 672 -19.36 2.40 29.71
C SER C 672 -20.62 1.70 29.28
N VAL C 673 -21.70 2.47 29.14
CA VAL C 673 -22.95 1.92 28.62
C VAL C 673 -22.81 1.76 27.11
N ILE C 674 -23.07 0.55 26.62
CA ILE C 674 -23.08 0.32 25.18
C ILE C 674 -24.52 0.24 24.76
N LEU C 675 -25.01 1.26 24.10
CA LEU C 675 -26.40 1.31 23.69
C LEU C 675 -26.51 0.96 22.23
N LEU C 676 -27.18 -0.13 21.93
CA LEU C 676 -27.37 -0.53 20.54
C LEU C 676 -28.79 -0.15 20.14
N ASP C 677 -28.93 1.05 19.60
CA ASP C 677 -30.24 1.63 19.35
C ASP C 677 -30.94 0.91 18.22
N ALA C 678 -32.20 0.54 18.45
CA ALA C 678 -33.14 0.01 17.45
C ALA C 678 -32.58 -1.24 16.78
N VAL C 679 -32.43 -2.28 17.59
CA VAL C 679 -31.53 -3.37 17.23
C VAL C 679 -32.09 -4.29 16.16
N GLU C 680 -33.38 -4.27 15.87
CA GLU C 680 -33.89 -5.22 14.89
C GLU C 680 -33.66 -4.77 13.45
N LYS C 681 -33.25 -3.51 13.27
CA LYS C 681 -33.10 -2.96 11.93
C LYS C 681 -31.81 -3.38 11.25
N ALA C 682 -30.94 -4.11 11.92
CA ALA C 682 -29.76 -4.61 11.23
C ALA C 682 -30.12 -5.89 10.48
N HIS C 683 -29.17 -6.39 9.71
CA HIS C 683 -29.37 -7.68 9.07
C HIS C 683 -29.30 -8.75 10.14
N PRO C 684 -30.08 -9.83 10.02
CA PRO C 684 -30.18 -10.79 11.12
C PRO C 684 -28.90 -11.51 11.47
N ASP C 685 -27.92 -11.58 10.60
CA ASP C 685 -26.60 -12.01 11.05
C ASP C 685 -25.66 -10.83 11.24
N VAL C 686 -26.09 -9.88 12.06
CA VAL C 686 -25.19 -8.99 12.78
C VAL C 686 -25.27 -9.28 14.26
N PHE C 687 -26.26 -10.06 14.68
CA PHE C 687 -26.30 -10.58 16.04
C PHE C 687 -25.38 -11.79 16.19
N ASN C 688 -24.14 -11.64 15.79
CA ASN C 688 -23.14 -12.66 15.95
C ASN C 688 -21.82 -12.09 16.43
N ILE C 689 -21.59 -10.80 16.25
CA ILE C 689 -20.62 -10.12 17.09
C ILE C 689 -21.07 -10.18 18.54
N LEU C 690 -22.36 -9.98 18.76
CA LEU C 690 -22.87 -9.89 20.10
C LEU C 690 -22.93 -11.24 20.80
N LEU C 691 -22.85 -12.35 20.07
CA LEU C 691 -22.69 -13.64 20.74
C LEU C 691 -21.40 -13.66 21.54
N GLN C 692 -20.32 -13.18 20.95
CA GLN C 692 -19.03 -13.13 21.63
C GLN C 692 -19.08 -12.15 22.78
N VAL C 693 -19.71 -10.99 22.54
CA VAL C 693 -19.80 -9.95 23.56
C VAL C 693 -20.56 -10.43 24.78
N LEU C 694 -21.80 -10.85 24.59
CA LEU C 694 -22.64 -11.17 25.72
C LEU C 694 -22.32 -12.52 26.33
N ASP C 695 -21.64 -13.41 25.59
CA ASP C 695 -21.20 -14.64 26.22
C ASP C 695 -19.99 -14.40 27.11
N ASP C 696 -18.94 -13.78 26.57
CA ASP C 696 -17.71 -13.69 27.34
C ASP C 696 -17.15 -12.31 27.49
N GLY C 697 -17.55 -11.35 26.68
CA GLY C 697 -16.98 -10.04 26.86
C GLY C 697 -15.60 -9.88 26.30
N ARG C 698 -15.22 -10.67 25.32
CA ARG C 698 -14.05 -10.40 24.53
C ARG C 698 -14.46 -10.21 23.08
N LEU C 699 -13.85 -9.25 22.42
CA LEU C 699 -14.24 -8.92 21.05
C LEU C 699 -12.97 -8.59 20.29
N THR C 700 -12.50 -9.52 19.49
CA THR C 700 -11.22 -9.41 18.82
C THR C 700 -11.37 -8.52 17.59
N ASP C 701 -10.72 -7.36 17.60
CA ASP C 701 -10.86 -6.50 16.44
C ASP C 701 -9.78 -6.84 15.39
N GLY C 702 -9.76 -6.08 14.30
CA GLY C 702 -8.95 -6.45 13.15
C GLY C 702 -7.47 -6.18 13.30
N GLN C 703 -7.08 -5.30 14.23
CA GLN C 703 -5.67 -5.21 14.51
C GLN C 703 -5.15 -6.41 15.27
N GLY C 704 -6.05 -7.17 15.91
CA GLY C 704 -5.75 -8.50 16.40
C GLY C 704 -6.00 -8.71 17.88
N ARG C 705 -6.11 -7.66 18.69
CA ARG C 705 -6.07 -7.80 20.14
C ARG C 705 -7.46 -7.77 20.73
N THR C 706 -7.70 -8.60 21.75
CA THR C 706 -9.04 -8.69 22.29
C THR C 706 -9.31 -7.52 23.22
N VAL C 707 -10.59 -7.25 23.44
CA VAL C 707 -11.02 -6.07 24.16
C VAL C 707 -12.00 -6.47 25.25
N ASP C 708 -11.72 -6.04 26.47
CA ASP C 708 -12.41 -6.50 27.67
C ASP C 708 -13.76 -5.81 27.76
N PHE C 709 -14.83 -6.51 27.39
CA PHE C 709 -16.19 -6.03 27.63
C PHE C 709 -16.79 -6.60 28.89
N ARG C 710 -15.99 -6.92 29.90
CA ARG C 710 -16.55 -7.45 31.13
C ARG C 710 -16.83 -6.36 32.14
N ASN C 711 -16.96 -5.13 31.66
CA ASN C 711 -17.26 -4.02 32.55
C ASN C 711 -18.27 -3.05 31.96
N THR C 712 -18.99 -3.43 30.91
CA THR C 712 -19.91 -2.53 30.26
C THR C 712 -21.29 -2.74 30.82
N VAL C 713 -22.27 -2.08 30.20
CA VAL C 713 -23.68 -2.35 30.35
C VAL C 713 -24.24 -2.34 28.94
N VAL C 714 -24.65 -3.49 28.44
CA VAL C 714 -25.06 -3.60 27.05
C VAL C 714 -26.58 -3.50 26.99
N ILE C 715 -27.09 -2.52 26.27
CA ILE C 715 -28.52 -2.28 26.20
C ILE C 715 -28.95 -2.23 24.76
N MET C 716 -29.84 -3.12 24.37
CA MET C 716 -30.37 -3.12 23.01
C MET C 716 -31.85 -2.81 23.07
N THR C 717 -32.27 -1.76 22.37
CA THR C 717 -33.63 -1.26 22.49
C THR C 717 -34.40 -1.52 21.21
N SER C 718 -34.97 -2.71 21.10
CA SER C 718 -35.80 -3.02 19.96
C SER C 718 -37.21 -2.51 20.18
N ASN C 719 -38.09 -2.76 19.22
CA ASN C 719 -39.53 -2.65 19.44
C ASN C 719 -40.29 -3.73 18.67
N LEU C 720 -39.84 -4.98 18.79
CA LEU C 720 -40.43 -6.05 17.98
C LEU C 720 -41.89 -6.35 18.28
N GLY C 721 -42.39 -5.99 19.45
CA GLY C 721 -43.73 -6.42 19.77
C GLY C 721 -44.73 -5.31 19.97
N SER C 722 -44.70 -4.27 19.13
CA SER C 722 -45.53 -3.09 19.37
C SER C 722 -47.00 -3.40 19.26
N ASP C 723 -47.38 -4.20 18.25
CA ASP C 723 -48.77 -4.59 18.06
C ASP C 723 -49.25 -5.43 19.23
N LEU C 724 -48.43 -6.39 19.65
CA LEU C 724 -48.83 -7.32 20.70
C LEU C 724 -48.95 -6.61 22.04
N ILE C 725 -48.00 -5.73 22.36
CA ILE C 725 -48.00 -5.06 23.65
C ILE C 725 -49.14 -4.04 23.70
N GLN C 726 -49.29 -3.24 22.66
CA GLN C 726 -50.42 -2.30 22.65
C GLN C 726 -51.76 -2.99 22.51
N GLU C 727 -51.78 -4.21 22.02
CA GLU C 727 -53.02 -4.97 21.97
C GLU C 727 -53.38 -5.50 23.35
N ARG C 728 -52.40 -6.05 24.08
CA ARG C 728 -52.74 -6.92 25.20
C ARG C 728 -52.07 -6.52 26.51
N PHE C 729 -51.58 -5.29 26.66
CA PHE C 729 -51.02 -4.96 27.98
C PHE C 729 -52.11 -4.79 29.00
N GLY C 730 -53.29 -4.36 28.59
CA GLY C 730 -54.45 -4.52 29.41
C GLY C 730 -54.80 -5.98 29.57
N GLU C 731 -55.56 -6.28 30.63
CA GLU C 731 -56.13 -7.59 30.98
C GLU C 731 -55.12 -8.75 31.02
N LEU C 732 -53.82 -8.46 31.14
CA LEU C 732 -52.83 -9.50 31.32
C LEU C 732 -51.77 -9.03 32.30
N ASP C 733 -51.26 -9.97 33.08
CA ASP C 733 -50.17 -9.70 34.00
C ASP C 733 -48.87 -9.51 33.23
N TYR C 734 -47.81 -9.16 33.97
CA TYR C 734 -46.53 -8.90 33.34
C TYR C 734 -45.83 -10.18 32.90
N ALA C 735 -46.03 -11.27 33.62
CA ALA C 735 -45.28 -12.50 33.35
C ALA C 735 -45.71 -13.13 32.04
N HIS C 736 -47.03 -13.23 31.82
CA HIS C 736 -47.53 -13.82 30.57
C HIS C 736 -47.17 -12.95 29.37
N MET C 737 -47.18 -11.63 29.56
CA MET C 737 -46.79 -10.73 28.50
C MET C 737 -45.32 -10.89 28.15
N LYS C 738 -44.46 -11.04 29.17
CA LYS C 738 -43.06 -11.27 28.91
C LYS C 738 -42.84 -12.56 28.15
N GLU C 739 -43.55 -13.62 28.54
CA GLU C 739 -43.40 -14.89 27.84
C GLU C 739 -43.91 -14.83 26.41
N LEU C 740 -45.00 -14.09 26.18
CA LEU C 740 -45.60 -14.08 24.85
C LEU C 740 -44.78 -13.23 23.87
N VAL C 741 -44.34 -12.05 24.30
CA VAL C 741 -43.48 -11.27 23.42
C VAL C 741 -42.11 -11.91 23.30
N LEU C 742 -41.72 -12.75 24.28
CA LEU C 742 -40.52 -13.55 24.10
C LEU C 742 -40.72 -14.59 23.02
N GLY C 743 -41.95 -15.10 22.87
CA GLY C 743 -42.25 -15.96 21.74
C GLY C 743 -42.13 -15.26 20.41
N VAL C 744 -42.60 -14.01 20.35
CA VAL C 744 -42.48 -13.22 19.11
C VAL C 744 -41.02 -12.97 18.77
N VAL C 745 -40.23 -12.57 19.77
CA VAL C 745 -38.81 -12.34 19.59
C VAL C 745 -38.10 -13.62 19.19
N SER C 746 -38.56 -14.76 19.73
CA SER C 746 -38.03 -16.06 19.34
C SER C 746 -38.32 -16.35 17.87
N HIS C 747 -39.43 -15.84 17.35
CA HIS C 747 -39.61 -15.93 15.91
C HIS C 747 -38.67 -14.99 15.15
N ASN C 748 -38.30 -13.85 15.74
CA ASN C 748 -37.45 -12.97 14.95
C ASN C 748 -35.97 -13.26 15.09
N PHE C 749 -35.46 -13.37 16.31
CA PHE C 749 -34.03 -13.64 16.49
C PHE C 749 -33.75 -15.13 16.34
N ARG C 750 -32.58 -15.55 16.75
CA ARG C 750 -32.24 -16.96 16.75
C ARG C 750 -32.16 -17.46 18.18
N PRO C 751 -32.35 -18.76 18.42
CA PRO C 751 -32.28 -19.28 19.79
C PRO C 751 -30.89 -19.22 20.39
N GLU C 752 -29.86 -18.93 19.61
CA GLU C 752 -28.52 -18.78 20.15
C GLU C 752 -28.35 -17.48 20.89
N PHE C 753 -29.21 -16.51 20.61
CA PHE C 753 -28.95 -15.15 21.00
C PHE C 753 -29.83 -14.66 22.13
N ILE C 754 -31.12 -15.00 22.11
CA ILE C 754 -31.98 -14.62 23.22
C ILE C 754 -31.69 -15.42 24.46
N ASN C 755 -30.93 -16.51 24.31
CA ASN C 755 -30.37 -17.17 25.47
C ASN C 755 -29.35 -16.30 26.17
N ARG C 756 -28.58 -15.50 25.41
CA ARG C 756 -27.49 -14.73 25.99
C ARG C 756 -27.96 -13.58 26.86
N ILE C 757 -29.20 -13.13 26.67
CA ILE C 757 -29.68 -11.87 27.23
C ILE C 757 -29.88 -12.03 28.73
N ASP C 758 -29.60 -10.96 29.49
CA ASP C 758 -29.81 -11.03 30.92
C ASP C 758 -31.29 -11.03 31.25
N GLU C 759 -31.99 -9.94 30.96
CA GLU C 759 -33.43 -9.91 31.14
C GLU C 759 -34.06 -9.13 30.01
N VAL C 760 -34.91 -9.78 29.25
CA VAL C 760 -35.78 -9.08 28.32
C VAL C 760 -36.85 -8.38 29.13
N VAL C 761 -36.89 -7.07 29.08
CA VAL C 761 -37.97 -6.38 29.75
C VAL C 761 -39.06 -6.12 28.72
N VAL C 762 -40.23 -5.74 29.20
CA VAL C 762 -41.33 -5.36 28.33
C VAL C 762 -41.80 -4.01 28.79
N PHE C 763 -41.79 -3.02 27.91
CA PHE C 763 -42.36 -1.75 28.33
C PHE C 763 -43.87 -1.82 28.12
N HIS C 764 -44.52 -0.67 28.14
CA HIS C 764 -45.97 -0.66 28.09
C HIS C 764 -46.43 0.67 27.53
N PRO C 765 -47.66 0.74 27.02
CA PRO C 765 -48.22 2.03 26.62
C PRO C 765 -48.40 2.94 27.83
N LEU C 766 -48.51 4.22 27.56
CA LEU C 766 -48.64 5.18 28.65
C LEU C 766 -50.11 5.45 28.94
N GLY C 767 -50.36 5.82 30.20
CA GLY C 767 -51.67 6.29 30.64
C GLY C 767 -51.62 7.80 30.84
N GLU C 768 -52.78 8.39 31.15
CA GLU C 768 -52.94 9.83 31.08
C GLU C 768 -52.17 10.53 32.19
N GLN C 769 -52.17 9.96 33.40
CA GLN C 769 -51.41 10.54 34.50
C GLN C 769 -49.92 10.51 34.23
N HIS C 770 -49.45 9.47 33.53
CA HIS C 770 -48.05 9.44 33.09
C HIS C 770 -47.79 10.58 32.12
N ILE C 771 -48.74 10.84 31.22
CA ILE C 771 -48.56 11.89 30.23
C ILE C 771 -48.54 13.25 30.89
N ALA C 772 -49.36 13.45 31.92
CA ALA C 772 -49.34 14.71 32.66
C ALA C 772 -48.02 14.91 33.38
N SER C 773 -47.46 13.84 33.93
CA SER C 773 -46.16 13.98 34.59
C SER C 773 -45.05 14.26 33.58
N ILE C 774 -45.13 13.63 32.39
CA ILE C 774 -44.17 13.92 31.32
C ILE C 774 -44.27 15.37 30.90
N ALA C 775 -45.49 15.89 30.86
CA ALA C 775 -45.70 17.28 30.50
C ALA C 775 -45.07 18.21 31.52
N GLN C 776 -45.13 17.85 32.80
CA GLN C 776 -44.46 18.67 33.80
C GLN C 776 -42.94 18.60 33.66
N ILE C 777 -42.41 17.44 33.26
CA ILE C 777 -40.95 17.35 33.05
C ILE C 777 -40.51 18.20 31.86
N GLN C 778 -41.25 18.12 30.76
CA GLN C 778 -40.92 18.92 29.58
C GLN C 778 -41.08 20.41 29.85
N LEU C 779 -42.05 20.79 30.67
CA LEU C 779 -42.16 22.19 30.99
C LEU C 779 -41.07 22.65 31.95
N LYS C 780 -40.55 21.73 32.77
CA LYS C 780 -39.35 22.04 33.54
C LYS C 780 -38.18 22.38 32.62
N ARG C 781 -37.95 21.57 31.59
CA ARG C 781 -36.83 21.91 30.72
C ARG C 781 -37.14 23.10 29.83
N LEU C 782 -38.42 23.38 29.54
CA LEU C 782 -38.75 24.59 28.79
C LEU C 782 -38.50 25.85 29.62
N TYR C 783 -38.88 25.81 30.89
CA TYR C 783 -38.58 26.91 31.79
C TYR C 783 -37.08 27.09 31.95
N LYS C 784 -36.35 25.98 31.90
CA LYS C 784 -34.89 26.04 31.94
C LYS C 784 -34.33 26.73 30.72
N ARG C 785 -34.88 26.43 29.53
CA ARG C 785 -34.48 27.09 28.30
C ARG C 785 -34.71 28.59 28.36
N LEU C 786 -35.89 29.00 28.80
CA LEU C 786 -36.18 30.44 28.80
C LEU C 786 -35.49 31.18 29.92
N GLU C 787 -35.20 30.51 31.04
CA GLU C 787 -34.42 31.15 32.06
C GLU C 787 -32.97 31.30 31.62
N GLU C 788 -32.50 30.38 30.78
CA GLU C 788 -31.23 30.64 30.11
C GLU C 788 -31.35 31.78 29.10
N ARG C 789 -32.52 31.95 28.52
CA ARG C 789 -32.72 33.10 27.63
C ARG C 789 -32.94 34.38 28.43
N GLY C 790 -33.46 34.29 29.65
CA GLY C 790 -33.75 35.47 30.42
C GLY C 790 -35.23 35.79 30.55
N TYR C 791 -36.03 34.78 30.86
CA TYR C 791 -37.46 34.95 31.06
C TYR C 791 -37.92 34.05 32.19
N GLU C 792 -39.20 34.17 32.55
CA GLU C 792 -39.84 33.30 33.53
C GLU C 792 -41.26 33.02 33.05
N ILE C 793 -41.73 31.79 33.29
CA ILE C 793 -43.10 31.41 32.92
C ILE C 793 -43.74 30.61 34.04
N HIS C 794 -44.91 31.05 34.49
CA HIS C 794 -45.84 30.21 35.23
C HIS C 794 -46.95 29.75 34.29
N ILE C 795 -47.59 28.65 34.66
CA ILE C 795 -48.64 28.07 33.82
C ILE C 795 -49.89 27.84 34.65
N SER C 796 -51.04 27.90 34.00
CA SER C 796 -52.29 27.49 34.60
C SER C 796 -52.42 25.97 34.57
N ASP C 797 -53.17 25.44 35.52
CA ASP C 797 -53.41 24.00 35.56
C ASP C 797 -54.36 23.57 34.46
N GLU C 798 -55.24 24.48 34.01
CA GLU C 798 -56.14 24.13 32.93
C GLU C 798 -55.40 24.03 31.61
N ALA C 799 -54.34 24.82 31.43
CA ALA C 799 -53.48 24.68 30.26
C ALA C 799 -52.81 23.32 30.23
N LEU C 800 -52.34 22.86 31.40
CA LEU C 800 -51.79 21.53 31.52
C LEU C 800 -52.86 20.47 31.28
N LYS C 801 -54.12 20.75 31.64
CA LYS C 801 -55.20 19.81 31.34
C LYS C 801 -55.45 19.70 29.84
N LEU C 802 -55.38 20.82 29.13
CA LEU C 802 -55.54 20.77 27.68
C LEU C 802 -54.37 20.07 27.02
N LEU C 803 -53.16 20.28 27.52
CA LEU C 803 -52.01 19.56 26.97
C LEU C 803 -52.08 18.07 27.28
N SER C 804 -52.71 17.71 28.39
CA SER C 804 -52.91 16.30 28.70
C SER C 804 -53.97 15.69 27.80
N GLU C 805 -55.10 16.39 27.62
CA GLU C 805 -56.20 15.82 26.86
C GLU C 805 -55.93 15.80 25.37
N ASN C 806 -55.08 16.71 24.89
CA ASN C 806 -54.77 16.77 23.47
C ASN C 806 -53.56 15.93 23.11
N GLY C 807 -52.95 15.27 24.07
CA GLY C 807 -51.77 14.46 23.80
C GLY C 807 -51.93 13.03 24.25
N TYR C 808 -53.12 12.46 24.09
CA TYR C 808 -53.35 11.06 24.42
C TYR C 808 -53.66 10.29 23.17
N ASP C 809 -52.84 9.31 22.87
CA ASP C 809 -53.07 8.32 21.83
C ASP C 809 -52.18 7.14 22.11
N PRO C 810 -52.66 5.92 21.94
CA PRO C 810 -51.87 4.76 22.36
C PRO C 810 -50.76 4.44 21.39
N VAL C 811 -51.05 4.60 20.10
CA VAL C 811 -50.15 4.10 19.07
C VAL C 811 -48.85 4.88 18.94
N TYR C 812 -48.75 6.05 19.55
CA TYR C 812 -47.57 6.86 19.39
C TYR C 812 -46.86 7.17 20.69
N GLY C 813 -47.45 6.89 21.83
CA GLY C 813 -46.73 7.08 23.07
C GLY C 813 -46.57 8.52 23.51
N ALA C 814 -45.33 8.99 23.61
CA ALA C 814 -45.06 10.23 24.33
C ALA C 814 -44.60 11.39 23.47
N ARG C 815 -44.16 11.14 22.26
CA ARG C 815 -43.90 12.25 21.36
C ARG C 815 -45.09 13.07 20.86
N PRO C 816 -46.34 12.57 20.84
CA PRO C 816 -47.46 13.51 20.69
C PRO C 816 -47.48 14.60 21.73
N LEU C 817 -47.11 14.28 22.96
CA LEU C 817 -46.97 15.31 23.96
C LEU C 817 -45.85 16.26 23.61
N LYS C 818 -44.75 15.76 23.05
CA LYS C 818 -43.64 16.64 22.70
C LYS C 818 -44.03 17.63 21.62
N ARG C 819 -44.62 17.16 20.55
CA ARG C 819 -44.95 18.14 19.52
C ARG C 819 -46.20 18.93 19.82
N ALA C 820 -47.06 18.46 20.73
CA ALA C 820 -48.18 19.28 21.15
C ALA C 820 -47.72 20.42 22.03
N ILE C 821 -46.80 20.15 22.97
CA ILE C 821 -46.17 21.21 23.76
C ILE C 821 -45.47 22.18 22.85
N GLN C 822 -44.70 21.63 21.89
CA GLN C 822 -43.90 22.39 20.95
C GLN C 822 -44.75 23.40 20.18
N GLN C 823 -45.80 22.91 19.52
CA GLN C 823 -46.74 23.80 18.85
C GLN C 823 -47.45 24.75 19.80
N GLN C 824 -48.34 24.20 20.63
CA GLN C 824 -49.31 25.00 21.36
C GLN C 824 -48.71 25.82 22.48
N ILE C 825 -47.41 25.78 22.74
CA ILE C 825 -46.77 26.76 23.58
C ILE C 825 -45.71 27.55 22.82
N GLU C 826 -44.77 26.84 22.18
CA GLU C 826 -43.59 27.50 21.65
C GLU C 826 -43.94 28.40 20.46
N ASN C 827 -44.89 27.99 19.61
CA ASN C 827 -45.12 28.79 18.41
C ASN C 827 -45.78 30.16 18.66
N PRO C 828 -46.83 30.31 19.47
CA PRO C 828 -47.25 31.68 19.77
C PRO C 828 -46.26 32.41 20.66
N LEU C 829 -45.51 31.69 21.48
CA LEU C 829 -44.48 32.33 22.26
C LEU C 829 -43.33 32.81 21.39
N ALA C 830 -43.01 32.06 20.33
CA ALA C 830 -41.99 32.56 19.41
C ALA C 830 -42.54 33.66 18.52
N GLN C 831 -43.84 33.67 18.29
CA GLN C 831 -44.47 34.80 17.63
C GLN C 831 -44.33 36.05 18.47
N GLN C 832 -44.41 35.91 19.78
CA GLN C 832 -44.44 37.08 20.66
C GLN C 832 -43.08 37.51 21.16
N ILE C 833 -42.10 36.60 21.26
CA ILE C 833 -40.77 37.02 21.71
C ILE C 833 -40.08 37.81 20.61
N LEU C 834 -40.16 37.34 19.39
CA LEU C 834 -39.68 38.13 18.28
C LEU C 834 -40.64 39.23 17.86
N SER C 835 -41.76 39.40 18.56
CA SER C 835 -42.60 40.56 18.33
C SER C 835 -42.04 41.81 19.00
N GLY C 836 -41.01 41.67 19.83
CA GLY C 836 -40.60 42.76 20.70
C GLY C 836 -41.66 43.10 21.72
N GLU C 837 -42.51 42.15 22.08
CA GLU C 837 -43.69 42.40 22.88
C GLU C 837 -43.50 42.03 24.35
N LEU C 838 -43.02 40.82 24.61
CA LEU C 838 -42.92 40.31 25.96
C LEU C 838 -41.57 40.70 26.53
N VAL C 839 -41.58 41.71 27.40
CA VAL C 839 -40.36 42.26 27.98
C VAL C 839 -39.77 41.25 28.96
N PRO C 840 -38.47 40.99 28.94
CA PRO C 840 -37.86 40.11 29.93
C PRO C 840 -37.94 40.69 31.34
N GLY C 841 -37.86 39.78 32.31
CA GLY C 841 -37.97 40.13 33.70
C GLY C 841 -39.39 40.05 34.25
N LYS C 842 -40.39 40.32 33.42
CA LYS C 842 -41.77 40.28 33.86
C LYS C 842 -42.31 38.88 33.73
N VAL C 843 -43.14 38.49 34.70
CA VAL C 843 -43.58 37.11 34.83
C VAL C 843 -44.65 36.81 33.78
N ILE C 844 -44.46 35.72 33.05
CA ILE C 844 -45.39 35.31 32.00
C ILE C 844 -46.31 34.25 32.57
N ARG C 845 -47.61 34.42 32.36
CA ARG C 845 -48.61 33.46 32.77
C ARG C 845 -49.27 32.89 31.53
N LEU C 846 -49.32 31.57 31.44
CA LEU C 846 -49.92 30.91 30.29
C LEU C 846 -51.34 30.44 30.66
N GLU C 847 -52.23 31.41 30.75
CA GLU C 847 -53.62 31.05 30.97
C GLU C 847 -54.24 30.59 29.67
N VAL C 848 -55.37 29.92 29.80
CA VAL C 848 -56.02 29.36 28.62
C VAL C 848 -56.75 30.45 27.86
N ASN C 849 -56.89 30.22 26.57
CA ASN C 849 -57.87 30.92 25.75
C ASN C 849 -59.13 30.07 25.71
N GLU C 850 -60.00 30.33 24.74
CA GLU C 850 -61.13 29.45 24.46
C GLU C 850 -60.64 28.02 24.17
N ASP C 851 -59.69 27.89 23.25
CA ASP C 851 -58.96 26.64 23.06
C ASP C 851 -57.46 26.82 23.05
N ARG C 852 -56.95 28.00 22.74
CA ARG C 852 -55.51 28.22 22.66
C ARG C 852 -54.97 28.52 24.05
N ILE C 853 -53.71 28.96 24.08
CA ILE C 853 -53.06 29.42 25.30
C ILE C 853 -52.55 30.82 25.03
N VAL C 854 -52.90 31.75 25.91
CA VAL C 854 -52.47 33.12 25.78
C VAL C 854 -51.24 33.32 26.65
N ALA C 855 -50.48 34.38 26.37
CA ALA C 855 -49.35 34.78 27.20
C ALA C 855 -49.49 36.26 27.52
N VAL C 856 -49.41 36.61 28.80
CA VAL C 856 -49.62 37.98 29.24
C VAL C 856 -48.35 38.50 29.91
N GLN C 857 -48.40 39.76 30.32
CA GLN C 857 -47.27 40.46 30.93
C GLN C 857 -47.72 41.17 32.19
N HIS C 858 -47.67 40.48 33.32
CA HIS C 858 -47.97 41.10 34.61
C HIS C 858 -47.06 40.55 35.69
N GLN D 159 53.28 -8.29 9.30
CA GLN D 159 52.99 -7.56 8.07
C GLN D 159 51.49 -7.42 7.86
N ALA D 160 50.95 -8.14 6.90
CA ALA D 160 49.50 -8.09 6.64
C ALA D 160 48.81 -9.42 6.86
N LEU D 161 49.34 -10.50 6.33
CA LEU D 161 48.68 -11.79 6.48
C LEU D 161 48.93 -12.44 7.82
N LYS D 162 49.50 -11.72 8.77
CA LYS D 162 49.54 -12.18 10.15
C LYS D 162 48.51 -11.50 11.03
N LYS D 163 48.20 -10.24 10.76
CA LYS D 163 47.31 -9.50 11.63
C LYS D 163 45.87 -9.93 11.42
N TYR D 164 45.38 -9.78 10.20
CA TYR D 164 43.95 -9.67 9.96
C TYR D 164 43.30 -10.96 9.55
N THR D 165 44.04 -12.06 9.53
CA THR D 165 43.49 -13.34 9.11
C THR D 165 43.68 -14.38 10.20
N ILE D 166 42.73 -15.31 10.27
CA ILE D 166 42.73 -16.38 11.25
C ILE D 166 42.94 -17.67 10.50
N ASP D 167 43.97 -18.42 10.87
CA ASP D 167 44.23 -19.68 10.19
C ASP D 167 43.21 -20.72 10.59
N LEU D 168 42.96 -21.64 9.67
CA LEU D 168 42.27 -22.87 10.00
C LEU D 168 43.19 -24.06 10.06
N THR D 169 44.26 -24.06 9.27
CA THR D 169 45.14 -25.23 9.20
C THR D 169 45.95 -25.38 10.47
N GLU D 170 46.24 -24.28 11.17
CA GLU D 170 46.80 -24.39 12.50
C GLU D 170 45.79 -25.00 13.46
N ARG D 171 44.56 -24.50 13.42
CA ARG D 171 43.51 -25.01 14.29
C ARG D 171 43.00 -26.37 13.86
N ALA D 172 43.29 -26.80 12.63
CA ALA D 172 43.10 -28.21 12.31
C ALA D 172 44.33 -29.03 12.63
N GLU D 173 45.48 -28.39 12.81
CA GLU D 173 46.71 -29.09 13.18
C GLU D 173 46.81 -29.27 14.69
N GLN D 174 46.48 -28.24 15.45
CA GLN D 174 46.44 -28.35 16.90
C GLN D 174 45.14 -28.96 17.40
N GLY D 175 44.30 -29.48 16.50
CA GLY D 175 43.09 -30.18 16.85
C GLY D 175 41.95 -29.31 17.33
N LYS D 176 42.05 -27.99 17.15
CA LYS D 176 41.04 -27.10 17.69
C LYS D 176 39.72 -27.14 16.95
N LEU D 177 39.65 -27.78 15.80
CA LEU D 177 38.42 -27.82 15.02
C LEU D 177 37.73 -29.15 15.23
N ASP D 178 36.61 -29.26 14.73
CA ASP D 178 35.85 -30.47 14.99
C ASP D 178 36.01 -31.48 13.87
N PRO D 179 35.91 -32.77 14.17
CA PRO D 179 35.93 -33.78 13.11
C PRO D 179 34.71 -33.64 12.22
N VAL D 180 34.92 -33.42 10.94
CA VAL D 180 33.84 -33.15 10.01
C VAL D 180 33.59 -34.41 9.21
N ILE D 181 32.42 -35.00 9.40
CA ILE D 181 32.09 -36.30 8.86
C ILE D 181 31.06 -36.10 7.75
N GLY D 182 31.14 -36.94 6.73
CA GLY D 182 30.26 -36.81 5.59
C GLY D 182 30.83 -35.77 4.65
N ARG D 183 29.93 -35.18 3.87
CA ARG D 183 30.18 -33.97 3.07
C ARG D 183 31.24 -34.17 2.02
N ASP D 184 31.55 -35.41 1.64
CA ASP D 184 32.65 -35.62 0.72
C ASP D 184 32.29 -35.16 -0.68
N GLU D 185 31.00 -35.17 -1.02
CA GLU D 185 30.56 -34.63 -2.30
C GLU D 185 30.84 -33.14 -2.39
N GLU D 186 30.49 -32.39 -1.36
CA GLU D 186 30.66 -30.94 -1.43
C GLU D 186 32.09 -30.52 -1.20
N ILE D 187 32.84 -31.28 -0.41
CA ILE D 187 34.28 -31.03 -0.32
C ILE D 187 34.93 -31.26 -1.67
N ARG D 188 34.52 -32.33 -2.36
CA ARG D 188 35.08 -32.59 -3.68
C ARG D 188 34.71 -31.50 -4.68
N ARG D 189 33.49 -30.98 -4.58
CA ARG D 189 33.09 -29.95 -5.54
C ARG D 189 33.79 -28.63 -5.26
N THR D 190 34.07 -28.33 -4.00
CA THR D 190 34.87 -27.14 -3.72
C THR D 190 36.31 -27.31 -4.19
N ILE D 191 36.86 -28.51 -4.06
CA ILE D 191 38.23 -28.72 -4.54
C ILE D 191 38.26 -28.64 -6.06
N GLN D 192 37.19 -29.03 -6.74
CA GLN D 192 37.09 -28.80 -8.18
C GLN D 192 37.09 -27.31 -8.48
N VAL D 193 36.21 -26.55 -7.83
CA VAL D 193 36.00 -25.16 -8.22
C VAL D 193 37.21 -24.30 -7.88
N LEU D 194 38.00 -24.71 -6.88
CA LEU D 194 39.23 -23.98 -6.62
C LEU D 194 40.26 -24.17 -7.73
N GLN D 195 40.27 -25.31 -8.40
CA GLN D 195 41.28 -25.61 -9.41
C GLN D 195 40.73 -25.38 -10.82
N ARG D 196 40.44 -24.14 -11.12
CA ARG D 196 40.06 -23.75 -12.47
C ARG D 196 40.96 -22.60 -12.92
N ARG D 197 40.63 -22.00 -14.05
CA ARG D 197 41.34 -20.81 -14.52
C ARG D 197 40.52 -19.54 -14.38
N THR D 198 39.23 -19.57 -14.71
CA THR D 198 38.35 -18.44 -14.45
C THR D 198 37.16 -18.89 -13.61
N LYS D 199 36.48 -17.90 -13.01
CA LYS D 199 35.42 -18.11 -12.01
C LYS D 199 35.90 -19.05 -10.91
N ASN D 200 37.07 -18.74 -10.38
CA ASN D 200 37.75 -19.68 -9.51
C ASN D 200 37.24 -19.64 -8.09
N ASN D 201 36.50 -18.63 -7.72
CA ASN D 201 36.13 -18.43 -6.33
C ASN D 201 34.79 -19.07 -6.05
N PRO D 202 34.70 -20.02 -5.14
CA PRO D 202 33.40 -20.57 -4.78
C PRO D 202 32.80 -19.86 -3.58
N VAL D 203 31.49 -19.93 -3.49
CA VAL D 203 30.77 -19.50 -2.31
C VAL D 203 29.84 -20.65 -1.96
N LEU D 204 29.62 -20.86 -0.67
CA LEU D 204 28.79 -21.96 -0.20
C LEU D 204 27.43 -21.39 0.14
N ILE D 205 26.38 -21.96 -0.45
CA ILE D 205 25.06 -21.38 -0.35
C ILE D 205 24.12 -22.46 0.13
N GLY D 206 23.61 -22.31 1.35
CA GLY D 206 22.65 -23.27 1.84
C GLY D 206 21.84 -22.68 2.95
N GLU D 207 20.86 -23.46 3.39
CA GLU D 207 20.01 -23.08 4.51
C GLU D 207 20.87 -22.91 5.75
N PRO D 208 20.60 -21.90 6.58
CA PRO D 208 21.50 -21.57 7.69
C PRO D 208 21.50 -22.62 8.78
N GLY D 209 22.62 -23.31 8.92
CA GLY D 209 22.76 -24.29 9.97
C GLY D 209 23.40 -25.59 9.55
N VAL D 210 23.57 -25.80 8.25
CA VAL D 210 24.05 -27.08 7.75
C VAL D 210 25.57 -27.14 7.71
N GLY D 211 26.22 -26.14 8.27
CA GLY D 211 27.66 -26.22 8.45
C GLY D 211 28.44 -25.96 7.19
N LYS D 212 28.28 -24.76 6.64
CA LYS D 212 29.16 -24.33 5.57
C LYS D 212 30.57 -24.06 6.10
N THR D 213 30.65 -23.38 7.24
CA THR D 213 31.92 -23.22 7.92
C THR D 213 32.49 -24.57 8.34
N ALA D 214 31.63 -25.53 8.64
CA ALA D 214 32.10 -26.87 8.94
C ALA D 214 32.69 -27.55 7.72
N ILE D 215 32.16 -27.28 6.54
CA ILE D 215 32.78 -27.81 5.32
C ILE D 215 34.16 -27.23 5.13
N VAL D 216 34.34 -25.94 5.41
CA VAL D 216 35.68 -25.43 5.18
C VAL D 216 36.65 -25.86 6.27
N GLU D 217 36.18 -26.04 7.50
CA GLU D 217 37.04 -26.60 8.54
C GLU D 217 37.42 -28.05 8.20
N GLY D 218 36.49 -28.80 7.63
CA GLY D 218 36.82 -30.14 7.16
C GLY D 218 37.75 -30.13 5.97
N LEU D 219 37.70 -29.08 5.16
CA LEU D 219 38.66 -28.95 4.08
C LEU D 219 40.06 -28.76 4.62
N ALA D 220 40.18 -27.99 5.71
CA ALA D 220 41.48 -27.84 6.34
C ALA D 220 41.96 -29.15 6.97
N GLN D 221 41.04 -29.90 7.58
CA GLN D 221 41.42 -31.20 8.13
C GLN D 221 41.81 -32.18 7.04
N ARG D 222 41.22 -32.10 5.86
CA ARG D 222 41.68 -32.97 4.80
C ARG D 222 42.95 -32.50 4.13
N ILE D 223 43.27 -31.21 4.19
CA ILE D 223 44.58 -30.79 3.71
C ILE D 223 45.66 -31.25 4.67
N ILE D 224 45.39 -31.21 5.96
CA ILE D 224 46.37 -31.69 6.93
C ILE D 224 46.52 -33.21 6.84
N ASN D 225 45.41 -33.94 6.82
CA ASN D 225 45.46 -35.38 6.63
C ASN D 225 45.88 -35.76 5.22
N GLY D 226 45.78 -34.84 4.26
CA GLY D 226 46.42 -35.04 2.98
C GLY D 226 45.73 -36.01 2.03
N GLU D 227 44.42 -36.19 2.16
CA GLU D 227 43.67 -36.97 1.19
C GLU D 227 43.19 -36.12 0.02
N VAL D 228 43.62 -34.88 -0.04
CA VAL D 228 43.32 -33.94 -1.12
C VAL D 228 44.16 -34.32 -2.34
N PRO D 229 43.89 -33.78 -3.52
CA PRO D 229 44.85 -33.92 -4.62
C PRO D 229 46.10 -33.11 -4.39
N GLU D 230 47.11 -33.40 -5.23
CA GLU D 230 48.45 -32.87 -5.03
C GLU D 230 48.54 -31.38 -5.24
N GLY D 231 47.62 -30.81 -6.03
CA GLY D 231 47.66 -29.38 -6.30
C GLY D 231 47.38 -28.52 -5.09
N LEU D 232 46.72 -29.07 -4.08
CA LEU D 232 46.39 -28.32 -2.89
C LEU D 232 47.10 -28.82 -1.65
N LYS D 233 48.02 -29.76 -1.79
CA LYS D 233 48.84 -30.16 -0.67
C LYS D 233 49.82 -29.04 -0.34
N GLY D 234 49.92 -28.72 0.94
CA GLY D 234 50.80 -27.66 1.37
C GLY D 234 50.23 -26.27 1.28
N ARG D 235 48.94 -26.13 0.96
CA ARG D 235 48.34 -24.82 0.99
C ARG D 235 48.10 -24.36 2.41
N ARG D 236 47.69 -23.11 2.55
CA ARG D 236 47.26 -22.56 3.81
C ARG D 236 45.89 -21.96 3.64
N VAL D 237 45.01 -22.22 4.59
CA VAL D 237 43.67 -21.66 4.58
C VAL D 237 43.65 -20.51 5.56
N LEU D 238 43.37 -19.32 5.07
CA LEU D 238 43.31 -18.16 5.93
C LEU D 238 41.87 -17.66 5.93
N ALA D 239 41.18 -17.84 7.05
CA ALA D 239 39.88 -17.24 7.20
C ALA D 239 40.04 -15.75 7.43
N LEU D 240 39.25 -14.95 6.75
CA LEU D 240 39.44 -13.51 6.79
C LEU D 240 38.58 -12.89 7.89
N ASP D 241 39.14 -11.89 8.55
CA ASP D 241 38.48 -11.17 9.62
C ASP D 241 38.24 -9.74 9.14
N MET D 242 36.98 -9.43 8.84
CA MET D 242 36.63 -8.05 8.54
C MET D 242 36.78 -7.16 9.75
N GLY D 243 36.66 -7.73 10.94
CA GLY D 243 36.65 -7.01 12.19
C GLY D 243 37.85 -6.13 12.45
N ALA D 244 39.05 -6.70 12.43
CA ALA D 244 40.25 -5.91 12.68
C ALA D 244 40.53 -4.95 11.53
N LEU D 245 40.27 -5.41 10.29
CA LEU D 245 40.45 -4.62 9.08
C LEU D 245 39.69 -3.31 9.16
N VAL D 246 38.41 -3.38 9.48
CA VAL D 246 37.64 -2.16 9.64
C VAL D 246 38.06 -1.45 10.92
N ALA D 247 38.42 -2.21 11.95
CA ALA D 247 38.56 -1.64 13.29
C ALA D 247 39.76 -0.74 13.44
N GLY D 248 40.75 -0.86 12.57
CA GLY D 248 41.87 0.03 12.78
C GLY D 248 41.82 1.39 12.08
N ALA D 249 40.93 1.57 11.11
CA ALA D 249 41.09 2.64 10.12
C ALA D 249 40.47 3.93 10.63
N LYS D 250 41.26 4.72 11.33
CA LYS D 250 40.76 6.03 11.74
C LYS D 250 40.82 7.03 10.60
N TYR D 251 41.87 6.99 9.79
CA TYR D 251 42.10 8.01 8.78
C TYR D 251 41.47 7.61 7.45
N ARG D 252 41.40 8.57 6.53
CA ARG D 252 40.87 8.29 5.20
C ARG D 252 41.84 7.44 4.42
N GLY D 253 41.28 6.47 3.70
CA GLY D 253 42.07 5.60 2.86
C GLY D 253 42.87 4.54 3.59
N GLU D 254 42.85 4.51 4.92
CA GLU D 254 43.61 3.51 5.65
C GLU D 254 43.02 2.13 5.46
N PHE D 255 41.69 2.03 5.37
CA PHE D 255 41.07 0.73 5.11
C PHE D 255 41.43 0.19 3.75
N GLU D 256 41.40 1.05 2.73
CA GLU D 256 41.80 0.60 1.40
C GLU D 256 43.29 0.33 1.34
N GLU D 257 44.09 1.04 2.14
CA GLU D 257 45.51 0.74 2.24
C GLU D 257 45.75 -0.63 2.84
N ARG D 258 44.98 -0.99 3.88
CA ARG D 258 45.17 -2.30 4.49
C ARG D 258 44.66 -3.41 3.58
N LEU D 259 43.55 -3.19 2.89
CA LEU D 259 43.06 -4.20 1.97
C LEU D 259 44.03 -4.38 0.80
N LYS D 260 44.60 -3.28 0.31
CA LYS D 260 45.61 -3.37 -0.74
C LYS D 260 46.86 -4.09 -0.24
N GLY D 261 47.24 -3.86 1.02
CA GLY D 261 48.40 -4.55 1.57
C GLY D 261 48.18 -6.04 1.70
N VAL D 262 46.96 -6.43 2.10
CA VAL D 262 46.63 -7.84 2.17
C VAL D 262 46.62 -8.46 0.79
N LEU D 263 46.14 -7.74 -0.22
CA LEU D 263 46.14 -8.30 -1.56
C LEU D 263 47.54 -8.38 -2.15
N ASN D 264 48.40 -7.42 -1.83
CA ASN D 264 49.78 -7.52 -2.29
C ASN D 264 50.51 -8.69 -1.62
N ASP D 265 50.22 -8.95 -0.35
CA ASP D 265 50.88 -10.10 0.25
C ASP D 265 50.24 -11.41 -0.18
N LEU D 266 48.98 -11.38 -0.61
CA LEU D 266 48.42 -12.57 -1.24
C LEU D 266 49.07 -12.83 -2.58
N ALA D 267 49.34 -11.78 -3.35
CA ALA D 267 50.05 -11.96 -4.61
C ALA D 267 51.48 -12.42 -4.37
N LYS D 268 52.09 -11.98 -3.27
CA LYS D 268 53.45 -12.41 -2.97
C LYS D 268 53.49 -13.84 -2.45
N GLN D 269 52.40 -14.32 -1.84
CA GLN D 269 52.37 -15.73 -1.45
C GLN D 269 52.11 -16.67 -2.63
N GLU D 270 51.77 -16.11 -3.80
CA GLU D 270 51.86 -16.81 -5.08
C GLU D 270 50.90 -17.99 -5.18
N GLY D 271 49.64 -17.76 -4.82
CA GLY D 271 48.62 -18.78 -5.00
C GLY D 271 48.68 -19.93 -4.03
N ASN D 272 49.59 -19.90 -3.06
CA ASN D 272 49.73 -20.95 -2.06
C ASN D 272 48.70 -20.82 -0.95
N VAL D 273 47.82 -19.83 -1.01
CA VAL D 273 46.94 -19.47 0.09
C VAL D 273 45.52 -19.50 -0.42
N ILE D 274 44.67 -20.27 0.23
CA ILE D 274 43.25 -20.32 -0.08
C ILE D 274 42.52 -19.49 0.95
N LEU D 275 41.94 -18.38 0.52
CA LEU D 275 41.31 -17.45 1.44
C LEU D 275 39.86 -17.88 1.68
N PHE D 276 39.41 -17.76 2.92
CA PHE D 276 38.06 -18.16 3.30
C PHE D 276 37.33 -16.99 3.91
N ILE D 277 36.40 -16.42 3.19
CA ILE D 277 35.65 -15.29 3.69
C ILE D 277 34.25 -15.81 3.99
N ASP D 278 33.97 -16.09 5.25
CA ASP D 278 32.60 -16.42 5.63
C ASP D 278 31.78 -15.15 5.75
N ALA D 279 30.48 -15.29 5.49
CA ALA D 279 29.51 -14.19 5.42
C ALA D 279 30.00 -13.13 4.42
N LEU D 280 30.03 -13.55 3.16
CA LEU D 280 30.59 -12.73 2.10
C LEU D 280 29.75 -11.48 1.87
N HIS D 281 28.47 -11.57 2.16
CA HIS D 281 27.56 -10.43 2.08
C HIS D 281 27.92 -9.33 3.06
N THR D 282 28.66 -9.65 4.11
CA THR D 282 29.22 -8.61 4.96
C THR D 282 30.34 -7.86 4.24
N MET D 283 31.19 -8.58 3.51
CA MET D 283 32.33 -7.94 2.87
C MET D 283 31.89 -7.02 1.73
N VAL D 284 30.83 -7.37 1.01
CA VAL D 284 30.38 -6.65 -0.20
C VAL D 284 30.17 -5.15 0.05
N GLY D 285 29.73 -4.77 1.24
CA GLY D 285 29.68 -3.35 1.55
C GLY D 285 30.67 -2.92 2.63
N ALA D 286 31.65 -2.08 2.28
CA ALA D 286 32.61 -1.60 3.27
C ALA D 286 33.01 -0.14 3.04
N GLY D 287 32.11 0.68 2.50
CA GLY D 287 32.39 2.09 2.33
C GLY D 287 31.97 2.69 1.00
N MET D 293 37.19 0.86 -4.81
CA MET D 293 36.37 1.74 -4.00
C MET D 293 36.37 1.27 -2.54
N ASP D 294 35.51 0.31 -2.19
CA ASP D 294 35.47 -0.17 -0.81
C ASP D 294 35.83 -1.65 -0.67
N ALA D 295 35.02 -2.57 -1.17
CA ALA D 295 35.47 -3.95 -1.36
C ALA D 295 34.85 -4.60 -2.58
N GLY D 296 33.89 -3.96 -3.22
CA GLY D 296 33.27 -4.52 -4.40
C GLY D 296 34.16 -4.24 -5.59
N ASN D 297 34.69 -3.03 -5.64
CA ASN D 297 35.51 -2.58 -6.76
C ASN D 297 36.98 -2.95 -6.61
N MET D 298 37.40 -3.41 -5.43
CA MET D 298 38.81 -3.70 -5.20
C MET D 298 39.15 -5.17 -5.32
N LEU D 299 38.24 -6.06 -4.93
CA LEU D 299 38.53 -7.47 -5.09
C LEU D 299 38.15 -7.98 -6.46
N LYS D 300 37.23 -7.32 -7.14
CA LYS D 300 36.83 -7.64 -8.50
C LYS D 300 38.00 -7.65 -9.51
N PRO D 301 39.08 -6.86 -9.34
CA PRO D 301 40.33 -7.24 -10.05
C PRO D 301 40.83 -8.64 -9.73
N ALA D 302 41.07 -8.93 -8.46
CA ALA D 302 41.59 -10.24 -8.10
C ALA D 302 40.53 -11.33 -8.27
N LEU D 303 39.25 -10.98 -8.17
CA LEU D 303 38.19 -11.90 -8.55
C LEU D 303 38.10 -12.10 -10.05
N ALA D 304 38.65 -11.16 -10.83
CA ALA D 304 38.57 -11.31 -12.28
C ALA D 304 39.72 -12.15 -12.80
N ARG D 305 40.95 -11.81 -12.41
CA ARG D 305 42.12 -12.38 -13.05
C ARG D 305 42.55 -13.70 -12.44
N GLY D 306 41.75 -14.28 -11.56
CA GLY D 306 42.05 -15.60 -11.04
C GLY D 306 43.19 -15.69 -10.06
N GLU D 307 43.74 -14.56 -9.63
CA GLU D 307 44.86 -14.57 -8.69
C GLU D 307 44.40 -14.70 -7.25
N LEU D 308 43.11 -14.57 -7.00
CA LEU D 308 42.56 -14.76 -5.67
C LEU D 308 41.82 -16.08 -5.62
N HIS D 309 42.01 -16.81 -4.54
CA HIS D 309 41.34 -18.08 -4.36
C HIS D 309 40.41 -17.98 -3.17
N CYS D 310 39.65 -16.90 -3.12
CA CYS D 310 38.66 -16.70 -2.06
C CYS D 310 37.62 -17.80 -2.07
N VAL D 311 37.27 -18.29 -0.89
CA VAL D 311 36.15 -19.20 -0.71
C VAL D 311 35.12 -18.50 0.16
N GLY D 312 33.87 -18.49 -0.28
CA GLY D 312 32.81 -17.82 0.42
C GLY D 312 31.87 -18.79 1.10
N ALA D 313 31.08 -18.23 2.00
CA ALA D 313 30.12 -19.02 2.76
C ALA D 313 29.04 -18.08 3.21
N THR D 314 27.82 -18.25 2.71
CA THR D 314 26.77 -17.31 3.02
C THR D 314 25.43 -17.99 3.02
N THR D 315 24.48 -17.33 3.68
CA THR D 315 23.13 -17.82 3.77
C THR D 315 22.47 -17.74 2.41
N LEU D 316 21.48 -18.59 2.19
CA LEU D 316 20.65 -18.48 0.99
C LEU D 316 19.88 -17.17 0.96
N ASP D 317 19.60 -16.59 2.13
CA ASP D 317 18.89 -15.32 2.19
C ASP D 317 19.77 -14.17 1.72
N GLU D 318 20.93 -14.01 2.34
CA GLU D 318 21.77 -12.88 1.99
C GLU D 318 22.46 -13.04 0.66
N TYR D 319 22.49 -14.24 0.07
CA TYR D 319 23.00 -14.35 -1.29
C TYR D 319 22.02 -13.78 -2.29
N ARG D 320 20.73 -13.81 -1.99
CA ARG D 320 19.78 -13.20 -2.91
C ARG D 320 19.86 -11.69 -2.83
N GLN D 321 19.97 -11.14 -1.62
CA GLN D 321 20.03 -9.70 -1.52
C GLN D 321 21.40 -9.16 -1.89
N TYR D 322 22.41 -9.46 -1.10
CA TYR D 322 23.59 -8.60 -1.15
C TYR D 322 24.58 -9.02 -2.22
N ILE D 323 24.30 -10.09 -2.96
CA ILE D 323 25.14 -10.49 -4.08
C ILE D 323 24.39 -10.45 -5.40
N GLU D 324 23.21 -11.05 -5.45
CA GLU D 324 22.45 -11.05 -6.71
C GLU D 324 21.86 -9.70 -7.08
N LYS D 325 22.11 -8.68 -6.27
CA LYS D 325 21.83 -7.31 -6.68
C LYS D 325 22.70 -6.91 -7.87
N ASP D 326 23.99 -7.21 -7.84
CA ASP D 326 24.93 -6.79 -8.88
C ASP D 326 25.49 -8.00 -9.61
N ALA D 327 25.24 -8.07 -10.92
CA ALA D 327 25.66 -9.23 -11.70
C ALA D 327 27.19 -9.27 -11.87
N ALA D 328 27.85 -8.10 -11.89
CA ALA D 328 29.30 -8.04 -12.06
C ALA D 328 30.04 -8.55 -10.84
N LEU D 329 29.36 -8.69 -9.71
CA LEU D 329 29.89 -9.43 -8.59
C LEU D 329 29.23 -10.78 -8.45
N GLU D 330 28.04 -10.95 -9.03
CA GLU D 330 27.36 -12.23 -8.92
C GLU D 330 28.07 -13.31 -9.71
N ARG D 331 28.59 -12.99 -10.88
CA ARG D 331 29.13 -14.06 -11.71
C ARG D 331 30.62 -14.23 -11.56
N ARG D 332 31.22 -13.71 -10.50
CA ARG D 332 32.55 -14.14 -10.10
C ARG D 332 32.51 -15.23 -9.05
N PHE D 333 31.42 -15.99 -8.96
CA PHE D 333 31.26 -16.96 -7.89
C PHE D 333 30.46 -18.15 -8.39
N GLN D 334 30.34 -19.15 -7.53
CA GLN D 334 29.73 -20.43 -7.88
C GLN D 334 28.78 -20.87 -6.79
N LYS D 335 27.58 -21.29 -7.19
CA LYS D 335 26.59 -21.77 -6.22
C LYS D 335 26.98 -23.20 -5.84
N VAL D 336 27.87 -23.34 -4.87
CA VAL D 336 28.18 -24.66 -4.37
C VAL D 336 27.10 -24.99 -3.36
N PHE D 337 25.98 -25.51 -3.85
CA PHE D 337 24.74 -25.55 -3.09
C PHE D 337 24.82 -26.66 -2.07
N VAL D 338 25.15 -26.31 -0.83
CA VAL D 338 25.23 -27.28 0.25
C VAL D 338 23.84 -27.77 0.60
N ALA D 339 23.63 -29.06 0.48
CA ALA D 339 22.34 -29.63 0.83
C ALA D 339 22.20 -29.72 2.33
N GLU D 340 20.97 -29.72 2.79
CA GLU D 340 20.69 -30.05 4.17
C GLU D 340 20.63 -31.56 4.32
N PRO D 341 21.33 -32.15 5.28
CA PRO D 341 21.40 -33.60 5.37
C PRO D 341 20.10 -34.21 5.88
N SER D 342 19.96 -35.49 5.65
CA SER D 342 18.78 -36.24 6.03
C SER D 342 18.91 -36.71 7.47
N VAL D 343 18.09 -37.68 7.86
CA VAL D 343 18.14 -38.24 9.21
C VAL D 343 19.45 -38.99 9.44
N GLU D 344 19.88 -39.78 8.46
CA GLU D 344 20.94 -40.75 8.68
C GLU D 344 22.31 -40.09 8.77
N ASP D 345 22.54 -39.09 7.91
CA ASP D 345 23.78 -38.36 8.01
C ASP D 345 23.84 -37.56 9.30
N THR D 346 22.68 -37.14 9.81
CA THR D 346 22.64 -36.48 11.11
C THR D 346 23.07 -37.44 12.21
N ILE D 347 22.67 -38.71 12.11
CA ILE D 347 23.12 -39.74 13.04
C ILE D 347 24.64 -39.89 13.00
N ALA D 348 25.22 -39.89 11.80
CA ALA D 348 26.67 -40.04 11.70
C ALA D 348 27.43 -38.85 12.29
N ILE D 349 26.95 -37.65 12.00
CA ILE D 349 27.55 -36.44 12.55
C ILE D 349 27.49 -36.44 14.06
N LEU D 350 26.37 -36.90 14.61
CA LEU D 350 26.25 -36.99 16.05
C LEU D 350 27.16 -38.05 16.62
N ARG D 351 27.54 -39.07 15.86
CA ARG D 351 28.48 -40.05 16.42
C ARG D 351 29.87 -39.45 16.61
N GLY D 352 30.36 -38.72 15.60
CA GLY D 352 31.64 -38.04 15.77
C GLY D 352 31.61 -36.99 16.86
N LEU D 353 30.53 -36.22 16.91
CA LEU D 353 30.51 -35.23 17.96
C LEU D 353 30.09 -35.82 19.31
N LYS D 354 29.58 -37.06 19.34
CA LYS D 354 29.44 -37.78 20.59
C LYS D 354 30.78 -37.99 21.22
N GLU D 355 31.75 -38.41 20.40
CA GLU D 355 33.13 -38.54 20.87
C GLU D 355 33.64 -37.23 21.46
N ARG D 356 33.37 -36.12 20.76
CA ARG D 356 33.89 -34.83 21.24
C ARG D 356 33.18 -34.34 22.51
N TYR D 357 31.86 -34.46 22.57
CA TYR D 357 31.17 -33.93 23.72
C TYR D 357 31.29 -34.84 24.94
N GLU D 358 31.57 -36.13 24.73
CA GLU D 358 31.90 -36.96 25.88
C GLU D 358 33.27 -36.61 26.44
N LEU D 359 34.18 -36.16 25.58
CA LEU D 359 35.35 -35.49 26.16
C LEU D 359 34.98 -34.28 26.99
N HIS D 360 34.06 -33.45 26.50
CA HIS D 360 33.95 -32.15 27.16
C HIS D 360 33.04 -32.14 28.40
N HIS D 361 31.88 -32.78 28.33
CA HIS D 361 30.93 -32.65 29.44
C HIS D 361 30.99 -33.79 30.43
N HIS D 362 32.03 -34.63 30.38
CA HIS D 362 32.33 -35.62 31.42
C HIS D 362 31.22 -36.64 31.54
N VAL D 363 30.66 -37.04 30.41
CA VAL D 363 29.50 -37.93 30.37
C VAL D 363 29.76 -39.07 29.40
N GLN D 364 28.73 -39.88 29.20
CA GLN D 364 28.78 -41.03 28.30
C GLN D 364 27.46 -41.08 27.56
N ILE D 365 27.46 -40.77 26.28
CA ILE D 365 26.23 -40.60 25.51
C ILE D 365 25.85 -41.95 24.92
N THR D 366 24.70 -42.45 25.32
CA THR D 366 24.23 -43.74 24.83
C THR D 366 23.75 -43.59 23.39
N ASP D 367 24.00 -44.59 22.57
CA ASP D 367 23.69 -44.47 21.15
C ASP D 367 22.19 -44.49 20.81
N PRO D 368 21.32 -45.23 21.55
CA PRO D 368 19.88 -44.95 21.42
C PRO D 368 19.48 -43.53 21.73
N ALA D 369 20.23 -42.80 22.57
CA ALA D 369 19.94 -41.39 22.73
C ALA D 369 20.28 -40.60 21.47
N ILE D 370 21.27 -41.04 20.70
CA ILE D 370 21.56 -40.37 19.44
C ILE D 370 20.46 -40.62 18.43
N VAL D 371 19.99 -41.85 18.31
CA VAL D 371 18.96 -42.07 17.29
C VAL D 371 17.62 -41.48 17.73
N ALA D 372 17.34 -41.43 19.03
CA ALA D 372 16.13 -40.75 19.47
C ALA D 372 16.27 -39.24 19.34
N ALA D 373 17.47 -38.70 19.49
CA ALA D 373 17.66 -37.27 19.32
C ALA D 373 17.50 -36.87 17.87
N ALA D 374 17.94 -37.72 16.94
CA ALA D 374 17.76 -37.42 15.54
C ALA D 374 16.30 -37.45 15.14
N THR D 375 15.58 -38.50 15.55
CA THR D 375 14.17 -38.63 15.20
C THR D 375 13.32 -37.54 15.86
N LEU D 376 13.50 -37.33 17.16
CA LEU D 376 12.72 -36.31 17.83
C LEU D 376 13.13 -34.90 17.48
N SER D 377 14.34 -34.66 17.00
CA SER D 377 14.64 -33.34 16.50
C SER D 377 13.99 -33.13 15.15
N HIS D 378 13.91 -34.18 14.34
CA HIS D 378 13.24 -34.02 13.06
C HIS D 378 11.74 -33.85 13.23
N ARG D 379 11.17 -34.46 14.26
CA ARG D 379 9.72 -34.45 14.35
C ARG D 379 9.21 -33.19 15.02
N TYR D 380 9.85 -32.71 16.08
CA TYR D 380 9.18 -31.71 16.90
C TYR D 380 9.67 -30.29 16.72
N ILE D 381 10.97 -30.02 16.78
CA ILE D 381 11.42 -28.68 16.40
C ILE D 381 11.30 -28.54 14.89
N ALA D 382 10.65 -27.46 14.44
CA ALA D 382 10.59 -27.19 13.02
C ALA D 382 11.15 -25.82 12.64
N ASP D 383 11.62 -25.04 13.59
CA ASP D 383 12.22 -23.74 13.28
C ASP D 383 13.52 -23.92 12.53
N ARG D 384 14.43 -24.69 13.10
CA ARG D 384 15.81 -24.77 12.64
C ARG D 384 16.00 -25.96 11.73
N GLN D 385 17.26 -26.26 11.41
CA GLN D 385 17.59 -27.15 10.31
C GLN D 385 18.68 -28.12 10.73
N LEU D 386 18.47 -29.40 10.41
CA LEU D 386 19.43 -30.45 10.71
C LEU D 386 20.76 -30.15 10.03
N PRO D 387 21.88 -30.53 10.62
CA PRO D 387 22.11 -31.24 11.85
C PRO D 387 22.37 -30.29 12.97
N ASP D 388 21.82 -29.08 12.91
CA ASP D 388 22.12 -28.18 13.99
C ASP D 388 21.28 -28.44 15.22
N LYS D 389 19.99 -28.71 15.02
CA LYS D 389 19.12 -28.94 16.14
C LYS D 389 19.48 -30.21 16.90
N ALA D 390 20.05 -31.21 16.21
CA ALA D 390 20.36 -32.45 16.89
C ALA D 390 21.58 -32.29 17.78
N ILE D 391 22.56 -31.52 17.33
CA ILE D 391 23.70 -31.21 18.16
C ILE D 391 23.28 -30.33 19.33
N ASP D 392 22.28 -29.46 19.12
CA ASP D 392 21.76 -28.67 20.22
C ASP D 392 21.10 -29.54 21.28
N LEU D 393 20.29 -30.51 20.88
CA LEU D 393 19.63 -31.37 21.87
C LEU D 393 20.64 -32.25 22.61
N ILE D 394 21.62 -32.80 21.89
CA ILE D 394 22.64 -33.64 22.53
C ILE D 394 23.47 -32.84 23.52
N ASP D 395 23.97 -31.68 23.09
CA ASP D 395 24.81 -30.88 23.96
C ASP D 395 24.03 -30.33 25.15
N GLU D 396 22.76 -29.99 24.96
CA GLU D 396 22.01 -29.45 26.08
C GLU D 396 21.65 -30.53 27.08
N ALA D 397 21.37 -31.76 26.62
CA ALA D 397 21.12 -32.83 27.57
C ALA D 397 22.37 -33.23 28.32
N ALA D 398 23.53 -33.21 27.64
CA ALA D 398 24.78 -33.47 28.35
C ALA D 398 25.07 -32.38 29.36
N SER D 399 24.68 -31.13 29.07
CA SER D 399 24.77 -30.08 30.06
C SER D 399 23.90 -30.37 31.25
N SER D 400 22.70 -30.90 31.00
CA SER D 400 21.79 -31.21 32.10
C SER D 400 22.38 -32.28 33.00
N ILE D 401 23.04 -33.26 32.41
CA ILE D 401 23.61 -34.33 33.23
C ILE D 401 24.82 -33.85 34.01
N ARG D 402 25.64 -32.99 33.40
CA ARG D 402 26.75 -32.39 34.15
C ARG D 402 26.25 -31.52 35.30
N MET D 403 25.13 -30.83 35.12
CA MET D 403 24.58 -30.05 36.22
C MET D 403 24.02 -30.93 37.32
N GLN D 404 23.29 -32.00 36.97
CA GLN D 404 22.74 -32.86 38.01
C GLN D 404 23.83 -33.63 38.74
N ILE D 405 24.97 -33.86 38.10
CA ILE D 405 26.11 -34.40 38.83
C ILE D 405 26.71 -33.34 39.73
N ASP D 406 26.76 -32.09 39.26
CA ASP D 406 27.53 -31.07 39.96
C ASP D 406 26.88 -30.60 41.27
N SER D 407 25.57 -30.77 41.42
CA SER D 407 24.85 -30.21 42.58
C SER D 407 25.19 -30.90 43.90
N PRO D 409 23.42 -33.38 45.88
CA PRO D 409 22.20 -34.12 45.56
C PRO D 409 20.98 -33.48 46.19
N GLU D 410 19.83 -34.14 46.06
CA GLU D 410 18.60 -33.63 46.64
C GLU D 410 18.31 -34.30 47.98
N GLU D 411 18.78 -35.53 48.15
CA GLU D 411 18.68 -36.21 49.44
C GLU D 411 19.45 -35.45 50.52
N LEU D 412 20.62 -34.93 50.19
CA LEU D 412 21.38 -34.14 51.15
C LEU D 412 20.75 -32.77 51.35
N ASP D 413 19.98 -32.29 50.37
CA ASP D 413 19.22 -31.07 50.57
C ASP D 413 18.13 -31.27 51.62
N ARG D 414 17.42 -32.40 51.53
CA ARG D 414 16.41 -32.75 52.54
C ARG D 414 17.05 -32.94 53.91
N LEU D 415 18.21 -33.61 53.94
CA LEU D 415 18.89 -33.84 55.21
C LEU D 415 19.44 -32.55 55.81
N ASP D 416 19.93 -31.64 54.98
CA ASP D 416 20.49 -30.39 55.49
C ASP D 416 19.38 -29.48 56.01
N ARG D 417 18.25 -29.42 55.30
CA ARG D 417 17.12 -28.63 55.81
C ARG D 417 16.54 -29.24 57.07
N ARG D 418 16.53 -30.58 57.16
CA ARG D 418 16.04 -31.24 58.37
C ARG D 418 16.98 -31.01 59.55
N ILE D 419 18.29 -31.05 59.32
CA ILE D 419 19.21 -30.88 60.45
C ILE D 419 19.28 -29.42 60.87
N ILE D 420 19.09 -28.47 59.95
CA ILE D 420 19.11 -27.08 60.40
C ILE D 420 17.78 -26.75 61.10
N GLN D 421 16.69 -27.43 60.71
CA GLN D 421 15.42 -27.27 61.39
C GLN D 421 15.49 -27.82 62.82
N LEU D 422 16.01 -29.04 62.97
CA LEU D 422 16.12 -29.63 64.29
C LEU D 422 17.20 -28.94 65.11
N LYS D 423 18.19 -28.33 64.44
CA LYS D 423 19.22 -27.57 65.13
C LYS D 423 18.65 -26.30 65.74
N LEU D 424 17.82 -25.57 64.97
CA LEU D 424 17.16 -24.38 65.49
C LEU D 424 16.16 -24.74 66.58
N GLU D 425 15.46 -25.87 66.44
CA GLU D 425 14.50 -26.28 67.46
C GLU D 425 15.19 -26.70 68.75
N GLN D 426 16.33 -27.41 68.64
CA GLN D 426 17.07 -27.81 69.83
C GLN D 426 17.71 -26.61 70.51
N GLN D 427 18.21 -25.65 69.72
CA GLN D 427 18.78 -24.44 70.32
C GLN D 427 17.69 -23.58 70.95
N ALA D 428 16.45 -23.66 70.44
CA ALA D 428 15.35 -22.96 71.08
C ALA D 428 14.90 -23.65 72.37
N LEU D 429 14.99 -24.99 72.42
CA LEU D 429 14.56 -25.70 73.61
C LEU D 429 15.56 -25.63 74.75
N MET D 430 16.82 -25.27 74.48
CA MET D 430 17.80 -25.15 75.55
C MET D 430 17.66 -23.84 76.30
N LEU D 441 14.06 -34.53 78.51
CA LEU D 441 13.09 -34.28 77.45
C LEU D 441 13.74 -34.43 76.08
N ASP D 442 15.03 -34.08 76.02
CA ASP D 442 15.72 -33.57 74.83
C ASP D 442 15.52 -34.38 73.54
N MET D 443 16.15 -35.56 73.46
CA MET D 443 16.03 -36.56 72.37
C MET D 443 16.54 -36.08 71.01
N LEU D 444 16.85 -34.79 70.90
CA LEU D 444 17.03 -34.13 69.62
C LEU D 444 18.51 -33.96 69.40
N ASN D 445 19.28 -34.01 70.49
CA ASN D 445 20.72 -34.27 70.37
C ASN D 445 20.96 -35.61 69.72
N GLU D 446 20.21 -36.64 70.15
CA GLU D 446 20.35 -37.97 69.58
C GLU D 446 19.87 -38.01 68.14
N GLU D 447 18.72 -37.40 67.86
CA GLU D 447 18.21 -37.36 66.49
C GLU D 447 19.12 -36.54 65.57
N LEU D 448 19.67 -35.44 66.07
CA LEU D 448 20.55 -34.59 65.29
C LEU D 448 21.88 -35.28 65.03
N SER D 449 22.38 -36.03 66.02
CA SER D 449 23.64 -36.77 65.83
C SER D 449 23.46 -37.89 64.82
N ASP D 450 22.32 -38.58 64.87
CA ASP D 450 22.06 -39.64 63.90
C ASP D 450 21.91 -39.08 62.49
N LYS D 451 21.19 -37.95 62.36
CA LYS D 451 21.02 -37.38 61.03
C LYS D 451 22.29 -36.73 60.51
N GLU D 452 23.16 -36.20 61.40
CA GLU D 452 24.45 -35.70 60.96
C GLU D 452 25.40 -36.82 60.58
N ARG D 453 25.29 -37.98 61.24
CA ARG D 453 26.06 -39.14 60.80
C ARG D 453 25.60 -39.63 59.43
N GLN D 454 24.29 -39.64 59.22
CA GLN D 454 23.72 -39.95 57.91
C GLN D 454 24.19 -38.95 56.85
N TYR D 455 24.20 -37.67 57.21
CA TYR D 455 24.66 -36.61 56.32
C TYR D 455 26.13 -36.77 55.96
N SER D 456 26.98 -37.09 56.94
CA SER D 456 28.40 -37.24 56.69
C SER D 456 28.68 -38.48 55.84
N GLU D 457 27.93 -39.56 56.07
CA GLU D 457 28.10 -40.78 55.29
C GLU D 457 27.70 -40.56 53.83
N LEU D 458 26.55 -39.90 53.61
CA LEU D 458 26.12 -39.62 52.25
C LEU D 458 27.03 -38.62 51.57
N GLU D 459 27.60 -37.69 52.35
CA GLU D 459 28.53 -36.71 51.79
C GLU D 459 29.84 -37.38 51.38
N GLU D 460 30.29 -38.35 52.18
CA GLU D 460 31.53 -39.05 51.82
C GLU D 460 31.30 -39.97 50.63
N GLU D 461 30.11 -40.57 50.53
CA GLU D 461 29.76 -41.36 49.36
C GLU D 461 29.70 -40.48 48.11
N TRP D 462 29.19 -39.26 48.28
CA TRP D 462 29.14 -38.28 47.21
C TRP D 462 30.54 -37.91 46.74
N LYS D 463 31.46 -37.70 47.69
CA LYS D 463 32.84 -37.39 47.35
C LYS D 463 33.54 -38.57 46.67
N ALA D 464 33.22 -39.79 47.09
CA ALA D 464 33.83 -40.98 46.50
C ALA D 464 33.37 -41.16 45.06
N GLU D 465 32.08 -40.94 44.81
CA GLU D 465 31.56 -41.03 43.45
C GLU D 465 32.14 -39.93 42.56
N LYS D 466 32.29 -38.73 43.11
CA LYS D 466 32.89 -37.64 42.34
C LYS D 466 34.35 -37.92 42.03
N ALA D 467 35.06 -38.56 42.96
CA ALA D 467 36.46 -38.92 42.71
C ALA D 467 36.55 -40.03 41.65
N SER D 468 35.59 -40.96 41.66
CA SER D 468 35.56 -42.02 40.67
C SER D 468 35.32 -41.48 39.26
N LEU D 469 34.33 -40.58 39.14
CA LEU D 469 34.04 -39.99 37.85
C LEU D 469 35.17 -39.06 37.40
N SER D 470 35.86 -38.45 38.36
CA SER D 470 37.03 -37.64 38.05
C SER D 470 38.15 -38.48 37.45
N GLY D 471 38.46 -39.61 38.07
CA GLY D 471 39.49 -40.48 37.54
C GLY D 471 39.14 -41.05 36.18
N THR D 472 37.87 -41.43 36.01
CA THR D 472 37.41 -41.97 34.73
C THR D 472 37.48 -40.93 33.62
N GLN D 473 37.09 -39.68 33.91
CA GLN D 473 37.11 -38.72 32.81
C GLN D 473 38.52 -38.20 32.53
N THR D 474 39.38 -38.17 33.55
CA THR D 474 40.78 -37.85 33.28
C THR D 474 41.45 -38.95 32.47
N ILE D 475 41.10 -40.21 32.71
CA ILE D 475 41.73 -41.27 31.95
C ILE D 475 41.17 -41.31 30.53
N LYS D 476 39.93 -40.83 30.34
CA LYS D 476 39.38 -40.76 28.99
C LYS D 476 39.98 -39.59 28.23
N ALA D 477 40.29 -38.51 28.93
CA ALA D 477 41.00 -37.39 28.31
C ALA D 477 42.41 -37.81 27.92
N GLU D 478 43.05 -38.63 28.74
CA GLU D 478 44.37 -39.16 28.37
C GLU D 478 44.27 -40.13 27.20
N LEU D 479 43.15 -40.85 27.10
CA LEU D 479 42.90 -41.71 25.94
C LEU D 479 42.81 -40.89 24.66
N GLU D 480 42.11 -39.74 24.73
CA GLU D 480 42.00 -38.90 23.54
C GLU D 480 43.33 -38.22 23.19
N GLN D 481 44.09 -37.83 24.21
CA GLN D 481 45.43 -37.30 23.97
C GLN D 481 46.34 -38.33 23.34
N ALA D 482 46.19 -39.60 23.73
CA ALA D 482 46.91 -40.68 23.07
C ALA D 482 46.48 -40.82 21.61
N LYS D 483 45.19 -40.60 21.33
CA LYS D 483 44.71 -40.73 19.95
C LYS D 483 45.20 -39.56 19.08
N ILE D 484 45.28 -38.36 19.65
CA ILE D 484 45.83 -37.23 18.90
C ILE D 484 47.34 -37.41 18.68
N ALA D 485 48.04 -37.96 19.68
CA ALA D 485 49.46 -38.23 19.51
C ALA D 485 49.70 -39.33 18.48
N ILE D 486 48.81 -40.32 18.41
CA ILE D 486 49.01 -41.36 17.42
C ILE D 486 48.59 -40.89 16.05
N GLU D 487 47.71 -39.87 15.97
CA GLU D 487 47.48 -39.25 14.67
C GLU D 487 48.67 -38.40 14.22
N GLN D 488 49.34 -37.73 15.16
CA GLN D 488 50.62 -37.09 14.88
C GLN D 488 51.65 -38.10 14.37
N ALA D 489 51.64 -39.30 14.94
CA ALA D 489 52.56 -40.34 14.49
C ALA D 489 52.13 -40.94 13.15
N ARG D 490 50.84 -40.89 12.82
CA ARG D 490 50.40 -41.35 11.50
C ARG D 490 50.77 -40.35 10.40
N ARG D 491 50.70 -39.05 10.70
CA ARG D 491 51.16 -38.08 9.70
C ARG D 491 52.68 -38.08 9.60
N VAL D 492 53.38 -37.91 10.71
CA VAL D 492 54.83 -37.77 10.72
C VAL D 492 55.53 -39.08 10.37
N GLY D 493 55.19 -40.18 11.01
CA GLY D 493 55.74 -41.47 10.64
C GLY D 493 56.90 -41.97 11.49
N ASP D 494 56.78 -41.86 12.81
CA ASP D 494 57.77 -42.48 13.67
C ASP D 494 57.52 -43.98 13.73
N LEU D 495 58.59 -44.74 13.96
CA LEU D 495 58.52 -46.18 13.81
C LEU D 495 58.07 -46.87 15.10
N ALA D 496 58.85 -46.71 16.16
CA ALA D 496 58.52 -47.35 17.43
C ALA D 496 57.41 -46.61 18.17
N ARG D 497 57.14 -45.36 17.81
CA ARG D 497 56.10 -44.59 18.47
C ARG D 497 54.71 -45.13 18.11
N MET D 498 54.56 -45.63 16.87
CA MET D 498 53.30 -46.24 16.45
C MET D 498 52.95 -47.45 17.28
N SER D 499 53.80 -48.47 17.27
CA SER D 499 53.59 -49.68 18.06
C SER D 499 53.55 -49.40 19.54
N GLU D 500 54.41 -48.49 20.01
CA GLU D 500 54.44 -48.10 21.41
C GLU D 500 53.10 -47.53 21.86
N LEU D 501 52.66 -46.43 21.22
CA LEU D 501 51.40 -45.77 21.58
C LEU D 501 50.22 -46.72 21.43
N GLN D 502 50.09 -47.39 20.28
CA GLN D 502 48.97 -48.27 20.04
C GLN D 502 48.96 -49.44 21.03
N TYR D 503 49.93 -50.35 20.90
CA TYR D 503 49.81 -51.62 21.58
C TYR D 503 50.20 -51.51 23.06
N GLY D 504 50.84 -50.42 23.47
CA GLY D 504 50.98 -50.16 24.89
C GLY D 504 49.77 -49.45 25.44
N LYS D 505 49.48 -48.24 24.96
CA LYS D 505 48.56 -47.36 25.66
C LYS D 505 47.11 -47.78 25.47
N ILE D 506 46.70 -48.11 24.23
CA ILE D 506 45.27 -48.26 23.93
C ILE D 506 44.61 -49.44 24.64
N PRO D 507 45.14 -50.68 24.63
CA PRO D 507 44.41 -51.75 25.32
C PRO D 507 44.37 -51.62 26.84
N GLU D 508 45.44 -51.16 27.49
CA GLU D 508 45.42 -51.03 28.94
C GLU D 508 44.50 -49.90 29.39
N LEU D 509 44.52 -48.76 28.68
CA LEU D 509 43.66 -47.65 29.07
C LEU D 509 42.21 -47.95 28.76
N GLU D 510 41.94 -48.68 27.67
CA GLU D 510 40.57 -49.06 27.39
C GLU D 510 40.05 -50.12 28.36
N LYS D 511 40.90 -51.04 28.81
CA LYS D 511 40.40 -52.05 29.75
C LYS D 511 40.21 -51.47 31.15
N GLN D 512 41.06 -50.52 31.56
CA GLN D 512 40.76 -49.91 32.85
C GLN D 512 39.72 -48.80 32.73
N LEU D 513 39.46 -48.31 31.51
CA LEU D 513 38.28 -47.50 31.26
C LEU D 513 37.01 -48.33 31.47
N GLU D 514 36.98 -49.55 30.92
CA GLU D 514 35.83 -50.41 31.14
C GLU D 514 35.72 -50.88 32.59
N ALA D 515 36.85 -51.07 33.27
CA ALA D 515 36.83 -51.34 34.70
C ALA D 515 36.25 -50.17 35.49
N ALA D 516 36.64 -48.94 35.14
CA ALA D 516 36.06 -47.77 35.78
C ALA D 516 34.60 -47.58 35.43
N THR D 517 34.19 -47.99 34.23
CA THR D 517 32.79 -47.86 33.81
C THR D 517 31.90 -48.84 34.56
N GLN D 518 32.33 -50.10 34.68
CA GLN D 518 31.57 -51.03 35.49
C GLN D 518 31.68 -50.72 36.98
N LEU D 519 32.76 -50.05 37.42
CA LEU D 519 32.83 -49.57 38.78
C LEU D 519 31.82 -48.47 39.05
N GLU D 520 31.61 -47.58 38.07
CA GLU D 520 30.57 -46.57 38.21
C GLU D 520 29.19 -47.21 38.13
N GLY D 521 29.03 -48.25 37.33
CA GLY D 521 27.78 -49.00 37.33
C GLY D 521 27.52 -49.69 38.66
N LYS D 522 28.58 -50.02 39.39
CA LYS D 522 28.46 -50.50 40.76
C LYS D 522 28.10 -49.37 41.73
N THR D 523 28.70 -48.19 41.56
CA THR D 523 28.67 -47.23 42.67
C THR D 523 27.69 -46.07 42.47
N MET D 524 27.17 -45.85 41.26
CA MET D 524 26.23 -44.75 41.05
C MET D 524 24.87 -45.14 41.64
N ARG D 525 24.59 -44.66 42.85
CA ARG D 525 23.34 -44.96 43.52
C ARG D 525 22.56 -43.69 43.85
N LEU D 526 23.24 -42.73 44.48
CA LEU D 526 22.68 -41.57 45.15
C LEU D 526 21.65 -40.73 44.39
N LEU D 527 21.23 -43.13 40.30
CA LEU D 527 21.93 -42.02 39.67
C LEU D 527 22.05 -42.07 38.16
N ARG D 528 22.68 -41.03 37.64
CA ARG D 528 22.87 -40.81 36.21
C ARG D 528 24.19 -40.09 35.97
N ASN D 529 25.07 -40.73 35.22
CA ASN D 529 26.12 -40.03 34.52
C ASN D 529 26.05 -40.25 33.01
N LYS D 530 25.11 -41.04 32.54
CA LYS D 530 24.92 -41.32 31.13
C LYS D 530 23.64 -40.67 30.65
N VAL D 531 23.59 -40.39 29.35
CA VAL D 531 22.46 -39.73 28.72
C VAL D 531 21.71 -40.78 27.93
N THR D 532 20.55 -41.17 28.43
CA THR D 532 19.69 -42.02 27.63
C THR D 532 18.71 -41.15 26.86
N ASP D 533 17.68 -41.76 26.33
CA ASP D 533 16.65 -41.04 25.59
C ASP D 533 15.83 -40.09 26.46
N ALA D 534 15.75 -40.36 27.76
CA ALA D 534 14.84 -39.62 28.62
C ALA D 534 15.31 -38.19 28.82
N GLU D 535 16.61 -37.97 28.92
CA GLU D 535 17.09 -36.61 29.08
C GLU D 535 16.99 -35.82 27.79
N ILE D 536 17.15 -36.49 26.65
CA ILE D 536 16.84 -35.90 25.36
C ILE D 536 15.39 -35.45 25.32
N ALA D 537 14.48 -36.31 25.77
CA ALA D 537 13.07 -35.94 25.77
C ALA D 537 12.79 -34.78 26.73
N GLU D 538 13.51 -34.70 27.84
CA GLU D 538 13.27 -33.59 28.76
C GLU D 538 13.77 -32.28 28.18
N VAL D 539 14.93 -32.31 27.52
CA VAL D 539 15.42 -31.10 26.89
C VAL D 539 14.53 -30.70 25.72
N LEU D 540 13.93 -31.67 25.03
CA LEU D 540 13.03 -31.33 23.95
C LEU D 540 11.73 -30.75 24.48
N ALA D 541 11.20 -31.30 25.57
CA ALA D 541 9.99 -30.74 26.15
C ALA D 541 10.21 -29.39 26.78
N ARG D 542 11.43 -29.06 27.19
CA ARG D 542 11.67 -27.70 27.62
C ARG D 542 12.15 -26.78 26.52
N TRP D 543 12.46 -27.29 25.33
CA TRP D 543 12.76 -26.37 24.24
C TRP D 543 11.45 -25.77 23.74
N THR D 544 10.53 -26.63 23.31
CA THR D 544 9.33 -26.22 22.60
C THR D 544 8.13 -26.13 23.52
N GLY D 545 7.78 -27.21 24.17
CA GLY D 545 6.61 -27.18 25.01
C GLY D 545 5.76 -28.41 24.78
N ILE D 546 6.10 -29.17 23.76
CA ILE D 546 5.38 -30.42 23.53
C ILE D 546 5.72 -31.39 24.65
N PRO D 547 4.74 -31.97 25.32
CA PRO D 547 5.03 -32.94 26.38
C PRO D 547 5.53 -34.25 25.82
N VAL D 548 6.83 -34.30 25.58
CA VAL D 548 7.44 -35.49 25.01
C VAL D 548 7.84 -36.48 26.09
N SER D 549 8.20 -35.97 27.27
CA SER D 549 8.94 -36.72 28.29
C SER D 549 8.16 -37.90 28.83
N ARG D 550 8.89 -38.78 29.51
CA ARG D 550 8.26 -39.92 30.12
C ARG D 550 7.43 -39.49 31.31
N MET D 551 6.47 -40.33 31.68
CA MET D 551 5.47 -39.93 32.65
C MET D 551 5.99 -40.09 34.07
N MET D 552 6.29 -38.96 34.70
CA MET D 552 6.34 -38.91 36.15
C MET D 552 4.96 -39.23 36.70
N GLU D 553 4.92 -39.98 37.79
CA GLU D 553 3.70 -40.69 38.16
C GLU D 553 2.61 -39.79 38.71
N SER D 554 2.97 -38.60 39.18
CA SER D 554 1.97 -37.58 39.44
C SER D 554 1.23 -37.23 38.15
N GLU D 555 1.96 -37.05 37.06
CA GLU D 555 1.33 -36.73 35.79
C GLU D 555 0.58 -37.93 35.21
N ARG D 556 1.06 -39.15 35.45
CA ARG D 556 0.35 -40.28 34.84
C ARG D 556 -0.94 -40.57 35.60
N GLU D 557 -0.93 -40.48 36.93
CA GLU D 557 -2.19 -40.60 37.64
C GLU D 557 -3.06 -39.37 37.46
N LYS D 558 -2.47 -38.22 37.14
CA LYS D 558 -3.24 -37.06 36.73
C LYS D 558 -3.96 -37.33 35.44
N LEU D 559 -3.33 -38.08 34.55
CA LEU D 559 -3.86 -38.25 33.21
C LEU D 559 -4.78 -39.44 33.08
N LEU D 560 -4.67 -40.43 33.97
CA LEU D 560 -5.68 -41.49 33.98
C LEU D 560 -7.00 -41.01 34.56
N ARG D 561 -6.97 -39.97 35.38
CA ARG D 561 -8.16 -39.39 35.97
C ARG D 561 -8.74 -38.28 35.11
N MET D 562 -8.54 -38.36 33.80
CA MET D 562 -8.88 -37.26 32.91
C MET D 562 -10.37 -36.98 32.91
N GLU D 563 -11.17 -38.04 32.91
CA GLU D 563 -12.61 -37.87 33.04
C GLU D 563 -12.99 -37.36 34.41
N GLN D 564 -12.25 -37.76 35.43
CA GLN D 564 -12.50 -37.27 36.77
C GLN D 564 -12.05 -35.82 36.91
N GLU D 565 -11.08 -35.39 36.12
CA GLU D 565 -10.71 -33.98 36.06
C GLU D 565 -11.68 -33.14 35.25
N LEU D 566 -12.40 -33.74 34.31
CA LEU D 566 -13.35 -32.94 33.55
C LEU D 566 -14.75 -32.94 34.13
N HIS D 567 -15.08 -33.89 34.97
CA HIS D 567 -16.40 -33.86 35.60
C HIS D 567 -16.45 -33.02 36.87
N HIS D 568 -15.55 -32.05 37.01
CA HIS D 568 -15.69 -31.02 38.02
C HIS D 568 -15.95 -29.65 37.42
N ARG D 569 -15.97 -29.53 36.10
CA ARG D 569 -16.48 -28.33 35.47
C ARG D 569 -17.42 -28.63 34.32
N VAL D 570 -17.71 -29.89 34.04
CA VAL D 570 -18.74 -30.28 33.10
C VAL D 570 -19.54 -31.40 33.75
N ILE D 571 -20.81 -31.18 33.99
CA ILE D 571 -21.63 -32.29 34.45
C ILE D 571 -22.37 -32.81 33.23
N GLY D 572 -22.71 -34.10 33.28
CA GLY D 572 -23.30 -34.74 32.14
C GLY D 572 -22.30 -34.85 31.00
N GLN D 573 -22.84 -35.13 29.81
CA GLN D 573 -22.13 -35.13 28.53
C GLN D 573 -20.94 -36.09 28.55
N ASN D 574 -21.26 -37.37 28.69
CA ASN D 574 -20.20 -38.35 28.84
C ASN D 574 -19.51 -38.69 27.53
N GLU D 575 -20.23 -38.62 26.41
CA GLU D 575 -19.65 -38.98 25.13
C GLU D 575 -18.55 -38.02 24.73
N ALA D 576 -18.74 -36.75 25.06
CA ALA D 576 -17.73 -35.73 24.83
C ALA D 576 -16.45 -36.00 25.58
N VAL D 577 -16.58 -36.25 26.89
CA VAL D 577 -15.41 -36.43 27.73
C VAL D 577 -14.71 -37.73 27.35
N ASP D 578 -15.46 -38.74 26.92
CA ASP D 578 -14.84 -39.96 26.40
C ASP D 578 -13.99 -39.69 25.18
N ALA D 579 -14.55 -39.03 24.16
CA ALA D 579 -13.80 -38.82 22.92
C ALA D 579 -12.61 -37.88 23.14
N VAL D 580 -12.78 -36.87 23.99
CA VAL D 580 -11.70 -35.93 24.24
C VAL D 580 -10.57 -36.58 25.02
N SER D 581 -10.92 -37.31 26.10
CA SER D 581 -9.90 -37.96 26.89
C SER D 581 -9.19 -39.05 26.11
N ASN D 582 -9.91 -39.73 25.21
CA ASN D 582 -9.27 -40.65 24.30
C ASN D 582 -8.24 -39.95 23.43
N ALA D 583 -8.56 -38.74 22.96
CA ALA D 583 -7.62 -38.04 22.10
C ALA D 583 -6.37 -37.60 22.86
N ILE D 584 -6.54 -37.12 24.09
CA ILE D 584 -5.37 -36.65 24.82
C ILE D 584 -4.49 -37.83 25.23
N ARG D 585 -5.12 -38.95 25.60
CA ARG D 585 -4.35 -40.13 25.95
C ARG D 585 -3.60 -40.68 24.74
N ARG D 586 -4.22 -40.64 23.56
CA ARG D 586 -3.51 -41.10 22.38
C ARG D 586 -2.37 -40.18 22.01
N SER D 587 -2.43 -38.91 22.39
CA SER D 587 -1.24 -38.12 22.12
C SER D 587 -0.14 -38.40 23.14
N ARG D 588 -0.48 -38.60 24.40
CA ARG D 588 0.58 -38.70 25.39
C ARG D 588 1.27 -40.06 25.38
N ALA D 589 0.64 -41.08 24.84
CA ALA D 589 1.31 -42.37 24.78
C ALA D 589 2.35 -42.39 23.66
N GLY D 590 1.97 -42.02 22.45
CA GLY D 590 2.90 -42.00 21.34
C GLY D 590 2.22 -42.40 20.06
N LEU D 591 0.99 -42.85 20.16
CA LEU D 591 0.30 -43.50 19.05
C LEU D 591 -0.24 -42.53 18.03
N ALA D 592 -0.01 -41.23 18.19
CA ALA D 592 -0.64 -40.24 17.33
C ALA D 592 -0.02 -40.26 15.94
N ASP D 593 -0.75 -39.69 14.99
CA ASP D 593 -0.29 -39.63 13.62
C ASP D 593 0.51 -38.35 13.43
N PRO D 594 1.80 -38.43 13.09
CA PRO D 594 2.61 -37.21 12.99
C PRO D 594 2.35 -36.37 11.75
N ASN D 595 1.28 -36.62 11.01
CA ASN D 595 0.91 -35.81 9.86
C ASN D 595 -0.37 -35.04 10.12
N ARG D 596 -0.86 -35.03 11.34
CA ARG D 596 -2.14 -34.43 11.65
C ARG D 596 -2.03 -33.67 12.95
N PRO D 597 -3.04 -32.93 13.39
CA PRO D 597 -3.04 -32.54 14.80
C PRO D 597 -3.43 -33.70 15.69
N ILE D 598 -3.47 -33.48 17.00
CA ILE D 598 -3.86 -34.53 17.93
C ILE D 598 -5.30 -34.95 17.68
N GLY D 599 -6.19 -33.97 17.65
CA GLY D 599 -7.58 -34.22 17.38
C GLY D 599 -8.15 -33.01 16.69
N SER D 600 -9.34 -33.17 16.14
CA SER D 600 -10.01 -32.08 15.45
C SER D 600 -11.49 -32.30 15.62
N PHE D 601 -12.08 -31.79 16.67
CA PHE D 601 -13.45 -32.18 17.00
C PHE D 601 -14.44 -31.15 16.50
N LEU D 602 -15.56 -31.63 16.02
CA LEU D 602 -16.64 -30.77 15.57
C LEU D 602 -17.77 -30.98 16.57
N PHE D 603 -17.83 -30.14 17.58
CA PHE D 603 -18.84 -30.27 18.61
C PHE D 603 -20.18 -29.76 18.09
N LEU D 604 -21.23 -30.54 18.27
CA LEU D 604 -22.56 -30.12 17.87
C LEU D 604 -23.48 -30.16 19.07
N GLY D 605 -24.66 -29.59 18.90
CA GLY D 605 -25.68 -29.66 19.92
C GLY D 605 -26.29 -28.31 20.24
N PRO D 606 -27.52 -28.33 20.70
CA PRO D 606 -28.24 -27.08 20.97
C PRO D 606 -27.64 -26.35 22.15
N THR D 607 -27.95 -25.05 22.26
CA THR D 607 -27.14 -24.14 23.05
C THR D 607 -27.26 -24.39 24.54
N GLY D 608 -26.26 -23.92 25.26
CA GLY D 608 -26.25 -24.01 26.69
C GLY D 608 -26.20 -25.41 27.22
N VAL D 609 -25.43 -26.29 26.59
CA VAL D 609 -25.20 -27.61 27.14
C VAL D 609 -23.73 -27.89 27.40
N GLY D 610 -22.84 -26.94 27.13
CA GLY D 610 -21.48 -27.10 27.59
C GLY D 610 -20.45 -27.43 26.53
N LYS D 611 -20.55 -26.80 25.37
CA LYS D 611 -19.47 -26.87 24.39
C LYS D 611 -18.29 -26.02 24.84
N THR D 612 -18.53 -24.72 25.00
CA THR D 612 -17.48 -23.79 25.29
C THR D 612 -16.88 -24.04 26.67
N GLU D 613 -17.68 -24.46 27.65
CA GLU D 613 -17.06 -24.79 28.92
C GLU D 613 -16.36 -26.12 28.91
N LEU D 614 -16.70 -27.02 28.00
CA LEU D 614 -15.86 -28.21 27.86
C LEU D 614 -14.48 -27.83 27.35
N CYS D 615 -14.42 -26.90 26.41
CA CYS D 615 -13.11 -26.55 25.88
C CYS D 615 -12.32 -25.71 26.88
N LYS D 616 -12.99 -24.87 27.64
CA LYS D 616 -12.32 -24.20 28.75
C LYS D 616 -11.95 -25.19 29.84
N ALA D 617 -12.68 -26.28 29.98
CA ALA D 617 -12.29 -27.32 30.93
C ALA D 617 -11.03 -28.01 30.48
N LEU D 618 -10.87 -28.18 29.17
CA LEU D 618 -9.62 -28.74 28.65
C LEU D 618 -8.45 -27.82 28.90
N ALA D 619 -8.63 -26.53 28.64
CA ALA D 619 -7.49 -25.65 28.86
C ALA D 619 -7.19 -25.50 30.34
N ASN D 620 -8.20 -25.61 31.19
CA ASN D 620 -7.95 -25.54 32.63
C ASN D 620 -7.24 -26.78 33.12
N PHE D 621 -7.56 -27.95 32.58
CA PHE D 621 -6.76 -29.14 32.88
C PHE D 621 -5.33 -28.97 32.40
N MET D 622 -5.18 -28.70 31.11
CA MET D 622 -3.93 -28.94 30.42
C MET D 622 -2.91 -27.86 30.74
N PHE D 623 -3.35 -26.62 30.90
CA PHE D 623 -2.43 -25.50 31.07
C PHE D 623 -2.60 -24.80 32.40
N ASP D 624 -3.48 -25.30 33.26
CA ASP D 624 -3.75 -24.77 34.60
C ASP D 624 -4.22 -23.31 34.56
N SER D 625 -5.05 -23.00 33.56
CA SER D 625 -5.61 -21.67 33.37
C SER D 625 -6.80 -21.80 32.43
N ASP D 626 -7.85 -21.00 32.68
CA ASP D 626 -9.10 -21.18 31.95
C ASP D 626 -9.01 -20.77 30.50
N GLU D 627 -8.74 -19.50 30.24
CA GLU D 627 -8.55 -19.05 28.87
C GLU D 627 -7.07 -18.78 28.61
N ALA D 628 -6.26 -19.81 28.71
CA ALA D 628 -4.89 -19.79 28.21
C ALA D 628 -4.89 -20.73 27.03
N MET D 629 -5.34 -20.22 25.90
CA MET D 629 -5.66 -21.01 24.73
C MET D 629 -5.88 -20.01 23.62
N VAL D 630 -5.80 -20.49 22.38
CA VAL D 630 -5.94 -19.58 21.24
C VAL D 630 -7.39 -19.69 20.79
N ARG D 631 -8.20 -18.76 21.25
CA ARG D 631 -9.63 -18.78 21.00
C ARG D 631 -9.98 -17.84 19.85
N ILE D 632 -10.32 -18.41 18.70
CA ILE D 632 -10.71 -17.65 17.54
C ILE D 632 -12.21 -17.62 17.48
N ASP D 633 -12.77 -16.42 17.40
CA ASP D 633 -14.21 -16.29 17.26
C ASP D 633 -14.57 -16.43 15.80
N MET D 634 -15.27 -17.50 15.45
CA MET D 634 -15.68 -17.71 14.08
C MET D 634 -16.98 -17.03 13.76
N SER D 635 -17.37 -16.04 14.55
CA SER D 635 -18.47 -15.19 14.18
C SER D 635 -18.00 -13.77 13.89
N GLU D 636 -16.72 -13.61 13.59
CA GLU D 636 -16.23 -12.39 12.97
C GLU D 636 -16.00 -12.56 11.49
N PHE D 637 -15.95 -13.80 11.02
CA PHE D 637 -15.50 -14.10 9.67
C PHE D 637 -16.70 -14.26 8.76
N MET D 638 -17.72 -13.44 8.95
CA MET D 638 -18.92 -13.50 8.13
C MET D 638 -18.72 -12.90 6.75
N GLU D 639 -17.57 -12.32 6.46
CA GLU D 639 -17.26 -11.96 5.09
C GLU D 639 -15.99 -12.65 4.63
N LYS D 640 -15.87 -12.75 3.32
CA LYS D 640 -14.82 -13.56 2.73
C LYS D 640 -13.46 -12.92 2.92
N HIS D 641 -13.40 -11.60 2.97
CA HIS D 641 -12.11 -10.95 3.05
C HIS D 641 -11.50 -10.98 4.43
N SER D 642 -12.17 -11.56 5.43
CA SER D 642 -11.58 -11.66 6.76
C SER D 642 -10.99 -13.02 7.03
N VAL D 643 -10.57 -13.74 6.01
CA VAL D 643 -9.63 -14.83 6.25
C VAL D 643 -8.33 -14.26 6.75
N SER D 644 -7.90 -13.15 6.19
CA SER D 644 -6.57 -12.60 6.41
C SER D 644 -6.35 -12.06 7.81
N ARG D 645 -7.33 -12.16 8.71
CA ARG D 645 -7.07 -11.86 10.10
C ARG D 645 -6.24 -12.97 10.74
N LEU D 646 -6.42 -14.21 10.29
CA LEU D 646 -5.68 -15.31 10.88
C LEU D 646 -4.44 -15.75 10.08
N VAL D 647 -4.49 -15.73 8.76
CA VAL D 647 -3.27 -16.00 7.99
C VAL D 647 -2.33 -14.83 8.09
N GLY D 648 -2.76 -13.66 7.68
CA GLY D 648 -1.92 -12.49 7.77
C GLY D 648 -1.95 -11.69 6.51
N ALA D 649 -0.90 -10.94 6.28
CA ALA D 649 -1.08 -10.13 5.10
C ALA D 649 -0.13 -10.56 4.02
N PRO D 650 -0.57 -10.60 2.77
CA PRO D 650 0.30 -10.96 1.67
C PRO D 650 1.29 -9.85 1.40
N PRO D 651 2.41 -10.12 0.74
CA PRO D 651 3.49 -9.14 0.68
C PRO D 651 3.15 -7.89 -0.10
N GLY D 652 3.59 -6.76 0.44
CA GLY D 652 3.28 -5.48 -0.12
C GLY D 652 1.91 -4.96 0.26
N TYR D 653 1.48 -5.19 1.49
CA TYR D 653 0.20 -4.67 1.96
C TYR D 653 0.43 -4.16 3.38
N VAL D 654 -0.64 -3.97 4.14
CA VAL D 654 -0.56 -3.08 5.30
C VAL D 654 0.08 -3.77 6.48
N GLY D 655 -0.52 -4.84 6.96
CA GLY D 655 -0.01 -5.53 8.11
C GLY D 655 0.86 -6.70 7.75
N TYR D 656 1.71 -6.52 6.73
CA TYR D 656 2.60 -7.59 6.32
C TYR D 656 3.68 -7.84 7.35
N GLU D 657 4.02 -6.82 8.14
CA GLU D 657 5.00 -6.94 9.19
C GLU D 657 4.50 -7.69 10.42
N GLU D 658 3.26 -8.14 10.45
CA GLU D 658 2.70 -8.60 11.71
C GLU D 658 1.94 -9.92 11.66
N GLY D 659 2.06 -10.69 10.58
CA GLY D 659 1.56 -12.06 10.55
C GLY D 659 0.06 -12.12 10.70
N GLY D 660 -0.42 -13.29 11.09
CA GLY D 660 -1.80 -13.47 11.41
C GLY D 660 -2.04 -13.39 12.89
N TYR D 661 -3.15 -13.98 13.31
CA TYR D 661 -3.39 -14.20 14.73
C TYR D 661 -3.30 -15.66 15.11
N LEU D 662 -3.65 -16.55 14.19
CA LEU D 662 -3.57 -17.97 14.45
C LEU D 662 -2.14 -18.47 14.33
N THR D 663 -1.49 -18.18 13.21
CA THR D 663 -0.16 -18.71 12.97
C THR D 663 0.88 -18.10 13.89
N GLU D 664 0.76 -16.82 14.24
CA GLU D 664 1.71 -16.26 15.18
C GLU D 664 1.55 -16.87 16.56
N ALA D 665 0.35 -16.88 17.09
CA ALA D 665 0.19 -17.47 18.40
C ALA D 665 0.23 -18.99 18.41
N VAL D 666 0.51 -19.67 17.29
CA VAL D 666 0.86 -21.08 17.41
C VAL D 666 2.36 -21.27 17.23
N ARG D 667 2.97 -20.52 16.33
CA ARG D 667 4.42 -20.54 16.15
C ARG D 667 5.17 -20.09 17.40
N ARG D 668 4.54 -19.30 18.26
CA ARG D 668 5.04 -19.16 19.62
C ARG D 668 4.97 -20.48 20.38
N ARG D 669 3.77 -20.98 20.63
CA ARG D 669 3.58 -22.10 21.55
C ARG D 669 2.92 -23.28 20.88
N PRO D 670 3.69 -24.26 20.39
CA PRO D 670 3.13 -25.31 19.53
C PRO D 670 2.15 -26.24 20.18
N TYR D 671 2.02 -26.23 21.48
CA TYR D 671 1.08 -27.12 22.14
C TYR D 671 0.03 -26.26 22.80
N SER D 672 -1.12 -26.13 22.16
CA SER D 672 -2.22 -25.34 22.71
C SER D 672 -3.54 -25.93 22.24
N VAL D 673 -4.62 -25.31 22.65
CA VAL D 673 -5.95 -25.71 22.22
C VAL D 673 -6.54 -24.55 21.45
N ILE D 674 -6.62 -24.70 20.13
CA ILE D 674 -7.22 -23.69 19.28
C ILE D 674 -8.71 -23.94 19.25
N LEU D 675 -9.47 -23.03 19.83
CA LEU D 675 -10.91 -23.19 19.91
C LEU D 675 -11.60 -22.26 18.93
N LEU D 676 -12.30 -22.83 17.97
CA LEU D 676 -13.00 -22.05 16.98
C LEU D 676 -14.43 -21.85 17.45
N ASP D 677 -14.74 -20.64 17.88
CA ASP D 677 -15.99 -20.35 18.55
C ASP D 677 -17.12 -20.31 17.53
N ALA D 678 -18.04 -21.29 17.62
CA ALA D 678 -19.34 -21.31 16.95
C ALA D 678 -19.19 -21.22 15.43
N VAL D 679 -18.61 -22.28 14.87
CA VAL D 679 -17.93 -22.16 13.60
C VAL D 679 -18.87 -21.97 12.43
N GLU D 680 -20.15 -22.30 12.54
CA GLU D 680 -21.01 -22.37 11.37
C GLU D 680 -21.38 -21.02 10.79
N LYS D 681 -21.07 -19.94 11.50
CA LYS D 681 -21.49 -18.62 11.05
C LYS D 681 -20.65 -18.13 9.88
N ALA D 682 -19.41 -18.56 9.78
CA ALA D 682 -18.52 -17.91 8.85
C ALA D 682 -18.80 -18.32 7.41
N HIS D 683 -18.29 -17.52 6.50
CA HIS D 683 -18.31 -17.82 5.08
C HIS D 683 -17.41 -19.04 4.85
N PRO D 684 -17.75 -19.90 3.87
CA PRO D 684 -17.04 -21.21 3.75
C PRO D 684 -15.54 -21.14 3.40
N ASP D 685 -14.99 -19.97 3.13
CA ASP D 685 -13.58 -19.87 2.76
C ASP D 685 -12.66 -20.16 3.95
N VAL D 686 -13.08 -19.75 5.15
CA VAL D 686 -12.26 -20.03 6.31
C VAL D 686 -12.24 -21.53 6.55
N PHE D 687 -13.31 -22.21 6.17
CA PHE D 687 -13.28 -23.66 6.18
C PHE D 687 -12.33 -24.22 5.14
N ASN D 688 -12.05 -23.51 4.05
CA ASN D 688 -10.99 -24.01 3.18
C ASN D 688 -9.61 -23.92 3.85
N ILE D 689 -9.38 -22.83 4.58
CA ILE D 689 -8.17 -22.73 5.40
C ILE D 689 -8.07 -23.86 6.41
N LEU D 690 -9.21 -24.22 6.99
CA LEU D 690 -9.23 -25.32 7.93
C LEU D 690 -9.04 -26.68 7.26
N LEU D 691 -9.35 -26.81 5.97
CA LEU D 691 -8.98 -28.03 5.24
C LEU D 691 -7.49 -28.23 5.28
N GLN D 692 -6.73 -27.18 4.99
CA GLN D 692 -5.26 -27.29 5.06
C GLN D 692 -4.80 -27.68 6.44
N VAL D 693 -5.36 -27.01 7.45
CA VAL D 693 -4.96 -27.23 8.85
C VAL D 693 -5.24 -28.66 9.28
N LEU D 694 -6.48 -29.10 9.16
CA LEU D 694 -6.82 -30.39 9.72
C LEU D 694 -6.29 -31.53 8.88
N ASP D 695 -5.89 -31.28 7.63
CA ASP D 695 -5.25 -32.38 6.93
C ASP D 695 -3.81 -32.54 7.36
N ASP D 696 -2.98 -31.52 7.15
CA ASP D 696 -1.56 -31.82 7.25
C ASP D 696 -0.81 -30.90 8.18
N GLY D 697 -1.51 -30.26 9.09
CA GLY D 697 -0.88 -29.47 10.13
C GLY D 697 -0.06 -28.31 9.64
N ARG D 698 -0.22 -27.90 8.41
CA ARG D 698 0.55 -26.78 7.93
C ARG D 698 -0.39 -25.70 7.47
N LEU D 699 0.07 -24.45 7.58
CA LEU D 699 -0.74 -23.32 7.19
C LEU D 699 0.24 -22.20 6.85
N THR D 700 0.45 -21.98 5.57
CA THR D 700 1.43 -21.00 5.14
C THR D 700 0.90 -19.60 5.37
N ASP D 701 1.51 -18.87 6.30
CA ASP D 701 0.97 -17.57 6.64
C ASP D 701 1.36 -16.49 5.64
N GLY D 702 1.25 -15.23 6.06
CA GLY D 702 1.46 -14.13 5.14
C GLY D 702 2.89 -14.01 4.66
N GLN D 703 3.84 -14.06 5.58
CA GLN D 703 5.23 -13.91 5.18
C GLN D 703 5.83 -15.16 4.55
N GLY D 704 5.03 -16.13 4.13
CA GLY D 704 5.57 -17.25 3.38
C GLY D 704 6.38 -18.22 4.20
N ARG D 705 5.86 -18.65 5.34
CA ARG D 705 6.51 -19.70 6.10
C ARG D 705 5.44 -20.63 6.66
N THR D 706 5.77 -21.91 6.74
CA THR D 706 4.82 -22.85 7.29
C THR D 706 4.79 -22.71 8.80
N VAL D 707 3.72 -23.21 9.41
CA VAL D 707 3.65 -23.35 10.85
C VAL D 707 3.22 -24.76 11.16
N ASP D 708 3.96 -25.44 12.01
CA ASP D 708 3.72 -26.82 12.41
C ASP D 708 2.47 -26.85 13.29
N PHE D 709 1.31 -27.19 12.73
CA PHE D 709 0.18 -27.45 13.60
C PHE D 709 0.05 -28.91 13.95
N ARG D 710 1.11 -29.69 13.93
CA ARG D 710 0.94 -31.10 14.24
C ARG D 710 0.87 -31.39 15.73
N ASN D 711 0.70 -30.38 16.58
CA ASN D 711 0.73 -30.62 18.01
C ASN D 711 -0.38 -29.91 18.75
N THR D 712 -1.48 -29.57 18.10
CA THR D 712 -2.58 -28.84 18.72
C THR D 712 -3.85 -29.69 18.68
N VAL D 713 -4.92 -29.15 19.26
CA VAL D 713 -6.22 -29.82 19.31
C VAL D 713 -7.23 -28.81 18.78
N VAL D 714 -7.46 -28.80 17.47
CA VAL D 714 -8.28 -27.77 16.86
C VAL D 714 -9.74 -28.12 17.13
N ILE D 715 -10.31 -27.56 18.18
CA ILE D 715 -11.69 -27.83 18.54
C ILE D 715 -12.59 -26.79 17.92
N MET D 716 -13.60 -27.23 17.19
CA MET D 716 -14.53 -26.35 16.53
C MET D 716 -15.93 -26.62 17.06
N THR D 717 -16.62 -25.57 17.48
CA THR D 717 -17.95 -25.69 18.01
C THR D 717 -18.97 -25.22 17.01
N SER D 718 -20.22 -25.55 17.27
CA SER D 718 -21.33 -25.22 16.37
C SER D 718 -22.61 -25.45 17.13
N ASN D 719 -23.73 -25.18 16.47
CA ASN D 719 -24.99 -25.76 16.91
C ASN D 719 -25.91 -26.11 15.75
N LEU D 720 -25.36 -26.72 14.69
CA LEU D 720 -26.10 -26.87 13.43
C LEU D 720 -27.26 -27.85 13.50
N GLY D 721 -27.50 -28.53 14.60
CA GLY D 721 -28.59 -29.50 14.60
C GLY D 721 -29.58 -29.31 15.72
N SER D 722 -29.93 -28.07 16.03
CA SER D 722 -30.65 -27.76 17.27
C SER D 722 -32.05 -28.36 17.27
N ASP D 723 -32.80 -28.14 16.18
CA ASP D 723 -34.16 -28.69 16.07
C ASP D 723 -34.14 -30.20 16.08
N LEU D 724 -33.15 -30.78 15.39
CA LEU D 724 -33.08 -32.23 15.24
C LEU D 724 -32.75 -32.91 16.56
N ILE D 725 -31.75 -32.39 17.27
CA ILE D 725 -31.33 -33.01 18.51
C ILE D 725 -32.36 -32.77 19.61
N GLN D 726 -32.93 -31.57 19.66
CA GLN D 726 -34.00 -31.34 20.63
C GLN D 726 -35.29 -32.06 20.26
N GLU D 727 -35.44 -32.50 19.03
CA GLU D 727 -36.63 -33.23 18.65
C GLU D 727 -36.49 -34.72 18.91
N ARG D 728 -35.31 -35.31 18.68
CA ARG D 728 -35.24 -36.76 18.68
C ARG D 728 -34.16 -37.35 19.57
N PHE D 729 -33.65 -36.65 20.59
CA PHE D 729 -32.68 -37.33 21.43
C PHE D 729 -33.35 -38.35 22.32
N GLY D 730 -34.61 -38.12 22.67
CA GLY D 730 -35.41 -39.17 23.27
C GLY D 730 -35.63 -40.30 22.29
N GLU D 731 -35.69 -41.51 22.85
CA GLU D 731 -35.90 -42.81 22.16
C GLU D 731 -35.02 -43.03 20.93
N LEU D 732 -33.84 -42.40 20.89
CA LEU D 732 -32.84 -42.68 19.87
C LEU D 732 -31.49 -42.83 20.56
N ASP D 733 -30.73 -43.83 20.14
CA ASP D 733 -29.42 -44.09 20.70
C ASP D 733 -28.40 -43.08 20.18
N TYR D 734 -27.15 -43.26 20.58
CA TYR D 734 -26.15 -42.25 20.27
C TYR D 734 -25.72 -42.29 18.81
N ALA D 735 -25.47 -43.48 18.29
CA ALA D 735 -24.88 -43.61 16.95
C ALA D 735 -25.85 -43.16 15.88
N HIS D 736 -27.14 -43.44 16.05
CA HIS D 736 -28.10 -43.06 15.02
C HIS D 736 -28.35 -41.57 15.04
N MET D 737 -28.30 -40.98 16.23
CA MET D 737 -28.31 -39.52 16.35
C MET D 737 -27.13 -38.92 15.63
N LYS D 738 -25.94 -39.54 15.77
CA LYS D 738 -24.77 -39.08 15.04
C LYS D 738 -24.96 -39.20 13.55
N GLU D 739 -25.64 -40.27 13.11
CA GLU D 739 -25.91 -40.46 11.68
C GLU D 739 -26.83 -39.37 11.14
N LEU D 740 -27.89 -39.06 11.87
CA LEU D 740 -28.87 -38.10 11.37
C LEU D 740 -28.32 -36.68 11.41
N VAL D 741 -27.61 -36.32 12.47
CA VAL D 741 -27.00 -35.00 12.50
C VAL D 741 -25.82 -34.94 11.54
N LEU D 742 -25.25 -36.10 11.18
CA LEU D 742 -24.17 -36.14 10.22
C LEU D 742 -24.69 -35.78 8.84
N GLY D 743 -25.87 -36.29 8.50
CA GLY D 743 -26.51 -35.87 7.27
C GLY D 743 -26.88 -34.40 7.24
N VAL D 744 -27.28 -33.85 8.40
CA VAL D 744 -27.64 -32.43 8.44
C VAL D 744 -26.41 -31.54 8.25
N VAL D 745 -25.30 -31.88 8.91
CA VAL D 745 -24.08 -31.11 8.71
C VAL D 745 -23.56 -31.27 7.29
N SER D 746 -23.76 -32.45 6.69
CA SER D 746 -23.45 -32.64 5.28
C SER D 746 -24.26 -31.72 4.39
N HIS D 747 -25.51 -31.44 4.78
CA HIS D 747 -26.24 -30.39 4.08
C HIS D 747 -25.69 -29.00 4.34
N ASN D 748 -24.97 -28.79 5.44
CA ASN D 748 -24.44 -27.45 5.64
C ASN D 748 -22.97 -27.27 5.27
N PHE D 749 -22.22 -28.35 5.09
CA PHE D 749 -20.80 -28.28 4.75
C PHE D 749 -20.48 -29.09 3.50
N ARG D 750 -19.31 -28.87 2.98
CA ARG D 750 -18.80 -29.65 1.87
C ARG D 750 -18.13 -30.91 2.38
N PRO D 751 -18.19 -32.01 1.62
CA PRO D 751 -17.65 -33.27 2.12
C PRO D 751 -16.15 -33.30 2.29
N GLU D 752 -15.43 -32.40 1.61
CA GLU D 752 -14.04 -32.06 1.94
C GLU D 752 -13.85 -31.86 3.42
N PHE D 753 -14.60 -30.91 3.99
CA PHE D 753 -14.31 -30.49 5.35
C PHE D 753 -14.74 -31.53 6.36
N ILE D 754 -15.95 -32.07 6.22
CA ILE D 754 -16.35 -33.01 7.26
C ILE D 754 -15.72 -34.37 7.08
N ASN D 755 -15.01 -34.62 5.99
CA ASN D 755 -14.21 -35.82 5.98
C ASN D 755 -12.99 -35.66 6.88
N ARG D 756 -12.41 -34.46 6.94
CA ARG D 756 -11.17 -34.23 7.67
C ARG D 756 -11.34 -34.33 9.18
N ILE D 757 -12.57 -34.27 9.67
CA ILE D 757 -12.83 -34.14 11.10
C ILE D 757 -12.48 -35.43 11.82
N ASP D 758 -11.88 -35.31 13.00
CA ASP D 758 -11.49 -36.49 13.77
C ASP D 758 -12.72 -37.27 14.23
N GLU D 759 -13.51 -36.69 15.12
CA GLU D 759 -14.82 -37.28 15.38
C GLU D 759 -15.78 -36.20 15.81
N VAL D 760 -16.82 -36.00 15.01
CA VAL D 760 -17.94 -35.18 15.40
C VAL D 760 -18.61 -35.83 16.60
N VAL D 761 -18.55 -35.19 17.75
CA VAL D 761 -19.28 -35.70 18.87
C VAL D 761 -20.51 -34.81 19.01
N VAL D 762 -21.55 -35.36 19.62
CA VAL D 762 -22.86 -34.75 19.63
C VAL D 762 -23.30 -34.60 21.06
N PHE D 763 -23.76 -33.41 21.42
CA PHE D 763 -24.19 -33.20 22.79
C PHE D 763 -25.68 -33.51 22.86
N HIS D 764 -26.30 -33.18 23.99
CA HIS D 764 -27.72 -33.45 24.16
C HIS D 764 -28.25 -32.54 25.24
N PRO D 765 -29.51 -32.12 25.13
CA PRO D 765 -30.05 -31.20 26.13
C PRO D 765 -30.19 -31.85 27.48
N LEU D 766 -30.17 -31.03 28.50
CA LEU D 766 -29.97 -31.49 29.87
C LEU D 766 -31.27 -31.87 30.53
N GLY D 767 -31.18 -32.85 31.42
CA GLY D 767 -32.31 -33.30 32.23
C GLY D 767 -32.36 -32.50 33.53
N GLU D 768 -33.16 -32.97 34.49
CA GLU D 768 -33.37 -32.19 35.70
C GLU D 768 -32.20 -32.33 36.67
N GLN D 769 -31.73 -33.55 36.87
CA GLN D 769 -30.66 -33.79 37.82
C GLN D 769 -29.34 -33.18 37.38
N HIS D 770 -29.10 -33.10 36.06
CA HIS D 770 -27.94 -32.39 35.56
C HIS D 770 -28.01 -30.92 35.92
N ILE D 771 -29.20 -30.33 35.79
CA ILE D 771 -29.38 -28.93 36.14
C ILE D 771 -29.23 -28.72 37.64
N ALA D 772 -29.63 -29.70 38.45
CA ALA D 772 -29.40 -29.62 39.89
C ALA D 772 -27.91 -29.60 40.20
N SER D 773 -27.13 -30.41 39.49
CA SER D 773 -25.69 -30.42 39.72
C SER D 773 -25.03 -29.12 39.24
N ILE D 774 -25.50 -28.58 38.12
CA ILE D 774 -24.98 -27.30 37.63
C ILE D 774 -25.29 -26.19 38.60
N ALA D 775 -26.48 -26.24 39.21
CA ALA D 775 -26.84 -25.26 40.24
C ALA D 775 -25.91 -25.36 41.43
N GLN D 776 -25.54 -26.58 41.80
CA GLN D 776 -24.57 -26.74 42.89
C GLN D 776 -23.22 -26.15 42.52
N ILE D 777 -22.77 -26.32 41.28
CA ILE D 777 -21.47 -25.79 40.87
C ILE D 777 -21.47 -24.27 40.85
N GLN D 778 -22.53 -23.68 40.29
CA GLN D 778 -22.60 -22.23 40.23
C GLN D 778 -22.75 -21.61 41.61
N LEU D 779 -23.46 -22.28 42.52
CA LEU D 779 -23.51 -21.80 43.89
C LEU D 779 -22.17 -21.94 44.59
N LYS D 780 -21.36 -22.91 44.19
CA LYS D 780 -20.01 -22.99 44.74
C LYS D 780 -19.18 -21.78 44.34
N ARG D 781 -19.27 -21.37 43.07
CA ARG D 781 -18.48 -20.18 42.73
C ARG D 781 -19.08 -18.90 43.29
N LEU D 782 -20.39 -18.89 43.54
CA LEU D 782 -20.97 -17.74 44.25
C LEU D 782 -20.49 -17.67 45.69
N TYR D 783 -20.37 -18.82 46.35
CA TYR D 783 -19.82 -18.86 47.71
C TYR D 783 -18.38 -18.41 47.70
N LYS D 784 -17.65 -18.80 46.65
CA LYS D 784 -16.28 -18.36 46.46
C LYS D 784 -16.20 -16.84 46.38
N ARG D 785 -17.10 -16.23 45.61
CA ARG D 785 -17.09 -14.77 45.45
C ARG D 785 -17.40 -14.07 46.76
N LEU D 786 -18.48 -14.46 47.41
CA LEU D 786 -18.87 -13.78 48.64
C LEU D 786 -18.01 -14.15 49.84
N GLU D 787 -17.25 -15.24 49.76
CA GLU D 787 -16.37 -15.63 50.86
C GLU D 787 -15.02 -14.95 50.74
N GLU D 788 -14.49 -14.81 49.52
CA GLU D 788 -13.35 -13.94 49.34
C GLU D 788 -13.73 -12.47 49.48
N ARG D 789 -15.02 -12.15 49.37
CA ARG D 789 -15.52 -10.89 49.87
C ARG D 789 -15.44 -10.86 51.39
N GLY D 790 -15.93 -11.91 52.04
CA GLY D 790 -15.86 -12.01 53.48
C GLY D 790 -17.14 -12.43 54.17
N TYR D 791 -18.13 -12.84 53.39
CA TYR D 791 -19.42 -13.23 53.93
C TYR D 791 -19.58 -14.73 53.75
N GLU D 792 -20.32 -15.36 54.65
CA GLU D 792 -20.48 -16.80 54.60
C GLU D 792 -21.94 -17.15 54.45
N ILE D 793 -22.24 -18.07 53.55
CA ILE D 793 -23.61 -18.35 53.13
C ILE D 793 -23.85 -19.85 53.12
N HIS D 794 -24.88 -20.29 53.83
CA HIS D 794 -25.43 -21.63 53.67
C HIS D 794 -26.75 -21.54 52.93
N ILE D 795 -27.32 -22.69 52.58
CA ILE D 795 -28.54 -22.72 51.80
C ILE D 795 -29.43 -23.87 52.31
N SER D 796 -30.74 -23.64 52.23
CA SER D 796 -31.69 -24.72 52.40
C SER D 796 -31.83 -25.51 51.12
N ASP D 797 -32.18 -26.78 51.25
CA ASP D 797 -32.39 -27.61 50.08
C ASP D 797 -33.66 -27.24 49.33
N GLU D 798 -34.62 -26.62 50.02
CA GLU D 798 -35.81 -26.15 49.34
C GLU D 798 -35.50 -25.00 48.40
N ALA D 799 -34.56 -24.13 48.78
CA ALA D 799 -34.12 -23.07 47.88
C ALA D 799 -33.46 -23.63 46.64
N LEU D 800 -32.65 -24.69 46.82
CA LEU D 800 -32.05 -25.37 45.70
C LEU D 800 -33.10 -26.03 44.82
N LYS D 801 -34.18 -26.53 45.42
CA LYS D 801 -35.24 -27.13 44.62
C LYS D 801 -36.02 -26.08 43.84
N LEU D 802 -36.23 -24.91 44.44
CA LEU D 802 -36.88 -23.84 43.69
C LEU D 802 -35.98 -23.34 42.56
N LEU D 803 -34.67 -23.29 42.78
CA LEU D 803 -33.76 -22.90 41.70
C LEU D 803 -33.72 -23.96 40.61
N SER D 804 -33.84 -25.23 40.98
CA SER D 804 -33.91 -26.26 39.96
C SER D 804 -35.22 -26.22 39.20
N GLU D 805 -36.32 -25.87 39.86
CA GLU D 805 -37.60 -25.90 39.17
C GLU D 805 -37.80 -24.66 38.29
N ASN D 806 -37.32 -23.50 38.73
CA ASN D 806 -37.45 -22.34 37.86
C ASN D 806 -36.43 -22.34 36.74
N GLY D 807 -35.29 -23.00 36.94
CA GLY D 807 -34.25 -22.95 35.95
C GLY D 807 -34.38 -23.99 34.87
N TYR D 808 -35.48 -24.74 34.87
CA TYR D 808 -35.66 -25.82 33.92
C TYR D 808 -36.48 -25.36 32.73
N ASP D 809 -35.92 -25.54 31.54
CA ASP D 809 -36.56 -25.46 30.23
C ASP D 809 -35.62 -26.06 29.20
N PRO D 810 -36.13 -26.80 28.21
CA PRO D 810 -35.21 -27.50 27.30
C PRO D 810 -34.56 -26.59 26.29
N VAL D 811 -35.32 -25.64 25.74
CA VAL D 811 -34.89 -24.98 24.51
C VAL D 811 -33.78 -24.00 24.73
N TYR D 812 -33.53 -23.57 25.96
CA TYR D 812 -32.51 -22.55 26.20
C TYR D 812 -31.36 -23.09 27.02
N GLY D 813 -31.31 -24.38 27.28
CA GLY D 813 -30.12 -24.96 27.87
C GLY D 813 -29.93 -24.65 29.33
N ALA D 814 -28.67 -24.55 29.75
CA ALA D 814 -28.33 -24.43 31.15
C ALA D 814 -28.11 -23.00 31.60
N ARG D 815 -28.45 -22.04 30.78
CA ARG D 815 -28.46 -20.63 31.15
C ARG D 815 -29.68 -20.08 31.87
N PRO D 816 -30.91 -20.55 31.63
CA PRO D 816 -31.99 -20.10 32.51
C PRO D 816 -31.80 -20.45 33.95
N LEU D 817 -31.08 -21.54 34.24
CA LEU D 817 -30.63 -21.78 35.60
C LEU D 817 -29.75 -20.66 36.11
N LYS D 818 -28.80 -20.20 35.30
CA LYS D 818 -27.88 -19.18 35.79
C LYS D 818 -28.55 -17.83 35.96
N ARG D 819 -29.41 -17.44 35.04
CA ARG D 819 -30.07 -16.16 35.27
C ARG D 819 -31.19 -16.26 36.30
N ALA D 820 -31.75 -17.46 36.53
CA ALA D 820 -32.69 -17.60 37.62
C ALA D 820 -31.98 -17.50 38.96
N ILE D 821 -30.80 -18.10 39.06
CA ILE D 821 -29.94 -17.92 40.23
C ILE D 821 -29.61 -16.45 40.41
N GLN D 822 -29.28 -15.78 39.30
CA GLN D 822 -28.94 -14.37 39.30
C GLN D 822 -30.04 -13.52 39.90
N GLN D 823 -31.27 -13.67 39.38
CA GLN D 823 -32.41 -12.95 39.93
C GLN D 823 -32.67 -13.35 41.38
N GLN D 824 -33.09 -14.60 41.59
CA GLN D 824 -33.65 -15.03 42.85
C GLN D 824 -32.64 -15.21 43.96
N ILE D 825 -31.36 -14.92 43.73
CA ILE D 825 -30.45 -14.75 44.85
C ILE D 825 -29.78 -13.39 44.75
N GLU D 826 -29.11 -13.13 43.63
CA GLU D 826 -28.23 -11.98 43.55
C GLU D 826 -28.99 -10.65 43.53
N ASN D 827 -30.28 -10.62 43.22
CA ASN D 827 -30.87 -9.30 43.34
C ASN D 827 -31.20 -8.95 44.80
N PRO D 828 -31.96 -9.74 45.58
CA PRO D 828 -32.23 -9.28 46.95
C PRO D 828 -31.01 -9.35 47.84
N LEU D 829 -30.08 -10.26 47.57
CA LEU D 829 -28.92 -10.37 48.44
C LEU D 829 -28.00 -9.18 48.24
N ALA D 830 -27.79 -8.73 47.01
CA ALA D 830 -26.96 -7.55 46.82
C ALA D 830 -27.70 -6.29 47.23
N GLN D 831 -29.02 -6.28 47.05
CA GLN D 831 -29.85 -5.22 47.60
C GLN D 831 -29.65 -5.04 49.09
N GLN D 832 -29.57 -6.15 49.82
CA GLN D 832 -29.44 -6.06 51.26
C GLN D 832 -28.00 -5.93 51.73
N ILE D 833 -27.03 -6.38 50.95
CA ILE D 833 -25.64 -6.17 51.32
C ILE D 833 -25.26 -4.71 51.15
N LEU D 834 -25.72 -4.08 50.07
CA LEU D 834 -25.51 -2.64 49.96
C LEU D 834 -26.38 -1.83 50.92
N SER D 835 -27.40 -2.44 51.52
CA SER D 835 -28.29 -1.69 52.39
C SER D 835 -27.68 -1.36 53.75
N GLY D 836 -26.47 -1.84 54.05
CA GLY D 836 -25.95 -1.69 55.39
C GLY D 836 -26.62 -2.59 56.39
N GLU D 837 -27.23 -3.67 55.93
CA GLU D 837 -28.02 -4.56 56.78
C GLU D 837 -27.24 -5.79 57.21
N LEU D 838 -26.75 -6.57 56.26
CA LEU D 838 -26.19 -7.88 56.55
C LEU D 838 -24.80 -7.73 57.11
N VAL D 839 -24.64 -8.16 58.36
CA VAL D 839 -23.39 -7.96 59.11
C VAL D 839 -22.33 -8.91 58.56
N PRO D 840 -21.08 -8.48 58.42
CA PRO D 840 -20.01 -9.41 58.12
C PRO D 840 -19.81 -10.41 59.25
N GLY D 841 -19.30 -11.59 58.90
CA GLY D 841 -18.96 -12.61 59.86
C GLY D 841 -20.07 -13.57 60.20
N LYS D 842 -21.30 -13.08 60.32
CA LYS D 842 -22.40 -13.97 60.65
C LYS D 842 -22.83 -14.79 59.44
N VAL D 843 -23.53 -15.88 59.71
CA VAL D 843 -23.94 -16.81 58.67
C VAL D 843 -25.18 -16.25 57.98
N ILE D 844 -25.12 -16.16 56.66
CA ILE D 844 -26.24 -15.69 55.85
C ILE D 844 -26.98 -16.93 55.37
N ARG D 845 -28.13 -17.19 55.95
CA ARG D 845 -28.88 -18.41 55.63
C ARG D 845 -29.94 -18.10 54.58
N LEU D 846 -29.86 -18.79 53.45
CA LEU D 846 -30.81 -18.61 52.35
C LEU D 846 -31.98 -19.54 52.56
N GLU D 847 -32.85 -19.18 53.48
CA GLU D 847 -34.07 -19.93 53.73
C GLU D 847 -35.18 -19.36 52.87
N VAL D 848 -36.10 -20.23 52.48
CA VAL D 848 -37.14 -19.81 51.54
C VAL D 848 -38.17 -18.95 52.26
N ASN D 849 -38.89 -18.17 51.47
CA ASN D 849 -40.18 -17.62 51.89
C ASN D 849 -41.25 -18.60 51.43
N GLU D 850 -42.51 -18.15 51.44
CA GLU D 850 -43.60 -18.99 50.96
C GLU D 850 -43.46 -19.27 49.46
N ASP D 851 -43.01 -18.28 48.70
CA ASP D 851 -42.85 -18.42 47.27
C ASP D 851 -41.51 -17.93 46.76
N ARG D 852 -40.64 -17.39 47.64
CA ARG D 852 -39.40 -16.80 47.20
C ARG D 852 -38.25 -17.33 48.03
N ILE D 853 -37.07 -16.78 47.75
CA ILE D 853 -35.84 -17.08 48.48
C ILE D 853 -35.33 -15.78 49.05
N VAL D 854 -34.95 -15.79 50.34
CA VAL D 854 -34.50 -14.58 51.00
C VAL D 854 -33.39 -14.94 51.99
N ALA D 855 -32.57 -13.95 52.32
CA ALA D 855 -31.58 -14.10 53.36
C ALA D 855 -32.19 -13.80 54.72
N VAL D 856 -31.60 -14.37 55.76
CA VAL D 856 -31.93 -14.03 57.14
C VAL D 856 -30.64 -13.85 57.91
N GLN D 857 -30.75 -13.18 59.06
CA GLN D 857 -29.62 -12.89 59.93
C GLN D 857 -30.04 -13.06 61.37
N HIS D 858 -29.34 -13.92 62.10
CA HIS D 858 -29.62 -14.12 63.51
C HIS D 858 -28.34 -14.30 64.31
N GLN E 159 53.50 11.52 -18.42
CA GLN E 159 52.61 10.69 -19.24
C GLN E 159 51.74 9.80 -18.38
N ALA E 160 50.49 10.22 -18.17
CA ALA E 160 49.56 9.44 -17.36
C ALA E 160 49.00 8.26 -18.13
N LEU E 161 49.20 8.22 -19.45
CA LEU E 161 48.74 7.08 -20.24
C LEU E 161 49.47 5.81 -19.86
N LYS E 162 50.75 5.93 -19.52
CA LYS E 162 51.50 4.78 -19.01
C LYS E 162 51.17 4.46 -17.57
N LYS E 163 50.39 5.29 -16.90
CA LYS E 163 50.16 5.18 -15.47
C LYS E 163 48.87 4.47 -15.12
N TYR E 164 47.76 4.84 -15.74
CA TYR E 164 46.46 4.35 -15.28
C TYR E 164 45.63 3.79 -16.42
N THR E 165 46.26 3.16 -17.40
CA THR E 165 45.52 2.55 -18.48
C THR E 165 46.02 1.13 -18.70
N ILE E 166 45.13 0.28 -19.20
CA ILE E 166 45.49 -1.04 -19.71
C ILE E 166 45.56 -0.93 -21.22
N ASP E 167 46.73 -1.22 -21.77
CA ASP E 167 46.93 -1.19 -23.22
C ASP E 167 46.49 -2.54 -23.77
N LEU E 168 45.29 -2.60 -24.33
CA LEU E 168 44.79 -3.85 -24.89
C LEU E 168 45.46 -4.20 -26.21
N THR E 169 46.02 -3.21 -26.91
CA THR E 169 46.83 -3.51 -28.09
C THR E 169 48.13 -4.19 -27.69
N GLU E 170 48.69 -3.81 -26.54
CA GLU E 170 49.88 -4.46 -26.01
C GLU E 170 49.60 -5.93 -25.69
N ARG E 171 48.53 -6.19 -24.94
CA ARG E 171 48.17 -7.55 -24.60
C ARG E 171 47.70 -8.35 -25.82
N ALA E 172 47.19 -7.66 -26.83
CA ALA E 172 46.82 -8.31 -28.07
C ALA E 172 48.05 -8.78 -28.83
N GLU E 173 49.07 -7.92 -28.93
CA GLU E 173 50.29 -8.32 -29.62
C GLU E 173 51.09 -9.32 -28.79
N GLN E 174 51.04 -9.20 -27.47
CA GLN E 174 51.71 -10.14 -26.59
C GLN E 174 50.96 -11.46 -26.45
N GLY E 175 49.80 -11.60 -27.07
CA GLY E 175 49.08 -12.86 -27.02
C GLY E 175 48.35 -13.13 -25.72
N LYS E 176 48.21 -12.12 -24.86
CA LYS E 176 47.51 -12.31 -23.59
C LYS E 176 46.00 -12.27 -23.73
N LEU E 177 45.46 -12.26 -24.95
CA LEU E 177 44.03 -12.21 -25.17
C LEU E 177 43.56 -13.50 -25.83
N ASP E 178 42.31 -13.52 -26.20
CA ASP E 178 41.76 -14.80 -26.60
C ASP E 178 41.21 -14.73 -28.01
N PRO E 179 41.30 -15.84 -28.76
CA PRO E 179 40.84 -15.84 -30.16
C PRO E 179 39.33 -15.73 -30.25
N VAL E 180 38.87 -14.60 -30.78
CA VAL E 180 37.46 -14.31 -30.89
C VAL E 180 36.95 -14.87 -32.21
N ILE E 181 35.94 -15.72 -32.12
CA ILE E 181 35.50 -16.52 -33.25
C ILE E 181 34.11 -16.05 -33.65
N GLY E 182 33.88 -15.96 -34.95
CA GLY E 182 32.62 -15.41 -35.43
C GLY E 182 32.60 -13.90 -35.21
N ARG E 183 31.40 -13.40 -34.90
CA ARG E 183 31.17 -12.03 -34.43
C ARG E 183 31.59 -10.99 -35.45
N ASP E 184 31.57 -11.32 -36.74
CA ASP E 184 31.96 -10.36 -37.76
C ASP E 184 30.93 -9.25 -37.88
N GLU E 185 29.65 -9.59 -37.71
CA GLU E 185 28.59 -8.62 -37.89
C GLU E 185 28.62 -7.56 -36.80
N GLU E 186 28.81 -7.98 -35.55
CA GLU E 186 28.73 -7.04 -34.45
C GLU E 186 29.98 -6.19 -34.35
N ILE E 187 31.13 -6.77 -34.64
CA ILE E 187 32.37 -5.99 -34.74
C ILE E 187 32.28 -4.99 -35.87
N ARG E 188 31.68 -5.39 -36.99
CA ARG E 188 31.48 -4.47 -38.12
C ARG E 188 30.56 -3.34 -37.74
N ARG E 189 29.47 -3.63 -37.02
CA ARG E 189 28.56 -2.57 -36.65
C ARG E 189 29.17 -1.64 -35.61
N THR E 190 30.07 -2.17 -34.78
CA THR E 190 30.83 -1.33 -33.86
C THR E 190 31.75 -0.38 -34.60
N ILE E 191 32.41 -0.89 -35.65
CA ILE E 191 33.26 -0.04 -36.50
C ILE E 191 32.43 1.03 -37.19
N GLN E 192 31.21 0.68 -37.59
CA GLN E 192 30.28 1.64 -38.18
C GLN E 192 29.99 2.78 -37.23
N VAL E 193 29.63 2.44 -35.99
CA VAL E 193 29.24 3.49 -35.06
C VAL E 193 30.47 4.29 -34.62
N LEU E 194 31.65 3.68 -34.67
CA LEU E 194 32.86 4.43 -34.34
C LEU E 194 33.19 5.51 -35.35
N GLN E 195 32.71 5.40 -36.58
CA GLN E 195 32.97 6.41 -37.59
C GLN E 195 31.64 6.97 -38.08
N ARG E 196 31.11 7.94 -37.33
CA ARG E 196 29.93 8.68 -37.73
C ARG E 196 30.25 10.15 -37.57
N ARG E 197 29.29 11.04 -37.80
CA ARG E 197 29.57 12.44 -37.52
C ARG E 197 29.15 12.78 -36.09
N THR E 198 27.88 12.58 -35.77
CA THR E 198 27.40 12.58 -34.41
C THR E 198 27.19 11.15 -33.96
N LYS E 199 27.01 10.99 -32.65
CA LYS E 199 26.86 9.70 -31.97
C LYS E 199 28.07 8.78 -32.25
N ASN E 200 29.22 9.26 -31.81
CA ASN E 200 30.49 8.57 -32.04
C ASN E 200 30.89 7.72 -30.85
N ASN E 201 29.92 7.11 -30.17
CA ASN E 201 30.19 6.33 -28.97
C ASN E 201 29.27 5.14 -28.97
N PRO E 202 29.72 4.00 -29.46
CA PRO E 202 28.93 2.78 -29.34
C PRO E 202 28.96 2.26 -27.94
N VAL E 203 27.79 1.90 -27.43
CA VAL E 203 27.69 1.16 -26.19
C VAL E 203 27.18 -0.23 -26.54
N LEU E 204 27.69 -1.23 -25.86
CA LEU E 204 27.27 -2.59 -26.10
C LEU E 204 26.20 -2.95 -25.10
N ILE E 205 25.13 -3.56 -25.58
CA ILE E 205 24.03 -3.97 -24.74
C ILE E 205 23.89 -5.47 -24.87
N GLY E 206 24.20 -6.18 -23.81
CA GLY E 206 24.03 -7.62 -23.79
C GLY E 206 23.75 -8.03 -22.37
N GLU E 207 23.16 -9.21 -22.26
CA GLU E 207 22.94 -9.81 -20.96
C GLU E 207 24.28 -10.15 -20.32
N PRO E 208 24.36 -10.24 -19.00
CA PRO E 208 25.68 -10.37 -18.37
C PRO E 208 26.31 -11.73 -18.65
N GLY E 209 27.43 -11.70 -19.36
CA GLY E 209 28.13 -12.93 -19.65
C GLY E 209 27.94 -13.41 -21.08
N VAL E 210 27.86 -12.51 -22.05
CA VAL E 210 27.83 -12.92 -23.45
C VAL E 210 29.05 -12.42 -24.20
N GLY E 211 30.12 -12.09 -23.49
CA GLY E 211 31.37 -11.81 -24.16
C GLY E 211 31.49 -10.42 -24.69
N LYS E 212 31.05 -9.42 -23.93
CA LYS E 212 31.14 -8.05 -24.40
C LYS E 212 32.59 -7.58 -24.41
N THR E 213 33.31 -7.83 -23.32
CA THR E 213 34.74 -7.52 -23.27
C THR E 213 35.50 -8.34 -24.29
N ALA E 214 35.01 -9.56 -24.58
CA ALA E 214 35.60 -10.38 -25.62
C ALA E 214 35.42 -9.76 -26.99
N ILE E 215 34.26 -9.18 -27.26
CA ILE E 215 34.04 -8.57 -28.57
C ILE E 215 34.86 -7.30 -28.71
N VAL E 216 35.06 -6.58 -27.61
CA VAL E 216 35.93 -5.40 -27.68
C VAL E 216 37.38 -5.81 -27.93
N GLU E 217 37.82 -6.90 -27.30
CA GLU E 217 39.19 -7.35 -27.55
C GLU E 217 39.33 -7.98 -28.93
N GLY E 218 38.25 -8.52 -29.49
CA GLY E 218 38.29 -9.01 -30.85
C GLY E 218 38.38 -7.87 -31.85
N LEU E 219 37.69 -6.77 -31.55
CA LEU E 219 37.89 -5.54 -32.30
C LEU E 219 39.33 -5.06 -32.19
N ALA E 220 39.94 -5.21 -31.01
CA ALA E 220 41.32 -4.81 -30.83
C ALA E 220 42.28 -5.67 -31.65
N GLN E 221 42.02 -6.99 -31.70
CA GLN E 221 42.87 -7.85 -32.51
C GLN E 221 42.69 -7.61 -33.99
N ARG E 222 41.47 -7.24 -34.43
CA ARG E 222 41.32 -6.87 -35.83
C ARG E 222 41.98 -5.54 -36.14
N ILE E 223 42.10 -4.66 -35.15
CA ILE E 223 42.93 -3.48 -35.33
C ILE E 223 44.39 -3.87 -35.50
N ILE E 224 44.87 -4.79 -34.67
CA ILE E 224 46.26 -5.24 -34.77
C ILE E 224 46.49 -6.00 -36.07
N ASN E 225 45.55 -6.88 -36.43
CA ASN E 225 45.74 -7.67 -37.64
C ASN E 225 45.44 -6.90 -38.92
N GLY E 226 44.87 -5.72 -38.83
CA GLY E 226 44.66 -4.90 -40.01
C GLY E 226 43.50 -5.31 -40.88
N GLU E 227 42.43 -5.82 -40.29
CA GLU E 227 41.21 -6.14 -41.02
C GLU E 227 40.22 -4.99 -41.01
N VAL E 228 40.66 -3.80 -40.61
CA VAL E 228 39.80 -2.64 -40.41
C VAL E 228 40.01 -1.69 -41.58
N PRO E 229 39.17 -0.67 -41.78
CA PRO E 229 39.51 0.38 -42.73
C PRO E 229 40.71 1.20 -42.26
N GLU E 230 41.23 2.00 -43.20
CA GLU E 230 42.51 2.67 -43.03
C GLU E 230 42.48 3.71 -41.93
N GLY E 231 41.31 4.31 -41.68
CA GLY E 231 41.17 5.30 -40.62
C GLY E 231 41.37 4.75 -39.23
N LEU E 232 41.21 3.43 -39.06
CA LEU E 232 41.45 2.80 -37.78
C LEU E 232 42.80 2.12 -37.71
N LYS E 233 43.56 2.12 -38.80
CA LYS E 233 44.88 1.48 -38.79
C LYS E 233 45.85 2.38 -38.06
N GLY E 234 46.33 1.92 -36.91
CA GLY E 234 47.24 2.69 -36.09
C GLY E 234 46.64 3.26 -34.83
N ARG E 235 45.40 2.91 -34.49
CA ARG E 235 44.78 3.43 -33.28
C ARG E 235 45.35 2.74 -32.05
N ARG E 236 44.90 3.23 -30.89
CA ARG E 236 45.32 2.69 -29.61
C ARG E 236 44.08 2.38 -28.78
N VAL E 237 44.00 1.16 -28.28
CA VAL E 237 42.88 0.73 -27.43
C VAL E 237 43.34 0.75 -25.98
N LEU E 238 42.72 1.59 -25.19
CA LEU E 238 43.11 1.80 -23.80
C LEU E 238 41.90 1.53 -22.91
N ALA E 239 42.04 0.57 -22.00
CA ALA E 239 41.02 0.30 -21.01
C ALA E 239 41.39 1.07 -19.75
N LEU E 240 40.44 1.81 -19.20
CA LEU E 240 40.76 2.75 -18.14
C LEU E 240 40.82 2.00 -16.81
N ASP E 241 41.98 2.02 -16.18
CA ASP E 241 42.19 1.36 -14.90
C ASP E 241 41.43 2.13 -13.82
N MET E 242 40.36 1.51 -13.30
CA MET E 242 39.67 2.08 -12.16
C MET E 242 40.50 1.97 -10.90
N GLY E 243 41.27 0.90 -10.77
CA GLY E 243 41.84 0.51 -9.50
C GLY E 243 42.97 1.36 -9.00
N ALA E 244 43.98 1.58 -9.84
CA ALA E 244 45.19 2.26 -9.40
C ALA E 244 44.96 3.74 -9.15
N LEU E 245 43.90 4.31 -9.74
CA LEU E 245 43.52 5.67 -9.42
C LEU E 245 43.06 5.81 -7.97
N VAL E 246 42.23 4.88 -7.49
CA VAL E 246 41.68 4.97 -6.15
C VAL E 246 42.72 4.57 -5.11
N ALA E 247 43.73 3.77 -5.50
CA ALA E 247 44.62 3.15 -4.53
C ALA E 247 45.62 4.11 -3.91
N GLY E 248 45.60 5.39 -4.24
CA GLY E 248 46.50 6.34 -3.61
C GLY E 248 45.84 7.67 -3.28
N ALA E 249 44.52 7.74 -3.43
CA ALA E 249 43.80 9.00 -3.31
C ALA E 249 43.61 9.34 -1.85
N LYS E 250 43.86 10.60 -1.49
CA LYS E 250 43.64 11.08 -0.13
C LYS E 250 42.93 12.43 -0.08
N TYR E 251 43.14 13.29 -1.06
CA TYR E 251 42.83 14.70 -0.92
C TYR E 251 41.68 15.12 -1.84
N ARG E 252 41.41 16.42 -1.84
CA ARG E 252 40.23 16.99 -2.49
C ARG E 252 40.38 16.94 -4.00
N GLY E 253 39.72 15.96 -4.63
CA GLY E 253 39.69 15.90 -6.06
C GLY E 253 40.99 15.48 -6.73
N GLU E 254 41.95 14.97 -5.96
CA GLU E 254 43.20 14.53 -6.54
C GLU E 254 42.98 13.27 -7.38
N PHE E 255 41.99 12.47 -7.00
CA PHE E 255 41.42 11.46 -7.89
C PHE E 255 40.98 12.07 -9.21
N GLU E 256 40.06 13.04 -9.15
CA GLU E 256 39.62 13.71 -10.37
C GLU E 256 40.69 14.57 -11.00
N GLU E 257 41.70 14.98 -10.23
CA GLU E 257 42.87 15.61 -10.85
C GLU E 257 43.59 14.64 -11.77
N ARG E 258 43.79 13.40 -11.31
CA ARG E 258 44.40 12.39 -12.15
C ARG E 258 43.52 12.08 -13.35
N LEU E 259 42.21 12.00 -13.12
CA LEU E 259 41.27 11.66 -14.19
C LEU E 259 41.21 12.75 -15.24
N LYS E 260 41.25 14.02 -14.81
CA LYS E 260 41.25 15.13 -15.75
C LYS E 260 42.57 15.22 -16.49
N GLY E 261 43.67 14.86 -15.84
CA GLY E 261 44.95 14.79 -16.55
C GLY E 261 44.95 13.72 -17.64
N VAL E 262 44.30 12.59 -17.36
CA VAL E 262 44.16 11.56 -18.38
C VAL E 262 43.27 12.03 -19.52
N LEU E 263 42.21 12.79 -19.20
CA LEU E 263 41.35 13.35 -20.24
C LEU E 263 42.08 14.37 -21.09
N ASN E 264 42.94 15.19 -20.47
CA ASN E 264 43.73 16.13 -21.25
C ASN E 264 44.77 15.41 -22.10
N ASP E 265 45.29 14.29 -21.62
CA ASP E 265 46.19 13.51 -22.47
C ASP E 265 45.43 12.86 -23.63
N LEU E 266 44.17 12.52 -23.43
CA LEU E 266 43.38 11.96 -24.53
C LEU E 266 43.02 13.04 -25.55
N ALA E 267 42.76 14.26 -25.08
CA ALA E 267 42.61 15.37 -26.02
C ALA E 267 43.93 15.69 -26.71
N LYS E 268 45.04 15.46 -26.04
CA LYS E 268 46.35 15.60 -26.65
C LYS E 268 46.59 14.56 -27.73
N GLN E 269 46.05 13.35 -27.56
CA GLN E 269 46.24 12.30 -28.55
C GLN E 269 45.37 12.48 -29.79
N GLU E 270 44.43 13.43 -29.76
CA GLU E 270 43.73 13.95 -30.94
C GLU E 270 42.89 12.90 -31.66
N GLY E 271 42.24 12.01 -30.92
CA GLY E 271 41.35 11.05 -31.53
C GLY E 271 42.02 9.86 -32.17
N ASN E 272 43.33 9.73 -32.05
CA ASN E 272 44.04 8.56 -32.53
C ASN E 272 44.00 7.42 -31.51
N VAL E 273 43.33 7.61 -30.39
CA VAL E 273 43.20 6.60 -29.34
C VAL E 273 41.72 6.32 -29.13
N ILE E 274 41.32 5.08 -29.36
CA ILE E 274 39.95 4.65 -29.14
C ILE E 274 39.84 4.18 -27.70
N LEU E 275 39.16 4.97 -26.88
CA LEU E 275 39.01 4.65 -25.47
C LEU E 275 37.90 3.64 -25.29
N PHE E 276 38.10 2.70 -24.36
CA PHE E 276 37.11 1.69 -24.01
C PHE E 276 36.99 1.60 -22.51
N ILE E 277 35.80 1.90 -21.99
CA ILE E 277 35.55 1.80 -20.56
C ILE E 277 34.29 0.96 -20.40
N ASP E 278 34.47 -0.29 -19.99
CA ASP E 278 33.33 -1.12 -19.66
C ASP E 278 32.74 -0.71 -18.32
N ALA E 279 31.66 -1.40 -17.95
CA ALA E 279 30.81 -1.07 -16.80
C ALA E 279 30.42 0.40 -16.84
N LEU E 280 29.69 0.74 -17.90
CA LEU E 280 29.40 2.13 -18.18
C LEU E 280 28.42 2.71 -17.17
N HIS E 281 27.48 1.88 -16.68
CA HIS E 281 26.56 2.35 -15.66
C HIS E 281 27.29 2.65 -14.36
N THR E 282 28.37 1.92 -14.08
CA THR E 282 29.22 2.27 -12.95
C THR E 282 30.07 3.48 -13.29
N MET E 283 30.37 3.68 -14.58
CA MET E 283 31.29 4.75 -14.97
C MET E 283 30.69 6.13 -14.76
N VAL E 284 29.36 6.26 -14.88
CA VAL E 284 28.72 7.58 -14.83
C VAL E 284 28.89 8.21 -13.45
N GLY E 285 28.81 7.41 -12.39
CA GLY E 285 29.29 7.88 -11.10
C GLY E 285 30.38 7.00 -10.51
N ALA E 286 31.63 7.49 -10.51
CA ALA E 286 32.75 6.71 -9.99
C ALA E 286 33.72 7.52 -9.14
N GLY E 287 33.46 8.79 -8.87
CA GLY E 287 34.32 9.58 -8.01
C GLY E 287 33.59 10.58 -7.13
N MET E 293 30.42 15.74 -13.89
CA MET E 293 31.43 16.33 -13.02
C MET E 293 32.03 15.26 -12.10
N ASP E 294 31.31 14.16 -11.91
CA ASP E 294 31.84 13.10 -11.03
C ASP E 294 32.84 12.22 -11.77
N ALA E 295 32.39 11.48 -12.78
CA ALA E 295 33.32 10.65 -13.52
C ALA E 295 33.05 10.56 -15.02
N GLY E 296 31.88 10.93 -15.50
CA GLY E 296 31.59 10.75 -16.91
C GLY E 296 30.94 11.95 -17.55
N ASN E 297 30.49 12.88 -16.73
CA ASN E 297 29.93 14.11 -17.26
C ASN E 297 30.91 15.27 -17.12
N MET E 298 32.12 14.98 -16.63
CA MET E 298 33.28 15.77 -16.99
C MET E 298 33.48 15.73 -18.50
N LEU E 299 33.15 14.59 -19.09
CA LEU E 299 33.56 14.19 -20.42
C LEU E 299 32.65 14.78 -21.49
N LYS E 300 31.44 15.17 -21.11
CA LYS E 300 30.30 15.30 -22.02
C LYS E 300 30.48 16.15 -23.28
N PRO E 301 31.12 17.35 -23.27
CA PRO E 301 31.27 18.04 -24.55
C PRO E 301 32.24 17.37 -25.50
N ALA E 302 33.26 16.69 -24.95
CA ALA E 302 34.28 16.09 -25.78
C ALA E 302 33.81 14.86 -26.54
N LEU E 303 32.63 14.32 -26.20
CA LEU E 303 32.16 13.09 -26.83
C LEU E 303 31.70 13.29 -28.27
N ALA E 304 30.67 14.11 -28.50
CA ALA E 304 30.14 14.29 -29.85
C ALA E 304 30.78 15.47 -30.57
N ARG E 305 32.12 15.54 -30.54
CA ARG E 305 32.83 16.58 -31.29
C ARG E 305 34.06 16.06 -32.00
N GLY E 306 34.28 14.75 -32.02
CA GLY E 306 35.50 14.21 -32.59
C GLY E 306 36.69 14.19 -31.65
N GLU E 307 36.50 14.60 -30.40
CA GLU E 307 37.60 14.56 -29.44
C GLU E 307 37.63 13.23 -28.71
N LEU E 308 36.56 12.90 -28.00
CA LEU E 308 36.52 11.72 -27.15
C LEU E 308 35.62 10.67 -27.78
N HIS E 309 36.12 9.45 -27.88
CA HIS E 309 35.39 8.38 -28.51
C HIS E 309 35.28 7.17 -27.61
N CYS E 310 34.82 7.38 -26.38
CA CYS E 310 34.75 6.29 -25.40
C CYS E 310 33.74 5.24 -25.82
N VAL E 311 34.15 3.99 -25.81
CA VAL E 311 33.35 2.87 -26.26
C VAL E 311 32.70 2.21 -25.06
N GLY E 312 31.39 2.19 -25.02
CA GLY E 312 30.68 1.61 -23.90
C GLY E 312 30.44 0.13 -24.06
N ALA E 313 30.27 -0.53 -22.93
CA ALA E 313 29.95 -1.95 -22.90
C ALA E 313 29.33 -2.22 -21.53
N THR E 314 28.05 -2.53 -21.50
CA THR E 314 27.38 -2.58 -20.21
C THR E 314 26.15 -3.48 -20.31
N THR E 315 25.56 -3.72 -19.16
CA THR E 315 24.54 -4.75 -19.00
C THR E 315 23.21 -4.26 -19.57
N LEU E 316 22.30 -5.21 -19.83
CA LEU E 316 20.99 -4.90 -20.40
C LEU E 316 20.12 -4.06 -19.46
N ASP E 317 19.95 -4.52 -18.23
CA ASP E 317 19.06 -3.79 -17.32
C ASP E 317 19.69 -2.48 -16.86
N GLU E 318 21.00 -2.46 -16.66
CA GLU E 318 21.65 -1.23 -16.21
C GLU E 318 21.73 -0.19 -17.30
N TYR E 319 21.66 -0.59 -18.56
CA TYR E 319 21.36 0.35 -19.63
C TYR E 319 20.01 1.01 -19.40
N ARG E 320 19.02 0.22 -19.02
CA ARG E 320 17.72 0.79 -18.74
C ARG E 320 17.69 1.56 -17.43
N GLN E 321 18.61 1.26 -16.50
CA GLN E 321 18.71 2.10 -15.32
C GLN E 321 19.35 3.44 -15.60
N TYR E 322 20.64 3.44 -15.91
CA TYR E 322 21.41 4.66 -15.78
C TYR E 322 21.73 5.32 -17.10
N ILE E 323 21.07 4.95 -18.19
CA ILE E 323 21.44 5.55 -19.46
C ILE E 323 20.25 6.19 -20.18
N GLU E 324 19.20 5.43 -20.46
CA GLU E 324 18.06 6.05 -21.12
C GLU E 324 17.21 6.91 -20.20
N LYS E 325 17.25 6.66 -18.89
CA LYS E 325 16.62 7.58 -17.96
C LYS E 325 17.41 8.89 -17.90
N ASP E 326 18.72 8.80 -17.72
CA ASP E 326 19.61 9.96 -17.75
C ASP E 326 19.76 10.41 -19.20
N ALA E 327 18.77 11.19 -19.65
CA ALA E 327 18.69 11.56 -21.06
C ALA E 327 19.64 12.69 -21.44
N ALA E 328 20.41 13.24 -20.50
CA ALA E 328 21.29 14.36 -20.83
C ALA E 328 22.43 13.94 -21.74
N LEU E 329 22.87 12.69 -21.64
CA LEU E 329 23.93 12.16 -22.47
C LEU E 329 23.39 11.19 -23.51
N GLU E 330 22.07 11.15 -23.70
CA GLU E 330 21.44 10.10 -24.49
C GLU E 330 21.64 10.33 -25.99
N ARG E 331 21.85 11.56 -26.43
CA ARG E 331 22.09 11.80 -27.85
C ARG E 331 23.52 11.45 -28.27
N ARG E 332 24.26 10.74 -27.43
CA ARG E 332 25.59 10.22 -27.71
C ARG E 332 25.59 8.76 -28.07
N PHE E 333 25.10 7.89 -27.19
CA PHE E 333 25.38 6.46 -27.28
C PHE E 333 24.35 5.74 -28.13
N GLN E 334 24.73 4.58 -28.64
CA GLN E 334 23.90 3.80 -29.55
C GLN E 334 23.79 2.34 -29.12
N LYS E 335 22.59 1.82 -29.25
CA LYS E 335 22.29 0.45 -28.84
C LYS E 335 22.96 -0.54 -29.78
N VAL E 336 23.70 -1.48 -29.22
CA VAL E 336 24.25 -2.59 -29.99
C VAL E 336 23.81 -3.86 -29.26
N PHE E 337 22.72 -4.46 -29.73
CA PHE E 337 22.17 -5.60 -29.00
C PHE E 337 23.03 -6.81 -29.31
N VAL E 338 24.00 -7.08 -28.43
CA VAL E 338 24.85 -8.26 -28.56
C VAL E 338 23.99 -9.46 -28.16
N ALA E 339 23.48 -10.18 -29.15
CA ALA E 339 22.56 -11.27 -28.87
C ALA E 339 23.32 -12.48 -28.35
N GLU E 340 22.58 -13.36 -27.69
CA GLU E 340 23.11 -14.65 -27.30
C GLU E 340 23.35 -15.46 -28.56
N PRO E 341 24.56 -15.91 -28.82
CA PRO E 341 24.79 -16.74 -30.00
C PRO E 341 24.17 -18.12 -29.82
N SER E 342 23.96 -18.79 -30.93
CA SER E 342 23.21 -20.03 -30.93
C SER E 342 24.07 -21.18 -30.41
N VAL E 343 23.58 -22.40 -30.60
CA VAL E 343 24.27 -23.57 -30.08
C VAL E 343 25.52 -23.86 -30.90
N GLU E 344 25.36 -23.98 -32.21
CA GLU E 344 26.46 -24.33 -33.10
C GLU E 344 27.50 -23.22 -33.16
N ASP E 345 27.08 -21.98 -32.96
CA ASP E 345 28.04 -20.89 -32.91
C ASP E 345 28.91 -20.99 -31.66
N THR E 346 28.34 -21.45 -30.56
CA THR E 346 29.13 -21.65 -29.35
C THR E 346 30.02 -22.87 -29.48
N ILE E 347 29.58 -23.88 -30.24
CA ILE E 347 30.45 -24.98 -30.62
C ILE E 347 31.65 -24.48 -31.40
N ALA E 348 31.41 -23.53 -32.31
CA ALA E 348 32.50 -22.92 -33.05
C ALA E 348 33.39 -22.08 -32.14
N ILE E 349 32.83 -21.51 -31.08
CA ILE E 349 33.64 -20.77 -30.12
C ILE E 349 34.58 -21.70 -29.38
N LEU E 350 34.07 -22.81 -28.87
CA LEU E 350 34.87 -23.67 -28.01
C LEU E 350 35.96 -24.41 -28.77
N ARG E 351 35.82 -24.60 -30.08
CA ARG E 351 36.84 -25.29 -30.82
C ARG E 351 38.09 -24.45 -31.02
N GLY E 352 38.06 -23.17 -30.68
CA GLY E 352 39.26 -22.39 -30.57
C GLY E 352 39.65 -22.18 -29.13
N LEU E 353 38.78 -22.62 -28.21
CA LEU E 353 39.06 -22.54 -26.79
C LEU E 353 39.27 -23.90 -26.13
N LYS E 354 38.96 -24.99 -26.83
CA LYS E 354 39.44 -26.30 -26.42
C LYS E 354 40.96 -26.31 -26.30
N GLU E 355 41.62 -25.68 -27.25
CA GLU E 355 43.07 -25.69 -27.28
C GLU E 355 43.64 -24.83 -26.16
N ARG E 356 42.87 -23.84 -25.70
CA ARG E 356 43.37 -22.99 -24.63
C ARG E 356 43.28 -23.69 -23.28
N TYR E 357 42.21 -24.42 -23.03
CA TYR E 357 42.01 -25.06 -21.74
C TYR E 357 42.82 -26.33 -21.58
N GLU E 358 43.41 -26.84 -22.65
CA GLU E 358 44.28 -27.98 -22.54
C GLU E 358 45.69 -27.61 -22.15
N LEU E 359 46.06 -26.34 -22.19
CA LEU E 359 47.34 -25.91 -21.64
C LEU E 359 47.31 -25.71 -20.14
N HIS E 360 46.14 -25.57 -19.56
CA HIS E 360 46.08 -25.20 -18.15
C HIS E 360 45.70 -26.36 -17.25
N HIS E 361 44.85 -27.26 -17.71
CA HIS E 361 44.44 -28.38 -16.89
C HIS E 361 45.17 -29.66 -17.23
N HIS E 362 46.05 -29.63 -18.23
CA HIS E 362 46.96 -30.73 -18.57
C HIS E 362 46.22 -31.99 -18.98
N VAL E 363 44.98 -31.85 -19.45
CA VAL E 363 44.16 -32.96 -19.88
C VAL E 363 43.68 -32.68 -21.29
N GLN E 364 43.11 -33.70 -21.92
CA GLN E 364 42.61 -33.57 -23.29
C GLN E 364 41.10 -33.49 -23.28
N ILE E 365 40.56 -32.72 -24.22
CA ILE E 365 39.13 -32.48 -24.32
C ILE E 365 38.65 -33.05 -25.66
N THR E 366 37.51 -33.73 -25.63
CA THR E 366 37.02 -34.49 -26.76
C THR E 366 35.81 -33.79 -27.35
N ASP E 367 35.70 -33.83 -28.68
CA ASP E 367 34.64 -33.10 -29.37
C ASP E 367 33.21 -33.55 -29.08
N PRO E 368 32.90 -34.85 -28.86
CA PRO E 368 31.57 -35.17 -28.30
C PRO E 368 31.28 -34.51 -26.98
N ALA E 369 32.29 -34.34 -26.12
CA ALA E 369 32.06 -33.61 -24.88
C ALA E 369 31.75 -32.15 -25.15
N ILE E 370 32.33 -31.56 -26.18
CA ILE E 370 32.05 -30.15 -26.47
C ILE E 370 30.64 -29.98 -27.00
N VAL E 371 30.21 -30.86 -27.91
CA VAL E 371 28.87 -30.68 -28.47
C VAL E 371 27.80 -31.03 -27.43
N ALA E 372 28.09 -32.00 -26.55
CA ALA E 372 27.16 -32.29 -25.47
C ALA E 372 27.13 -31.16 -24.45
N ALA E 373 28.28 -30.50 -24.23
CA ALA E 373 28.33 -29.40 -23.29
C ALA E 373 27.53 -28.22 -23.78
N ALA E 374 27.66 -27.90 -25.07
CA ALA E 374 26.91 -26.79 -25.63
C ALA E 374 25.41 -27.06 -25.58
N THR E 375 24.99 -28.25 -26.00
CA THR E 375 23.56 -28.55 -26.06
C THR E 375 22.94 -28.65 -24.67
N LEU E 376 23.58 -29.39 -23.76
CA LEU E 376 23.00 -29.56 -22.44
C LEU E 376 23.09 -28.29 -21.61
N SER E 377 24.12 -27.46 -21.81
CA SER E 377 24.17 -26.19 -21.12
C SER E 377 23.07 -25.26 -21.59
N HIS E 378 22.87 -25.19 -22.91
CA HIS E 378 21.79 -24.36 -23.46
C HIS E 378 20.43 -24.85 -23.04
N ARG E 379 20.27 -26.15 -22.81
CA ARG E 379 18.94 -26.60 -22.42
C ARG E 379 18.68 -26.45 -20.93
N TYR E 380 19.63 -26.77 -20.06
CA TYR E 380 19.30 -27.00 -18.66
C TYR E 380 19.67 -25.85 -17.73
N ILE E 381 20.90 -25.35 -17.75
CA ILE E 381 21.20 -24.18 -16.94
C ILE E 381 20.51 -22.98 -17.56
N ALA E 382 19.41 -22.54 -16.95
CA ALA E 382 18.63 -21.46 -17.50
C ALA E 382 18.88 -20.13 -16.82
N ASP E 383 19.60 -20.12 -15.71
CA ASP E 383 19.97 -18.85 -15.10
C ASP E 383 21.00 -18.14 -15.95
N ARG E 384 22.15 -18.77 -16.16
CA ARG E 384 23.22 -18.18 -16.95
C ARG E 384 22.96 -18.45 -18.43
N GLN E 385 23.86 -17.95 -19.28
CA GLN E 385 23.65 -17.95 -20.71
C GLN E 385 24.89 -18.43 -21.46
N LEU E 386 24.70 -18.71 -22.75
CA LEU E 386 25.81 -18.92 -23.65
C LEU E 386 26.55 -17.61 -23.87
N PRO E 387 27.85 -17.66 -24.20
CA PRO E 387 28.77 -18.77 -24.36
C PRO E 387 29.44 -19.11 -23.05
N ASP E 388 28.95 -18.51 -21.97
CA ASP E 388 29.64 -18.61 -20.69
C ASP E 388 29.46 -19.97 -20.04
N LYS E 389 28.22 -20.47 -20.01
CA LYS E 389 27.93 -21.67 -19.24
C LYS E 389 28.57 -22.92 -19.84
N ALA E 390 28.73 -22.96 -21.16
CA ALA E 390 29.43 -24.08 -21.75
C ALA E 390 30.90 -24.07 -21.37
N ILE E 391 31.49 -22.88 -21.30
CA ILE E 391 32.86 -22.73 -20.83
C ILE E 391 32.96 -23.18 -19.38
N ASP E 392 31.93 -22.89 -18.59
CA ASP E 392 31.93 -23.31 -17.20
C ASP E 392 31.90 -24.83 -17.08
N LEU E 393 31.06 -25.48 -17.89
CA LEU E 393 30.99 -26.94 -17.83
C LEU E 393 32.30 -27.58 -18.28
N ILE E 394 32.92 -27.04 -19.34
CA ILE E 394 34.17 -27.60 -19.84
C ILE E 394 35.29 -27.42 -18.82
N ASP E 395 35.41 -26.23 -18.25
CA ASP E 395 36.46 -25.96 -17.27
C ASP E 395 36.27 -26.80 -16.02
N GLU E 396 35.03 -26.90 -15.54
CA GLU E 396 34.80 -27.60 -14.28
C GLU E 396 34.97 -29.10 -14.45
N ALA E 397 34.59 -29.65 -15.61
CA ALA E 397 34.83 -31.06 -15.85
C ALA E 397 36.32 -31.33 -16.06
N ALA E 398 37.05 -30.36 -16.60
CA ALA E 398 38.50 -30.50 -16.66
C ALA E 398 39.11 -30.57 -15.27
N SER E 399 38.55 -29.81 -14.33
CA SER E 399 39.02 -29.92 -12.95
C SER E 399 38.65 -31.25 -12.34
N SER E 400 37.47 -31.78 -12.69
CA SER E 400 37.07 -33.09 -12.21
C SER E 400 38.05 -34.16 -12.65
N ILE E 401 38.41 -34.15 -13.93
CA ILE E 401 39.30 -35.18 -14.44
C ILE E 401 40.73 -34.97 -13.94
N ARG E 402 41.14 -33.72 -13.75
CA ARG E 402 42.45 -33.45 -13.16
C ARG E 402 42.55 -34.01 -11.74
N MET E 403 41.46 -33.88 -10.97
CA MET E 403 41.46 -34.46 -9.64
C MET E 403 41.38 -35.99 -9.67
N GLN E 404 40.64 -36.55 -10.63
CA GLN E 404 40.54 -38.01 -10.68
C GLN E 404 41.85 -38.65 -11.10
N ILE E 405 42.64 -37.93 -11.89
CA ILE E 405 43.99 -38.39 -12.19
C ILE E 405 44.89 -38.22 -10.97
N ASP E 406 44.70 -37.16 -10.19
CA ASP E 406 45.71 -36.80 -9.22
C ASP E 406 45.63 -37.59 -7.90
N SER E 407 44.99 -38.77 -7.88
CA SER E 407 44.79 -39.39 -6.57
C SER E 407 45.80 -40.52 -6.26
N PRO E 409 45.65 -41.85 -6.62
CA PRO E 409 44.75 -42.92 -7.11
C PRO E 409 43.93 -43.55 -6.00
N GLU E 410 43.48 -44.79 -6.24
CA GLU E 410 42.62 -45.46 -5.25
C GLU E 410 43.28 -46.74 -4.74
N GLU E 411 43.86 -47.53 -5.65
CA GLU E 411 44.51 -48.77 -5.25
C GLU E 411 45.75 -48.51 -4.42
N LEU E 412 46.39 -47.36 -4.62
CA LEU E 412 47.49 -46.96 -3.74
C LEU E 412 46.99 -46.69 -2.33
N ASP E 413 45.79 -46.12 -2.19
CA ASP E 413 45.21 -45.92 -0.87
C ASP E 413 44.89 -47.24 -0.20
N ARG E 414 44.29 -48.17 -0.96
CA ARG E 414 43.97 -49.50 -0.43
C ARG E 414 45.21 -50.24 0.01
N LEU E 415 46.23 -50.26 -0.85
CA LEU E 415 47.47 -50.95 -0.53
C LEU E 415 48.22 -50.26 0.60
N ASP E 416 48.16 -48.93 0.70
CA ASP E 416 48.90 -48.22 1.74
C ASP E 416 48.26 -48.47 3.10
N ARG E 417 46.93 -48.38 3.18
CA ARG E 417 46.24 -48.68 4.43
C ARG E 417 46.44 -50.14 4.84
N ARG E 418 46.44 -51.05 3.85
CA ARG E 418 46.64 -52.46 4.17
C ARG E 418 48.06 -52.74 4.64
N ILE E 419 49.06 -52.10 4.03
CA ILE E 419 50.43 -52.41 4.44
C ILE E 419 50.76 -51.75 5.75
N ILE E 420 50.16 -50.60 6.08
CA ILE E 420 50.45 -50.04 7.40
C ILE E 420 49.69 -50.80 8.47
N GLN E 421 48.53 -51.38 8.12
CA GLN E 421 47.80 -52.22 9.06
C GLN E 421 48.57 -53.51 9.34
N LEU E 422 49.07 -54.15 8.29
CA LEU E 422 49.83 -55.38 8.48
C LEU E 422 51.21 -55.10 9.06
N LYS E 423 51.73 -53.88 8.85
CA LYS E 423 52.96 -53.46 9.51
C LYS E 423 52.79 -53.37 11.01
N LEU E 424 51.69 -52.74 11.45
CA LEU E 424 51.38 -52.66 12.88
C LEU E 424 51.10 -54.04 13.46
N GLU E 425 50.45 -54.91 12.67
CA GLU E 425 50.16 -56.26 13.15
C GLU E 425 51.42 -57.11 13.31
N GLN E 426 52.35 -57.00 12.36
CA GLN E 426 53.60 -57.76 12.45
C GLN E 426 54.50 -57.19 13.55
N GLN E 427 54.49 -55.87 13.71
CA GLN E 427 55.25 -55.25 14.79
C GLN E 427 54.66 -55.61 16.16
N ALA E 428 53.35 -55.89 16.20
CA ALA E 428 52.74 -56.42 17.41
C ALA E 428 53.12 -57.87 17.64
N LEU E 429 53.20 -58.67 16.58
CA LEU E 429 53.50 -60.09 16.74
C LEU E 429 54.96 -60.37 17.09
N MET E 430 55.83 -59.38 16.99
CA MET E 430 57.21 -59.55 17.40
C MET E 430 57.32 -59.51 18.92
N LEU E 441 55.29 -68.58 13.38
CA LEU E 441 53.89 -68.18 13.28
C LEU E 441 53.67 -67.20 12.14
N ASP E 442 54.63 -66.30 11.96
CA ASP E 442 54.44 -64.96 11.41
C ASP E 442 53.67 -64.86 10.10
N MET E 443 54.26 -65.32 8.99
CA MET E 443 53.70 -65.35 7.62
C MET E 443 53.45 -63.96 7.03
N LEU E 444 53.62 -62.93 7.85
CA LEU E 444 53.12 -61.60 7.57
C LEU E 444 54.30 -60.79 7.08
N ASN E 445 55.51 -61.27 7.37
CA ASN E 445 56.69 -60.80 6.64
C ASN E 445 56.55 -61.12 5.17
N GLU E 446 56.08 -62.33 4.84
CA GLU E 446 55.89 -62.73 3.46
C GLU E 446 54.74 -61.98 2.81
N GLU E 447 53.60 -61.89 3.51
CA GLU E 447 52.46 -61.14 3.00
C GLU E 447 52.79 -59.66 2.85
N LEU E 448 53.56 -59.10 3.78
CA LEU E 448 53.95 -57.71 3.74
C LEU E 448 54.92 -57.45 2.59
N SER E 449 55.85 -58.37 2.36
CA SER E 449 56.81 -58.20 1.27
C SER E 449 56.12 -58.30 -0.09
N ASP E 450 55.13 -59.21 -0.20
CA ASP E 450 54.36 -59.30 -1.43
C ASP E 450 53.57 -58.03 -1.68
N LYS E 451 52.92 -57.50 -0.65
CA LYS E 451 52.13 -56.28 -0.84
C LYS E 451 53.01 -55.05 -1.01
N GLU E 452 54.21 -55.04 -0.43
CA GLU E 452 55.15 -53.95 -0.67
C GLU E 452 55.70 -53.98 -2.09
N ARG E 453 55.94 -55.19 -2.63
CA ARG E 453 56.35 -55.29 -4.02
C ARG E 453 55.23 -54.83 -4.95
N GLN E 454 53.98 -55.20 -4.63
CA GLN E 454 52.83 -54.74 -5.39
C GLN E 454 52.68 -53.23 -5.32
N TYR E 455 52.92 -52.66 -4.14
CA TYR E 455 52.86 -51.22 -3.94
C TYR E 455 53.95 -50.50 -4.73
N SER E 456 55.16 -51.07 -4.76
CA SER E 456 56.25 -50.47 -5.53
C SER E 456 55.96 -50.54 -7.03
N GLU E 457 55.37 -51.64 -7.48
CA GLU E 457 55.01 -51.79 -8.89
C GLU E 457 53.95 -50.76 -9.31
N LEU E 458 52.92 -50.61 -8.47
CA LEU E 458 51.87 -49.66 -8.80
C LEU E 458 52.36 -48.22 -8.69
N GLU E 459 53.29 -47.97 -7.76
CA GLU E 459 53.89 -46.64 -7.63
C GLU E 459 54.74 -46.31 -8.84
N GLU E 460 55.50 -47.29 -9.34
CA GLU E 460 56.35 -47.05 -10.50
C GLU E 460 55.51 -46.86 -11.76
N GLU E 461 54.42 -47.63 -11.88
CA GLU E 461 53.50 -47.43 -12.99
C GLU E 461 52.84 -46.06 -12.92
N TRP E 462 52.51 -45.61 -11.71
CA TRP E 462 51.89 -44.30 -11.51
C TRP E 462 52.85 -43.19 -11.89
N LYS E 463 54.13 -43.32 -11.50
CA LYS E 463 55.13 -42.33 -11.86
C LYS E 463 55.40 -42.32 -13.36
N ALA E 464 55.34 -43.50 -13.99
CA ALA E 464 55.53 -43.60 -15.43
C ALA E 464 54.39 -42.92 -16.18
N GLU E 465 53.16 -43.10 -15.69
CA GLU E 465 52.02 -42.46 -16.33
C GLU E 465 52.06 -40.94 -16.14
N LYS E 466 52.48 -40.50 -14.95
CA LYS E 466 52.64 -39.07 -14.70
C LYS E 466 53.71 -38.45 -15.59
N ALA E 467 54.81 -39.19 -15.81
CA ALA E 467 55.87 -38.70 -16.69
C ALA E 467 55.42 -38.67 -18.14
N SER E 468 54.59 -39.65 -18.53
CA SER E 468 54.04 -39.67 -19.88
C SER E 468 53.14 -38.47 -20.13
N LEU E 469 52.24 -38.19 -19.17
CA LEU E 469 51.35 -37.04 -19.33
C LEU E 469 52.12 -35.72 -19.24
N SER E 470 53.20 -35.70 -18.47
CA SER E 470 54.03 -34.50 -18.38
C SER E 470 54.71 -34.22 -19.72
N GLY E 471 55.26 -35.25 -20.34
CA GLY E 471 55.89 -35.06 -21.65
C GLY E 471 54.90 -34.66 -22.72
N THR E 472 53.71 -35.30 -22.70
CA THR E 472 52.65 -34.94 -23.63
C THR E 472 52.20 -33.51 -23.46
N GLN E 473 52.09 -33.03 -22.22
CA GLN E 473 51.58 -31.68 -22.04
C GLN E 473 52.65 -30.64 -22.34
N THR E 474 53.91 -30.94 -22.02
CA THR E 474 55.00 -30.03 -22.38
C THR E 474 55.14 -29.92 -23.90
N ILE E 475 54.98 -31.03 -24.61
CA ILE E 475 55.17 -30.97 -26.06
C ILE E 475 53.94 -30.33 -26.73
N LYS E 476 52.77 -30.42 -26.08
CA LYS E 476 51.60 -29.72 -26.60
C LYS E 476 51.71 -28.22 -26.37
N ALA E 477 52.31 -27.83 -25.24
CA ALA E 477 52.58 -26.42 -24.98
C ALA E 477 53.62 -25.89 -25.97
N GLU E 478 54.58 -26.73 -26.35
CA GLU E 478 55.51 -26.38 -27.41
C GLU E 478 54.79 -26.14 -28.73
N LEU E 479 53.80 -26.97 -29.05
CA LEU E 479 52.99 -26.78 -30.25
C LEU E 479 52.22 -25.46 -30.22
N GLU E 480 51.64 -25.16 -29.06
CA GLU E 480 50.86 -23.92 -28.94
C GLU E 480 51.75 -22.69 -29.03
N GLN E 481 52.94 -22.75 -28.41
CA GLN E 481 53.87 -21.63 -28.53
C GLN E 481 54.43 -21.51 -29.94
N ALA E 482 54.51 -22.62 -30.67
CA ALA E 482 54.85 -22.55 -32.09
C ALA E 482 53.77 -21.82 -32.88
N LYS E 483 52.50 -22.08 -32.56
CA LYS E 483 51.40 -21.37 -33.24
C LYS E 483 51.41 -19.89 -32.90
N ILE E 484 51.70 -19.55 -31.64
CA ILE E 484 51.79 -18.16 -31.23
C ILE E 484 52.94 -17.45 -31.94
N ALA E 485 54.09 -18.11 -32.02
CA ALA E 485 55.25 -17.50 -32.67
C ALA E 485 55.03 -17.36 -34.17
N ILE E 486 54.28 -18.29 -34.79
CA ILE E 486 54.07 -18.14 -36.22
C ILE E 486 53.01 -17.07 -36.50
N GLU E 487 52.10 -16.83 -35.57
CA GLU E 487 51.24 -15.66 -35.76
C GLU E 487 52.01 -14.36 -35.54
N GLN E 488 52.97 -14.36 -34.61
CA GLN E 488 53.91 -13.25 -34.48
C GLN E 488 54.68 -13.01 -35.78
N ALA E 489 55.10 -14.09 -36.44
CA ALA E 489 55.81 -13.93 -37.71
C ALA E 489 54.86 -13.46 -38.82
N ARG E 490 53.59 -13.86 -38.77
CA ARG E 490 52.62 -13.35 -39.74
C ARG E 490 52.38 -11.86 -39.56
N ARG E 491 52.40 -11.36 -38.33
CA ARG E 491 52.38 -9.91 -38.14
C ARG E 491 53.68 -9.27 -38.58
N VAL E 492 54.81 -9.91 -38.29
CA VAL E 492 56.11 -9.35 -38.65
C VAL E 492 56.43 -9.51 -40.13
N GLY E 493 56.45 -10.74 -40.64
CA GLY E 493 56.71 -10.93 -42.05
C GLY E 493 58.09 -11.43 -42.41
N ASP E 494 58.67 -12.30 -41.59
CA ASP E 494 59.88 -12.99 -42.00
C ASP E 494 59.51 -14.06 -43.04
N LEU E 495 60.52 -14.57 -43.75
CA LEU E 495 60.20 -15.38 -44.92
C LEU E 495 60.56 -16.84 -44.71
N ALA E 496 61.83 -17.12 -44.43
CA ALA E 496 62.24 -18.49 -44.14
C ALA E 496 61.75 -18.95 -42.79
N ARG E 497 61.49 -18.01 -41.87
CA ARG E 497 60.97 -18.35 -40.55
C ARG E 497 59.57 -18.92 -40.66
N MET E 498 58.78 -18.40 -41.61
CA MET E 498 57.41 -18.87 -41.81
C MET E 498 57.36 -20.33 -42.22
N SER E 499 57.96 -20.66 -43.37
CA SER E 499 58.00 -22.04 -43.85
C SER E 499 58.76 -22.95 -42.90
N GLU E 500 59.82 -22.42 -42.27
CA GLU E 500 60.59 -23.17 -41.27
C GLU E 500 59.72 -23.60 -40.11
N LEU E 501 59.12 -22.63 -39.40
CA LEU E 501 58.27 -22.91 -38.25
C LEU E 501 57.08 -23.79 -38.62
N GLN E 502 56.39 -23.46 -39.72
CA GLN E 502 55.24 -24.23 -40.13
C GLN E 502 55.60 -25.67 -40.47
N TYR E 503 56.34 -25.86 -41.56
CA TYR E 503 56.50 -27.20 -42.11
C TYR E 503 57.56 -28.00 -41.38
N GLY E 504 58.37 -27.37 -40.54
CA GLY E 504 59.15 -28.14 -39.60
C GLY E 504 58.33 -28.48 -38.38
N LYS E 505 57.95 -27.46 -37.61
CA LYS E 505 57.54 -27.67 -36.23
C LYS E 505 56.15 -28.28 -36.12
N ILE E 506 55.19 -27.79 -36.91
CA ILE E 506 53.79 -28.17 -36.67
C ILE E 506 53.49 -29.65 -36.96
N PRO E 507 53.80 -30.21 -38.15
CA PRO E 507 53.38 -31.61 -38.37
C PRO E 507 54.20 -32.63 -37.59
N GLU E 508 55.48 -32.37 -37.29
CA GLU E 508 56.24 -33.34 -36.53
C GLU E 508 55.79 -33.36 -35.07
N LEU E 509 55.46 -32.19 -34.51
CA LEU E 509 54.95 -32.15 -33.15
C LEU E 509 53.54 -32.71 -33.09
N GLU E 510 52.76 -32.53 -34.14
CA GLU E 510 51.44 -33.17 -34.19
C GLU E 510 51.55 -34.69 -34.26
N LYS E 511 52.47 -35.22 -35.07
CA LYS E 511 52.54 -36.68 -35.20
C LYS E 511 53.16 -37.32 -33.97
N GLN E 512 54.14 -36.68 -33.32
CA GLN E 512 54.62 -37.27 -32.08
C GLN E 512 53.70 -36.98 -30.91
N LEU E 513 52.87 -35.94 -31.00
CA LEU E 513 51.82 -35.74 -30.01
C LEU E 513 50.76 -36.81 -30.13
N GLU E 514 50.44 -37.24 -31.35
CA GLU E 514 49.49 -38.32 -31.50
C GLU E 514 50.10 -39.69 -31.23
N ALA E 515 51.42 -39.82 -31.42
CA ALA E 515 52.11 -41.00 -30.92
C ALA E 515 52.05 -41.06 -29.40
N ALA E 516 52.17 -39.92 -28.73
CA ALA E 516 51.95 -39.86 -27.29
C ALA E 516 50.49 -40.12 -26.94
N THR E 517 49.56 -39.73 -27.81
CA THR E 517 48.14 -39.99 -27.57
C THR E 517 47.83 -41.48 -27.60
N GLN E 518 48.32 -42.18 -28.63
CA GLN E 518 48.12 -43.63 -28.66
C GLN E 518 48.98 -44.35 -27.62
N LEU E 519 50.10 -43.75 -27.22
CA LEU E 519 50.89 -44.31 -26.12
C LEU E 519 50.12 -44.23 -24.80
N GLU E 520 49.41 -43.13 -24.57
CA GLU E 520 48.58 -43.02 -23.39
C GLU E 520 47.31 -43.86 -23.53
N GLY E 521 46.88 -44.12 -24.78
CA GLY E 521 45.83 -45.10 -24.98
C GLY E 521 46.28 -46.50 -24.65
N LYS E 522 47.59 -46.75 -24.75
CA LYS E 522 48.16 -48.02 -24.32
C LYS E 522 48.34 -48.10 -22.81
N THR E 523 48.89 -47.05 -22.19
CA THR E 523 49.44 -47.20 -20.85
C THR E 523 48.51 -46.74 -19.73
N MET E 524 47.49 -45.94 -20.02
CA MET E 524 46.66 -45.41 -18.94
C MET E 524 45.61 -46.44 -18.54
N ARG E 525 45.87 -47.12 -17.43
CA ARG E 525 44.98 -48.17 -16.95
C ARG E 525 44.50 -47.88 -15.54
N LEU E 526 45.41 -47.41 -14.69
CA LEU E 526 45.24 -47.29 -13.24
C LEU E 526 43.99 -46.53 -12.78
N LEU E 527 43.10 -44.99 -15.46
CA LEU E 527 42.90 -43.56 -15.31
C LEU E 527 42.36 -42.94 -16.59
N ARG E 528 41.41 -42.04 -16.45
CA ARG E 528 40.82 -41.34 -17.59
C ARG E 528 41.69 -40.12 -17.88
N ASN E 529 42.42 -40.17 -18.97
CA ASN E 529 43.22 -39.04 -19.40
C ASN E 529 42.39 -37.95 -20.06
N LYS E 530 41.17 -38.24 -20.47
CA LYS E 530 40.41 -37.33 -21.31
C LYS E 530 39.06 -37.04 -20.69
N VAL E 531 38.38 -36.07 -21.30
CA VAL E 531 37.09 -35.58 -20.84
C VAL E 531 36.01 -36.13 -21.77
N THR E 532 35.14 -36.96 -21.25
CA THR E 532 34.02 -37.48 -22.04
C THR E 532 32.77 -36.68 -21.74
N ASP E 533 31.71 -37.00 -22.47
CA ASP E 533 30.43 -36.32 -22.27
C ASP E 533 29.70 -36.80 -21.02
N ALA E 534 30.04 -37.98 -20.50
CA ALA E 534 29.53 -38.39 -19.20
C ALA E 534 30.05 -37.50 -18.09
N GLU E 535 31.23 -36.92 -18.28
CA GLU E 535 31.74 -35.96 -17.30
C GLU E 535 30.94 -34.68 -17.31
N ILE E 536 30.54 -34.23 -18.49
CA ILE E 536 29.67 -33.07 -18.59
C ILE E 536 28.32 -33.39 -17.97
N ALA E 537 27.86 -34.62 -18.15
CA ALA E 537 26.61 -35.05 -17.53
C ALA E 537 26.69 -35.02 -16.00
N GLU E 538 27.80 -35.50 -15.43
CA GLU E 538 27.93 -35.48 -13.98
C GLU E 538 28.08 -34.07 -13.44
N VAL E 539 28.85 -33.22 -14.12
CA VAL E 539 29.07 -31.86 -13.67
C VAL E 539 27.78 -31.06 -13.76
N LEU E 540 26.99 -31.31 -14.79
CA LEU E 540 25.70 -30.66 -14.87
C LEU E 540 24.74 -31.19 -13.83
N ALA E 541 24.79 -32.49 -13.54
CA ALA E 541 23.91 -33.07 -12.56
C ALA E 541 24.23 -32.62 -11.15
N ARG E 542 25.43 -32.13 -10.91
CA ARG E 542 25.71 -31.47 -9.64
C ARG E 542 25.45 -29.99 -9.68
N TRP E 543 25.09 -29.44 -10.83
CA TRP E 543 24.79 -28.04 -10.84
C TRP E 543 23.34 -27.81 -10.46
N THR E 544 22.45 -28.69 -10.91
CA THR E 544 21.01 -28.56 -10.70
C THR E 544 20.46 -29.67 -9.82
N GLY E 545 20.68 -30.92 -10.21
CA GLY E 545 19.95 -32.04 -9.68
C GLY E 545 19.21 -32.86 -10.71
N ILE E 546 19.05 -32.36 -11.93
CA ILE E 546 18.39 -33.16 -12.97
C ILE E 546 19.27 -34.35 -13.31
N PRO E 547 18.75 -35.55 -13.27
CA PRO E 547 19.51 -36.71 -13.71
C PRO E 547 19.75 -36.71 -15.21
N VAL E 548 20.72 -35.89 -15.63
CA VAL E 548 21.34 -36.03 -16.93
C VAL E 548 22.41 -37.10 -16.86
N SER E 549 22.70 -37.58 -15.65
CA SER E 549 23.56 -38.72 -15.42
C SER E 549 23.07 -39.92 -16.20
N ARG E 550 24.02 -40.70 -16.69
CA ARG E 550 23.66 -41.90 -17.40
C ARG E 550 23.13 -42.95 -16.44
N MET E 551 22.53 -43.98 -17.02
CA MET E 551 21.92 -45.04 -16.23
C MET E 551 22.99 -45.87 -15.55
N MET E 552 23.02 -45.79 -14.22
CA MET E 552 23.76 -46.74 -13.41
C MET E 552 22.86 -47.95 -13.16
N GLU E 553 23.27 -48.84 -12.28
CA GLU E 553 22.43 -50.00 -11.99
C GLU E 553 21.32 -49.66 -11.02
N SER E 554 21.57 -48.76 -10.05
CA SER E 554 20.62 -48.58 -8.97
C SER E 554 19.41 -47.77 -9.41
N GLU E 555 19.63 -46.57 -9.96
CA GLU E 555 18.52 -45.69 -10.28
C GLU E 555 17.71 -46.20 -11.45
N ARG E 556 18.36 -46.93 -12.38
CA ARG E 556 17.65 -47.49 -13.52
C ARG E 556 16.69 -48.59 -13.09
N GLU E 557 17.16 -49.51 -12.24
CA GLU E 557 16.29 -50.57 -11.75
C GLU E 557 15.24 -50.03 -10.78
N LYS E 558 15.55 -48.94 -10.09
CA LYS E 558 14.56 -48.27 -9.27
C LYS E 558 13.49 -47.63 -10.14
N LEU E 559 13.87 -47.12 -11.31
CA LEU E 559 12.95 -46.38 -12.15
C LEU E 559 12.10 -47.31 -13.00
N LEU E 560 12.61 -48.50 -13.34
CA LEU E 560 11.82 -49.42 -14.15
C LEU E 560 10.68 -50.05 -13.37
N ARG E 561 10.78 -50.13 -12.06
CA ARG E 561 9.75 -50.70 -11.21
C ARG E 561 8.88 -49.61 -10.60
N MET E 562 8.63 -48.56 -11.38
CA MET E 562 7.90 -47.38 -10.93
C MET E 562 6.52 -47.73 -10.44
N GLU E 563 5.82 -48.60 -11.17
CA GLU E 563 4.46 -48.98 -10.83
C GLU E 563 4.42 -49.76 -9.53
N GLN E 564 5.42 -50.61 -9.29
CA GLN E 564 5.41 -51.40 -8.07
C GLN E 564 5.69 -50.53 -6.85
N GLU E 565 6.59 -49.54 -6.99
CA GLU E 565 6.86 -48.59 -5.91
C GLU E 565 5.62 -47.78 -5.56
N LEU E 566 5.01 -47.18 -6.57
CA LEU E 566 3.86 -46.34 -6.31
C LEU E 566 2.64 -47.15 -5.92
N HIS E 567 2.57 -48.43 -6.26
CA HIS E 567 1.49 -49.22 -5.71
C HIS E 567 1.80 -49.76 -4.33
N HIS E 568 3.06 -49.74 -3.91
CA HIS E 568 3.38 -50.06 -2.53
C HIS E 568 3.45 -48.84 -1.66
N ARG E 569 3.05 -47.67 -2.16
CA ARG E 569 2.42 -46.69 -1.27
C ARG E 569 0.98 -46.40 -1.64
N VAL E 570 0.71 -46.01 -2.89
CA VAL E 570 -0.65 -45.68 -3.30
C VAL E 570 -1.23 -46.97 -3.86
N ILE E 571 -1.81 -47.78 -2.99
CA ILE E 571 -2.62 -48.87 -3.48
C ILE E 571 -3.94 -48.28 -3.96
N GLY E 572 -4.50 -48.90 -4.99
CA GLY E 572 -5.58 -48.33 -5.75
C GLY E 572 -5.06 -47.50 -6.91
N GLN E 573 -5.99 -47.14 -7.79
CA GLN E 573 -5.83 -46.10 -8.81
C GLN E 573 -4.70 -46.43 -9.80
N ASN E 574 -4.98 -47.44 -10.62
CA ASN E 574 -4.03 -47.85 -11.67
C ASN E 574 -3.73 -46.73 -12.65
N GLU E 575 -4.73 -45.92 -12.99
CA GLU E 575 -4.66 -45.09 -14.19
C GLU E 575 -3.70 -43.93 -14.02
N ALA E 576 -3.81 -43.20 -12.91
CA ALA E 576 -2.93 -42.06 -12.70
C ALA E 576 -1.52 -42.50 -12.46
N VAL E 577 -1.34 -43.66 -11.81
CA VAL E 577 0.01 -44.19 -11.61
C VAL E 577 0.64 -44.54 -12.95
N ASP E 578 -0.15 -45.09 -13.87
CA ASP E 578 0.34 -45.37 -15.21
C ASP E 578 0.74 -44.09 -15.93
N ALA E 579 -0.11 -43.06 -15.86
CA ALA E 579 0.18 -41.83 -16.58
C ALA E 579 1.38 -41.10 -15.99
N VAL E 580 1.49 -41.07 -14.67
CA VAL E 580 2.60 -40.40 -14.01
C VAL E 580 3.91 -41.13 -14.25
N SER E 581 3.87 -42.46 -14.20
CA SER E 581 5.04 -43.28 -14.49
C SER E 581 5.53 -43.03 -15.91
N ASN E 582 4.60 -42.99 -16.86
CA ASN E 582 4.97 -42.70 -18.24
C ASN E 582 5.51 -41.29 -18.39
N ALA E 583 5.01 -40.34 -17.61
CA ALA E 583 5.51 -38.98 -17.74
C ALA E 583 6.95 -38.86 -17.26
N ILE E 584 7.25 -39.46 -16.11
CA ILE E 584 8.61 -39.35 -15.60
C ILE E 584 9.60 -40.17 -16.43
N ARG E 585 9.15 -41.32 -16.98
CA ARG E 585 10.01 -42.05 -17.89
C ARG E 585 10.28 -41.27 -19.18
N ARG E 586 9.24 -40.63 -19.74
CA ARG E 586 9.44 -39.83 -20.93
C ARG E 586 10.26 -38.58 -20.67
N SER E 587 10.40 -38.17 -19.42
CA SER E 587 11.34 -37.07 -19.19
C SER E 587 12.75 -37.56 -18.94
N ARG E 588 12.94 -38.75 -18.39
CA ARG E 588 14.30 -39.23 -18.23
C ARG E 588 14.91 -39.64 -19.55
N ALA E 589 14.10 -40.20 -20.45
CA ALA E 589 14.63 -40.63 -21.74
C ALA E 589 14.82 -39.49 -22.72
N GLY E 590 14.41 -38.28 -22.38
CA GLY E 590 14.64 -37.12 -23.22
C GLY E 590 13.52 -36.77 -24.17
N LEU E 591 12.47 -37.58 -24.23
CA LEU E 591 11.42 -37.43 -25.22
C LEU E 591 10.43 -36.31 -24.89
N ALA E 592 10.64 -35.58 -23.81
CA ALA E 592 9.74 -34.51 -23.41
C ALA E 592 10.10 -33.20 -24.11
N ASP E 593 9.07 -32.44 -24.45
CA ASP E 593 9.25 -31.19 -25.17
C ASP E 593 9.86 -30.16 -24.25
N PRO E 594 10.98 -29.55 -24.62
CA PRO E 594 11.58 -28.52 -23.77
C PRO E 594 10.93 -27.15 -23.91
N ASN E 595 9.68 -27.09 -24.35
CA ASN E 595 8.91 -25.86 -24.25
C ASN E 595 7.87 -25.90 -23.15
N ARG E 596 7.49 -27.09 -22.69
CA ARG E 596 6.51 -27.27 -21.64
C ARG E 596 7.16 -27.94 -20.44
N PRO E 597 6.53 -27.95 -19.26
CA PRO E 597 7.11 -28.71 -18.14
C PRO E 597 6.95 -30.21 -18.33
N ILE E 598 7.48 -30.98 -17.37
CA ILE E 598 7.59 -32.43 -17.55
C ILE E 598 6.21 -33.05 -17.63
N GLY E 599 5.35 -32.74 -16.68
CA GLY E 599 3.96 -33.08 -16.86
C GLY E 599 3.06 -32.16 -16.08
N SER E 600 2.15 -31.50 -16.75
CA SER E 600 1.16 -30.69 -16.09
C SER E 600 -0.07 -31.55 -15.87
N PHE E 601 -0.42 -31.80 -14.62
CA PHE E 601 -1.49 -32.74 -14.32
C PHE E 601 -2.64 -32.02 -13.64
N LEU E 602 -3.83 -32.57 -13.80
CA LEU E 602 -5.01 -32.00 -13.17
C LEU E 602 -5.76 -33.17 -12.55
N PHE E 603 -5.47 -33.46 -11.30
CA PHE E 603 -6.03 -34.64 -10.66
C PHE E 603 -7.46 -34.36 -10.24
N LEU E 604 -8.42 -34.82 -11.02
CA LEU E 604 -9.79 -34.73 -10.56
C LEU E 604 -10.09 -35.89 -9.63
N GLY E 605 -11.35 -35.99 -9.22
CA GLY E 605 -11.82 -37.16 -8.51
C GLY E 605 -12.53 -36.82 -7.22
N PRO E 606 -13.14 -37.79 -6.59
CA PRO E 606 -13.86 -37.53 -5.34
C PRO E 606 -12.92 -37.33 -4.17
N THR E 607 -13.48 -37.20 -2.98
CA THR E 607 -12.72 -36.76 -1.83
C THR E 607 -12.09 -37.92 -1.10
N GLY E 608 -10.83 -37.76 -0.71
CA GLY E 608 -10.18 -38.77 0.08
C GLY E 608 -9.82 -40.02 -0.68
N VAL E 609 -9.15 -39.92 -1.83
CA VAL E 609 -8.91 -41.16 -2.58
C VAL E 609 -7.45 -41.28 -2.99
N GLY E 610 -6.57 -40.75 -2.17
CA GLY E 610 -5.18 -40.68 -2.52
C GLY E 610 -4.89 -39.71 -3.64
N LYS E 611 -5.28 -38.44 -3.53
CA LYS E 611 -4.69 -37.50 -4.49
C LYS E 611 -3.38 -36.98 -3.94
N THR E 612 -3.47 -36.34 -2.77
CA THR E 612 -2.30 -35.80 -2.10
C THR E 612 -1.31 -36.89 -1.73
N GLU E 613 -1.79 -38.11 -1.49
CA GLU E 613 -0.82 -39.16 -1.27
C GLU E 613 -0.19 -39.69 -2.53
N LEU E 614 -0.80 -39.50 -3.69
CA LEU E 614 -0.06 -39.79 -4.91
C LEU E 614 1.05 -38.78 -5.12
N CYS E 615 0.79 -37.53 -4.80
CA CYS E 615 1.84 -36.52 -4.94
C CYS E 615 2.94 -36.70 -3.91
N LYS E 616 2.59 -37.09 -2.68
CA LYS E 616 3.63 -37.43 -1.73
C LYS E 616 4.35 -38.71 -2.12
N ALA E 617 3.70 -39.59 -2.87
CA ALA E 617 4.38 -40.78 -3.35
C ALA E 617 5.43 -40.43 -4.38
N LEU E 618 5.13 -39.49 -5.27
CA LEU E 618 6.16 -39.04 -6.21
C LEU E 618 7.29 -38.31 -5.51
N ALA E 619 6.97 -37.49 -4.52
CA ALA E 619 8.03 -36.79 -3.82
C ALA E 619 8.93 -37.75 -3.07
N ASN E 620 8.36 -38.81 -2.52
CA ASN E 620 9.12 -39.80 -1.80
C ASN E 620 9.82 -40.79 -2.71
N PHE E 621 9.42 -40.86 -3.97
CA PHE E 621 10.22 -41.63 -4.91
C PHE E 621 11.38 -40.81 -5.44
N MET E 622 11.12 -39.56 -5.77
CA MET E 622 12.09 -38.80 -6.53
C MET E 622 13.26 -38.36 -5.67
N PHE E 623 13.03 -38.08 -4.39
CA PHE E 623 14.06 -37.54 -3.52
C PHE E 623 14.30 -38.41 -2.31
N ASP E 624 13.49 -39.45 -2.13
CA ASP E 624 13.34 -40.20 -0.88
C ASP E 624 13.01 -39.26 0.29
N SER E 625 11.89 -38.55 0.16
CA SER E 625 11.38 -37.68 1.21
C SER E 625 9.94 -37.30 0.91
N ASP E 626 9.05 -37.41 1.92
CA ASP E 626 7.68 -36.97 1.75
C ASP E 626 7.58 -35.46 1.64
N GLU E 627 8.09 -34.75 2.64
CA GLU E 627 8.02 -33.29 2.63
C GLU E 627 9.21 -32.67 1.92
N ALA E 628 9.46 -33.10 0.69
CA ALA E 628 10.39 -32.42 -0.20
C ALA E 628 9.65 -32.21 -1.50
N MET E 629 8.81 -31.19 -1.52
CA MET E 629 8.00 -30.81 -2.66
C MET E 629 7.44 -29.44 -2.35
N VAL E 630 7.35 -28.60 -3.35
CA VAL E 630 6.81 -27.28 -3.08
C VAL E 630 5.31 -27.48 -3.07
N ARG E 631 4.76 -27.76 -1.89
CA ARG E 631 3.32 -27.95 -1.75
C ARG E 631 2.71 -26.61 -1.40
N ILE E 632 2.20 -25.92 -2.39
CA ILE E 632 1.47 -24.69 -2.17
C ILE E 632 0.01 -25.06 -2.10
N ASP E 633 -0.58 -24.96 -0.93
CA ASP E 633 -2.02 -25.00 -0.86
C ASP E 633 -2.60 -23.80 -1.58
N MET E 634 -3.63 -24.05 -2.37
CA MET E 634 -4.23 -22.99 -3.16
C MET E 634 -5.39 -22.33 -2.46
N SER E 635 -5.83 -22.88 -1.34
CA SER E 635 -6.99 -22.35 -0.66
C SER E 635 -6.65 -21.25 0.30
N GLU E 636 -5.42 -20.75 0.24
CA GLU E 636 -5.05 -19.46 0.82
C GLU E 636 -5.10 -18.37 -0.22
N PHE E 637 -5.51 -18.70 -1.43
CA PHE E 637 -5.40 -17.76 -2.53
C PHE E 637 -6.78 -17.33 -3.00
N MET E 638 -7.63 -16.97 -2.07
CA MET E 638 -9.03 -16.71 -2.35
C MET E 638 -9.29 -15.26 -2.66
N GLU E 639 -8.26 -14.46 -2.89
CA GLU E 639 -8.43 -13.03 -3.11
C GLU E 639 -7.55 -12.60 -4.27
N LYS E 640 -7.42 -11.30 -4.44
CA LYS E 640 -6.75 -10.77 -5.61
C LYS E 640 -5.31 -10.35 -5.31
N HIS E 641 -4.97 -10.24 -4.05
CA HIS E 641 -3.59 -10.05 -3.61
C HIS E 641 -2.85 -11.37 -3.42
N SER E 642 -3.50 -12.45 -3.80
CA SER E 642 -2.90 -13.76 -3.67
C SER E 642 -1.77 -13.95 -4.66
N VAL E 643 -1.91 -13.38 -5.85
CA VAL E 643 -0.84 -13.33 -6.82
C VAL E 643 0.35 -12.60 -6.25
N SER E 644 0.12 -11.61 -5.38
CA SER E 644 1.25 -11.02 -4.69
C SER E 644 1.84 -11.96 -3.66
N ARG E 645 1.04 -12.88 -3.11
CA ARG E 645 1.63 -13.83 -2.17
C ARG E 645 2.54 -14.81 -2.88
N LEU E 646 2.03 -15.51 -3.90
CA LEU E 646 2.82 -16.64 -4.39
C LEU E 646 3.93 -16.17 -5.32
N VAL E 647 3.67 -15.19 -6.18
CA VAL E 647 4.64 -14.84 -7.20
C VAL E 647 5.71 -13.94 -6.66
N GLY E 648 5.31 -12.83 -6.05
CA GLY E 648 6.26 -11.90 -5.49
C GLY E 648 5.61 -10.57 -5.20
N ALA E 649 6.42 -9.65 -4.72
CA ALA E 649 5.92 -8.32 -4.41
C ALA E 649 6.59 -7.29 -5.30
N PRO E 650 5.82 -6.46 -5.99
CA PRO E 650 6.39 -5.51 -6.95
C PRO E 650 7.23 -4.44 -6.28
N PRO E 651 8.19 -3.83 -6.98
CA PRO E 651 9.30 -3.16 -6.32
C PRO E 651 8.94 -1.86 -5.62
N GLY E 652 9.71 -1.57 -4.59
CA GLY E 652 9.46 -0.40 -3.78
C GLY E 652 8.33 -0.56 -2.80
N TYR E 653 8.00 -1.77 -2.43
CA TYR E 653 6.92 -2.06 -1.50
C TYR E 653 7.52 -2.74 -0.28
N VAL E 654 6.67 -3.34 0.56
CA VAL E 654 7.13 -3.84 1.85
C VAL E 654 7.91 -5.14 1.68
N GLY E 655 7.29 -6.12 1.06
CA GLY E 655 7.93 -7.41 0.89
C GLY E 655 8.72 -7.56 -0.39
N TYR E 656 9.41 -6.50 -0.78
CA TYR E 656 10.26 -6.56 -1.97
C TYR E 656 11.47 -7.45 -1.73
N GLU E 657 11.95 -7.50 -0.49
CA GLU E 657 13.24 -8.13 -0.22
C GLU E 657 13.17 -9.64 -0.36
N GLU E 658 12.02 -10.23 -0.13
CA GLU E 658 11.92 -11.69 -0.10
C GLU E 658 11.46 -12.30 -1.40
N GLY E 659 10.58 -11.65 -2.11
CA GLY E 659 9.99 -12.28 -3.27
C GLY E 659 8.96 -13.32 -2.87
N GLY E 660 8.47 -14.01 -3.88
CA GLY E 660 7.37 -14.92 -3.68
C GLY E 660 7.78 -16.21 -3.04
N TYR E 661 6.81 -17.09 -2.87
CA TYR E 661 7.04 -18.40 -2.32
C TYR E 661 7.17 -19.46 -3.38
N LEU E 662 6.56 -19.27 -4.54
CA LEU E 662 6.76 -20.17 -5.67
C LEU E 662 7.93 -19.76 -6.54
N THR E 663 7.99 -18.50 -6.98
CA THR E 663 9.07 -18.05 -7.84
C THR E 663 10.39 -17.89 -7.11
N GLU E 664 10.45 -18.13 -5.82
CA GLU E 664 11.75 -18.27 -5.20
C GLU E 664 12.08 -19.72 -4.90
N ALA E 665 11.12 -20.51 -4.45
CA ALA E 665 11.46 -21.88 -4.08
C ALA E 665 11.69 -22.79 -5.27
N VAL E 666 11.57 -22.30 -6.50
CA VAL E 666 11.99 -23.07 -7.66
C VAL E 666 13.29 -22.53 -8.25
N ARG E 667 13.58 -21.24 -8.13
CA ARG E 667 14.81 -20.68 -8.68
C ARG E 667 16.03 -21.20 -7.94
N ARG E 668 15.88 -21.60 -6.68
CA ARG E 668 16.93 -22.33 -6.00
C ARG E 668 17.01 -23.76 -6.53
N ARG E 669 15.88 -24.45 -6.54
CA ARG E 669 15.80 -25.90 -6.77
C ARG E 669 15.00 -26.19 -8.01
N PRO E 670 15.62 -26.40 -9.16
CA PRO E 670 14.85 -26.67 -10.37
C PRO E 670 14.13 -28.00 -10.34
N TYR E 671 14.86 -29.09 -10.16
CA TYR E 671 14.25 -30.39 -10.35
C TYR E 671 13.47 -30.75 -9.10
N SER E 672 12.24 -30.26 -9.04
CA SER E 672 11.39 -30.49 -7.88
C SER E 672 9.96 -30.69 -8.33
N VAL E 673 9.08 -30.97 -7.38
CA VAL E 673 7.67 -31.19 -7.64
C VAL E 673 6.92 -30.02 -7.04
N ILE E 674 5.97 -29.49 -7.77
CA ILE E 674 5.22 -28.32 -7.35
C ILE E 674 3.78 -28.77 -7.21
N LEU E 675 3.34 -28.98 -6.00
CA LEU E 675 1.96 -29.38 -5.76
C LEU E 675 1.10 -28.17 -5.53
N LEU E 676 0.02 -28.07 -6.29
CA LEU E 676 -1.00 -27.06 -6.09
C LEU E 676 -2.26 -27.79 -5.64
N ASP E 677 -2.49 -27.84 -4.35
CA ASP E 677 -3.58 -28.62 -3.82
C ASP E 677 -4.84 -27.77 -3.73
N ALA E 678 -5.97 -28.35 -4.13
CA ALA E 678 -7.30 -27.72 -4.15
C ALA E 678 -7.30 -26.45 -4.97
N VAL E 679 -7.07 -26.61 -6.27
CA VAL E 679 -6.77 -25.45 -7.09
C VAL E 679 -8.02 -24.64 -7.43
N GLU E 680 -9.22 -25.22 -7.36
CA GLU E 680 -10.38 -24.49 -7.80
C GLU E 680 -10.85 -23.46 -6.78
N LYS E 681 -10.33 -23.52 -5.55
CA LYS E 681 -10.74 -22.57 -4.53
C LYS E 681 -10.12 -21.21 -4.73
N ALA E 682 -9.25 -21.05 -5.72
CA ALA E 682 -8.49 -19.82 -5.86
C ALA E 682 -9.15 -18.88 -6.87
N HIS E 683 -8.82 -17.66 -6.75
CA HIS E 683 -9.30 -16.54 -7.54
C HIS E 683 -8.59 -16.53 -8.89
N PRO E 684 -9.30 -16.44 -10.01
CA PRO E 684 -8.77 -16.90 -11.30
C PRO E 684 -7.64 -16.06 -11.92
N ASP E 685 -7.20 -14.96 -11.31
CA ASP E 685 -5.98 -14.33 -11.81
C ASP E 685 -4.74 -15.16 -11.47
N VAL E 686 -4.85 -15.97 -10.42
CA VAL E 686 -3.87 -17.01 -10.18
C VAL E 686 -3.84 -18.00 -11.34
N PHE E 687 -5.01 -18.30 -11.91
CA PHE E 687 -5.05 -19.12 -13.12
C PHE E 687 -4.48 -18.40 -14.33
N ASN E 688 -4.51 -17.06 -14.35
CA ASN E 688 -3.75 -16.37 -15.40
C ASN E 688 -2.25 -16.61 -15.23
N ILE E 689 -1.78 -16.60 -13.99
CA ILE E 689 -0.37 -16.91 -13.73
C ILE E 689 -0.04 -18.34 -14.13
N LEU E 690 -0.95 -19.26 -13.87
CA LEU E 690 -0.68 -20.65 -14.26
C LEU E 690 -0.72 -20.83 -15.77
N LEU E 691 -1.52 -20.04 -16.47
CA LEU E 691 -1.42 -20.02 -17.93
C LEU E 691 -0.04 -19.58 -18.38
N GLN E 692 0.52 -18.57 -17.73
CA GLN E 692 1.87 -18.13 -18.12
C GLN E 692 2.89 -19.23 -17.86
N VAL E 693 2.73 -19.96 -16.75
CA VAL E 693 3.61 -21.09 -16.44
C VAL E 693 3.51 -22.18 -17.50
N LEU E 694 2.31 -22.65 -17.78
CA LEU E 694 2.18 -23.79 -18.67
C LEU E 694 2.32 -23.41 -20.13
N ASP E 695 2.34 -22.11 -20.45
CA ASP E 695 2.66 -21.69 -21.80
C ASP E 695 4.17 -21.59 -21.98
N ASP E 696 4.82 -20.75 -21.17
CA ASP E 696 6.25 -20.58 -21.33
C ASP E 696 7.04 -21.65 -20.60
N GLY E 697 6.83 -21.74 -19.30
CA GLY E 697 7.78 -22.35 -18.44
C GLY E 697 8.65 -21.34 -17.71
N ARG E 698 8.70 -20.11 -18.18
CA ARG E 698 9.32 -19.03 -17.45
C ARG E 698 8.23 -18.14 -16.86
N LEU E 699 8.43 -17.71 -15.62
CA LEU E 699 7.40 -17.04 -14.86
C LEU E 699 7.94 -15.73 -14.33
N THR E 700 7.17 -14.66 -14.51
CA THR E 700 7.65 -13.32 -14.21
C THR E 700 7.21 -12.92 -12.82
N ASP E 701 8.16 -12.46 -12.00
CA ASP E 701 7.87 -12.01 -10.65
C ASP E 701 7.91 -10.50 -10.54
N GLY E 702 7.87 -9.99 -9.31
CA GLY E 702 7.89 -8.55 -9.11
C GLY E 702 9.23 -7.92 -9.43
N GLN E 703 10.33 -8.60 -9.08
CA GLN E 703 11.66 -8.08 -9.38
C GLN E 703 11.89 -8.07 -10.89
N GLY E 704 11.58 -9.17 -11.57
CA GLY E 704 11.58 -9.17 -13.01
C GLY E 704 12.12 -10.41 -13.69
N ARG E 705 13.07 -11.08 -13.07
CA ARG E 705 13.74 -12.20 -13.74
C ARG E 705 12.94 -13.47 -13.57
N THR E 706 13.11 -14.38 -14.52
CA THR E 706 12.19 -15.49 -14.66
C THR E 706 12.86 -16.81 -14.30
N VAL E 707 12.00 -17.75 -13.91
CA VAL E 707 12.42 -19.04 -13.38
C VAL E 707 11.91 -20.11 -14.34
N ASP E 708 12.81 -20.97 -14.80
CA ASP E 708 12.41 -21.95 -15.80
C ASP E 708 11.72 -23.11 -15.11
N PHE E 709 10.45 -23.31 -15.44
CA PHE E 709 9.71 -24.43 -14.86
C PHE E 709 9.70 -25.64 -15.76
N ARG E 710 10.64 -25.76 -16.68
CA ARG E 710 10.61 -26.90 -17.58
C ARG E 710 11.41 -28.08 -17.05
N ASN E 711 11.71 -28.10 -15.76
CA ASN E 711 12.29 -29.26 -15.12
C ASN E 711 11.44 -29.73 -13.96
N THR E 712 10.32 -29.08 -13.72
CA THR E 712 9.44 -29.35 -12.60
C THR E 712 8.28 -30.23 -13.08
N VAL E 713 7.41 -30.58 -12.15
CA VAL E 713 6.22 -31.36 -12.45
C VAL E 713 5.06 -30.68 -11.74
N VAL E 714 4.32 -29.86 -12.45
CA VAL E 714 3.19 -29.17 -11.84
C VAL E 714 2.00 -30.11 -11.77
N ILE E 715 1.55 -30.42 -10.56
CA ILE E 715 0.38 -31.25 -10.34
C ILE E 715 -0.67 -30.42 -9.63
N MET E 716 -1.86 -30.37 -10.18
CA MET E 716 -2.96 -29.63 -9.58
C MET E 716 -4.05 -30.61 -9.16
N THR E 717 -4.43 -30.59 -7.91
CA THR E 717 -5.52 -31.43 -7.44
C THR E 717 -6.79 -30.59 -7.35
N SER E 718 -7.90 -31.27 -7.12
CA SER E 718 -9.21 -30.65 -7.01
C SER E 718 -10.16 -31.69 -6.47
N ASN E 719 -11.46 -31.34 -6.41
CA ASN E 719 -12.46 -32.39 -6.36
C ASN E 719 -13.74 -32.03 -7.13
N LEU E 720 -13.62 -31.26 -8.21
CA LEU E 720 -14.77 -30.58 -8.83
C LEU E 720 -15.86 -31.51 -9.33
N GLY E 721 -15.54 -32.72 -9.76
CA GLY E 721 -16.59 -33.55 -10.30
C GLY E 721 -17.08 -34.61 -9.34
N SER E 722 -17.11 -34.29 -8.04
CA SER E 722 -17.33 -35.32 -7.01
C SER E 722 -18.73 -35.91 -7.09
N ASP E 723 -19.74 -35.05 -7.30
CA ASP E 723 -21.11 -35.53 -7.44
C ASP E 723 -21.26 -36.41 -8.68
N LEU E 724 -20.70 -35.96 -9.79
CA LEU E 724 -20.87 -36.67 -11.05
C LEU E 724 -20.09 -37.98 -11.07
N ILE E 725 -18.89 -37.99 -10.52
CA ILE E 725 -18.08 -39.20 -10.54
C ILE E 725 -18.60 -40.22 -9.53
N GLN E 726 -18.97 -39.77 -8.33
CA GLN E 726 -19.59 -40.68 -7.37
C GLN E 726 -20.96 -41.15 -7.82
N GLU E 727 -21.64 -40.41 -8.69
CA GLU E 727 -22.91 -40.87 -9.21
C GLU E 727 -22.72 -41.90 -10.32
N ARG E 728 -21.88 -41.58 -11.30
CA ARG E 728 -21.94 -42.28 -12.59
C ARG E 728 -20.68 -43.02 -12.98
N PHE E 729 -19.66 -43.15 -12.13
CA PHE E 729 -18.50 -43.90 -12.59
C PHE E 729 -18.81 -45.39 -12.62
N GLY E 730 -19.72 -45.84 -11.76
CA GLY E 730 -20.33 -47.14 -11.97
C GLY E 730 -21.16 -47.14 -13.25
N GLU E 731 -21.26 -48.32 -13.85
CA GLU E 731 -21.96 -48.64 -15.12
C GLU E 731 -21.64 -47.68 -16.27
N LEU E 732 -20.49 -47.02 -16.24
CA LEU E 732 -20.03 -46.20 -17.35
C LEU E 732 -18.60 -46.55 -17.67
N ASP E 733 -18.19 -46.19 -18.88
CA ASP E 733 -16.86 -46.48 -19.39
C ASP E 733 -15.85 -45.48 -18.83
N TYR E 734 -14.63 -45.50 -19.36
CA TYR E 734 -13.60 -44.62 -18.84
C TYR E 734 -13.48 -43.33 -19.63
N ALA E 735 -13.41 -43.41 -20.96
CA ALA E 735 -13.08 -42.24 -21.76
C ALA E 735 -14.24 -41.25 -21.78
N HIS E 736 -15.48 -41.75 -21.84
CA HIS E 736 -16.63 -40.85 -21.84
C HIS E 736 -16.81 -40.19 -20.48
N MET E 737 -16.44 -40.90 -19.42
CA MET E 737 -16.41 -40.28 -18.09
C MET E 737 -15.41 -39.14 -18.05
N LYS E 738 -14.23 -39.35 -18.64
CA LYS E 738 -13.21 -38.31 -18.70
C LYS E 738 -13.71 -37.10 -19.48
N GLU E 739 -14.39 -37.34 -20.60
CA GLU E 739 -14.92 -36.24 -21.40
C GLU E 739 -16.03 -35.49 -20.66
N LEU E 740 -16.86 -36.23 -19.93
CA LEU E 740 -18.00 -35.62 -19.24
C LEU E 740 -17.53 -34.74 -18.09
N VAL E 741 -16.60 -35.27 -17.28
CA VAL E 741 -16.09 -34.45 -16.19
C VAL E 741 -15.16 -33.36 -16.71
N LEU E 742 -14.59 -33.53 -17.91
CA LEU E 742 -13.82 -32.46 -18.50
C LEU E 742 -14.71 -31.31 -18.94
N GLY E 743 -15.91 -31.62 -19.40
CA GLY E 743 -16.89 -30.57 -19.64
C GLY E 743 -17.30 -29.85 -18.37
N VAL E 744 -17.39 -30.58 -17.26
CA VAL E 744 -17.65 -29.94 -15.96
C VAL E 744 -16.50 -29.01 -15.57
N VAL E 745 -15.28 -29.44 -15.85
CA VAL E 745 -14.11 -28.60 -15.60
C VAL E 745 -14.13 -27.36 -16.48
N SER E 746 -14.58 -27.51 -17.72
CA SER E 746 -14.72 -26.37 -18.62
C SER E 746 -15.76 -25.38 -18.11
N HIS E 747 -16.77 -25.88 -17.41
CA HIS E 747 -17.64 -24.97 -16.66
C HIS E 747 -16.86 -24.27 -15.55
N ASN E 748 -15.88 -24.95 -14.93
CA ASN E 748 -15.19 -24.28 -13.84
C ASN E 748 -13.97 -23.47 -14.27
N PHE E 749 -13.09 -24.04 -15.08
CA PHE E 749 -11.85 -23.37 -15.43
C PHE E 749 -12.03 -22.56 -16.71
N ARG E 750 -10.90 -22.17 -17.35
CA ARG E 750 -10.89 -21.56 -18.67
C ARG E 750 -10.58 -22.59 -19.75
N PRO E 751 -11.11 -22.41 -20.96
CA PRO E 751 -10.83 -23.39 -22.02
C PRO E 751 -9.38 -23.37 -22.48
N GLU E 752 -8.79 -22.18 -22.57
CA GLU E 752 -7.39 -22.06 -22.91
C GLU E 752 -6.49 -22.62 -21.83
N PHE E 753 -6.98 -22.68 -20.59
CA PHE E 753 -6.23 -23.31 -19.51
C PHE E 753 -6.12 -24.81 -19.72
N ILE E 754 -7.26 -25.51 -19.68
CA ILE E 754 -7.22 -26.97 -19.76
C ILE E 754 -6.95 -27.48 -21.16
N ASN E 755 -6.84 -26.60 -22.14
CA ASN E 755 -6.22 -26.99 -23.39
C ASN E 755 -4.73 -27.22 -23.22
N ARG E 756 -4.12 -26.64 -22.17
CA ARG E 756 -2.69 -26.70 -21.93
C ARG E 756 -2.32 -27.68 -20.81
N ILE E 757 -2.96 -28.83 -20.76
CA ILE E 757 -2.69 -29.84 -19.74
C ILE E 757 -2.21 -31.10 -20.43
N ASP E 758 -1.20 -31.75 -19.82
CA ASP E 758 -0.72 -33.03 -20.33
C ASP E 758 -1.82 -34.08 -20.28
N GLU E 759 -2.31 -34.40 -19.09
CA GLU E 759 -3.30 -35.46 -18.98
C GLU E 759 -4.12 -35.27 -17.73
N VAL E 760 -5.44 -35.26 -17.89
CA VAL E 760 -6.36 -35.00 -16.79
C VAL E 760 -6.83 -36.36 -16.31
N VAL E 761 -6.11 -36.94 -15.38
CA VAL E 761 -6.47 -38.27 -14.89
C VAL E 761 -7.53 -38.14 -13.82
N VAL E 762 -8.54 -39.00 -13.92
CA VAL E 762 -9.75 -38.91 -13.14
C VAL E 762 -9.89 -40.20 -12.36
N PHE E 763 -10.05 -40.08 -11.05
CA PHE E 763 -9.92 -41.25 -10.20
C PHE E 763 -11.21 -42.05 -10.19
N HIS E 764 -11.30 -42.99 -9.26
CA HIS E 764 -12.53 -43.70 -9.00
C HIS E 764 -12.60 -43.93 -7.52
N PRO E 765 -13.79 -44.05 -6.94
CA PRO E 765 -13.88 -44.33 -5.50
C PRO E 765 -13.35 -45.71 -5.18
N LEU E 766 -12.92 -45.86 -3.95
CA LEU E 766 -12.16 -47.04 -3.56
C LEU E 766 -13.10 -48.18 -3.19
N GLY E 767 -12.75 -49.39 -3.63
CA GLY E 767 -13.56 -50.57 -3.37
C GLY E 767 -13.05 -51.29 -2.11
N GLU E 768 -13.54 -52.50 -1.90
CA GLU E 768 -13.32 -53.21 -0.64
C GLU E 768 -11.91 -53.76 -0.52
N GLN E 769 -11.40 -54.38 -1.58
CA GLN E 769 -10.05 -54.91 -1.57
C GLN E 769 -9.03 -53.79 -1.42
N HIS E 770 -9.32 -52.63 -2.00
CA HIS E 770 -8.46 -51.47 -1.86
C HIS E 770 -8.42 -51.00 -0.42
N ILE E 771 -9.57 -51.04 0.25
CA ILE E 771 -9.64 -50.57 1.62
C ILE E 771 -9.02 -51.58 2.58
N ALA E 772 -9.10 -52.88 2.26
CA ALA E 772 -8.35 -53.86 3.03
C ALA E 772 -6.85 -53.62 2.91
N SER E 773 -6.38 -53.28 1.71
CA SER E 773 -4.97 -53.01 1.53
C SER E 773 -4.54 -51.73 2.25
N ILE E 774 -5.39 -50.68 2.21
CA ILE E 774 -5.09 -49.45 2.91
C ILE E 774 -5.07 -49.68 4.41
N ALA E 775 -5.95 -50.57 4.88
CA ALA E 775 -5.93 -50.97 6.28
C ALA E 775 -4.62 -51.65 6.63
N GLN E 776 -4.09 -52.46 5.73
CA GLN E 776 -2.82 -53.11 6.00
C GLN E 776 -1.67 -52.11 6.01
N ILE E 777 -1.74 -51.09 5.16
CA ILE E 777 -0.69 -50.06 5.13
C ILE E 777 -0.69 -49.26 6.44
N GLN E 778 -1.87 -48.85 6.90
CA GLN E 778 -1.94 -48.08 8.13
C GLN E 778 -1.57 -48.93 9.34
N LEU E 779 -1.91 -50.21 9.33
CA LEU E 779 -1.47 -51.08 10.41
C LEU E 779 0.05 -51.28 10.39
N LYS E 780 0.67 -51.25 9.21
CA LYS E 780 2.12 -51.34 9.17
C LYS E 780 2.78 -50.10 9.74
N ARG E 781 2.24 -48.91 9.44
CA ARG E 781 2.85 -47.72 10.04
C ARG E 781 2.56 -47.64 11.53
N LEU E 782 1.44 -48.22 11.97
CA LEU E 782 1.18 -48.32 13.41
C LEU E 782 2.14 -49.27 14.08
N TYR E 783 2.52 -50.35 13.38
CA TYR E 783 3.51 -51.28 13.92
C TYR E 783 4.85 -50.60 14.04
N LYS E 784 5.17 -49.74 13.09
CA LYS E 784 6.45 -49.02 13.19
C LYS E 784 6.44 -48.03 14.36
N ARG E 785 5.30 -47.38 14.59
CA ARG E 785 5.22 -46.45 15.71
C ARG E 785 5.29 -47.17 17.05
N LEU E 786 4.58 -48.26 17.21
CA LEU E 786 4.65 -48.96 18.48
C LEU E 786 5.86 -49.88 18.59
N GLU E 787 6.64 -50.01 17.54
CA GLU E 787 7.94 -50.65 17.68
C GLU E 787 9.01 -49.66 18.07
N GLU E 788 8.91 -48.41 17.60
CA GLU E 788 9.73 -47.37 18.21
C GLU E 788 9.33 -47.12 19.66
N ARG E 789 8.05 -47.33 19.98
CA ARG E 789 7.64 -47.29 21.38
C ARG E 789 8.13 -48.52 22.12
N GLY E 790 8.19 -49.67 21.46
CA GLY E 790 8.63 -50.89 22.10
C GLY E 790 7.49 -51.81 22.51
N TYR E 791 6.56 -52.01 21.60
CA TYR E 791 5.48 -52.98 21.79
C TYR E 791 5.25 -53.71 20.48
N GLU E 792 5.60 -54.97 20.45
CA GLU E 792 5.40 -55.79 19.26
C GLU E 792 3.96 -56.25 19.23
N ILE E 793 3.31 -56.15 18.06
CA ILE E 793 1.88 -56.41 17.92
C ILE E 793 1.64 -57.36 16.77
N HIS E 794 0.94 -58.45 17.04
CA HIS E 794 0.32 -59.24 16.00
C HIS E 794 -1.16 -58.92 15.92
N ILE E 795 -1.79 -59.31 14.83
CA ILE E 795 -3.21 -59.08 14.64
C ILE E 795 -3.86 -60.35 14.12
N SER E 796 -5.10 -60.58 14.51
CA SER E 796 -5.92 -61.58 13.86
C SER E 796 -6.67 -60.94 12.69
N ASP E 797 -6.87 -61.73 11.64
CA ASP E 797 -7.48 -61.22 10.42
C ASP E 797 -8.95 -60.92 10.59
N GLU E 798 -9.58 -61.46 11.62
CA GLU E 798 -10.96 -61.11 11.94
C GLU E 798 -11.04 -59.65 12.36
N ALA E 799 -10.05 -59.15 13.10
CA ALA E 799 -10.00 -57.73 13.45
C ALA E 799 -9.83 -56.86 12.22
N LEU E 800 -9.07 -57.36 11.24
CA LEU E 800 -8.97 -56.67 9.96
C LEU E 800 -10.32 -56.65 9.24
N LYS E 801 -11.11 -57.71 9.40
CA LYS E 801 -12.45 -57.69 8.83
C LYS E 801 -13.36 -56.72 9.57
N LEU E 802 -13.18 -56.59 10.89
CA LEU E 802 -13.93 -55.59 11.64
C LEU E 802 -13.61 -54.17 11.18
N LEU E 803 -12.32 -53.90 10.92
CA LEU E 803 -11.95 -52.61 10.36
C LEU E 803 -12.53 -52.42 8.97
N SER E 804 -12.57 -53.49 8.18
CA SER E 804 -13.13 -53.40 6.83
C SER E 804 -14.63 -53.16 6.86
N GLU E 805 -15.32 -53.66 7.88
CA GLU E 805 -16.76 -53.49 7.97
C GLU E 805 -17.17 -52.26 8.74
N ASN E 806 -16.25 -51.61 9.45
CA ASN E 806 -16.56 -50.34 10.10
C ASN E 806 -15.98 -49.15 9.34
N GLY E 807 -14.80 -49.30 8.76
CA GLY E 807 -14.21 -48.21 8.01
C GLY E 807 -14.48 -48.23 6.53
N TYR E 808 -15.72 -48.51 6.13
CA TYR E 808 -16.08 -48.52 4.73
C TYR E 808 -17.36 -47.76 4.49
N ASP E 809 -17.30 -46.78 3.57
CA ASP E 809 -18.44 -46.09 2.97
C ASP E 809 -17.96 -45.32 1.75
N PRO E 810 -18.73 -45.29 0.67
CA PRO E 810 -18.22 -44.71 -0.58
C PRO E 810 -18.20 -43.20 -0.60
N VAL E 811 -18.99 -42.55 0.25
CA VAL E 811 -19.12 -41.11 0.15
C VAL E 811 -17.89 -40.37 0.62
N TYR E 812 -17.08 -40.97 1.48
CA TYR E 812 -15.94 -40.24 2.04
C TYR E 812 -14.61 -40.80 1.62
N GLY E 813 -14.56 -41.97 1.06
CA GLY E 813 -13.31 -42.49 0.53
C GLY E 813 -12.54 -43.28 1.59
N ALA E 814 -11.34 -42.80 1.92
CA ALA E 814 -10.39 -43.60 2.68
C ALA E 814 -10.26 -43.19 4.13
N ARG E 815 -10.52 -41.95 4.45
CA ARG E 815 -10.40 -41.46 5.81
C ARG E 815 -11.31 -42.05 6.88
N PRO E 816 -12.53 -42.52 6.59
CA PRO E 816 -13.24 -43.29 7.64
C PRO E 816 -12.50 -44.51 8.07
N LEU E 817 -11.79 -45.17 7.15
CA LEU E 817 -10.94 -46.28 7.52
C LEU E 817 -9.83 -45.85 8.46
N LYS E 818 -9.13 -44.76 8.12
CA LYS E 818 -7.99 -44.33 8.93
C LYS E 818 -8.42 -43.91 10.32
N ARG E 819 -9.47 -43.13 10.42
CA ARG E 819 -9.78 -42.73 11.78
C ARG E 819 -10.67 -43.74 12.50
N ALA E 820 -11.25 -44.71 11.79
CA ALA E 820 -11.84 -45.83 12.49
C ALA E 820 -10.78 -46.75 13.06
N ILE E 821 -9.68 -46.92 12.33
CA ILE E 821 -8.50 -47.61 12.87
C ILE E 821 -8.01 -46.90 14.10
N GLN E 822 -7.81 -45.58 13.97
CA GLN E 822 -7.40 -44.70 15.07
C GLN E 822 -8.25 -44.92 16.31
N GLN E 823 -9.56 -44.79 16.17
CA GLN E 823 -10.45 -44.99 17.31
C GLN E 823 -10.43 -46.40 17.86
N GLN E 824 -10.91 -47.37 17.08
CA GLN E 824 -11.18 -48.71 17.62
C GLN E 824 -9.92 -49.46 17.99
N ILE E 825 -8.76 -49.12 17.43
CA ILE E 825 -7.56 -49.80 17.88
C ILE E 825 -6.90 -48.95 18.94
N GLU E 826 -6.56 -47.71 18.61
CA GLU E 826 -5.67 -46.93 19.46
C GLU E 826 -6.30 -46.51 20.78
N ASN E 827 -7.64 -46.38 20.88
CA ASN E 827 -8.18 -45.92 22.16
C ASN E 827 -8.06 -46.97 23.26
N PRO E 828 -8.51 -48.23 23.11
CA PRO E 828 -8.24 -49.18 24.20
C PRO E 828 -6.77 -49.51 24.32
N LEU E 829 -6.02 -49.46 23.22
CA LEU E 829 -4.61 -49.80 23.27
C LEU E 829 -3.82 -48.76 24.05
N ALA E 830 -3.97 -47.48 23.70
CA ALA E 830 -3.22 -46.45 24.43
C ALA E 830 -3.77 -46.24 25.82
N GLN E 831 -5.07 -46.50 26.00
CA GLN E 831 -5.67 -46.57 27.33
C GLN E 831 -4.91 -47.55 28.23
N GLN E 832 -4.72 -48.77 27.75
CA GLN E 832 -4.06 -49.77 28.56
C GLN E 832 -2.57 -49.54 28.67
N ILE E 833 -1.95 -48.94 27.66
CA ILE E 833 -0.52 -48.67 27.73
C ILE E 833 -0.24 -47.59 28.76
N LEU E 834 -1.11 -46.58 28.83
CA LEU E 834 -0.98 -45.64 29.94
C LEU E 834 -1.38 -46.24 31.27
N SER E 835 -2.22 -47.28 31.25
CA SER E 835 -2.60 -47.94 32.50
C SER E 835 -1.46 -48.69 33.15
N GLY E 836 -0.39 -48.99 32.41
CA GLY E 836 0.64 -49.84 32.92
C GLY E 836 0.30 -51.31 32.89
N GLU E 837 -0.85 -51.66 32.31
CA GLU E 837 -1.26 -53.06 32.25
C GLU E 837 -0.38 -53.84 31.28
N LEU E 838 0.06 -53.20 30.21
CA LEU E 838 0.77 -53.88 29.14
C LEU E 838 2.24 -53.54 29.22
N VAL E 839 3.04 -54.51 29.67
CA VAL E 839 4.48 -54.37 29.86
C VAL E 839 5.13 -54.59 28.50
N PRO E 840 6.19 -53.85 28.15
CA PRO E 840 6.95 -54.19 26.94
C PRO E 840 7.61 -55.55 27.07
N GLY E 841 7.83 -56.18 25.92
CA GLY E 841 8.48 -57.47 25.92
C GLY E 841 7.58 -58.55 25.36
N LYS E 842 6.31 -58.53 25.73
CA LYS E 842 5.37 -59.51 25.22
C LYS E 842 4.70 -59.00 23.96
N VAL E 843 4.18 -59.93 23.17
CA VAL E 843 3.56 -59.61 21.89
C VAL E 843 2.08 -59.42 22.09
N ILE E 844 1.59 -58.23 21.77
CA ILE E 844 0.19 -57.87 21.92
C ILE E 844 -0.57 -58.51 20.78
N ARG E 845 -1.41 -59.49 21.08
CA ARG E 845 -2.26 -60.09 20.07
C ARG E 845 -3.59 -59.35 20.05
N LEU E 846 -3.81 -58.58 19.00
CA LEU E 846 -5.08 -57.87 18.84
C LEU E 846 -6.12 -58.85 18.31
N GLU E 847 -6.62 -59.69 19.21
CA GLU E 847 -7.72 -60.56 18.87
C GLU E 847 -9.03 -59.84 19.13
N VAL E 848 -10.11 -60.40 18.59
CA VAL E 848 -11.37 -59.69 18.61
C VAL E 848 -12.05 -59.89 19.96
N ASN E 849 -12.87 -58.91 20.33
CA ASN E 849 -13.93 -59.10 21.29
C ASN E 849 -15.16 -59.54 20.53
N GLU E 850 -16.32 -59.48 21.17
CA GLU E 850 -17.57 -59.65 20.45
C GLU E 850 -17.79 -58.49 19.49
N ASP E 851 -17.47 -57.29 19.92
CA ASP E 851 -17.56 -56.12 19.06
C ASP E 851 -16.28 -55.30 19.04
N ARG E 852 -15.59 -55.17 20.16
CA ARG E 852 -14.41 -54.34 20.24
C ARG E 852 -13.17 -55.12 19.83
N ILE E 853 -12.00 -54.55 20.06
CA ILE E 853 -10.72 -55.20 19.82
C ILE E 853 -9.92 -55.15 21.11
N VAL E 854 -9.67 -56.30 21.68
CA VAL E 854 -8.99 -56.37 22.97
C VAL E 854 -7.49 -56.47 22.73
N ALA E 855 -6.72 -55.91 23.66
CA ALA E 855 -5.28 -56.09 23.72
C ALA E 855 -4.96 -57.00 24.90
N VAL E 856 -4.34 -58.15 24.62
CA VAL E 856 -4.13 -59.16 25.63
C VAL E 856 -2.64 -59.38 25.84
N GLN E 857 -2.31 -59.89 27.02
CA GLN E 857 -0.95 -60.26 27.39
C GLN E 857 -0.98 -61.69 27.87
N HIS E 858 -0.11 -62.52 27.32
CA HIS E 858 -0.07 -63.93 27.71
C HIS E 858 1.36 -64.43 27.82
N GLN F 159 34.28 34.63 -14.40
CA GLN F 159 32.86 34.29 -14.49
C GLN F 159 32.64 32.79 -14.39
N ALA F 160 31.38 32.39 -14.26
CA ALA F 160 31.02 30.99 -14.20
C ALA F 160 30.21 30.53 -15.40
N LEU F 161 29.73 31.46 -16.22
CA LEU F 161 29.03 31.09 -17.45
C LEU F 161 29.97 30.37 -18.40
N LYS F 162 31.23 30.80 -18.44
CA LYS F 162 32.25 30.08 -19.17
C LYS F 162 32.58 28.74 -18.52
N LYS F 163 32.29 28.59 -17.24
CA LYS F 163 32.65 27.37 -16.53
C LYS F 163 31.60 26.28 -16.64
N TYR F 164 30.32 26.64 -16.73
CA TYR F 164 29.29 25.61 -16.63
C TYR F 164 28.14 25.75 -17.62
N THR F 165 28.22 26.64 -18.60
CA THR F 165 27.16 26.75 -19.57
C THR F 165 27.70 26.53 -20.98
N ILE F 166 26.78 26.28 -21.90
CA ILE F 166 27.10 26.04 -23.30
C ILE F 166 26.33 27.08 -24.10
N ASP F 167 27.05 28.04 -24.69
CA ASP F 167 26.40 29.05 -25.51
C ASP F 167 25.96 28.41 -26.81
N LEU F 168 24.65 28.31 -27.00
CA LEU F 168 24.16 27.86 -28.30
C LEU F 168 24.34 28.94 -29.34
N THR F 169 24.26 30.21 -28.94
CA THR F 169 24.27 31.28 -29.93
C THR F 169 25.65 31.48 -30.54
N GLU F 170 26.70 31.17 -29.80
CA GLU F 170 28.04 31.23 -30.38
C GLU F 170 28.26 30.08 -31.36
N ARG F 171 27.66 28.92 -31.08
CA ARG F 171 27.83 27.77 -31.95
C ARG F 171 27.03 27.94 -33.24
N ALA F 172 25.80 28.47 -33.12
CA ALA F 172 25.04 28.80 -34.31
C ALA F 172 25.63 30.01 -35.02
N GLU F 173 26.33 30.87 -34.29
CA GLU F 173 27.03 31.99 -34.89
C GLU F 173 28.17 31.50 -35.76
N GLN F 174 28.90 30.49 -35.29
CA GLN F 174 29.91 29.84 -36.10
C GLN F 174 29.38 28.61 -36.82
N GLY F 175 28.06 28.45 -36.87
CA GLY F 175 27.46 27.41 -37.70
C GLY F 175 27.67 26.00 -37.22
N LYS F 176 28.05 25.82 -35.96
CA LYS F 176 28.27 24.48 -35.43
C LYS F 176 26.99 23.69 -35.26
N LEU F 177 25.85 24.36 -35.21
CA LEU F 177 24.59 23.71 -34.93
C LEU F 177 23.93 23.27 -36.23
N ASP F 178 22.66 22.94 -36.14
CA ASP F 178 22.02 22.29 -37.25
C ASP F 178 20.95 23.18 -37.85
N PRO F 179 20.79 23.17 -39.17
CA PRO F 179 19.68 23.90 -39.78
C PRO F 179 18.37 23.25 -39.42
N VAL F 180 17.59 23.95 -38.60
CA VAL F 180 16.34 23.41 -38.11
C VAL F 180 15.26 23.60 -39.17
N ILE F 181 14.63 22.51 -39.57
CA ILE F 181 13.71 22.49 -40.69
C ILE F 181 12.31 22.23 -40.14
N GLY F 182 11.34 23.01 -40.59
CA GLY F 182 10.01 22.85 -40.07
C GLY F 182 9.94 23.41 -38.66
N ARG F 183 8.94 22.93 -37.91
CA ARG F 183 8.69 23.31 -36.51
C ARG F 183 8.48 24.82 -36.37
N ASP F 184 7.79 25.41 -37.34
CA ASP F 184 7.44 26.82 -37.23
C ASP F 184 6.42 27.04 -36.12
N GLU F 185 5.48 26.10 -35.98
CA GLU F 185 4.38 26.28 -35.04
C GLU F 185 4.87 26.17 -33.60
N GLU F 186 5.82 25.29 -33.34
CA GLU F 186 6.29 25.10 -31.97
C GLU F 186 7.23 26.22 -31.56
N ILE F 187 8.02 26.74 -32.51
CA ILE F 187 8.79 27.95 -32.24
C ILE F 187 7.86 29.15 -32.04
N ARG F 188 6.74 29.18 -32.77
CA ARG F 188 5.73 30.22 -32.54
C ARG F 188 5.16 30.15 -31.13
N ARG F 189 4.77 28.96 -30.69
CA ARG F 189 4.19 28.82 -29.36
C ARG F 189 5.22 29.11 -28.28
N THR F 190 6.49 28.76 -28.53
CA THR F 190 7.56 29.09 -27.60
C THR F 190 7.77 30.60 -27.51
N ILE F 191 7.72 31.29 -28.64
CA ILE F 191 7.87 32.74 -28.62
C ILE F 191 6.67 33.41 -27.94
N GLN F 192 5.48 32.82 -28.05
CA GLN F 192 4.34 33.27 -27.25
C GLN F 192 4.61 33.15 -25.77
N VAL F 193 4.91 31.93 -25.32
CA VAL F 193 4.99 31.67 -23.88
C VAL F 193 6.22 32.35 -23.27
N LEU F 194 7.26 32.59 -24.07
CA LEU F 194 8.41 33.33 -23.56
C LEU F 194 8.10 34.79 -23.30
N GLN F 195 7.13 35.37 -24.01
CA GLN F 195 6.77 36.75 -23.75
C GLN F 195 5.37 36.78 -23.15
N ARG F 196 5.31 36.59 -21.83
CA ARG F 196 4.14 36.86 -21.02
C ARG F 196 4.64 37.60 -19.79
N ARG F 197 3.77 37.81 -18.81
CA ARG F 197 4.25 38.30 -17.52
C ARG F 197 4.25 37.22 -16.45
N THR F 198 3.29 36.30 -16.49
CA THR F 198 3.33 35.09 -15.67
C THR F 198 3.51 33.89 -16.57
N LYS F 199 3.87 32.75 -15.95
CA LYS F 199 4.08 31.46 -16.61
C LYS F 199 5.11 31.59 -17.73
N ASN F 200 6.21 32.26 -17.42
CA ASN F 200 7.17 32.76 -18.38
C ASN F 200 8.22 31.73 -18.73
N ASN F 201 7.94 30.45 -18.50
CA ASN F 201 8.94 29.40 -18.68
C ASN F 201 8.24 28.24 -19.34
N PRO F 202 8.44 28.06 -20.64
CA PRO F 202 7.89 26.89 -21.30
C PRO F 202 8.67 25.66 -20.91
N VAL F 203 8.06 24.51 -21.13
CA VAL F 203 8.82 23.28 -21.11
C VAL F 203 8.40 22.45 -22.31
N LEU F 204 9.36 22.11 -23.15
CA LEU F 204 9.04 21.42 -24.39
C LEU F 204 8.81 19.96 -24.04
N ILE F 205 7.59 19.49 -24.26
CA ILE F 205 7.15 18.20 -23.76
C ILE F 205 6.75 17.31 -24.92
N GLY F 206 7.38 16.15 -25.01
CA GLY F 206 6.99 15.12 -25.96
C GLY F 206 7.71 13.85 -25.61
N GLU F 207 7.51 12.85 -26.45
CA GLU F 207 8.33 11.64 -26.37
C GLU F 207 9.78 12.01 -26.69
N PRO F 208 10.76 11.37 -26.06
CA PRO F 208 12.13 11.91 -26.09
C PRO F 208 12.79 11.67 -27.42
N GLY F 209 13.84 12.45 -27.66
CA GLY F 209 14.60 12.32 -28.87
C GLY F 209 13.97 12.90 -30.10
N VAL F 210 13.02 13.82 -29.95
CA VAL F 210 12.45 14.51 -31.09
C VAL F 210 13.06 15.91 -31.26
N GLY F 211 14.24 16.13 -30.70
CA GLY F 211 14.95 17.35 -31.03
C GLY F 211 14.46 18.56 -30.32
N LYS F 212 13.98 18.40 -29.09
CA LYS F 212 13.58 19.53 -28.26
C LYS F 212 14.74 20.47 -28.02
N THR F 213 15.92 19.89 -27.81
CA THR F 213 17.17 20.64 -27.79
C THR F 213 17.35 21.42 -29.08
N ALA F 214 17.07 20.80 -30.21
CA ALA F 214 17.22 21.51 -31.46
C ALA F 214 16.09 22.48 -31.73
N ILE F 215 14.94 22.32 -31.08
CA ILE F 215 13.93 23.37 -31.16
C ILE F 215 14.43 24.63 -30.47
N VAL F 216 15.05 24.46 -29.31
CA VAL F 216 15.70 25.60 -28.66
C VAL F 216 16.84 26.15 -29.51
N GLU F 217 17.59 25.26 -30.15
CA GLU F 217 18.69 25.70 -30.99
C GLU F 217 18.22 26.46 -32.22
N GLY F 218 17.11 26.05 -32.81
CA GLY F 218 16.55 26.78 -33.92
C GLY F 218 15.96 28.10 -33.51
N LEU F 219 15.45 28.15 -32.28
CA LEU F 219 15.08 29.44 -31.71
C LEU F 219 16.29 30.35 -31.61
N ALA F 220 17.44 29.79 -31.21
CA ALA F 220 18.67 30.57 -31.13
C ALA F 220 19.15 31.00 -32.50
N GLN F 221 18.99 30.13 -33.50
CA GLN F 221 19.37 30.49 -34.87
C GLN F 221 18.50 31.62 -35.40
N ARG F 222 17.21 31.59 -35.09
CA ARG F 222 16.33 32.66 -35.50
C ARG F 222 16.60 33.94 -34.72
N ILE F 223 17.16 33.81 -33.51
CA ILE F 223 17.64 34.99 -32.80
C ILE F 223 18.83 35.60 -33.53
N ILE F 224 19.74 34.75 -34.01
CA ILE F 224 20.91 35.27 -34.70
C ILE F 224 20.52 35.83 -36.07
N ASN F 225 19.65 35.13 -36.79
CA ASN F 225 19.22 35.61 -38.11
C ASN F 225 18.14 36.68 -38.05
N GLY F 226 17.76 37.13 -36.85
CA GLY F 226 16.84 38.24 -36.74
C GLY F 226 15.40 37.96 -37.11
N GLU F 227 15.00 36.69 -37.16
CA GLU F 227 13.67 36.31 -37.60
C GLU F 227 12.71 36.10 -36.44
N VAL F 228 12.88 36.88 -35.37
CA VAL F 228 12.08 36.78 -34.15
C VAL F 228 11.35 38.10 -33.98
N PRO F 229 10.39 38.22 -33.06
CA PRO F 229 9.87 39.55 -32.71
C PRO F 229 10.91 40.40 -32.01
N GLU F 230 10.56 41.68 -31.84
CA GLU F 230 11.53 42.73 -31.55
C GLU F 230 12.12 42.59 -30.16
N GLY F 231 11.32 42.18 -29.18
CA GLY F 231 11.84 42.04 -27.82
C GLY F 231 12.83 40.92 -27.68
N LEU F 232 12.72 39.90 -28.52
CA LEU F 232 13.71 38.83 -28.51
C LEU F 232 14.96 39.18 -29.28
N LYS F 233 14.98 40.30 -30.00
CA LYS F 233 16.14 40.64 -30.81
C LYS F 233 17.27 41.14 -29.91
N GLY F 234 18.14 40.23 -29.49
CA GLY F 234 19.23 40.60 -28.62
C GLY F 234 19.34 39.69 -27.42
N ARG F 235 18.61 38.58 -27.45
CA ARG F 235 18.70 37.65 -26.34
C ARG F 235 19.93 36.75 -26.50
N ARG F 236 20.25 36.05 -25.42
CA ARG F 236 21.34 35.08 -25.39
C ARG F 236 20.77 33.78 -24.85
N VAL F 237 20.92 32.71 -25.62
CA VAL F 237 20.45 31.40 -25.20
C VAL F 237 21.64 30.65 -24.59
N LEU F 238 21.51 30.24 -23.34
CA LEU F 238 22.54 29.48 -22.66
C LEU F 238 21.99 28.15 -22.19
N ALA F 239 22.77 27.10 -22.39
CA ALA F 239 22.36 25.72 -22.13
C ALA F 239 23.06 25.23 -20.88
N LEU F 240 22.39 25.38 -19.74
CA LEU F 240 22.96 24.91 -18.48
C LEU F 240 22.87 23.39 -18.41
N ASP F 241 24.01 22.76 -18.20
CA ASP F 241 24.08 21.32 -18.03
C ASP F 241 23.75 20.97 -16.59
N MET F 242 22.83 20.03 -16.41
CA MET F 242 22.65 19.41 -15.10
C MET F 242 23.88 18.60 -14.72
N GLY F 243 24.56 18.01 -15.69
CA GLY F 243 25.65 17.10 -15.38
C GLY F 243 26.97 17.76 -15.09
N ALA F 244 27.18 18.97 -15.61
CA ALA F 244 28.46 19.65 -15.45
C ALA F 244 28.71 20.13 -14.04
N LEU F 245 27.68 20.24 -13.22
CA LEU F 245 27.73 20.98 -11.98
C LEU F 245 28.05 20.15 -10.76
N VAL F 246 27.98 18.82 -10.87
CA VAL F 246 27.57 17.99 -9.73
C VAL F 246 28.69 17.90 -8.69
N ALA F 247 29.81 17.28 -9.04
CA ALA F 247 30.68 16.73 -8.02
C ALA F 247 32.11 17.27 -8.02
N GLY F 248 32.27 18.57 -8.00
CA GLY F 248 33.53 19.10 -7.50
C GLY F 248 33.56 19.30 -6.00
N ALA F 249 32.59 18.72 -5.28
CA ALA F 249 32.27 19.09 -3.91
C ALA F 249 32.68 18.01 -2.93
N LYS F 250 33.64 18.33 -2.07
CA LYS F 250 33.80 17.61 -0.81
C LYS F 250 33.12 18.36 0.34
N TYR F 251 32.94 19.67 0.20
CA TYR F 251 32.39 20.49 1.25
C TYR F 251 30.87 20.27 1.34
N ARG F 252 30.26 20.95 2.31
CA ARG F 252 28.82 20.79 2.55
C ARG F 252 28.05 21.79 1.67
N GLY F 253 28.11 21.55 0.35
CA GLY F 253 27.32 22.32 -0.58
C GLY F 253 28.09 23.24 -1.51
N GLU F 254 29.28 22.81 -1.96
CA GLU F 254 30.04 23.58 -2.93
C GLU F 254 29.31 23.67 -4.26
N PHE F 255 28.59 22.61 -4.61
CA PHE F 255 27.63 22.61 -5.72
C PHE F 255 26.62 23.75 -5.61
N GLU F 256 26.07 23.92 -4.41
CA GLU F 256 25.16 25.03 -4.15
C GLU F 256 25.84 26.38 -4.25
N GLU F 257 27.12 26.46 -3.87
CA GLU F 257 27.86 27.70 -4.01
C GLU F 257 28.05 28.08 -5.47
N ARG F 258 28.44 27.11 -6.29
CA ARG F 258 28.67 27.38 -7.71
C ARG F 258 27.37 27.74 -8.42
N LEU F 259 26.28 27.05 -8.06
CA LEU F 259 24.99 27.38 -8.65
C LEU F 259 24.50 28.74 -8.18
N LYS F 260 24.82 29.13 -6.94
CA LYS F 260 24.48 30.46 -6.47
C LYS F 260 25.26 31.52 -7.21
N GLY F 261 26.53 31.25 -7.52
CA GLY F 261 27.32 32.18 -8.30
C GLY F 261 26.78 32.34 -9.71
N VAL F 262 26.31 31.23 -10.31
CA VAL F 262 25.69 31.30 -11.63
C VAL F 262 24.41 32.11 -11.59
N LEU F 263 23.59 31.93 -10.55
CA LEU F 263 22.34 32.68 -10.47
C LEU F 263 22.57 34.15 -10.19
N ASN F 264 23.61 34.48 -9.43
CA ASN F 264 23.95 35.89 -9.28
C ASN F 264 24.47 36.49 -10.57
N ASP F 265 25.17 35.69 -11.39
CA ASP F 265 25.60 36.17 -12.69
C ASP F 265 24.40 36.41 -13.61
N LEU F 266 23.40 35.55 -13.53
CA LEU F 266 22.21 35.77 -14.35
C LEU F 266 21.34 36.89 -13.81
N ALA F 267 21.45 37.22 -12.53
CA ALA F 267 20.86 38.44 -12.04
C ALA F 267 21.62 39.66 -12.55
N LYS F 268 22.94 39.52 -12.70
CA LYS F 268 23.76 40.60 -13.23
C LYS F 268 23.47 40.85 -14.71
N GLN F 269 23.12 39.81 -15.47
CA GLN F 269 22.84 40.00 -16.89
C GLN F 269 21.48 40.64 -17.16
N GLU F 270 20.65 40.82 -16.12
CA GLU F 270 19.49 41.73 -16.13
C GLU F 270 18.40 41.30 -17.11
N GLY F 271 17.91 40.07 -16.95
CA GLY F 271 16.73 39.64 -17.68
C GLY F 271 16.93 39.44 -19.17
N ASN F 272 18.17 39.31 -19.61
CA ASN F 272 18.47 39.16 -21.04
C ASN F 272 18.71 37.70 -21.41
N VAL F 273 19.46 36.98 -20.59
CA VAL F 273 19.87 35.62 -20.92
C VAL F 273 18.70 34.68 -20.76
N ILE F 274 18.37 33.94 -21.81
CA ILE F 274 17.36 32.91 -21.77
C ILE F 274 18.06 31.59 -21.49
N LEU F 275 17.68 30.93 -20.41
CA LEU F 275 18.38 29.73 -19.98
C LEU F 275 17.74 28.49 -20.58
N PHE F 276 18.59 27.53 -20.97
CA PHE F 276 18.11 26.23 -21.42
C PHE F 276 18.51 25.15 -20.44
N ILE F 277 17.55 24.29 -20.13
CA ILE F 277 17.79 23.07 -19.36
C ILE F 277 16.95 21.97 -20.01
N ASP F 278 17.57 20.86 -20.35
CA ASP F 278 16.78 19.67 -20.66
C ASP F 278 16.78 18.74 -19.46
N ALA F 279 15.83 17.80 -19.48
CA ALA F 279 15.55 16.87 -18.39
C ALA F 279 15.33 17.63 -17.08
N LEU F 280 14.25 18.41 -17.07
CA LEU F 280 13.97 19.33 -15.98
C LEU F 280 13.63 18.60 -14.68
N HIS F 281 13.31 17.31 -14.75
CA HIS F 281 13.16 16.51 -13.55
C HIS F 281 14.46 16.42 -12.76
N THR F 282 15.60 16.50 -13.44
CA THR F 282 16.87 16.53 -12.75
C THR F 282 17.05 17.85 -12.00
N MET F 283 16.42 18.91 -12.49
CA MET F 283 16.40 20.14 -11.71
C MET F 283 15.57 19.97 -10.43
N VAL F 284 14.53 19.14 -10.46
CA VAL F 284 13.71 18.91 -9.28
C VAL F 284 14.49 18.10 -8.23
N GLY F 285 14.94 16.89 -8.61
CA GLY F 285 15.73 16.08 -7.69
C GLY F 285 17.09 15.64 -8.18
N ALA F 286 18.16 16.25 -7.64
CA ALA F 286 19.53 15.87 -7.95
C ALA F 286 20.45 15.92 -6.73
N GLY F 287 19.91 16.11 -5.53
CA GLY F 287 20.73 16.16 -4.33
C GLY F 287 20.07 16.90 -3.18
N MET F 293 17.02 23.30 -3.70
CA MET F 293 18.16 23.12 -2.83
C MET F 293 19.27 22.54 -3.66
N ASP F 294 18.96 21.45 -4.36
CA ASP F 294 19.89 20.97 -5.36
C ASP F 294 19.80 21.83 -6.61
N ALA F 295 18.64 21.84 -7.27
CA ALA F 295 18.42 22.80 -8.34
C ALA F 295 16.99 23.31 -8.39
N GLY F 296 16.09 22.79 -7.57
CA GLY F 296 14.72 23.23 -7.67
C GLY F 296 14.44 24.42 -6.80
N ASN F 297 14.74 24.30 -5.52
CA ASN F 297 14.42 25.32 -4.52
C ASN F 297 15.55 26.32 -4.32
N MET F 298 16.71 26.12 -4.95
CA MET F 298 17.59 27.23 -5.22
C MET F 298 17.08 28.10 -6.34
N LEU F 299 16.23 27.54 -7.20
CA LEU F 299 15.72 28.23 -8.36
C LEU F 299 14.24 28.52 -8.29
N LYS F 300 13.49 27.81 -7.45
CA LYS F 300 12.10 28.17 -7.17
C LYS F 300 11.91 29.62 -6.74
N PRO F 301 12.82 30.28 -6.00
CA PRO F 301 12.78 31.75 -5.99
C PRO F 301 13.03 32.37 -7.35
N ALA F 302 14.12 31.96 -8.02
CA ALA F 302 14.51 32.60 -9.27
C ALA F 302 13.57 32.27 -10.41
N LEU F 303 12.78 31.22 -10.29
CA LEU F 303 11.69 30.95 -11.21
C LEU F 303 10.43 31.74 -10.90
N ALA F 304 10.48 32.62 -9.92
CA ALA F 304 9.37 33.53 -9.68
C ALA F 304 9.81 34.95 -9.45
N ARG F 305 11.12 35.21 -9.39
CA ARG F 305 11.62 36.56 -9.18
C ARG F 305 12.05 37.24 -10.48
N GLY F 306 11.73 36.65 -11.63
CA GLY F 306 11.97 37.31 -12.90
C GLY F 306 13.41 37.42 -13.33
N GLU F 307 14.34 36.81 -12.59
CA GLU F 307 15.75 36.85 -12.93
C GLU F 307 16.16 35.69 -13.82
N LEU F 308 15.21 34.89 -14.27
CA LEU F 308 15.54 33.65 -14.98
C LEU F 308 14.42 33.31 -15.94
N HIS F 309 14.79 32.91 -17.14
CA HIS F 309 13.80 32.57 -18.15
C HIS F 309 14.06 31.18 -18.71
N CYS F 310 14.10 30.19 -17.82
CA CYS F 310 14.43 28.82 -18.17
C CYS F 310 13.47 28.24 -19.19
N VAL F 311 14.01 27.41 -20.07
CA VAL F 311 13.25 26.69 -21.07
C VAL F 311 13.45 25.20 -20.80
N GLY F 312 12.44 24.55 -20.27
CA GLY F 312 12.57 23.17 -19.92
C GLY F 312 12.41 22.25 -21.11
N ALA F 313 12.78 20.98 -20.90
CA ALA F 313 12.62 19.97 -21.93
C ALA F 313 12.61 18.62 -21.23
N THR F 314 11.48 17.93 -21.27
CA THR F 314 11.36 16.64 -20.60
C THR F 314 10.24 15.83 -21.24
N THR F 315 10.17 14.56 -20.83
CA THR F 315 9.15 13.65 -21.30
C THR F 315 7.85 13.92 -20.51
N LEU F 316 6.75 13.28 -20.94
CA LEU F 316 5.46 13.52 -20.29
C LEU F 316 5.43 12.94 -18.89
N ASP F 317 6.11 11.81 -18.67
CA ASP F 317 6.05 11.11 -17.40
C ASP F 317 6.69 11.93 -16.29
N GLU F 318 7.83 12.55 -16.58
CA GLU F 318 8.48 13.38 -15.57
C GLU F 318 7.72 14.68 -15.35
N TYR F 319 7.02 15.18 -16.37
CA TYR F 319 6.19 16.35 -16.14
C TYR F 319 4.98 16.00 -15.30
N ARG F 320 4.39 14.83 -15.54
CA ARG F 320 3.18 14.46 -14.83
C ARG F 320 3.47 14.16 -13.37
N GLN F 321 4.66 13.65 -13.07
CA GLN F 321 5.05 13.40 -11.69
C GLN F 321 5.70 14.62 -11.04
N TYR F 322 6.86 15.01 -11.52
CA TYR F 322 7.75 15.83 -10.72
C TYR F 322 7.52 17.32 -10.91
N ILE F 323 6.55 17.71 -11.74
CA ILE F 323 6.23 19.11 -11.99
C ILE F 323 4.77 19.42 -11.72
N GLU F 324 3.84 18.56 -12.17
CA GLU F 324 2.42 18.77 -11.90
C GLU F 324 2.12 18.70 -10.41
N LYS F 325 2.85 17.87 -9.67
CA LYS F 325 2.65 17.75 -8.24
C LYS F 325 3.08 19.01 -7.50
N ASP F 326 4.25 19.53 -7.85
CA ASP F 326 4.91 20.56 -7.06
C ASP F 326 4.21 21.89 -7.36
N ALA F 327 3.25 22.24 -6.51
CA ALA F 327 2.30 23.30 -6.83
C ALA F 327 2.93 24.70 -6.76
N ALA F 328 4.06 24.84 -6.08
CA ALA F 328 4.83 26.08 -6.15
C ALA F 328 5.77 26.09 -7.35
N LEU F 329 5.61 25.13 -8.26
CA LEU F 329 6.32 25.05 -9.51
C LEU F 329 5.37 24.82 -10.68
N GLU F 330 4.17 24.33 -10.39
CA GLU F 330 3.19 23.89 -11.38
C GLU F 330 2.65 25.01 -12.25
N ARG F 331 2.60 26.24 -11.74
CA ARG F 331 2.12 27.36 -12.53
C ARG F 331 3.23 28.36 -12.86
N ARG F 332 4.47 27.89 -12.94
CA ARG F 332 5.51 28.60 -13.65
C ARG F 332 5.91 27.89 -14.95
N PHE F 333 5.02 27.04 -15.49
CA PHE F 333 5.35 26.25 -16.66
C PHE F 333 4.12 25.95 -17.51
N GLN F 334 4.28 26.06 -18.81
CA GLN F 334 3.28 25.69 -19.79
C GLN F 334 3.74 24.52 -20.63
N LYS F 335 2.78 23.74 -21.12
CA LYS F 335 3.05 22.52 -21.88
C LYS F 335 3.07 22.83 -23.37
N VAL F 336 4.21 23.27 -23.86
CA VAL F 336 4.33 23.47 -25.30
C VAL F 336 4.49 22.09 -25.90
N PHE F 337 3.39 21.51 -26.36
CA PHE F 337 3.40 20.12 -26.77
C PHE F 337 4.14 19.97 -28.09
N VAL F 338 5.13 19.08 -28.13
CA VAL F 338 5.89 18.80 -29.34
C VAL F 338 5.59 17.37 -29.73
N ALA F 339 4.96 17.18 -30.87
CA ALA F 339 4.60 15.85 -31.33
C ALA F 339 5.68 15.30 -32.25
N GLU F 340 5.61 14.00 -32.46
CA GLU F 340 6.53 13.34 -33.37
C GLU F 340 6.21 13.77 -34.80
N PRO F 341 7.22 14.17 -35.58
CA PRO F 341 6.94 14.59 -36.96
C PRO F 341 6.53 13.40 -37.82
N SER F 342 5.86 13.70 -38.92
CA SER F 342 5.31 12.66 -39.76
C SER F 342 6.39 12.12 -40.70
N VAL F 343 5.97 11.29 -41.64
CA VAL F 343 6.90 10.72 -42.60
C VAL F 343 7.42 11.80 -43.54
N GLU F 344 6.51 12.57 -44.14
CA GLU F 344 6.90 13.62 -45.07
C GLU F 344 7.65 14.75 -44.37
N ASP F 345 7.30 15.01 -43.10
CA ASP F 345 8.07 15.97 -42.31
C ASP F 345 9.48 15.46 -42.07
N THR F 346 9.62 14.15 -41.84
CA THR F 346 10.95 13.59 -41.63
C THR F 346 11.75 13.63 -42.92
N ILE F 347 11.08 13.44 -44.06
CA ILE F 347 11.71 13.65 -45.36
C ILE F 347 12.22 15.08 -45.49
N ALA F 348 11.40 16.04 -45.06
CA ALA F 348 11.80 17.45 -45.13
C ALA F 348 12.99 17.74 -44.24
N ILE F 349 13.07 17.10 -43.08
CA ILE F 349 14.22 17.30 -42.21
C ILE F 349 15.46 16.65 -42.80
N LEU F 350 15.28 15.50 -43.46
CA LEU F 350 16.42 14.80 -44.03
C LEU F 350 16.94 15.50 -45.29
N ARG F 351 16.10 16.25 -45.98
CA ARG F 351 16.53 16.89 -47.21
C ARG F 351 17.47 18.06 -46.98
N GLY F 352 17.60 18.54 -45.75
CA GLY F 352 18.58 19.57 -45.48
C GLY F 352 19.84 19.00 -44.89
N LEU F 353 19.69 17.99 -44.04
CA LEU F 353 20.86 17.40 -43.38
C LEU F 353 21.57 16.39 -44.28
N LYS F 354 20.99 16.04 -45.43
CA LYS F 354 21.73 15.32 -46.46
C LYS F 354 22.95 16.10 -46.91
N GLU F 355 22.82 17.42 -46.98
CA GLU F 355 23.94 18.30 -47.29
C GLU F 355 25.02 18.20 -46.21
N ARG F 356 24.62 17.95 -44.97
CA ARG F 356 25.61 17.75 -43.92
C ARG F 356 26.21 16.36 -43.99
N TYR F 357 25.40 15.35 -44.24
CA TYR F 357 25.79 13.96 -44.11
C TYR F 357 26.46 13.40 -45.34
N GLU F 358 27.08 14.25 -46.15
CA GLU F 358 27.93 13.74 -47.22
C GLU F 358 29.32 14.32 -47.05
N LEU F 359 29.40 15.53 -46.51
CA LEU F 359 30.68 16.18 -46.31
C LEU F 359 31.48 15.57 -45.19
N HIS F 360 30.86 14.84 -44.29
CA HIS F 360 31.64 14.10 -43.32
C HIS F 360 32.05 12.73 -43.84
N HIS F 361 31.25 12.12 -44.70
CA HIS F 361 31.44 10.73 -45.06
C HIS F 361 31.75 10.50 -46.53
N HIS F 362 32.01 11.57 -47.28
CA HIS F 362 32.71 11.50 -48.56
C HIS F 362 31.89 10.76 -49.62
N VAL F 363 30.57 10.76 -49.47
CA VAL F 363 29.71 9.96 -50.33
C VAL F 363 28.57 10.78 -50.92
N GLN F 364 27.63 10.10 -51.57
CA GLN F 364 26.47 10.72 -52.18
C GLN F 364 25.23 9.99 -51.68
N ILE F 365 24.13 10.72 -51.51
CA ILE F 365 22.88 10.17 -51.00
C ILE F 365 21.78 10.50 -51.99
N THR F 366 20.93 9.52 -52.29
CA THR F 366 19.86 9.67 -53.26
C THR F 366 18.52 9.61 -52.56
N ASP F 367 17.60 10.49 -52.98
CA ASP F 367 16.30 10.71 -52.35
C ASP F 367 15.34 9.51 -52.29
N PRO F 368 15.25 8.59 -53.29
CA PRO F 368 14.43 7.39 -53.08
C PRO F 368 14.92 6.51 -51.93
N ALA F 369 16.23 6.44 -51.72
CA ALA F 369 16.75 5.76 -50.54
C ALA F 369 16.31 6.47 -49.26
N ILE F 370 16.18 7.79 -49.31
CA ILE F 370 15.77 8.55 -48.13
C ILE F 370 14.31 8.27 -47.80
N VAL F 371 13.44 8.31 -48.81
CA VAL F 371 12.02 8.09 -48.54
C VAL F 371 11.76 6.63 -48.17
N ALA F 372 12.52 5.69 -48.74
CA ALA F 372 12.38 4.30 -48.35
C ALA F 372 12.91 4.07 -46.95
N ALA F 373 13.96 4.80 -46.56
CA ALA F 373 14.51 4.69 -45.22
C ALA F 373 13.51 5.20 -44.19
N ALA F 374 12.87 6.34 -44.49
CA ALA F 374 11.87 6.89 -43.58
C ALA F 374 10.67 5.97 -43.48
N THR F 375 10.26 5.38 -44.60
CA THR F 375 9.12 4.48 -44.61
C THR F 375 9.40 3.22 -43.81
N LEU F 376 10.55 2.58 -44.04
CA LEU F 376 10.86 1.35 -43.33
C LEU F 376 11.21 1.61 -41.87
N SER F 377 11.71 2.80 -41.56
CA SER F 377 11.99 3.15 -40.17
C SER F 377 10.69 3.31 -39.39
N HIS F 378 9.74 4.05 -39.96
CA HIS F 378 8.44 4.17 -39.32
C HIS F 378 7.68 2.86 -39.29
N ARG F 379 7.95 1.96 -40.24
CA ARG F 379 7.21 0.71 -40.24
C ARG F 379 7.80 -0.32 -39.27
N TYR F 380 9.14 -0.38 -39.16
CA TYR F 380 9.78 -1.50 -38.49
C TYR F 380 10.45 -1.15 -37.17
N ILE F 381 11.33 -0.16 -37.15
CA ILE F 381 11.98 0.23 -35.89
C ILE F 381 10.95 0.97 -35.04
N ALA F 382 10.61 0.39 -33.88
CA ALA F 382 9.59 0.97 -33.03
C ALA F 382 10.09 1.31 -31.63
N ASP F 383 11.34 1.01 -31.30
CA ASP F 383 11.88 1.44 -30.01
C ASP F 383 12.05 2.95 -30.00
N ARG F 384 12.89 3.46 -30.87
CA ARG F 384 13.07 4.90 -30.99
C ARG F 384 12.01 5.44 -31.94
N GLN F 385 12.07 6.73 -32.22
CA GLN F 385 11.02 7.40 -32.98
C GLN F 385 11.63 8.26 -34.07
N LEU F 386 10.75 8.83 -34.87
CA LEU F 386 11.16 9.84 -35.83
C LEU F 386 11.49 11.12 -35.09
N PRO F 387 12.41 11.94 -35.61
CA PRO F 387 13.23 11.79 -36.80
C PRO F 387 14.56 11.16 -36.48
N ASP F 388 14.76 10.79 -35.22
CA ASP F 388 16.06 10.33 -34.76
C ASP F 388 16.48 9.03 -35.43
N LYS F 389 15.54 8.12 -35.64
CA LYS F 389 15.89 6.81 -36.16
C LYS F 389 16.20 6.89 -37.66
N ALA F 390 15.52 7.76 -38.40
CA ALA F 390 15.85 7.95 -39.80
C ALA F 390 17.24 8.55 -39.96
N ILE F 391 17.57 9.49 -39.08
CA ILE F 391 18.89 10.11 -39.10
C ILE F 391 19.97 9.10 -38.76
N ASP F 392 19.70 8.23 -37.80
CA ASP F 392 20.69 7.20 -37.48
C ASP F 392 20.82 6.17 -38.59
N LEU F 393 19.74 5.88 -39.32
CA LEU F 393 19.86 5.00 -40.47
C LEU F 393 20.71 5.62 -41.56
N ILE F 394 20.52 6.91 -41.81
CA ILE F 394 21.31 7.60 -42.84
C ILE F 394 22.79 7.65 -42.44
N ASP F 395 23.07 7.97 -41.18
CA ASP F 395 24.44 8.07 -40.72
C ASP F 395 25.12 6.71 -40.70
N GLU F 396 24.38 5.65 -40.35
CA GLU F 396 24.98 4.33 -40.35
C GLU F 396 25.19 3.81 -41.76
N ALA F 397 24.33 4.22 -42.70
CA ALA F 397 24.57 3.89 -44.11
C ALA F 397 25.79 4.61 -44.63
N ALA F 398 25.98 5.85 -44.18
CA ALA F 398 27.19 6.60 -44.53
C ALA F 398 28.43 5.92 -43.98
N SER F 399 28.34 5.37 -42.77
CA SER F 399 29.46 4.62 -42.21
C SER F 399 29.70 3.33 -42.97
N SER F 400 28.63 2.69 -43.46
CA SER F 400 28.78 1.45 -44.21
C SER F 400 29.48 1.68 -45.54
N ILE F 401 29.12 2.76 -46.23
CA ILE F 401 29.80 3.05 -47.49
C ILE F 401 31.20 3.57 -47.23
N ARG F 402 31.42 4.25 -46.11
CA ARG F 402 32.77 4.68 -45.74
C ARG F 402 33.67 3.48 -45.48
N MET F 403 33.12 2.44 -44.88
CA MET F 403 33.88 1.21 -44.69
C MET F 403 34.15 0.52 -46.02
N GLN F 404 33.14 0.38 -46.87
CA GLN F 404 33.33 -0.32 -48.14
C GLN F 404 34.23 0.44 -49.10
N ILE F 405 34.36 1.75 -48.94
CA ILE F 405 35.33 2.50 -49.73
C ILE F 405 36.71 2.44 -49.11
N ASP F 406 36.81 2.66 -47.80
CA ASP F 406 38.12 2.79 -47.18
C ASP F 406 38.82 1.44 -47.06
N SER F 407 38.07 0.38 -46.78
CA SER F 407 38.65 -0.94 -46.66
C SER F 407 38.52 -1.73 -47.96
N PRO F 409 39.61 -4.53 -50.19
CA PRO F 409 38.51 -5.24 -50.85
C PRO F 409 38.59 -6.75 -50.62
N GLU F 410 37.65 -7.49 -51.19
CA GLU F 410 37.56 -8.92 -50.91
C GLU F 410 38.53 -9.71 -51.78
N GLU F 411 38.58 -9.37 -53.08
CA GLU F 411 39.46 -10.07 -54.00
C GLU F 411 40.92 -9.79 -53.68
N LEU F 412 41.23 -8.62 -53.11
CA LEU F 412 42.58 -8.37 -52.64
C LEU F 412 42.94 -9.28 -51.48
N ASP F 413 41.99 -9.57 -50.61
CA ASP F 413 42.24 -10.49 -49.50
C ASP F 413 42.44 -11.92 -50.01
N ARG F 414 41.62 -12.34 -50.98
CA ARG F 414 41.77 -13.66 -51.59
C ARG F 414 43.12 -13.78 -52.28
N LEU F 415 43.51 -12.75 -53.03
CA LEU F 415 44.79 -12.78 -53.73
C LEU F 415 45.96 -12.71 -52.77
N ASP F 416 45.84 -11.98 -51.66
CA ASP F 416 46.94 -11.86 -50.72
C ASP F 416 47.15 -13.16 -49.96
N ARG F 417 46.05 -13.80 -49.55
CA ARG F 417 46.15 -15.10 -48.92
C ARG F 417 46.69 -16.15 -49.88
N ARG F 418 46.31 -16.07 -51.16
CA ARG F 418 46.80 -17.01 -52.14
C ARG F 418 48.29 -16.83 -52.39
N ILE F 419 48.75 -15.57 -52.50
CA ILE F 419 50.17 -15.36 -52.79
C ILE F 419 51.02 -15.68 -51.58
N ILE F 420 50.51 -15.47 -50.36
CA ILE F 420 51.33 -15.81 -49.20
C ILE F 420 51.33 -17.33 -48.99
N GLN F 421 50.26 -18.01 -49.40
CA GLN F 421 50.24 -19.47 -49.30
C GLN F 421 51.17 -20.10 -50.32
N LEU F 422 51.16 -19.59 -51.55
CA LEU F 422 52.07 -20.11 -52.56
C LEU F 422 53.51 -19.69 -52.27
N LYS F 423 53.70 -18.58 -51.55
CA LYS F 423 55.02 -18.20 -51.09
C LYS F 423 55.53 -19.17 -50.04
N LEU F 424 54.64 -19.62 -49.15
CA LEU F 424 54.96 -20.68 -48.20
C LEU F 424 55.36 -21.97 -48.91
N GLU F 425 54.59 -22.36 -49.94
CA GLU F 425 54.88 -23.60 -50.65
C GLU F 425 56.18 -23.52 -51.44
N GLN F 426 56.44 -22.37 -52.06
CA GLN F 426 57.66 -22.23 -52.85
C GLN F 426 58.88 -22.12 -51.96
N GLN F 427 58.74 -21.48 -50.80
CA GLN F 427 59.83 -21.47 -49.81
C GLN F 427 60.06 -22.86 -49.24
N ALA F 428 59.00 -23.68 -49.18
CA ALA F 428 59.15 -25.06 -48.72
C ALA F 428 59.88 -25.91 -49.74
N LEU F 429 59.58 -25.72 -51.04
CA LEU F 429 60.16 -26.60 -52.06
C LEU F 429 61.63 -26.28 -52.34
N MET F 430 62.15 -25.18 -51.83
CA MET F 430 63.56 -24.88 -51.97
C MET F 430 64.40 -25.69 -50.99
N LEU F 441 60.53 -28.84 -61.22
CA LEU F 441 59.23 -29.14 -60.64
C LEU F 441 58.38 -27.89 -60.51
N ASP F 442 59.07 -26.77 -60.25
CA ASP F 442 58.55 -25.64 -59.50
C ASP F 442 57.20 -25.07 -59.95
N MET F 443 57.17 -24.40 -61.10
CA MET F 443 55.99 -23.78 -61.76
C MET F 443 55.33 -22.66 -60.95
N LEU F 444 55.81 -22.46 -59.72
CA LEU F 444 55.08 -21.72 -58.71
C LEU F 444 55.71 -20.35 -58.64
N ASN F 445 56.96 -20.25 -59.10
CA ASN F 445 57.55 -18.96 -59.42
C ASN F 445 56.72 -18.26 -60.49
N GLU F 446 56.33 -19.00 -61.53
CA GLU F 446 55.53 -18.43 -62.60
C GLU F 446 54.11 -18.11 -62.14
N GLU F 447 53.48 -19.04 -61.41
CA GLU F 447 52.14 -18.79 -60.89
C GLU F 447 52.11 -17.64 -59.89
N LEU F 448 53.12 -17.55 -59.04
CA LEU F 448 53.21 -16.49 -58.05
C LEU F 448 53.49 -15.15 -58.72
N SER F 449 54.29 -15.15 -59.79
CA SER F 449 54.58 -13.93 -60.52
C SER F 449 53.33 -13.41 -61.22
N ASP F 450 52.53 -14.33 -61.78
CA ASP F 450 51.26 -13.95 -62.40
C ASP F 450 50.31 -13.37 -61.36
N LYS F 451 50.20 -14.01 -60.21
CA LYS F 451 49.28 -13.52 -59.18
C LYS F 451 49.77 -12.22 -58.54
N GLU F 452 51.09 -12.04 -58.43
CA GLU F 452 51.65 -10.78 -57.94
C GLU F 452 51.43 -9.64 -58.93
N ARG F 453 51.54 -9.92 -60.23
CA ARG F 453 51.24 -8.91 -61.23
C ARG F 453 49.77 -8.51 -61.19
N GLN F 454 48.89 -9.51 -61.06
CA GLN F 454 47.45 -9.24 -60.94
C GLN F 454 47.14 -8.44 -59.68
N TYR F 455 47.81 -8.79 -58.56
CA TYR F 455 47.64 -8.08 -57.31
C TYR F 455 48.12 -6.64 -57.40
N SER F 456 49.24 -6.41 -58.10
CA SER F 456 49.76 -5.06 -58.26
C SER F 456 48.85 -4.22 -59.15
N GLU F 457 48.27 -4.84 -60.19
CA GLU F 457 47.33 -4.15 -61.06
C GLU F 457 46.07 -3.74 -60.31
N LEU F 458 45.50 -4.66 -59.53
CA LEU F 458 44.30 -4.35 -58.76
C LEU F 458 44.61 -3.31 -57.67
N GLU F 459 45.82 -3.37 -57.10
CA GLU F 459 46.22 -2.43 -56.07
C GLU F 459 46.38 -1.02 -56.64
N GLU F 460 46.99 -0.91 -57.82
CA GLU F 460 47.15 0.40 -58.45
C GLU F 460 45.82 0.97 -58.89
N GLU F 461 44.93 0.11 -59.38
CA GLU F 461 43.57 0.54 -59.74
C GLU F 461 42.81 1.03 -58.50
N TRP F 462 43.02 0.35 -57.37
CA TRP F 462 42.37 0.74 -56.12
C TRP F 462 42.88 2.08 -55.63
N LYS F 463 44.20 2.32 -55.76
CA LYS F 463 44.75 3.61 -55.36
C LYS F 463 44.29 4.72 -56.28
N ALA F 464 44.11 4.41 -57.56
CA ALA F 464 43.59 5.39 -58.51
C ALA F 464 42.14 5.76 -58.19
N GLU F 465 41.34 4.76 -57.82
CA GLU F 465 39.96 4.99 -57.40
C GLU F 465 39.91 5.85 -56.13
N LYS F 466 40.79 5.56 -55.17
CA LYS F 466 40.82 6.33 -53.93
C LYS F 466 41.25 7.77 -54.17
N ALA F 467 42.18 7.98 -55.11
CA ALA F 467 42.60 9.33 -55.45
C ALA F 467 41.48 10.09 -56.14
N SER F 468 40.71 9.40 -56.99
CA SER F 468 39.57 10.02 -57.66
C SER F 468 38.50 10.46 -56.66
N LEU F 469 38.18 9.59 -55.70
CA LEU F 469 37.19 9.94 -54.69
C LEU F 469 37.69 11.04 -53.75
N SER F 470 39.00 11.06 -53.51
CA SER F 470 39.60 12.11 -52.68
C SER F 470 39.47 13.47 -53.36
N GLY F 471 39.81 13.54 -54.65
CA GLY F 471 39.66 14.78 -55.40
C GLY F 471 38.21 15.23 -55.49
N THR F 472 37.30 14.26 -55.68
CA THR F 472 35.87 14.53 -55.74
C THR F 472 35.34 15.14 -54.45
N GLN F 473 35.70 14.56 -53.30
CA GLN F 473 35.14 15.09 -52.06
C GLN F 473 35.83 16.40 -51.64
N THR F 474 37.11 16.56 -51.97
CA THR F 474 37.76 17.85 -51.70
C THR F 474 37.12 18.96 -52.51
N ILE F 475 36.79 18.70 -53.78
CA ILE F 475 36.21 19.75 -54.59
C ILE F 475 34.72 19.95 -54.25
N LYS F 476 34.09 18.91 -53.69
CA LYS F 476 32.73 19.07 -53.18
C LYS F 476 32.72 19.96 -51.93
N ALA F 477 33.70 19.78 -51.06
CA ALA F 477 33.84 20.64 -49.90
C ALA F 477 34.20 22.06 -50.31
N GLU F 478 34.95 22.20 -51.41
CA GLU F 478 35.22 23.52 -51.97
C GLU F 478 33.93 24.19 -52.46
N LEU F 479 33.04 23.40 -53.07
CA LEU F 479 31.76 23.94 -53.51
C LEU F 479 30.91 24.38 -52.31
N GLU F 480 30.92 23.58 -51.25
CA GLU F 480 30.13 23.94 -50.07
C GLU F 480 30.71 25.16 -49.35
N GLN F 481 32.04 25.26 -49.31
CA GLN F 481 32.66 26.47 -48.75
C GLN F 481 32.41 27.68 -49.64
N ALA F 482 32.25 27.48 -50.94
CA ALA F 482 31.84 28.58 -51.81
C ALA F 482 30.43 29.04 -51.49
N LYS F 483 29.54 28.08 -51.17
CA LYS F 483 28.18 28.43 -50.75
C LYS F 483 28.18 29.18 -49.41
N ILE F 484 29.02 28.74 -48.48
CA ILE F 484 29.15 29.43 -47.19
C ILE F 484 29.73 30.83 -47.38
N ALA F 485 30.66 30.98 -48.31
CA ALA F 485 31.28 32.27 -48.57
C ALA F 485 30.30 33.23 -49.25
N ILE F 486 29.42 32.71 -50.12
CA ILE F 486 28.46 33.62 -50.74
C ILE F 486 27.33 33.95 -49.76
N GLU F 487 27.08 33.08 -48.77
CA GLU F 487 26.19 33.49 -47.68
C GLU F 487 26.83 34.55 -46.79
N GLN F 488 28.14 34.46 -46.55
CA GLN F 488 28.86 35.53 -45.86
C GLN F 488 28.83 36.83 -46.64
N ALA F 489 28.90 36.75 -47.97
CA ALA F 489 28.81 37.96 -48.79
C ALA F 489 27.38 38.50 -48.83
N ARG F 490 26.37 37.64 -48.63
CA ARG F 490 25.01 38.13 -48.46
C ARG F 490 24.84 38.85 -47.13
N ARG F 491 25.41 38.32 -46.05
CA ARG F 491 25.28 38.98 -44.75
C ARG F 491 26.08 40.28 -44.68
N VAL F 492 27.33 40.27 -45.15
CA VAL F 492 28.16 41.46 -45.12
C VAL F 492 27.76 42.48 -46.17
N GLY F 493 27.62 42.08 -47.43
CA GLY F 493 27.19 43.00 -48.46
C GLY F 493 28.28 43.45 -49.40
N ASP F 494 29.19 42.57 -49.79
CA ASP F 494 30.21 42.93 -50.75
C ASP F 494 29.64 42.81 -52.17
N LEU F 495 30.09 43.71 -53.04
CA LEU F 495 29.46 43.89 -54.35
C LEU F 495 29.98 42.89 -55.38
N ALA F 496 31.28 42.94 -55.66
CA ALA F 496 31.87 42.05 -56.64
C ALA F 496 31.99 40.62 -56.12
N ARG F 497 31.97 40.43 -54.80
CA ARG F 497 32.16 39.11 -54.22
C ARG F 497 30.94 38.21 -54.49
N MET F 498 29.74 38.81 -54.44
CA MET F 498 28.50 38.06 -54.72
C MET F 498 28.49 37.48 -56.13
N SER F 499 28.56 38.35 -57.15
CA SER F 499 28.54 37.91 -58.53
C SER F 499 29.76 37.08 -58.90
N GLU F 500 30.93 37.41 -58.32
CA GLU F 500 32.15 36.66 -58.59
C GLU F 500 32.03 35.23 -58.07
N LEU F 501 31.67 35.06 -56.79
CA LEU F 501 31.50 33.74 -56.20
C LEU F 501 30.41 32.94 -56.90
N GLN F 502 29.29 33.59 -57.23
CA GLN F 502 28.22 32.91 -57.95
C GLN F 502 28.68 32.42 -59.32
N TYR F 503 28.95 33.37 -60.24
CA TYR F 503 29.17 33.05 -61.64
C TYR F 503 30.46 32.29 -61.87
N GLY F 504 31.49 32.53 -61.05
CA GLY F 504 32.66 31.68 -61.15
C GLY F 504 32.48 30.37 -60.39
N LYS F 505 32.34 30.44 -59.07
CA LYS F 505 32.63 29.30 -58.21
C LYS F 505 31.53 28.25 -58.26
N ILE F 506 30.27 28.64 -58.49
CA ILE F 506 29.20 27.63 -58.49
C ILE F 506 29.19 26.76 -59.74
N PRO F 507 29.06 27.29 -60.98
CA PRO F 507 28.79 26.37 -62.10
C PRO F 507 29.99 25.53 -62.54
N GLU F 508 31.22 26.05 -62.45
CA GLU F 508 32.36 25.25 -62.90
C GLU F 508 32.66 24.14 -61.89
N LEU F 509 32.52 24.42 -60.59
CA LEU F 509 32.76 23.38 -59.59
C LEU F 509 31.64 22.35 -59.60
N GLU F 510 30.40 22.79 -59.87
CA GLU F 510 29.31 21.82 -60.04
C GLU F 510 29.51 20.93 -61.26
N LYS F 511 29.95 21.49 -62.39
CA LYS F 511 30.08 20.68 -63.59
C LYS F 511 31.30 19.75 -63.52
N GLN F 512 32.39 20.17 -62.87
CA GLN F 512 33.48 19.20 -62.72
C GLN F 512 33.27 18.27 -61.55
N LEU F 513 32.38 18.61 -60.60
CA LEU F 513 31.94 17.62 -59.63
C LEU F 513 31.09 16.55 -60.29
N GLU F 514 30.24 16.94 -61.23
CA GLU F 514 29.49 15.96 -62.01
C GLU F 514 30.37 15.19 -62.98
N ALA F 515 31.45 15.81 -63.48
CA ALA F 515 32.42 15.09 -64.30
C ALA F 515 33.17 14.06 -63.47
N ALA F 516 33.53 14.40 -62.24
CA ALA F 516 34.10 13.42 -61.32
C ALA F 516 33.09 12.34 -60.96
N THR F 517 31.80 12.69 -60.88
CA THR F 517 30.76 11.70 -60.57
C THR F 517 30.62 10.67 -61.69
N GLN F 518 30.53 11.14 -62.93
CA GLN F 518 30.45 10.20 -64.04
C GLN F 518 31.78 9.48 -64.28
N LEU F 519 32.91 10.10 -63.90
CA LEU F 519 34.19 9.42 -63.95
C LEU F 519 34.25 8.27 -62.96
N GLU F 520 33.72 8.48 -61.75
CA GLU F 520 33.63 7.39 -60.77
C GLU F 520 32.62 6.33 -61.22
N GLY F 521 31.56 6.76 -61.91
CA GLY F 521 30.64 5.79 -62.49
C GLY F 521 31.29 4.94 -63.57
N LYS F 522 32.31 5.50 -64.23
CA LYS F 522 33.12 4.72 -65.15
C LYS F 522 34.10 3.81 -64.42
N THR F 523 34.77 4.31 -63.38
CA THR F 523 35.98 3.65 -62.92
C THR F 523 35.80 2.78 -61.67
N MET F 524 34.71 2.94 -60.92
CA MET F 524 34.56 2.19 -59.68
C MET F 524 34.10 0.78 -59.98
N ARG F 525 35.02 -0.17 -59.94
CA ARG F 525 34.70 -1.56 -60.23
C ARG F 525 35.02 -2.48 -59.06
N LEU F 526 36.19 -2.29 -58.46
CA LEU F 526 36.86 -3.30 -57.63
C LEU F 526 36.13 -3.78 -56.38
N LEU F 527 32.01 -0.74 -58.15
CA LEU F 527 31.85 -0.42 -56.74
C LEU F 527 30.76 0.59 -56.46
N ARG F 528 30.76 1.08 -55.22
CA ARG F 528 29.68 1.87 -54.68
C ARG F 528 30.24 3.13 -54.05
N ASN F 529 29.67 4.27 -54.42
CA ASN F 529 29.86 5.51 -53.68
C ASN F 529 28.56 6.15 -53.25
N LYS F 530 27.42 5.68 -53.75
CA LYS F 530 26.12 6.26 -53.42
C LYS F 530 25.51 5.51 -52.24
N VAL F 531 24.33 5.98 -51.85
CA VAL F 531 23.53 5.36 -50.82
C VAL F 531 22.20 5.01 -51.47
N THR F 532 21.96 3.72 -51.68
CA THR F 532 20.75 3.27 -52.33
C THR F 532 19.84 2.56 -51.33
N ASP F 533 18.65 2.18 -51.80
CA ASP F 533 17.70 1.48 -50.94
C ASP F 533 18.17 0.06 -50.61
N ALA F 534 19.02 -0.51 -51.46
CA ALA F 534 19.65 -1.78 -51.13
C ALA F 534 20.56 -1.63 -49.92
N GLU F 535 21.25 -0.50 -49.82
CA GLU F 535 22.04 -0.22 -48.62
C GLU F 535 21.15 0.01 -47.42
N ILE F 536 19.96 0.56 -47.63
CA ILE F 536 18.98 0.69 -46.55
C ILE F 536 18.54 -0.68 -46.06
N ALA F 537 18.33 -1.61 -46.99
CA ALA F 537 18.02 -2.98 -46.61
C ALA F 537 19.18 -3.64 -45.89
N GLU F 538 20.41 -3.31 -46.28
CA GLU F 538 21.58 -3.89 -45.61
C GLU F 538 21.74 -3.38 -44.20
N VAL F 539 21.54 -2.08 -43.99
CA VAL F 539 21.65 -1.52 -42.65
C VAL F 539 20.47 -1.99 -41.79
N LEU F 540 19.31 -2.20 -42.41
CA LEU F 540 18.17 -2.75 -41.68
C LEU F 540 18.39 -4.20 -41.30
N ALA F 541 19.02 -4.98 -42.18
CA ALA F 541 19.25 -6.39 -41.90
C ALA F 541 20.35 -6.58 -40.87
N ARG F 542 21.43 -5.81 -40.97
CA ARG F 542 22.43 -5.84 -39.92
C ARG F 542 21.95 -5.20 -38.63
N TRP F 543 20.90 -4.41 -38.69
CA TRP F 543 20.07 -4.19 -37.53
C TRP F 543 19.22 -5.45 -37.36
N GLU F 553 6.57 -3.51 -52.85
CA GLU F 553 7.23 -4.25 -51.77
C GLU F 553 6.25 -4.76 -50.74
N SER F 554 4.98 -4.36 -50.85
CA SER F 554 3.99 -4.68 -49.83
C SER F 554 2.89 -5.59 -50.37
N GLU F 555 2.13 -5.15 -51.38
CA GLU F 555 0.88 -5.81 -51.73
C GLU F 555 1.12 -7.13 -52.44
N ARG F 556 1.84 -7.08 -53.57
CA ARG F 556 2.05 -8.29 -54.37
C ARG F 556 2.99 -9.26 -53.68
N GLU F 557 4.06 -8.75 -53.07
CA GLU F 557 5.00 -9.60 -52.35
C GLU F 557 4.34 -10.24 -51.14
N LYS F 558 3.54 -9.47 -50.40
CA LYS F 558 2.84 -10.00 -49.24
C LYS F 558 1.76 -10.99 -49.65
N LEU F 559 1.14 -10.78 -50.82
CA LEU F 559 0.17 -11.71 -51.37
C LEU F 559 0.82 -13.05 -51.69
N LEU F 560 1.95 -13.02 -52.41
CA LEU F 560 2.61 -14.25 -52.81
C LEU F 560 3.19 -14.99 -51.61
N ARG F 561 3.77 -14.26 -50.64
CA ARG F 561 4.30 -14.90 -49.44
C ARG F 561 3.19 -15.49 -48.58
N MET F 562 2.03 -14.81 -48.54
CA MET F 562 0.87 -15.34 -47.83
C MET F 562 0.41 -16.66 -48.43
N GLU F 563 0.23 -16.69 -49.76
CA GLU F 563 -0.24 -17.90 -50.41
C GLU F 563 0.79 -19.04 -50.29
N GLN F 564 2.07 -18.70 -50.40
CA GLN F 564 3.11 -19.72 -50.35
C GLN F 564 3.22 -20.31 -48.94
N GLU F 565 3.09 -19.49 -47.89
CA GLU F 565 3.14 -20.04 -46.55
C GLU F 565 1.87 -20.79 -46.17
N LEU F 566 0.73 -20.43 -46.77
CA LEU F 566 -0.46 -21.27 -46.67
C LEU F 566 -0.20 -22.65 -47.24
N HIS F 567 0.45 -22.72 -48.41
CA HIS F 567 0.81 -24.02 -48.95
C HIS F 567 1.91 -24.71 -48.15
N HIS F 568 2.69 -23.94 -47.39
CA HIS F 568 3.75 -24.52 -46.57
C HIS F 568 3.22 -25.21 -45.32
N ARG F 569 2.61 -24.44 -44.41
CA ARG F 569 2.39 -24.97 -43.07
C ARG F 569 1.18 -25.89 -43.01
N VAL F 570 -0.01 -25.36 -43.28
CA VAL F 570 -1.23 -26.16 -43.14
C VAL F 570 -1.34 -27.10 -44.33
N ILE F 571 -1.36 -28.39 -44.05
CA ILE F 571 -1.52 -29.37 -45.11
C ILE F 571 -3.00 -29.49 -45.43
N GLY F 572 -3.29 -29.86 -46.68
CA GLY F 572 -4.66 -29.95 -47.12
C GLY F 572 -5.31 -28.59 -47.29
N GLN F 573 -6.61 -28.66 -47.63
CA GLN F 573 -7.51 -27.51 -47.69
C GLN F 573 -7.04 -26.45 -48.69
N ASN F 574 -6.54 -26.91 -49.84
CA ASN F 574 -6.05 -25.98 -50.86
C ASN F 574 -7.18 -25.14 -51.44
N GLU F 575 -8.40 -25.69 -51.45
CA GLU F 575 -9.58 -24.90 -51.79
C GLU F 575 -9.78 -23.78 -50.80
N ALA F 576 -9.61 -24.06 -49.50
CA ALA F 576 -9.73 -23.03 -48.49
C ALA F 576 -8.56 -22.04 -48.57
N VAL F 577 -7.38 -22.52 -48.97
CA VAL F 577 -6.24 -21.65 -49.22
C VAL F 577 -6.57 -20.63 -50.30
N ASP F 578 -7.16 -21.11 -51.41
CA ASP F 578 -7.55 -20.22 -52.49
C ASP F 578 -8.70 -19.30 -52.09
N ALA F 579 -9.59 -19.78 -51.22
CA ALA F 579 -10.70 -18.95 -50.75
C ALA F 579 -10.20 -17.78 -49.92
N VAL F 580 -9.31 -18.06 -48.97
CA VAL F 580 -8.72 -17.00 -48.15
C VAL F 580 -7.85 -16.09 -49.00
N SER F 581 -7.18 -16.64 -50.01
CA SER F 581 -6.36 -15.82 -50.89
C SER F 581 -7.21 -14.88 -51.75
N ASN F 582 -8.39 -15.36 -52.17
CA ASN F 582 -9.34 -14.50 -52.89
C ASN F 582 -9.85 -13.39 -51.98
N ALA F 583 -10.14 -13.73 -50.73
CA ALA F 583 -10.62 -12.71 -49.80
C ALA F 583 -9.57 -11.67 -49.50
N ILE F 584 -8.30 -12.09 -49.43
CA ILE F 584 -7.20 -11.17 -49.23
C ILE F 584 -7.00 -10.28 -50.46
N ARG F 585 -7.15 -10.86 -51.66
CA ARG F 585 -7.07 -10.06 -52.88
C ARG F 585 -8.24 -9.08 -53.00
N ARG F 586 -9.39 -9.41 -52.42
CA ARG F 586 -10.52 -8.48 -52.47
C ARG F 586 -10.42 -7.40 -51.41
N SER F 587 -9.98 -7.73 -50.20
CA SER F 587 -9.97 -6.74 -49.13
C SER F 587 -8.71 -5.88 -49.14
N ARG F 588 -7.55 -6.47 -49.41
CA ARG F 588 -6.29 -5.74 -49.36
C ARG F 588 -6.04 -4.90 -50.62
N ALA F 589 -6.97 -4.90 -51.58
CA ALA F 589 -6.91 -3.92 -52.66
C ALA F 589 -7.28 -2.53 -52.18
N GLY F 590 -8.02 -2.42 -51.08
CA GLY F 590 -8.45 -1.14 -50.56
C GLY F 590 -9.73 -0.62 -51.16
N LEU F 591 -10.24 -1.27 -52.21
CA LEU F 591 -11.43 -0.81 -52.91
C LEU F 591 -12.73 -1.25 -52.26
N ALA F 592 -12.67 -2.00 -51.16
CA ALA F 592 -13.85 -2.41 -50.43
C ALA F 592 -14.23 -1.34 -49.42
N ASP F 593 -15.13 -1.69 -48.51
CA ASP F 593 -15.58 -0.75 -47.48
C ASP F 593 -14.61 -0.78 -46.30
N PRO F 594 -14.00 0.35 -45.91
CA PRO F 594 -13.23 0.38 -44.67
C PRO F 594 -14.07 0.52 -43.41
N ASN F 595 -15.39 0.47 -43.53
CA ASN F 595 -16.29 0.48 -42.39
C ASN F 595 -16.82 -0.90 -42.04
N ARG F 596 -16.35 -1.93 -42.73
CA ARG F 596 -16.73 -3.31 -42.54
C ARG F 596 -15.54 -4.13 -42.02
N PRO F 597 -15.76 -5.23 -41.32
CA PRO F 597 -14.64 -6.07 -40.91
C PRO F 597 -13.98 -6.76 -42.09
N ILE F 598 -12.69 -7.06 -41.93
CA ILE F 598 -11.87 -7.51 -43.06
C ILE F 598 -12.22 -8.95 -43.43
N GLY F 599 -12.07 -9.88 -42.50
CA GLY F 599 -12.26 -11.29 -42.76
C GLY F 599 -13.42 -11.85 -41.96
N SER F 600 -14.46 -12.27 -42.68
CA SER F 600 -15.63 -12.90 -42.08
C SER F 600 -15.86 -14.22 -42.79
N PHE F 601 -15.79 -15.33 -42.06
CA PHE F 601 -15.86 -16.66 -42.64
C PHE F 601 -16.65 -17.59 -41.75
N LEU F 602 -16.90 -18.78 -42.27
CA LEU F 602 -17.53 -19.87 -41.52
C LEU F 602 -16.79 -21.14 -41.88
N PHE F 603 -16.06 -21.69 -40.92
CA PHE F 603 -15.29 -22.91 -41.16
C PHE F 603 -16.23 -24.10 -41.03
N LEU F 604 -16.46 -24.81 -42.13
CA LEU F 604 -17.38 -25.94 -42.16
C LEU F 604 -16.61 -27.20 -42.52
N GLY F 605 -16.57 -28.15 -41.58
CA GLY F 605 -15.82 -29.36 -41.72
C GLY F 605 -15.65 -30.02 -40.38
N PRO F 606 -15.08 -31.23 -40.36
CA PRO F 606 -14.83 -31.90 -39.07
C PRO F 606 -13.78 -31.17 -38.25
N THR F 607 -13.86 -31.38 -36.93
CA THR F 607 -12.98 -30.68 -36.01
C THR F 607 -11.57 -31.25 -36.07
N GLY F 608 -10.62 -30.48 -35.54
CA GLY F 608 -9.26 -30.94 -35.34
C GLY F 608 -8.49 -31.30 -36.59
N VAL F 609 -8.94 -30.82 -37.76
CA VAL F 609 -8.34 -31.21 -39.03
C VAL F 609 -7.23 -30.25 -39.39
N GLY F 610 -7.01 -29.27 -38.53
CA GLY F 610 -6.15 -28.15 -38.85
C GLY F 610 -6.84 -26.81 -38.81
N LYS F 611 -8.06 -26.75 -38.29
CA LYS F 611 -8.75 -25.47 -38.10
C LYS F 611 -7.96 -24.58 -37.16
N THR F 612 -7.52 -25.16 -36.03
CA THR F 612 -6.60 -24.47 -35.13
C THR F 612 -5.29 -24.16 -35.84
N GLU F 613 -4.81 -25.10 -36.65
CA GLU F 613 -3.59 -24.89 -37.43
C GLU F 613 -3.79 -23.80 -38.47
N LEU F 614 -4.98 -23.74 -39.08
CA LEU F 614 -5.24 -22.70 -40.07
C LEU F 614 -5.31 -21.34 -39.44
N CYS F 615 -5.97 -21.25 -38.28
CA CYS F 615 -6.03 -19.99 -37.53
C CYS F 615 -4.63 -19.54 -37.11
N LYS F 616 -3.80 -20.48 -36.66
CA LYS F 616 -2.45 -20.11 -36.25
C LYS F 616 -1.57 -19.74 -37.44
N ALA F 617 -1.81 -20.33 -38.60
CA ALA F 617 -1.04 -19.93 -39.78
C ALA F 617 -1.46 -18.55 -40.27
N LEU F 618 -2.77 -18.28 -40.22
CA LEU F 618 -3.28 -16.93 -40.50
C LEU F 618 -2.65 -15.91 -39.56
N ALA F 619 -2.58 -16.25 -38.28
CA ALA F 619 -1.98 -15.35 -37.31
C ALA F 619 -0.48 -15.20 -37.52
N ASN F 620 0.20 -16.29 -37.90
CA ASN F 620 1.64 -16.28 -38.04
C ASN F 620 2.08 -15.62 -39.34
N PHE F 621 1.18 -15.43 -40.29
CA PHE F 621 1.56 -14.53 -41.37
C PHE F 621 1.11 -13.10 -41.08
N MET F 622 -0.19 -12.94 -40.79
CA MET F 622 -0.79 -11.62 -40.76
C MET F 622 -0.30 -10.79 -39.58
N PHE F 623 0.02 -11.44 -38.46
CA PHE F 623 0.56 -10.73 -37.31
C PHE F 623 1.80 -11.40 -36.73
N ASP F 624 2.31 -12.44 -37.39
CA ASP F 624 3.68 -12.98 -37.19
C ASP F 624 3.89 -13.57 -35.80
N SER F 625 2.87 -14.27 -35.29
CA SER F 625 2.96 -15.13 -34.12
C SER F 625 1.76 -16.04 -34.13
N ASP F 626 1.91 -17.23 -33.55
CA ASP F 626 0.77 -18.14 -33.44
C ASP F 626 -0.27 -17.61 -32.46
N GLU F 627 0.15 -17.19 -31.27
CA GLU F 627 -0.78 -16.57 -30.34
C GLU F 627 -0.81 -15.05 -30.52
N ALA F 628 -0.85 -14.61 -31.77
CA ALA F 628 -1.25 -13.24 -32.10
C ALA F 628 -2.72 -13.22 -32.49
N MET F 629 -3.55 -13.79 -31.63
CA MET F 629 -4.91 -14.13 -32.00
C MET F 629 -5.75 -14.24 -30.74
N VAL F 630 -7.02 -14.61 -30.93
CA VAL F 630 -7.95 -14.87 -29.85
C VAL F 630 -8.78 -16.09 -30.24
N ARG F 631 -8.77 -17.10 -29.38
CA ARG F 631 -9.67 -18.25 -29.50
C ARG F 631 -10.69 -18.20 -28.38
N ILE F 632 -11.96 -18.14 -28.74
CA ILE F 632 -13.06 -18.17 -27.77
C ILE F 632 -14.11 -19.14 -28.27
N ASP F 633 -14.46 -20.11 -27.44
CA ASP F 633 -15.52 -21.07 -27.77
C ASP F 633 -16.87 -20.44 -27.45
N MET F 634 -17.88 -20.79 -28.25
CA MET F 634 -19.24 -20.33 -28.06
C MET F 634 -20.20 -21.43 -27.65
N SER F 635 -19.69 -22.64 -27.43
CA SER F 635 -20.57 -23.76 -27.08
C SER F 635 -21.10 -23.66 -25.66
N GLU F 636 -20.49 -22.86 -24.80
CA GLU F 636 -20.90 -22.79 -23.41
C GLU F 636 -21.98 -21.75 -23.15
N PHE F 637 -22.47 -21.09 -24.19
CA PHE F 637 -23.27 -19.88 -24.06
C PHE F 637 -24.68 -20.08 -24.62
N MET F 638 -25.28 -21.22 -24.30
CA MET F 638 -26.62 -21.50 -24.78
C MET F 638 -27.71 -20.78 -23.99
N GLU F 639 -27.43 -20.37 -22.76
CA GLU F 639 -28.44 -19.77 -21.90
C GLU F 639 -28.47 -18.25 -22.10
N LYS F 640 -29.22 -17.55 -21.22
CA LYS F 640 -29.26 -16.10 -21.23
C LYS F 640 -27.93 -15.47 -20.82
N HIS F 641 -27.07 -16.23 -20.15
CA HIS F 641 -25.77 -15.72 -19.69
C HIS F 641 -24.76 -15.89 -20.82
N SER F 642 -25.01 -15.17 -21.90
CA SER F 642 -24.07 -15.07 -23.02
C SER F 642 -23.57 -13.65 -23.20
N VAL F 643 -24.48 -12.67 -23.30
CA VAL F 643 -24.04 -11.28 -23.37
C VAL F 643 -23.49 -10.83 -22.03
N SER F 644 -23.92 -11.44 -20.93
CA SER F 644 -23.38 -11.13 -19.63
C SER F 644 -22.07 -11.86 -19.34
N ARG F 645 -21.63 -12.73 -20.26
CA ARG F 645 -20.38 -13.45 -20.08
C ARG F 645 -19.40 -13.27 -21.23
N LEU F 646 -19.89 -13.01 -22.45
CA LEU F 646 -18.98 -12.81 -23.57
C LEU F 646 -18.65 -11.34 -23.75
N VAL F 647 -19.68 -10.50 -23.84
CA VAL F 647 -19.46 -9.08 -24.15
C VAL F 647 -18.89 -8.35 -22.94
N GLY F 648 -19.63 -8.32 -21.84
CA GLY F 648 -19.21 -7.64 -20.64
C GLY F 648 -20.29 -7.67 -19.60
N ALA F 649 -19.93 -7.99 -18.38
CA ALA F 649 -20.90 -8.38 -17.37
C ALA F 649 -21.57 -7.17 -16.74
N PRO F 650 -22.75 -7.34 -16.16
CA PRO F 650 -23.27 -6.33 -15.24
C PRO F 650 -22.45 -6.29 -13.97
N PRO F 651 -22.38 -5.14 -13.31
CA PRO F 651 -21.51 -5.00 -12.13
C PRO F 651 -22.00 -5.80 -10.93
N GLY F 652 -21.26 -6.86 -10.59
CA GLY F 652 -21.53 -7.64 -9.41
C GLY F 652 -22.15 -9.01 -9.65
N TYR F 653 -21.73 -9.70 -10.70
CA TYR F 653 -22.27 -11.02 -11.01
C TYR F 653 -21.13 -11.89 -11.52
N VAL F 654 -21.48 -13.00 -12.18
CA VAL F 654 -20.58 -14.14 -12.33
C VAL F 654 -19.44 -13.83 -13.31
N GLY F 655 -19.77 -13.31 -14.48
CA GLY F 655 -18.76 -13.06 -15.48
C GLY F 655 -18.00 -11.76 -15.37
N TYR F 656 -17.81 -11.23 -14.17
CA TYR F 656 -17.32 -9.85 -14.03
C TYR F 656 -15.81 -9.78 -13.84
N GLU F 657 -15.27 -10.50 -12.84
CA GLU F 657 -13.89 -10.28 -12.39
C GLU F 657 -12.84 -10.93 -13.28
N GLU F 658 -13.16 -11.25 -14.53
CA GLU F 658 -12.14 -11.53 -15.54
C GLU F 658 -12.13 -10.44 -16.61
N GLY F 659 -12.88 -9.36 -16.41
CA GLY F 659 -12.99 -8.33 -17.42
C GLY F 659 -14.10 -8.63 -18.39
N GLY F 660 -13.75 -9.25 -19.52
CA GLY F 660 -14.71 -9.67 -20.51
C GLY F 660 -14.04 -10.58 -21.51
N TYR F 661 -14.79 -11.55 -22.06
CA TYR F 661 -14.18 -12.53 -22.95
C TYR F 661 -13.83 -11.91 -24.30
N LEU F 662 -14.85 -11.44 -25.02
CA LEU F 662 -14.68 -10.99 -26.40
C LEU F 662 -14.20 -9.55 -26.49
N THR F 663 -14.89 -8.63 -25.82
CA THR F 663 -14.63 -7.21 -26.00
C THR F 663 -13.31 -6.81 -25.36
N GLU F 664 -13.03 -7.30 -24.17
CA GLU F 664 -11.85 -6.84 -23.43
C GLU F 664 -10.57 -7.42 -24.00
N ALA F 665 -10.63 -8.54 -24.73
CA ALA F 665 -9.43 -9.06 -25.36
C ALA F 665 -8.98 -8.17 -26.51
N VAL F 666 -9.91 -7.51 -27.18
CA VAL F 666 -9.55 -6.58 -28.24
C VAL F 666 -8.95 -5.31 -27.65
N ARG F 667 -9.42 -4.90 -26.48
CA ARG F 667 -8.79 -3.79 -25.78
C ARG F 667 -7.38 -4.13 -25.32
N ARG F 668 -7.15 -5.40 -24.96
CA ARG F 668 -5.79 -5.84 -24.65
C ARG F 668 -4.97 -5.95 -25.93
N ARG F 669 -5.50 -6.64 -26.94
CA ARG F 669 -4.81 -6.87 -28.21
C ARG F 669 -5.63 -6.27 -29.34
N PRO F 670 -5.39 -5.01 -29.71
CA PRO F 670 -6.07 -4.44 -30.88
C PRO F 670 -5.49 -4.89 -32.22
N TYR F 671 -4.52 -5.79 -32.22
CA TYR F 671 -3.76 -6.13 -33.42
C TYR F 671 -3.67 -7.66 -33.49
N SER F 672 -4.74 -8.32 -33.98
CA SER F 672 -4.87 -9.78 -33.87
C SER F 672 -6.04 -10.26 -34.73
N VAL F 673 -6.38 -11.54 -34.56
CA VAL F 673 -7.44 -12.24 -35.29
C VAL F 673 -8.34 -12.91 -34.28
N ILE F 674 -9.66 -12.84 -34.50
CA ILE F 674 -10.64 -13.33 -33.54
C ILE F 674 -11.31 -14.59 -34.10
N LEU F 675 -11.46 -15.59 -33.25
CA LEU F 675 -12.16 -16.83 -33.60
C LEU F 675 -13.33 -17.03 -32.65
N LEU F 676 -14.47 -17.49 -33.19
CA LEU F 676 -15.62 -17.90 -32.38
C LEU F 676 -15.99 -19.32 -32.80
N ASP F 677 -15.33 -20.30 -32.19
CA ASP F 677 -15.64 -21.69 -32.48
C ASP F 677 -16.99 -22.06 -31.89
N ALA F 678 -17.67 -23.01 -32.57
CA ALA F 678 -18.91 -23.64 -32.14
C ALA F 678 -20.02 -22.60 -31.96
N VAL F 679 -20.32 -21.88 -33.04
CA VAL F 679 -21.31 -20.82 -33.01
C VAL F 679 -22.72 -21.36 -33.22
N GLU F 680 -22.87 -22.67 -33.45
CA GLU F 680 -24.18 -23.27 -33.56
C GLU F 680 -24.90 -23.35 -32.22
N LYS F 681 -24.18 -23.23 -31.11
CA LYS F 681 -24.78 -23.27 -29.78
C LYS F 681 -25.05 -21.87 -29.22
N ALA F 682 -25.35 -20.93 -30.09
CA ALA F 682 -25.38 -19.52 -29.70
C ALA F 682 -26.73 -19.15 -29.09
N HIS F 683 -26.94 -17.85 -28.99
CA HIS F 683 -28.11 -17.21 -28.40
C HIS F 683 -28.35 -15.95 -29.22
N PRO F 684 -29.61 -15.54 -29.39
CA PRO F 684 -29.90 -14.42 -30.33
C PRO F 684 -29.27 -13.09 -29.98
N ASP F 685 -28.91 -12.84 -28.73
CA ASP F 685 -28.15 -11.64 -28.42
C ASP F 685 -26.76 -11.69 -29.03
N VAL F 686 -26.15 -12.88 -29.09
CA VAL F 686 -24.86 -13.03 -29.76
C VAL F 686 -25.00 -12.77 -31.25
N PHE F 687 -26.12 -13.20 -31.84
CA PHE F 687 -26.39 -12.88 -33.25
C PHE F 687 -26.57 -11.39 -33.46
N ASN F 688 -27.17 -10.71 -32.48
CA ASN F 688 -27.28 -9.25 -32.54
C ASN F 688 -25.91 -8.59 -32.44
N ILE F 689 -25.06 -9.11 -31.55
CA ILE F 689 -23.69 -8.62 -31.41
C ILE F 689 -22.92 -8.80 -32.70
N LEU F 690 -23.08 -9.96 -33.34
CA LEU F 690 -22.32 -10.22 -34.56
C LEU F 690 -22.87 -9.45 -35.76
N LEU F 691 -24.17 -9.15 -35.77
CA LEU F 691 -24.66 -8.24 -36.81
C LEU F 691 -24.16 -6.82 -36.57
N GLN F 692 -23.98 -6.43 -35.30
CA GLN F 692 -23.32 -5.16 -35.01
C GLN F 692 -21.85 -5.19 -35.40
N VAL F 693 -21.22 -6.35 -35.33
CA VAL F 693 -19.84 -6.52 -35.81
C VAL F 693 -19.78 -6.34 -37.32
N LEU F 694 -20.61 -7.10 -38.04
CA LEU F 694 -20.61 -7.11 -39.50
C LEU F 694 -21.19 -5.84 -40.10
N ASP F 695 -21.85 -5.00 -39.30
CA ASP F 695 -22.25 -3.69 -39.80
C ASP F 695 -21.08 -2.72 -39.77
N ASP F 696 -20.57 -2.41 -38.59
CA ASP F 696 -19.57 -1.35 -38.46
C ASP F 696 -18.35 -1.79 -37.66
N GLY F 697 -18.50 -2.82 -36.84
CA GLY F 697 -17.41 -3.30 -36.01
C GLY F 697 -17.30 -2.60 -34.67
N ARG F 698 -17.87 -1.41 -34.54
CA ARG F 698 -17.82 -0.75 -33.24
C ARG F 698 -18.82 -1.40 -32.29
N LEU F 699 -18.37 -1.63 -31.05
CA LEU F 699 -19.17 -2.33 -30.06
C LEU F 699 -18.71 -1.91 -28.67
N THR F 700 -19.67 -1.53 -27.83
CA THR F 700 -19.39 -1.02 -26.49
C THR F 700 -19.88 -2.02 -25.47
N ASP F 701 -19.06 -2.29 -24.44
CA ASP F 701 -19.46 -3.16 -23.35
C ASP F 701 -20.43 -2.42 -22.41
N GLY F 702 -20.83 -3.10 -21.35
CA GLY F 702 -21.82 -2.58 -20.43
C GLY F 702 -21.36 -1.42 -19.56
N GLN F 703 -20.10 -1.01 -19.65
CA GLN F 703 -19.59 0.07 -18.82
C GLN F 703 -18.99 1.24 -19.60
N GLY F 704 -19.18 1.27 -20.92
CA GLY F 704 -18.87 2.48 -21.67
C GLY F 704 -17.47 2.60 -22.23
N ARG F 705 -17.04 1.62 -23.02
CA ARG F 705 -15.77 1.69 -23.74
C ARG F 705 -16.00 1.32 -25.20
N THR F 706 -15.77 2.29 -26.10
CA THR F 706 -16.04 2.09 -27.52
C THR F 706 -14.88 1.33 -28.16
N VAL F 707 -15.16 0.15 -28.69
CA VAL F 707 -14.14 -0.78 -29.16
C VAL F 707 -14.37 -1.06 -30.63
N ASP F 708 -13.33 -0.88 -31.45
CA ASP F 708 -13.39 -1.10 -32.89
C ASP F 708 -12.89 -2.50 -33.24
N PHE F 709 -13.53 -3.12 -34.24
CA PHE F 709 -13.22 -4.48 -34.65
C PHE F 709 -12.70 -4.59 -36.08
N ARG F 710 -12.66 -3.50 -36.84
CA ARG F 710 -12.44 -3.57 -38.28
C ARG F 710 -11.02 -3.94 -38.66
N ASN F 711 -10.08 -3.88 -37.73
CA ASN F 711 -8.69 -4.23 -38.01
C ASN F 711 -8.41 -5.70 -37.76
N THR F 712 -9.44 -6.54 -37.69
CA THR F 712 -9.32 -7.94 -37.33
C THR F 712 -9.99 -8.83 -38.37
N VAL F 713 -9.98 -10.13 -38.10
CA VAL F 713 -10.64 -11.15 -38.90
C VAL F 713 -11.45 -12.02 -37.93
N VAL F 714 -12.72 -12.24 -38.25
CA VAL F 714 -13.63 -13.00 -37.39
C VAL F 714 -14.03 -14.28 -38.11
N ILE F 715 -13.90 -15.42 -37.42
CA ILE F 715 -14.12 -16.74 -37.99
C ILE F 715 -15.04 -17.54 -37.07
N MET F 716 -15.99 -18.26 -37.67
CA MET F 716 -16.93 -19.10 -36.93
C MET F 716 -16.88 -20.53 -37.47
N THR F 717 -17.53 -21.45 -36.74
CA THR F 717 -17.59 -22.86 -37.12
C THR F 717 -18.98 -23.42 -36.85
N SER F 718 -19.36 -24.43 -37.65
CA SER F 718 -20.54 -25.25 -37.38
C SER F 718 -20.24 -26.68 -37.80
N ASN F 719 -21.05 -27.61 -37.30
CA ASN F 719 -20.77 -29.03 -37.45
C ASN F 719 -22.02 -29.83 -37.79
N LEU F 720 -22.85 -29.32 -38.69
CA LEU F 720 -24.00 -30.07 -39.21
C LEU F 720 -23.91 -30.27 -40.70
N GLY F 721 -23.69 -29.20 -41.46
CA GLY F 721 -23.25 -29.35 -42.83
C GLY F 721 -21.89 -30.00 -42.92
N SER F 722 -21.08 -29.89 -41.85
CA SER F 722 -19.88 -30.69 -41.72
C SER F 722 -20.20 -32.18 -41.66
N ASP F 723 -21.31 -32.54 -41.02
CA ASP F 723 -21.74 -33.94 -41.03
C ASP F 723 -22.24 -34.34 -42.41
N LEU F 724 -22.83 -33.40 -43.15
CA LEU F 724 -23.15 -33.66 -44.55
C LEU F 724 -21.90 -33.87 -45.39
N ILE F 725 -20.82 -33.14 -45.07
CA ILE F 725 -19.53 -33.35 -45.73
C ILE F 725 -18.99 -34.73 -45.42
N GLN F 726 -19.00 -35.12 -44.14
CA GLN F 726 -18.57 -36.45 -43.72
C GLN F 726 -19.40 -37.54 -44.35
N GLU F 727 -20.67 -37.25 -44.63
CA GLU F 727 -21.53 -38.18 -45.36
C GLU F 727 -21.09 -38.30 -46.82
N ARG F 728 -21.03 -37.18 -47.54
CA ARG F 728 -20.93 -37.22 -48.99
C ARG F 728 -19.90 -36.25 -49.55
N PHE F 729 -18.68 -36.22 -48.98
CA PHE F 729 -17.65 -35.46 -49.67
C PHE F 729 -17.11 -36.19 -50.88
N GLY F 730 -17.01 -37.52 -50.80
CA GLY F 730 -16.57 -38.29 -51.94
C GLY F 730 -17.57 -38.23 -53.09
N GLU F 731 -17.02 -38.38 -54.30
CA GLU F 731 -17.71 -38.27 -55.62
C GLU F 731 -18.61 -37.03 -55.73
N LEU F 732 -18.26 -35.94 -55.06
CA LEU F 732 -18.92 -34.65 -55.24
C LEU F 732 -17.85 -33.59 -55.47
N ASP F 733 -18.29 -32.44 -55.99
CA ASP F 733 -17.41 -31.33 -56.31
C ASP F 733 -17.19 -30.46 -55.07
N TYR F 734 -16.67 -29.24 -55.28
CA TYR F 734 -16.48 -28.26 -54.22
C TYR F 734 -17.46 -27.12 -54.29
N ALA F 735 -17.82 -26.68 -55.51
CA ALA F 735 -18.67 -25.50 -55.66
C ALA F 735 -20.12 -25.81 -55.31
N HIS F 736 -20.66 -26.90 -55.85
CA HIS F 736 -22.01 -27.30 -55.49
C HIS F 736 -22.05 -27.86 -54.08
N MET F 737 -20.92 -28.40 -53.61
CA MET F 737 -20.78 -28.68 -52.18
C MET F 737 -20.94 -27.42 -51.35
N LYS F 738 -20.30 -26.33 -51.78
CA LYS F 738 -20.41 -25.05 -51.08
C LYS F 738 -21.83 -24.51 -51.14
N GLU F 739 -22.50 -24.68 -52.28
CA GLU F 739 -23.88 -24.23 -52.42
C GLU F 739 -24.82 -25.04 -51.53
N LEU F 740 -24.63 -26.36 -51.49
CA LEU F 740 -25.48 -27.22 -50.67
C LEU F 740 -25.27 -26.96 -49.19
N VAL F 741 -24.01 -26.76 -48.77
CA VAL F 741 -23.77 -26.51 -47.36
C VAL F 741 -24.17 -25.08 -46.99
N LEU F 742 -24.17 -24.15 -47.96
CA LEU F 742 -24.71 -22.82 -47.70
C LEU F 742 -26.22 -22.87 -47.54
N GLY F 743 -26.88 -23.74 -48.29
CA GLY F 743 -28.29 -23.99 -48.07
C GLY F 743 -28.56 -24.60 -46.70
N VAL F 744 -27.69 -25.52 -46.26
CA VAL F 744 -27.83 -26.12 -44.94
C VAL F 744 -27.64 -25.08 -43.83
N VAL F 745 -26.68 -24.17 -44.00
CA VAL F 745 -26.47 -23.09 -43.05
C VAL F 745 -27.66 -22.13 -43.06
N SER F 746 -28.25 -21.91 -44.24
CA SER F 746 -29.47 -21.11 -44.33
C SER F 746 -30.65 -21.77 -43.64
N HIS F 747 -30.68 -23.10 -43.62
CA HIS F 747 -31.65 -23.80 -42.77
C HIS F 747 -31.37 -23.56 -41.30
N ASN F 748 -30.10 -23.67 -40.90
CA ASN F 748 -29.77 -23.56 -39.48
C ASN F 748 -29.76 -22.11 -39.01
N PHE F 749 -29.09 -21.23 -39.74
CA PHE F 749 -28.92 -19.84 -39.33
C PHE F 749 -29.94 -18.96 -40.04
N ARG F 750 -29.93 -17.69 -39.66
CA ARG F 750 -30.67 -16.69 -40.41
C ARG F 750 -29.95 -16.45 -41.74
N PRO F 751 -30.71 -16.24 -42.82
CA PRO F 751 -30.06 -15.94 -44.11
C PRO F 751 -29.39 -14.58 -44.12
N GLU F 752 -29.99 -13.57 -43.47
CA GLU F 752 -29.40 -12.25 -43.42
C GLU F 752 -28.19 -12.21 -42.49
N PHE F 753 -28.16 -13.09 -41.50
CA PHE F 753 -26.99 -13.19 -40.63
C PHE F 753 -25.78 -13.70 -41.40
N ILE F 754 -25.98 -14.73 -42.24
CA ILE F 754 -24.90 -15.26 -43.05
C ILE F 754 -24.75 -14.51 -44.36
N ASN F 755 -25.61 -13.52 -44.61
CA ASN F 755 -25.46 -12.72 -45.82
C ASN F 755 -24.28 -11.76 -45.71
N ARG F 756 -24.04 -11.22 -44.52
CA ARG F 756 -22.94 -10.30 -44.31
C ARG F 756 -21.59 -11.01 -44.23
N ILE F 757 -21.58 -12.35 -44.22
CA ILE F 757 -20.33 -13.09 -44.25
C ILE F 757 -19.70 -12.93 -45.62
N ASP F 758 -18.37 -12.73 -45.64
CA ASP F 758 -17.64 -12.55 -46.88
C ASP F 758 -17.65 -13.83 -47.71
N GLU F 759 -17.27 -14.95 -47.10
CA GLU F 759 -17.14 -16.19 -47.86
C GLU F 759 -17.34 -17.39 -46.95
N VAL F 760 -18.08 -18.38 -47.46
CA VAL F 760 -18.32 -19.63 -46.77
C VAL F 760 -17.40 -20.69 -47.35
N VAL F 761 -16.65 -21.38 -46.49
CA VAL F 761 -15.67 -22.36 -46.94
C VAL F 761 -16.06 -23.76 -46.46
N VAL F 762 -15.41 -24.76 -47.04
CA VAL F 762 -15.72 -26.17 -46.81
C VAL F 762 -14.43 -26.89 -46.46
N PHE F 763 -14.44 -27.65 -45.36
CA PHE F 763 -13.28 -28.41 -44.95
C PHE F 763 -13.55 -29.89 -45.14
N HIS F 764 -12.67 -30.56 -45.87
CA HIS F 764 -12.79 -31.98 -46.16
C HIS F 764 -12.22 -32.81 -45.03
N PRO F 765 -12.69 -34.04 -44.88
CA PRO F 765 -12.00 -34.98 -44.01
C PRO F 765 -10.68 -35.43 -44.62
N LEU F 766 -9.57 -34.97 -44.05
CA LEU F 766 -8.25 -35.45 -44.44
C LEU F 766 -8.14 -36.93 -44.05
N GLY F 767 -7.72 -37.77 -45.00
CA GLY F 767 -7.95 -39.20 -44.85
C GLY F 767 -6.67 -40.02 -44.70
N GLU F 768 -5.79 -40.02 -45.70
CA GLU F 768 -4.61 -40.88 -45.65
C GLU F 768 -3.32 -40.08 -45.76
N GLN F 769 -3.17 -39.28 -46.81
CA GLN F 769 -1.90 -38.64 -47.11
C GLN F 769 -1.65 -37.43 -46.24
N HIS F 770 -2.72 -36.72 -45.85
CA HIS F 770 -2.52 -35.57 -44.98
C HIS F 770 -2.36 -36.01 -43.54
N ILE F 771 -3.02 -37.11 -43.18
CA ILE F 771 -2.74 -37.81 -41.92
C ILE F 771 -1.28 -38.25 -41.89
N ALA F 772 -0.80 -38.79 -43.01
CA ALA F 772 0.59 -39.20 -43.13
C ALA F 772 1.54 -38.02 -42.93
N SER F 773 1.19 -36.87 -43.51
CA SER F 773 2.04 -35.70 -43.40
C SER F 773 2.06 -35.14 -41.99
N ILE F 774 0.90 -35.07 -41.33
CA ILE F 774 0.87 -34.48 -40.00
C ILE F 774 1.50 -35.44 -38.97
N ALA F 775 1.36 -36.74 -39.21
CA ALA F 775 2.10 -37.71 -38.41
C ALA F 775 3.58 -37.60 -38.66
N GLN F 776 3.97 -37.27 -39.90
CA GLN F 776 5.38 -37.05 -40.19
C GLN F 776 5.90 -35.80 -39.50
N ILE F 777 5.05 -34.79 -39.34
CA ILE F 777 5.45 -33.58 -38.61
C ILE F 777 5.70 -33.89 -37.14
N GLN F 778 4.78 -34.65 -36.53
CA GLN F 778 4.98 -35.10 -35.15
C GLN F 778 6.23 -35.97 -35.03
N LEU F 779 6.48 -36.80 -36.06
CA LEU F 779 7.70 -37.57 -36.06
C LEU F 779 8.93 -36.71 -36.26
N LYS F 780 8.80 -35.56 -36.95
CA LYS F 780 9.92 -34.66 -37.11
C LYS F 780 10.31 -34.02 -35.79
N ARG F 781 9.32 -33.61 -35.00
CA ARG F 781 9.70 -33.02 -33.72
C ARG F 781 10.21 -34.09 -32.75
N LEU F 782 9.67 -35.32 -32.85
CA LEU F 782 10.21 -36.43 -32.06
C LEU F 782 11.64 -36.74 -32.47
N TYR F 783 11.91 -36.73 -33.78
CA TYR F 783 13.25 -36.99 -34.29
C TYR F 783 14.21 -35.88 -33.90
N LYS F 784 13.73 -34.64 -33.82
CA LYS F 784 14.61 -33.55 -33.40
C LYS F 784 15.03 -33.71 -31.96
N ARG F 785 14.07 -34.07 -31.09
CA ARG F 785 14.44 -34.29 -29.69
C ARG F 785 15.31 -35.53 -29.51
N LEU F 786 15.07 -36.58 -30.29
CA LEU F 786 15.89 -37.77 -30.15
C LEU F 786 17.22 -37.67 -30.88
N GLU F 787 17.36 -36.75 -31.82
CA GLU F 787 18.66 -36.46 -32.39
C GLU F 787 19.47 -35.62 -31.42
N GLU F 788 18.82 -34.68 -30.71
CA GLU F 788 19.56 -33.95 -29.70
C GLU F 788 19.85 -34.81 -28.47
N ARG F 789 19.15 -35.92 -28.31
CA ARG F 789 19.66 -36.96 -27.41
C ARG F 789 20.85 -37.67 -28.04
N GLY F 790 20.78 -37.94 -29.34
CA GLY F 790 21.89 -38.61 -29.99
C GLY F 790 21.52 -39.92 -30.66
N TYR F 791 20.26 -40.06 -31.09
CA TYR F 791 19.81 -41.27 -31.76
C TYR F 791 19.41 -40.97 -33.20
N GLU F 792 19.15 -42.04 -33.93
CA GLU F 792 18.73 -41.98 -35.34
C GLU F 792 17.64 -43.01 -35.53
N ILE F 793 16.42 -42.55 -35.76
CA ILE F 793 15.25 -43.42 -35.85
C ILE F 793 14.63 -43.26 -37.23
N HIS F 794 14.34 -44.39 -37.88
CA HIS F 794 13.63 -44.40 -39.15
C HIS F 794 12.29 -45.08 -38.96
N ILE F 795 11.23 -44.41 -39.37
CA ILE F 795 9.90 -44.97 -39.30
C ILE F 795 9.70 -45.85 -40.53
N SER F 796 8.93 -46.92 -40.37
CA SER F 796 8.41 -47.65 -41.51
C SER F 796 7.03 -47.11 -41.87
N ASP F 797 6.69 -47.18 -43.15
CA ASP F 797 5.40 -46.68 -43.62
C ASP F 797 4.25 -47.51 -43.08
N GLU F 798 4.51 -48.79 -42.79
CA GLU F 798 3.46 -49.65 -42.24
C GLU F 798 3.07 -49.22 -40.83
N ALA F 799 4.06 -48.86 -40.02
CA ALA F 799 3.77 -48.32 -38.69
C ALA F 799 3.04 -46.99 -38.79
N LEU F 800 3.35 -46.19 -39.80
CA LEU F 800 2.59 -44.98 -40.06
C LEU F 800 1.15 -45.29 -40.46
N LYS F 801 0.93 -46.39 -41.17
CA LYS F 801 -0.42 -46.79 -41.52
C LYS F 801 -1.19 -47.23 -40.28
N LEU F 802 -0.51 -47.95 -39.38
CA LEU F 802 -1.14 -48.33 -38.11
C LEU F 802 -1.51 -47.11 -37.29
N LEU F 803 -0.62 -46.11 -37.25
CA LEU F 803 -0.95 -44.86 -36.55
C LEU F 803 -2.09 -44.13 -37.22
N SER F 804 -2.14 -44.14 -38.54
CA SER F 804 -3.20 -43.48 -39.29
C SER F 804 -4.54 -44.14 -39.02
N GLU F 805 -4.56 -45.47 -38.92
CA GLU F 805 -5.81 -46.16 -38.67
C GLU F 805 -6.21 -46.10 -37.20
N ASN F 806 -5.25 -45.94 -36.30
CA ASN F 806 -5.56 -45.97 -34.88
C ASN F 806 -5.86 -44.59 -34.30
N GLY F 807 -5.35 -43.53 -34.91
CA GLY F 807 -5.51 -42.22 -34.31
C GLY F 807 -6.59 -41.38 -34.95
N TYR F 808 -6.82 -41.56 -36.23
CA TYR F 808 -7.83 -40.79 -36.96
C TYR F 808 -9.21 -41.32 -36.66
N ASP F 809 -10.16 -40.40 -36.51
CA ASP F 809 -11.55 -40.74 -36.27
C ASP F 809 -12.45 -39.74 -36.99
N PRO F 810 -13.67 -40.15 -37.35
CA PRO F 810 -14.55 -39.22 -38.07
C PRO F 810 -15.15 -38.12 -37.21
N VAL F 811 -14.94 -38.13 -35.90
CA VAL F 811 -15.66 -37.22 -35.03
C VAL F 811 -14.75 -36.15 -34.44
N TYR F 812 -13.46 -36.45 -34.30
CA TYR F 812 -12.56 -35.54 -33.60
C TYR F 812 -11.43 -35.03 -34.48
N GLY F 813 -10.95 -35.84 -35.42
CA GLY F 813 -9.85 -35.42 -36.25
C GLY F 813 -8.53 -36.06 -35.88
N ALA F 814 -7.65 -35.28 -35.24
CA ALA F 814 -6.27 -35.71 -35.03
C ALA F 814 -5.71 -35.44 -33.65
N ARG F 815 -6.49 -34.91 -32.73
CA ARG F 815 -6.01 -34.79 -31.37
C ARG F 815 -6.01 -36.15 -30.66
N PRO F 816 -7.01 -37.03 -30.88
CA PRO F 816 -6.76 -38.46 -30.55
C PRO F 816 -5.57 -39.04 -31.25
N LEU F 817 -5.26 -38.60 -32.47
CA LEU F 817 -4.02 -39.03 -33.11
C LEU F 817 -2.79 -38.52 -32.36
N LYS F 818 -2.85 -37.31 -31.80
CA LYS F 818 -1.70 -36.81 -31.06
C LYS F 818 -1.45 -37.60 -29.78
N ARG F 819 -2.50 -37.86 -29.01
CA ARG F 819 -2.26 -38.64 -27.80
C ARG F 819 -1.98 -40.11 -28.11
N ALA F 820 -2.48 -40.60 -29.25
CA ALA F 820 -2.16 -41.98 -29.63
C ALA F 820 -0.71 -42.10 -30.07
N ILE F 821 -0.21 -41.08 -30.80
CA ILE F 821 1.21 -41.02 -31.12
C ILE F 821 2.04 -40.99 -29.86
N GLN F 822 1.64 -40.14 -28.91
CA GLN F 822 2.34 -40.00 -27.63
C GLN F 822 2.43 -41.32 -26.89
N GLN F 823 1.29 -41.94 -26.64
CA GLN F 823 1.27 -43.23 -25.95
C GLN F 823 1.98 -44.31 -26.74
N GLN F 824 1.43 -44.68 -27.90
CA GLN F 824 1.84 -45.84 -28.65
C GLN F 824 3.25 -45.76 -29.20
N ILE F 825 3.84 -44.56 -29.28
CA ILE F 825 5.24 -44.52 -29.67
C ILE F 825 6.08 -44.33 -28.43
N GLU F 826 5.85 -43.24 -27.71
CA GLU F 826 6.83 -42.76 -26.73
C GLU F 826 6.90 -43.66 -25.52
N ASN F 827 5.78 -44.26 -25.10
CA ASN F 827 5.85 -45.04 -23.87
C ASN F 827 6.59 -46.38 -24.05
N PRO F 828 6.36 -47.18 -25.10
CA PRO F 828 7.27 -48.32 -25.29
C PRO F 828 8.68 -47.90 -25.68
N LEU F 829 8.84 -46.77 -26.36
CA LEU F 829 10.17 -46.32 -26.73
C LEU F 829 10.96 -45.90 -25.50
N ALA F 830 10.37 -45.11 -24.62
CA ALA F 830 11.05 -44.73 -23.38
C ALA F 830 11.15 -45.90 -22.43
N GLN F 831 10.28 -46.89 -22.55
CA GLN F 831 10.49 -48.14 -21.85
C GLN F 831 11.78 -48.81 -22.32
N GLN F 832 12.02 -48.82 -23.63
CA GLN F 832 13.15 -49.56 -24.14
C GLN F 832 14.47 -48.82 -23.99
N ILE F 833 14.46 -47.49 -24.06
CA ILE F 833 15.72 -46.75 -23.97
C ILE F 833 16.26 -46.81 -22.54
N LEU F 834 15.38 -46.69 -21.56
CA LEU F 834 15.78 -46.79 -20.16
C LEU F 834 16.04 -48.21 -19.72
N SER F 835 15.86 -49.20 -20.59
CA SER F 835 16.22 -50.56 -20.28
C SER F 835 17.71 -50.82 -20.37
N GLY F 836 18.50 -49.82 -20.77
CA GLY F 836 19.91 -50.04 -21.05
C GLY F 836 20.10 -50.88 -22.29
N GLU F 837 19.22 -50.73 -23.27
CA GLU F 837 19.11 -51.66 -24.39
C GLU F 837 19.59 -51.05 -25.71
N LEU F 838 18.97 -49.97 -26.15
CA LEU F 838 19.24 -49.45 -27.48
C LEU F 838 20.52 -48.65 -27.46
N VAL F 839 21.58 -49.26 -28.00
CA VAL F 839 22.90 -48.63 -28.14
C VAL F 839 22.78 -47.44 -29.08
N PRO F 840 23.44 -46.32 -28.81
CA PRO F 840 23.42 -45.20 -29.76
C PRO F 840 24.13 -45.53 -31.06
N GLY F 841 23.87 -44.69 -32.06
CA GLY F 841 24.58 -44.79 -33.32
C GLY F 841 24.13 -45.93 -34.21
N LYS F 842 22.86 -46.30 -34.18
CA LYS F 842 22.33 -47.33 -35.05
C LYS F 842 21.01 -46.89 -35.65
N VAL F 843 20.66 -47.49 -36.78
CA VAL F 843 19.38 -47.22 -37.42
C VAL F 843 18.30 -47.88 -36.58
N ILE F 844 17.47 -47.06 -35.94
CA ILE F 844 16.40 -47.55 -35.08
C ILE F 844 15.14 -47.63 -35.95
N ARG F 845 14.85 -48.82 -36.46
CA ARG F 845 13.75 -49.00 -37.40
C ARG F 845 12.45 -49.21 -36.63
N LEU F 846 11.42 -48.45 -37.01
CA LEU F 846 10.10 -48.58 -36.40
C LEU F 846 9.33 -49.65 -37.16
N GLU F 847 9.67 -50.90 -36.88
CA GLU F 847 8.93 -52.02 -37.43
C GLU F 847 7.62 -52.19 -36.67
N VAL F 848 6.82 -53.16 -37.10
CA VAL F 848 5.53 -53.40 -36.48
C VAL F 848 5.55 -54.76 -35.80
N ASN F 849 4.75 -54.88 -34.76
CA ASN F 849 4.30 -56.17 -34.27
C ASN F 849 2.96 -56.46 -34.94
N GLU F 850 2.23 -57.44 -34.41
CA GLU F 850 0.88 -57.70 -34.90
C GLU F 850 -0.05 -56.54 -34.55
N ASP F 851 0.14 -55.94 -33.38
CA ASP F 851 -0.64 -54.79 -32.97
C ASP F 851 0.20 -53.63 -32.44
N ARG F 852 1.47 -53.84 -32.13
CA ARG F 852 2.30 -52.79 -31.55
C ARG F 852 3.19 -52.18 -32.62
N ILE F 853 3.97 -51.19 -32.18
CA ILE F 853 4.99 -50.55 -32.99
C ILE F 853 6.28 -50.67 -32.20
N VAL F 854 7.12 -51.61 -32.57
CA VAL F 854 8.32 -51.91 -31.82
C VAL F 854 9.54 -51.45 -32.62
N ALA F 855 10.58 -51.06 -31.91
CA ALA F 855 11.85 -50.69 -32.50
C ALA F 855 12.83 -51.83 -32.34
N VAL F 856 13.69 -52.04 -33.34
CA VAL F 856 14.67 -53.11 -33.30
C VAL F 856 16.05 -52.55 -33.55
N GLN F 857 17.06 -53.34 -33.18
CA GLN F 857 18.46 -52.99 -33.36
C GLN F 857 19.15 -54.09 -34.14
N HIS F 858 19.77 -53.73 -35.26
CA HIS F 858 20.49 -54.69 -36.08
C HIS F 858 21.75 -54.05 -36.68
N UNK G 1 47.15 14.93 7.92
CA UNK G 1 46.30 13.83 7.50
C UNK G 1 45.04 13.76 8.34
N UNK G 2 43.95 14.32 7.83
CA UNK G 2 42.72 14.39 8.59
C UNK G 2 42.01 13.04 8.58
N UNK G 3 41.13 12.85 9.56
CA UNK G 3 40.36 11.62 9.65
C UNK G 3 39.06 11.74 8.87
N UNK G 4 38.34 10.63 8.79
CA UNK G 4 37.07 10.59 8.10
C UNK G 4 35.94 10.86 9.09
N UNK G 5 34.72 10.57 8.68
CA UNK G 5 33.59 10.56 9.58
C UNK G 5 32.72 9.38 9.16
N UNK G 6 31.56 9.26 9.79
CA UNK G 6 30.58 8.26 9.36
C UNK G 6 29.21 8.90 9.44
N UNK G 7 28.44 8.78 8.36
CA UNK G 7 27.14 9.42 8.29
C UNK G 7 26.11 8.59 9.07
N UNK G 8 24.84 8.92 8.93
CA UNK G 8 23.82 8.14 9.61
C UNK G 8 22.67 7.71 8.72
N UNK G 9 22.27 8.52 7.72
CA UNK G 9 21.55 8.07 6.52
C UNK G 9 20.17 7.48 6.82
N UNK G 10 19.22 8.34 7.17
CA UNK G 10 17.83 7.94 7.37
C UNK G 10 17.22 7.32 6.11
N UNK G 11 16.31 6.35 6.30
CA UNK G 11 15.72 5.62 5.18
C UNK G 11 14.35 5.05 5.57
N UNK G 12 13.57 4.62 4.56
CA UNK G 12 12.17 4.22 4.75
C UNK G 12 11.65 3.40 3.56
N UNK G 13 10.48 2.77 3.75
CA UNK G 13 9.78 1.92 2.77
C UNK G 13 8.34 2.38 2.54
N UNK G 14 7.52 1.58 1.84
CA UNK G 14 6.17 2.01 1.49
C UNK G 14 5.20 0.85 1.37
N UNK G 15 3.95 1.08 1.82
CA UNK G 15 2.89 0.08 1.96
C UNK G 15 1.96 0.11 0.75
N UNK G 16 0.84 -0.60 0.86
CA UNK G 16 -0.33 -0.40 0.00
C UNK G 16 -1.58 -0.39 0.86
N UNK G 17 -2.71 -0.51 0.17
CA UNK G 17 -3.97 -0.88 0.76
C UNK G 17 -4.58 -1.90 -0.19
N UNK G 18 -5.73 -2.43 0.18
CA UNK G 18 -6.52 -3.19 -0.78
C UNK G 18 -7.97 -3.01 -0.41
N UNK G 19 -8.82 -2.88 -1.40
CA UNK G 19 -10.18 -2.39 -1.21
C UNK G 19 -11.12 -3.48 -1.70
N UNK G 20 -11.74 -4.21 -0.79
CA UNK G 20 -12.65 -5.26 -1.20
C UNK G 20 -13.93 -4.66 -1.71
N UNK G 21 -14.42 -5.16 -2.83
CA UNK G 21 -15.72 -4.78 -3.37
C UNK G 21 -16.67 -5.96 -3.24
N UNK G 22 -17.84 -5.71 -2.66
CA UNK G 22 -18.80 -6.78 -2.39
C UNK G 22 -19.80 -6.90 -3.51
N UNK G 23 -19.82 -8.03 -4.20
CA UNK G 23 -20.52 -8.12 -5.47
C UNK G 23 -22.00 -8.40 -5.34
N UNK G 24 -22.45 -8.91 -4.20
CA UNK G 24 -23.82 -9.38 -4.10
C UNK G 24 -24.83 -8.24 -4.10
PG AGS H . -2.44 28.21 -5.57
S1G AGS H . -2.17 27.50 -7.35
O2G AGS H . -1.09 28.60 -4.92
O3G AGS H . -3.20 27.19 -4.68
PB AGS H . -2.38 30.75 -5.94
O1B AGS H . -1.03 30.38 -6.39
O2B AGS H . -2.32 31.55 -4.65
O3B AGS H . -3.26 29.51 -5.64
PA AGS H . -3.36 33.06 -6.51
O1A AGS H . -2.13 33.49 -5.83
O2A AGS H . -4.69 33.12 -5.75
O3A AGS H . -3.14 31.60 -6.98
O5' AGS H . -3.45 33.85 -7.84
C5' AGS H . -2.34 33.82 -8.73
C4' AGS H . -2.45 35.01 -9.63
O4' AGS H . -3.72 35.67 -9.39
C3' AGS H . -1.37 36.07 -9.45
O3' AGS H . -0.86 36.49 -10.72
C2' AGS H . -2.09 37.19 -8.73
O2' AGS H . -1.59 38.49 -9.10
C1' AGS H . -3.50 37.05 -9.27
N9 AGS H . -4.49 37.60 -8.37
C8 AGS H . -5.29 36.96 -7.47
N7 AGS H . -6.07 37.75 -6.79
C5 AGS H . -5.76 39.00 -7.25
C6 AGS H . -6.23 40.29 -6.92
N6 AGS H . -7.19 40.52 -6.02
N1 AGS H . -5.74 41.34 -7.61
C2 AGS H . -4.78 41.11 -8.51
N3 AGS H . -4.24 39.95 -8.90
C4 AGS H . -4.78 38.93 -8.23
PB ADP I . -35.67 4.44 -35.91
O1B ADP I . -36.44 3.26 -35.36
O2B ADP I . -36.34 5.15 -37.07
O3B ADP I . -35.12 5.35 -34.85
PA ADP I . -33.15 4.62 -37.10
O1A ADP I . -33.47 6.09 -37.03
O2A ADP I . -31.93 4.03 -36.44
O3A ADP I . -34.41 3.75 -36.62
O5' ADP I . -33.04 4.24 -38.65
C5' ADP I . -33.84 4.91 -39.61
C4' ADP I . -33.00 4.99 -40.86
O4' ADP I . -33.62 5.79 -41.89
C3' ADP I . -31.68 5.59 -40.50
O3' ADP I . -30.65 4.62 -40.59
C2' ADP I . -31.50 6.67 -41.55
O2' ADP I . -30.34 6.41 -42.35
C1' ADP I . -32.74 6.78 -42.44
N9 ADP I . -33.61 8.03 -42.46
C8 ADP I . -34.74 7.97 -41.75
N7 ADP I . -35.48 9.09 -41.85
C5 ADP I . -34.83 9.93 -42.64
C6 ADP I . -35.12 11.30 -43.12
N6 ADP I . -36.25 11.94 -42.73
N1 ADP I . -34.24 11.90 -43.95
C2 ADP I . -33.14 11.25 -44.34
N3 ADP I . -32.84 9.99 -43.95
C4 ADP I . -33.57 9.27 -43.04
PG AGS J . -2.12 19.22 22.81
S1G AGS J . -2.09 20.02 21.04
O2G AGS J . -0.73 19.42 23.46
O3G AGS J . -2.42 17.72 22.74
PB AGS J . -2.72 20.84 24.71
O1B AGS J . -1.34 21.26 24.48
O2B AGS J . -2.87 20.08 26.03
O3B AGS J . -3.23 19.86 23.64
PA AGS J . -2.99 23.02 25.89
O1A AGS J . -2.15 23.96 25.17
O2A AGS J . -2.26 22.12 26.87
O3A AGS J . -3.64 22.04 24.93
O5' AGS J . -4.16 23.79 26.55
C5' AGS J . -5.07 24.56 25.75
C4' AGS J . -4.98 26.04 26.07
O4' AGS J . -5.95 26.37 27.09
C3' AGS J . -3.64 26.58 26.56
O3' AGS J . -3.42 27.89 26.05
C2' AGS J . -3.79 26.59 28.08
O2' AGS J . -3.10 27.69 28.65
C1' AGS J . -5.30 26.77 28.27
N9 AGS J . -5.81 25.94 29.34
C8 AGS J . -6.44 24.73 29.21
N7 AGS J . -6.80 24.21 30.35
C5 AGS J . -6.38 25.13 31.28
C6 AGS J . -6.46 25.15 32.69
N6 AGS J . -7.03 24.18 33.41
N1 AGS J . -5.94 26.21 33.33
C2 AGS J . -5.39 27.18 32.61
N3 AGS J . -5.24 27.26 31.28
C4 AGS J . -5.76 26.20 30.68
PG AGS K . -43.23 16.63 -7.36
S1G AGS K . -43.29 15.03 -8.44
O2G AGS K . -41.86 16.72 -6.62
O3G AGS K . -44.38 16.66 -6.32
PB AGS K . -42.95 19.14 -7.46
O1B AGS K . -41.64 18.93 -6.85
O2B AGS K . -44.09 19.36 -6.48
O3B AGS K . -43.39 17.88 -8.23
PA AGS K . -42.85 21.73 -7.72
O1A AGS K . -41.50 22.28 -7.92
O2A AGS K . -43.27 21.48 -6.28
O3A AGS K . -42.97 20.35 -8.42
O5' AGS K . -43.84 22.64 -8.48
C5' AGS K . -43.67 22.76 -9.89
C4' AGS K . -43.85 24.20 -10.28
O4' AGS K . -45.04 24.71 -9.66
C3' AGS K . -42.70 25.11 -9.86
O3' AGS K . -41.98 25.59 -10.98
C2' AGS K . -43.39 26.26 -9.10
O2' AGS K . -42.94 27.53 -9.56
C1' AGS K . -44.87 26.08 -9.40
N9 AGS K . -45.76 26.46 -8.32
C8 AGS K . -46.72 25.67 -7.76
N7 AGS K . -47.39 26.24 -6.79
C5 AGS K . -46.82 27.50 -6.71
C6 AGS K . -47.09 28.60 -5.88
N6 AGS K . -48.04 28.63 -4.93
N1 AGS K . -46.35 29.71 -6.06
C2 AGS K . -45.40 29.71 -7.00
N3 AGS K . -45.06 28.74 -7.85
C4 AGS K . -45.82 27.65 -7.64
PG AGS L . 11.10 -5.95 29.60
S1G AGS L . 10.32 -4.18 29.77
O2G AGS L . 12.64 -5.89 29.74
O3G AGS L . 10.74 -6.56 28.24
PB AGS L . 11.36 -6.71 32.01
O1B AGS L . 12.28 -5.59 31.90
O2B AGS L . 12.15 -7.99 32.24
O3B AGS L . 10.58 -6.89 30.70
PA AGS L . 11.18 -6.96 34.55
O1A AGS L . 12.28 -6.01 34.70
O2A AGS L . 11.57 -8.41 34.44
O3A AGS L . 10.42 -6.67 33.23
O5' AGS L . 10.19 -6.70 35.70
C5' AGS L . 10.27 -5.43 36.29
C4' AGS L . 9.84 -5.48 37.72
O4' AGS L . 9.19 -6.75 37.98
C3' AGS L . 10.97 -5.36 38.73
O3' AGS L . 10.57 -4.48 39.77
C2' AGS L . 11.14 -6.78 39.26
O2' AGS L . 11.53 -6.75 40.62
C1' AGS L . 9.70 -7.30 39.16
N9 AGS L . 9.58 -8.74 39.03
C8 AGS L . 8.89 -9.38 38.05
N7 AGS L . 8.92 -10.69 38.13
C5 AGS L . 9.67 -10.93 39.27
C6 AGS L . 10.05 -12.12 39.91
N6 AGS L . 9.74 -13.34 39.47
N1 AGS L . 10.80 -12.00 41.02
C2 AGS L . 11.13 -10.79 41.47
N3 AGS L . 10.81 -9.61 40.95
C4 AGS L . 10.09 -9.75 39.84
PG AGS M . -38.42 4.44 19.70
S1G AGS M . -39.15 5.98 18.78
O2G AGS M . -36.88 4.34 19.55
O3G AGS M . -39.11 3.15 19.20
PB AGS M . -37.72 5.45 21.98
O1B AGS M . -36.35 5.26 21.52
O2B AGS M . -38.04 5.05 23.42
O3B AGS M . -38.72 4.60 21.19
PA AGS M . -37.57 7.82 23.14
O1A AGS M . -36.79 8.95 22.69
O2A AGS M . -36.89 6.88 24.11
O3A AGS M . -38.11 6.95 21.96
O5' AGS M . -38.85 8.38 23.75
C5' AGS M . -39.40 9.50 23.10
C4' AGS M . -39.68 10.50 24.17
O4' AGS M . -40.53 9.86 25.15
C3' AGS M . -38.46 10.93 24.94
O3' AGS M . -37.99 12.20 24.49
C2' AGS M . -38.96 11.11 26.38
O2' AGS M . -38.96 12.49 26.71
C1' AGS M . -40.39 10.57 26.34
N9 AGS M . -40.74 9.68 27.44
C8 AGS M . -41.32 8.45 27.34
N7 AGS M . -41.57 7.88 28.50
C5 AGS M . -41.12 8.80 29.42
C6 AGS M . -41.09 8.79 30.83
N6 AGS M . -41.54 7.79 31.60
N1 AGS M . -40.57 9.88 31.44
C2 AGS M . -40.14 10.90 30.70
N3 AGS M . -40.11 11.01 29.37
C4 AGS M . -40.62 9.93 28.79
PG AGS N . 25.42 -20.31 9.50
S1G AGS N . 25.56 -19.55 11.30
O2G AGS N . 26.66 -19.90 8.68
O3G AGS N . 24.16 -19.88 8.74
PB AGS N . 26.81 -22.44 9.64
O1B AGS N . 27.81 -21.41 9.95
O2B AGS N . 26.99 -23.06 8.26
O3B AGS N . 25.40 -21.84 9.58
PA AGS N . 28.05 -24.51 10.51
O1A AGS N . 29.20 -23.74 10.93
O2A AGS N . 27.95 -25.01 9.06
O3A AGS N . 26.82 -23.62 10.64
O5' AGS N . 27.87 -25.67 11.55
C5' AGS N . 27.76 -25.32 12.91
C4' AGS N . 27.96 -26.53 13.77
O4' AGS N . 27.41 -27.71 13.15
C3' AGS N . 29.41 -26.86 14.11
O3' AGS N . 29.50 -27.34 15.44
C2' AGS N . 29.72 -27.99 13.13
O2' AGS N . 30.72 -28.84 13.67
C1' AGS N . 28.39 -28.71 13.10
N9 AGS N . 28.19 -29.49 11.90
C8 AGS N . 27.26 -29.23 10.93
N7 AGS N . 27.31 -30.07 9.92
C5 AGS N . 28.33 -30.94 10.26
C6 AGS N . 28.88 -32.07 9.62
N6 AGS N . 28.46 -32.52 8.44
N1 AGS N . 29.90 -32.70 10.22
C2 AGS N . 30.33 -32.24 11.40
N3 AGS N . 29.89 -31.20 12.11
C4 AGS N . 28.89 -30.58 11.48
PG AGS O . -24.04 -21.81 22.53
S1G AGS O . -25.96 -21.61 22.38
O2G AGS O . -23.45 -20.65 23.37
O3G AGS O . -23.33 -21.85 21.16
PB AGS O . -22.47 -22.87 24.16
O1B AGS O . -21.54 -21.97 23.46
O2B AGS O . -21.96 -24.25 24.55
O3B AGS O . -23.71 -23.10 23.28
PA AGS O . -22.31 -23.05 26.71
O1A AGS O . -20.86 -23.04 26.63
O2A AGS O . -23.00 -24.40 26.58
O3A AGS O . -22.88 -22.24 25.52
O5' AGS O . -22.67 -22.33 28.03
C5' AGS O . -21.63 -22.18 29.01
C4' AGS O . -22.26 -21.48 30.17
O4' AGS O . -23.34 -22.27 30.68
C3' AGS O . -21.36 -21.25 31.37
O3' AGS O . -21.87 -20.21 32.20
C2' AGS O . -21.47 -22.58 32.11
O2' AGS O . -21.31 -22.42 33.51
C1' AGS O . -22.89 -23.04 31.78
N9 AGS O . -23.00 -24.44 31.39
C8 AGS O . -23.64 -24.87 30.27
N7 AGS O . -23.63 -26.18 30.14
C5 AGS O . -22.96 -26.62 31.25
C6 AGS O . -22.62 -27.91 31.70
N6 AGS O . -22.94 -29.02 31.06
N1 AGS O . -21.95 -28.00 32.86
C2 AGS O . -21.63 -26.89 33.53
N3 AGS O . -21.90 -25.62 33.20
C4 AGS O . -22.57 -25.56 32.05
PG AGS P . 31.07 -9.32 -18.01
S1G AGS P . 31.44 -10.17 -16.31
O2G AGS P . 32.42 -8.90 -18.65
O3G AGS P . 30.21 -8.05 -17.79
PB AGS P . 30.93 -10.43 -20.38
O1B AGS P . 31.66 -9.20 -20.74
O2B AGS P . 29.87 -10.90 -21.38
O3B AGS P . 30.30 -10.26 -18.97
PA AGS P . 33.36 -11.18 -20.72
O1A AGS P . 34.01 -10.49 -19.59
O2A AGS P . 33.19 -10.33 -21.97
O3A AGS P . 31.93 -11.61 -20.31
O5' AGS P . 34.02 -12.57 -21.01
C5' AGS P . 33.20 -13.66 -21.43
C4' AGS P . 34.14 -14.75 -21.83
O4' AGS P . 33.52 -15.61 -22.80
C3' AGS P . 35.42 -14.26 -22.50
O3' AGS P . 36.39 -13.94 -21.52
C2' AGS P . 35.83 -15.49 -23.31
O2' AGS P . 36.50 -16.45 -22.51
C1' AGS P . 34.48 -16.04 -23.74
N9 AGS P . 34.04 -15.60 -25.06
C8 AGS P . 32.92 -14.86 -25.34
N7 AGS P . 32.76 -14.59 -26.62
C5 AGS P . 33.86 -15.19 -27.21
C6 AGS P . 34.29 -15.26 -28.55
N6 AGS P . 33.62 -14.72 -29.56
N1 AGS P . 35.42 -15.94 -28.81
C2 AGS P . 36.09 -16.49 -27.79
N3 AGS P . 35.79 -16.48 -26.49
C4 AGS P . 34.66 -15.81 -26.26
PG AGS Q . -8.06 -35.01 -1.22
S1G AGS Q . -9.03 -35.23 0.44
O2G AGS Q . -6.60 -34.55 -0.96
O3G AGS Q . -8.81 -33.86 -1.92
PB AGS Q . -7.36 -37.71 -1.78
O1B AGS Q . -6.15 -38.04 -2.63
O2B AGS Q . -8.38 -38.87 -1.84
O3B AGS Q . -8.10 -36.32 -2.11
PA AGS Q . -5.67 -37.39 0.20
O1A AGS Q . -5.61 -36.00 0.60
O2A AGS Q . -4.75 -37.69 -0.97
O3A AGS Q . -7.08 -37.72 -0.26
O5' AGS Q . -5.39 -38.36 1.39
C5' AGS Q . -6.47 -38.98 2.04
C4' AGS Q . -6.04 -40.30 2.62
O4' AGS Q . -6.31 -41.35 1.68
C3' AGS Q . -4.55 -40.39 2.93
O3' AGS Q . -4.33 -40.27 4.33
C2' AGS Q . -4.16 -41.81 2.50
O2' AGS Q . -3.72 -42.53 3.64
C1' AGS Q . -5.46 -42.42 1.97
N9 AGS Q . -5.37 -43.24 0.75
C8 AGS Q . -6.31 -43.24 -0.23
N7 AGS Q . -6.06 -44.06 -1.22
C5 AGS Q . -4.88 -44.67 -0.86
C6 AGS Q . -4.08 -45.64 -1.47
N6 AGS Q . -4.37 -46.22 -2.65
N1 AGS Q . -2.95 -46.03 -0.84
C2 AGS Q . -2.66 -45.47 0.35
N3 AGS Q . -3.33 -44.55 1.02
C4 AGS Q . -4.44 -44.18 0.37
PB ADP R . 15.36 14.30 -26.86
O1B ADP R . 14.20 15.26 -26.99
O2B ADP R . 15.01 12.90 -27.31
O3B ADP R . 16.07 14.38 -25.54
PA ADP R . 16.40 15.68 -29.21
O1A ADP R . 14.98 15.97 -29.64
O2A ADP R . 17.38 16.81 -28.95
O3A ADP R . 16.53 14.75 -27.88
O5' ADP R . 17.06 14.79 -30.38
C5' ADP R . 18.07 15.38 -31.18
C4' ADP R . 18.06 14.88 -32.62
O4' ADP R . 16.91 15.33 -33.34
C3' ADP R . 19.27 15.42 -33.38
O3' ADP R . 20.13 14.34 -33.74
C2' ADP R . 18.71 16.05 -34.63
O2' ADP R . 19.38 15.53 -35.78
C1' ADP R . 17.26 15.68 -34.68
N9 ADP R . 16.54 16.89 -35.11
C8 ADP R . 16.09 17.81 -34.28
N7 ADP R . 15.49 18.84 -34.92
C5 ADP R . 15.55 18.55 -36.22
C6 ADP R . 15.08 19.21 -37.45
N6 ADP R . 14.43 20.39 -37.40
N1 ADP R . 15.34 18.60 -38.61
C2 ADP R . 15.97 17.42 -38.68
N3 ADP R . 16.43 16.77 -37.59
C4 ADP R . 16.24 17.27 -36.35
#